data_5KAQ
#
_entry.id   5KAQ
#
_cell.length_a   279.435
_cell.length_b   154.283
_cell.length_c   157.937
_cell.angle_alpha   90.00
_cell.angle_beta   116.86
_cell.angle_gamma   90.00
#
_symmetry.space_group_name_H-M   'C 1 2 1'
#
loop_
_entity.id
_entity.type
_entity.pdbx_description
1 polymer Hemagglutinin
2 polymer 'ANTIBODY 31.A.83 FAB  HEAVY CHAIN'
3 polymer 'ANTIBODY 31.A.83 FAB LIGHT CHAIN'
4 non-polymer 2-acetamido-2-deoxy-beta-D-glucopyranose
#
loop_
_entity_poly.entity_id
_entity_poly.type
_entity_poly.pdbx_seq_one_letter_code
_entity_poly.pdbx_strand_id
1 'polypeptide(L)'
;QDLPGNDNSTATLCLGHHAVPNGTLVKTITDDQIEVTNATELVQSSSTGKICNNPHRILDGIDCTLIDALLGDPHCDVFQ
NETWDLFVERSKAFSNCYPYDVPDYASLRSLVASSGTLEFITEGFTWTGVTQNGGSNACKRGPGSGFFSRLNWLTKSGST
YPVLNVTMPNNDNFDKLYIWGVHHPSTNQEQTSLYVQASGRVTVSTRRSQQTIIPNIESRPWVRGLSSRISIYWTIVKPG
DVLVINSNGNLIAPRGYFKMRTGKSSIMRSDAPIDTCISECITPNGSIPNDKPFQNVNKITYGACPKYVKQNTLKLATGM
RNVPEKQTRGLFGAIAGFIENGWEGMIDGWYGFRHQNSEGTGQAADLKSTQAAIDQINGKLNRVIEKTNEKFHQIEKEFS
EVEGRIQDLEKYVEDTKIDLWSYNAELLVALENQHTIDLTDSEMNKLFEKTRRQLRENAEDMGNGCFKIYHKCDNACIES
IRNGTYDHDVYRDEALNNRFQIKGVSGRLVPR
;
A,C,B
2 'polypeptide(L)'
;EVQLLESGGGLVQPGESLRVSCAASGFTFRDSALSWVRQAPGKGLEWVSAISGNGGATYYADTVKGRFTISRDNSQTTLY
LQMNSLRADDTATYYCAKDESPPIYNLMPGYYSTYYYMDVWGKGTTVTVSSASTKGPSVFPLAPSSKSTSGGTAALGCLV
KDYFPEPVTVSWNSGALTSGVHTFPAVLQSSGLYSLSSVVTVPSSSLGTQTYICNVNHKPSNTKVDKKVEPKSCDK
;
F,H,Q
3 'polypeptide(L)'
;EIVMTQSPVTLSVSPGETATLSCRASQSVRSNLAWYQQKPGQAPRLLIYGASTRATDIPARFSGSGSGTEFTLSISSLQS
DDFAVYYCQQYNHWLRTFGQGTKLEIKRTVAAPSVFIFPPSDEQLKSGTASVVCLLNNFYPREAKVQWKVDNALQSGNSQ
ESVTEQDSKDSTYSLSSTLTLSKADYEKHKVYACEVTHQGLSSPVTKSFNRGEC
;
G,L,R
#
# COMPACT_ATOMS: atom_id res chain seq x y z
N ALA A 11 20.68 19.97 47.31
CA ALA A 11 20.98 18.85 46.44
C ALA A 11 20.37 19.04 45.05
N THR A 12 21.01 18.46 44.04
CA THR A 12 20.56 18.53 42.66
C THR A 12 20.37 17.13 42.11
N LEU A 13 19.32 16.95 41.31
CA LEU A 13 19.02 15.67 40.67
C LEU A 13 18.74 15.93 39.19
N CYS A 14 19.75 15.72 38.35
CA CYS A 14 19.62 15.89 36.91
C CYS A 14 19.08 14.61 36.28
N LEU A 15 18.32 14.78 35.20
CA LEU A 15 17.75 13.66 34.46
C LEU A 15 18.12 13.78 32.99
N GLY A 16 18.36 12.63 32.36
CA GLY A 16 18.73 12.62 30.97
C GLY A 16 18.66 11.22 30.41
N HIS A 17 18.97 11.12 29.13
CA HIS A 17 19.00 9.85 28.41
C HIS A 17 20.42 9.52 28.00
N HIS A 18 20.60 8.27 27.57
CA HIS A 18 21.92 7.86 27.09
C HIS A 18 22.18 8.44 25.70
N ALA A 19 23.45 8.40 25.29
CA ALA A 19 23.83 8.87 23.98
C ALA A 19 25.06 8.09 23.52
N VAL A 20 25.08 7.73 22.24
CA VAL A 20 26.20 6.97 21.68
C VAL A 20 27.19 7.96 21.08
N PRO A 21 28.48 7.65 21.06
CA PRO A 21 29.44 8.57 20.42
C PRO A 21 29.18 8.75 18.94
N ASN A 22 28.81 7.68 18.24
CA ASN A 22 28.46 7.75 16.83
C ASN A 22 27.30 6.81 16.58
N GLY A 23 26.21 7.35 16.03
CA GLY A 23 25.02 6.56 15.77
C GLY A 23 24.66 6.44 14.30
N THR A 24 23.43 6.03 14.02
CA THR A 24 22.95 5.84 12.66
C THR A 24 21.92 6.90 12.33
N LEU A 25 21.89 7.30 11.06
CA LEU A 25 20.89 8.24 10.56
C LEU A 25 19.73 7.46 9.95
N VAL A 26 18.51 7.95 10.20
CA VAL A 26 17.30 7.32 9.73
C VAL A 26 16.40 8.38 9.09
N LYS A 27 15.37 7.91 8.40
CA LYS A 27 14.36 8.78 7.82
C LYS A 27 13.11 8.79 8.69
N THR A 28 12.49 9.95 8.79
CA THR A 28 11.23 10.10 9.52
C THR A 28 10.26 10.88 8.65
N ILE A 29 9.08 11.17 9.21
CA ILE A 29 8.07 11.92 8.47
C ILE A 29 8.53 13.35 8.23
N THR A 30 9.18 13.95 9.22
CA THR A 30 9.61 15.35 9.10
C THR A 30 11.05 15.48 8.65
N ASP A 31 11.96 14.68 9.22
CA ASP A 31 13.38 14.80 8.97
C ASP A 31 13.84 13.67 8.05
N ASP A 32 14.60 14.03 7.01
CA ASP A 32 15.16 13.01 6.13
C ASP A 32 16.41 12.39 6.72
N GLN A 33 17.24 13.17 7.40
CA GLN A 33 18.48 12.71 8.01
C GLN A 33 18.48 13.13 9.48
N ILE A 34 18.01 12.24 10.36
CA ILE A 34 18.02 12.48 11.79
C ILE A 34 18.80 11.36 12.48
N GLU A 35 19.61 11.73 13.46
CA GLU A 35 20.54 10.81 14.09
C GLU A 35 19.87 10.10 15.26
N VAL A 36 20.04 8.78 15.31
CA VAL A 36 19.51 7.96 16.40
C VAL A 36 20.63 7.07 16.94
N THR A 37 20.38 6.47 18.10
CA THR A 37 21.40 5.69 18.78
C THR A 37 21.60 4.31 18.14
N ASN A 38 20.61 3.79 17.45
CA ASN A 38 20.69 2.44 16.91
C ASN A 38 19.61 2.26 15.87
N ALA A 39 19.91 1.48 14.84
CA ALA A 39 18.97 1.18 13.77
C ALA A 39 19.31 -0.18 13.17
N THR A 40 18.38 -0.70 12.38
CA THR A 40 18.57 -1.97 11.70
C THR A 40 18.14 -1.83 10.24
N GLU A 41 18.78 -2.62 9.38
CA GLU A 41 18.50 -2.59 7.95
C GLU A 41 17.42 -3.61 7.62
N LEU A 42 16.38 -3.16 6.92
CA LEU A 42 15.27 -4.01 6.55
C LEU A 42 15.36 -4.53 5.12
N VAL A 43 16.26 -4.00 4.31
CA VAL A 43 16.39 -4.38 2.91
C VAL A 43 17.61 -5.29 2.77
N GLN A 44 17.38 -6.52 2.32
CA GLN A 44 18.47 -7.47 2.10
C GLN A 44 19.11 -7.18 0.76
N SER A 45 20.32 -6.61 0.79
CA SER A 45 21.02 -6.23 -0.43
C SER A 45 22.21 -7.11 -0.74
N SER A 46 22.77 -7.80 0.25
CA SER A 46 23.91 -8.68 0.03
C SER A 46 23.45 -10.09 -0.26
N SER A 47 24.26 -10.82 -1.01
CA SER A 47 23.98 -12.20 -1.36
C SER A 47 25.24 -13.04 -1.24
N THR A 48 25.04 -14.32 -0.88
CA THR A 48 26.17 -15.24 -0.84
C THR A 48 26.70 -15.55 -2.24
N GLY A 49 25.86 -15.39 -3.27
CA GLY A 49 26.23 -15.73 -4.62
C GLY A 49 25.98 -17.16 -5.02
N LYS A 50 25.72 -18.05 -4.06
CA LYS A 50 25.50 -19.46 -4.31
C LYS A 50 24.10 -19.86 -3.87
N ILE A 51 23.46 -20.71 -4.67
CA ILE A 51 22.13 -21.23 -4.36
C ILE A 51 22.28 -22.41 -3.41
N CYS A 52 21.74 -22.29 -2.21
CA CYS A 52 21.81 -23.38 -1.24
C CYS A 52 20.90 -24.53 -1.68
N ASN A 53 21.48 -25.73 -1.80
CA ASN A 53 20.73 -26.90 -2.24
C ASN A 53 19.63 -27.30 -1.28
N ASN A 54 19.63 -26.80 -0.05
CA ASN A 54 18.60 -27.12 0.92
C ASN A 54 17.93 -25.82 1.37
N PRO A 55 16.69 -25.89 1.87
CA PRO A 55 15.87 -27.09 2.08
C PRO A 55 15.13 -27.54 0.82
N HIS A 56 14.82 -26.60 -0.07
CA HIS A 56 14.12 -26.94 -1.30
C HIS A 56 14.95 -27.91 -2.13
N ARG A 57 14.30 -28.95 -2.67
CA ARG A 57 15.00 -29.91 -3.50
C ARG A 57 15.42 -29.28 -4.81
N ILE A 58 16.63 -28.72 -4.85
CA ILE A 58 17.12 -28.00 -6.02
C ILE A 58 17.59 -29.02 -7.06
N LEU A 59 17.10 -28.86 -8.29
CA LEU A 59 17.49 -29.71 -9.41
C LEU A 59 18.25 -28.86 -10.41
N ASP A 60 19.57 -29.04 -10.48
CA ASP A 60 20.40 -28.29 -11.40
C ASP A 60 20.13 -28.75 -12.83
N GLY A 61 19.71 -27.83 -13.69
CA GLY A 61 19.44 -28.17 -15.07
C GLY A 61 20.68 -28.48 -15.86
N ILE A 62 21.82 -27.92 -15.46
CA ILE A 62 23.12 -28.17 -16.07
C ILE A 62 23.10 -27.83 -17.55
N ASP A 63 22.91 -28.85 -18.41
CA ASP A 63 23.12 -28.69 -19.83
C ASP A 63 21.84 -28.64 -20.66
N CYS A 64 20.68 -29.00 -20.09
CA CYS A 64 19.42 -28.93 -20.83
C CYS A 64 18.40 -28.12 -20.06
N THR A 65 17.33 -27.75 -20.78
CA THR A 65 16.17 -27.09 -20.19
C THR A 65 15.19 -28.15 -19.69
N LEU A 66 14.10 -27.68 -19.08
CA LEU A 66 13.10 -28.62 -18.57
C LEU A 66 12.37 -29.32 -19.70
N ILE A 67 12.04 -28.59 -20.77
CA ILE A 67 11.35 -29.20 -21.90
C ILE A 67 12.25 -30.20 -22.62
N ASP A 68 13.55 -29.93 -22.66
CA ASP A 68 14.48 -30.88 -23.28
C ASP A 68 14.52 -32.19 -22.49
N ALA A 69 14.48 -32.11 -21.16
CA ALA A 69 14.43 -33.32 -20.36
C ALA A 69 13.07 -33.98 -20.43
N LEU A 70 12.01 -33.19 -20.62
CA LEU A 70 10.67 -33.76 -20.78
C LEU A 70 10.56 -34.61 -22.04
N LEU A 71 11.20 -34.15 -23.12
CA LEU A 71 11.12 -34.87 -24.38
C LEU A 71 12.03 -36.10 -24.37
N GLY A 72 13.28 -35.93 -23.94
CA GLY A 72 14.17 -37.05 -23.74
C GLY A 72 15.50 -36.96 -24.46
N ASP A 73 16.06 -35.75 -24.58
CA ASP A 73 17.35 -35.47 -25.24
C ASP A 73 18.42 -36.39 -24.67
N PRO A 74 19.39 -36.81 -25.50
CA PRO A 74 20.31 -37.88 -25.07
C PRO A 74 21.09 -37.56 -23.81
N HIS A 75 21.54 -36.31 -23.65
CA HIS A 75 22.32 -35.93 -22.48
C HIS A 75 21.45 -35.65 -21.26
N CYS A 76 20.13 -35.80 -21.38
CA CYS A 76 19.20 -35.51 -20.29
C CYS A 76 18.40 -36.74 -19.90
N ASP A 77 18.95 -37.93 -20.16
CA ASP A 77 18.32 -39.16 -19.71
C ASP A 77 18.43 -39.34 -18.20
N VAL A 78 19.33 -38.60 -17.55
CA VAL A 78 19.48 -38.71 -16.10
C VAL A 78 18.31 -38.04 -15.38
N PHE A 79 17.71 -37.02 -15.99
CA PHE A 79 16.62 -36.27 -15.36
C PHE A 79 15.28 -36.98 -15.42
N GLN A 80 15.24 -38.24 -15.89
CA GLN A 80 13.97 -38.95 -15.99
C GLN A 80 13.51 -39.42 -14.62
N ASN A 81 12.21 -39.22 -14.35
CA ASN A 81 11.58 -39.60 -13.08
C ASN A 81 12.26 -38.91 -11.90
N GLU A 82 12.68 -37.68 -12.09
CA GLU A 82 13.35 -36.90 -11.05
C GLU A 82 12.37 -35.85 -10.55
N THR A 83 12.13 -35.84 -9.24
CA THR A 83 11.28 -34.83 -8.63
C THR A 83 12.11 -33.60 -8.27
N TRP A 84 11.43 -32.46 -8.15
CA TRP A 84 12.13 -31.22 -7.88
C TRP A 84 11.17 -30.22 -7.22
N ASP A 85 11.68 -29.49 -6.23
CA ASP A 85 10.97 -28.34 -5.71
C ASP A 85 11.22 -27.09 -6.54
N LEU A 86 12.40 -27.01 -7.16
CA LEU A 86 12.75 -25.86 -8.00
C LEU A 86 13.75 -26.32 -9.06
N PHE A 87 13.34 -26.31 -10.31
CA PHE A 87 14.22 -26.63 -11.42
C PHE A 87 14.94 -25.36 -11.85
N VAL A 88 16.28 -25.43 -11.91
CA VAL A 88 17.11 -24.28 -12.20
C VAL A 88 17.69 -24.46 -13.60
N GLU A 89 17.24 -23.65 -14.55
CA GLU A 89 17.78 -23.69 -15.90
C GLU A 89 19.05 -22.85 -15.98
N ARG A 90 20.09 -23.41 -16.58
CA ARG A 90 21.33 -22.70 -16.82
C ARG A 90 21.31 -22.01 -18.17
N SER A 91 22.07 -20.92 -18.28
CA SER A 91 22.20 -20.24 -19.57
C SER A 91 23.05 -21.06 -20.53
N LYS A 92 23.95 -21.91 -20.01
CA LYS A 92 24.79 -22.80 -20.78
C LYS A 92 24.04 -23.99 -21.35
N ALA A 93 22.71 -23.96 -21.32
CA ALA A 93 21.93 -25.08 -21.83
C ALA A 93 21.99 -25.14 -23.35
N PHE A 94 21.72 -26.34 -23.88
CA PHE A 94 21.73 -26.56 -25.32
C PHE A 94 20.81 -27.74 -25.64
N SER A 95 20.53 -27.90 -26.92
CA SER A 95 19.75 -29.03 -27.41
C SER A 95 20.56 -29.74 -28.48
N ASN A 96 20.75 -31.06 -28.30
CA ASN A 96 21.57 -31.85 -29.22
C ASN A 96 20.77 -32.74 -30.14
N CYS A 97 19.52 -33.06 -29.80
CA CYS A 97 18.74 -34.06 -30.53
C CYS A 97 18.04 -33.42 -31.72
N TYR A 98 16.99 -34.07 -32.22
CA TYR A 98 16.31 -33.63 -33.43
C TYR A 98 15.77 -32.21 -33.25
N PRO A 99 15.93 -31.33 -34.25
CA PRO A 99 15.44 -29.96 -34.11
C PRO A 99 13.91 -29.93 -34.00
N TYR A 100 13.42 -29.28 -32.96
CA TYR A 100 11.99 -29.22 -32.68
C TYR A 100 11.58 -27.80 -32.33
N ASP A 101 10.27 -27.59 -32.28
CA ASP A 101 9.68 -26.33 -31.86
C ASP A 101 8.36 -26.63 -31.16
N VAL A 102 8.07 -25.90 -30.11
CA VAL A 102 6.87 -26.13 -29.30
C VAL A 102 5.94 -24.94 -29.49
N PRO A 103 4.86 -25.07 -30.26
CA PRO A 103 3.83 -24.02 -30.27
C PRO A 103 3.26 -23.85 -28.87
N ASP A 104 3.18 -22.59 -28.43
CA ASP A 104 2.87 -22.26 -27.03
C ASP A 104 3.89 -22.89 -26.11
N TYR A 105 5.17 -22.60 -26.37
CA TYR A 105 6.25 -23.17 -25.57
C TYR A 105 6.19 -22.69 -24.13
N ALA A 106 5.79 -21.44 -23.92
CA ALA A 106 5.77 -20.89 -22.57
C ALA A 106 4.74 -21.58 -21.70
N SER A 107 3.56 -21.89 -22.25
CA SER A 107 2.51 -22.52 -21.45
C SER A 107 2.89 -23.93 -21.03
N LEU A 108 3.60 -24.67 -21.90
CA LEU A 108 4.01 -26.03 -21.57
C LEU A 108 5.12 -26.04 -20.53
N ARG A 109 6.10 -25.14 -20.68
CA ARG A 109 7.20 -25.08 -19.73
C ARG A 109 6.72 -24.72 -18.33
N SER A 110 5.65 -23.92 -18.23
CA SER A 110 5.13 -23.53 -16.92
C SER A 110 4.41 -24.68 -16.23
N LEU A 111 3.55 -25.41 -16.96
CA LEU A 111 2.76 -26.45 -16.31
C LEU A 111 3.63 -27.61 -15.86
N VAL A 112 4.64 -27.96 -16.66
CA VAL A 112 5.56 -29.02 -16.25
C VAL A 112 6.36 -28.59 -15.03
N ALA A 113 6.74 -27.31 -14.97
CA ALA A 113 7.47 -26.80 -13.82
C ALA A 113 6.60 -26.81 -12.57
N SER A 114 5.33 -26.42 -12.71
CA SER A 114 4.42 -26.47 -11.57
C SER A 114 4.06 -27.89 -11.17
N SER A 115 4.29 -28.87 -12.05
CA SER A 115 3.95 -30.25 -11.72
C SER A 115 4.96 -30.85 -10.75
N GLY A 116 6.25 -30.61 -10.98
CA GLY A 116 7.28 -31.15 -10.11
C GLY A 116 7.53 -32.63 -10.25
N THR A 117 7.19 -33.22 -11.40
CA THR A 117 7.43 -34.65 -11.61
C THR A 117 7.54 -34.90 -13.11
N LEU A 118 8.67 -35.48 -13.52
CA LEU A 118 8.84 -35.97 -14.88
C LEU A 118 8.54 -37.47 -14.98
N GLU A 119 7.69 -37.97 -14.08
CA GLU A 119 7.40 -39.39 -14.03
C GLU A 119 6.63 -39.81 -15.27
N PHE A 120 7.16 -40.78 -16.01
CA PHE A 120 6.61 -41.21 -17.28
C PHE A 120 6.23 -42.68 -17.17
N ILE A 121 4.94 -42.97 -17.32
CA ILE A 121 4.44 -44.33 -17.26
C ILE A 121 4.18 -44.80 -18.68
N THR A 122 5.00 -45.74 -19.16
CA THR A 122 4.83 -46.26 -20.51
C THR A 122 3.60 -47.15 -20.58
N GLU A 123 2.85 -47.02 -21.68
CA GLU A 123 1.62 -47.79 -21.89
C GLU A 123 1.76 -48.65 -23.13
N GLY A 124 0.88 -49.65 -23.22
CA GLY A 124 0.90 -50.59 -24.32
C GLY A 124 0.10 -50.14 -25.53
N PHE A 125 0.71 -49.30 -26.36
CA PHE A 125 0.06 -48.81 -27.58
C PHE A 125 0.27 -49.80 -28.70
N THR A 126 -0.81 -50.18 -29.37
CA THR A 126 -0.76 -51.16 -30.45
C THR A 126 -0.66 -50.43 -31.77
N TRP A 127 0.56 -50.31 -32.29
CA TRP A 127 0.82 -49.65 -33.57
C TRP A 127 1.01 -50.75 -34.62
N THR A 128 -0.08 -51.13 -35.27
CA THR A 128 -0.05 -52.18 -36.28
C THR A 128 0.10 -51.56 -37.67
N GLY A 129 1.05 -52.08 -38.44
CA GLY A 129 1.28 -51.62 -39.79
C GLY A 129 2.26 -50.47 -39.93
N VAL A 130 2.95 -50.10 -38.87
CA VAL A 130 3.90 -48.99 -38.90
C VAL A 130 5.16 -49.38 -38.15
N THR A 131 6.30 -48.90 -38.62
CA THR A 131 7.58 -49.22 -38.01
C THR A 131 7.83 -48.31 -36.82
N GLN A 132 8.16 -48.91 -35.68
CA GLN A 132 8.38 -48.17 -34.44
C GLN A 132 9.85 -47.81 -34.26
N ASN A 133 10.10 -46.89 -33.33
CA ASN A 133 11.42 -46.59 -32.80
C ASN A 133 12.39 -46.15 -33.90
N GLY A 134 12.05 -45.03 -34.53
CA GLY A 134 12.93 -44.44 -35.53
C GLY A 134 14.03 -43.63 -34.89
N GLY A 135 15.18 -43.58 -35.56
CA GLY A 135 16.34 -42.85 -35.10
C GLY A 135 16.78 -41.81 -36.13
N SER A 136 17.69 -40.95 -35.70
CA SER A 136 18.21 -39.89 -36.57
C SER A 136 19.68 -39.66 -36.27
N ASN A 137 20.34 -38.95 -37.18
CA ASN A 137 21.77 -38.69 -37.06
C ASN A 137 22.05 -37.70 -35.93
N ALA A 138 21.29 -36.59 -35.89
CA ALA A 138 21.54 -35.56 -34.90
C ALA A 138 21.32 -36.04 -33.47
N CYS A 139 20.54 -37.10 -33.29
CA CYS A 139 20.21 -37.59 -31.95
C CYS A 139 21.01 -38.86 -31.63
N LYS A 140 22.34 -38.73 -31.67
CA LYS A 140 23.21 -39.86 -31.38
C LYS A 140 23.20 -40.14 -29.88
N ARG A 141 22.71 -41.32 -29.51
CA ARG A 141 22.65 -41.75 -28.11
C ARG A 141 23.44 -43.04 -27.97
N GLY A 142 24.50 -42.99 -27.18
CA GLY A 142 25.35 -44.14 -26.99
C GLY A 142 26.23 -44.40 -28.21
N PRO A 143 26.10 -45.59 -28.78
CA PRO A 143 26.93 -45.94 -29.95
C PRO A 143 26.50 -45.21 -31.21
N GLY A 144 25.25 -45.42 -31.63
CA GLY A 144 24.79 -44.84 -32.88
C GLY A 144 23.57 -43.94 -32.74
N SER A 145 22.64 -44.08 -33.68
CA SER A 145 21.47 -43.22 -33.70
C SER A 145 20.54 -43.52 -32.53
N GLY A 146 19.84 -42.48 -32.07
CA GLY A 146 18.92 -42.61 -30.96
C GLY A 146 17.60 -41.92 -31.20
N PHE A 147 16.79 -41.80 -30.14
CA PHE A 147 15.43 -41.28 -30.24
C PHE A 147 15.10 -40.49 -28.98
N PHE A 148 14.05 -39.69 -29.08
CA PHE A 148 13.47 -39.08 -27.88
C PHE A 148 13.01 -40.18 -26.94
N SER A 149 13.51 -40.14 -25.69
CA SER A 149 13.31 -41.26 -24.79
C SER A 149 11.83 -41.50 -24.48
N ARG A 150 11.02 -40.45 -24.53
CA ARG A 150 9.60 -40.57 -24.22
C ARG A 150 8.71 -40.43 -25.46
N LEU A 151 9.29 -40.48 -26.66
CA LEU A 151 8.54 -40.36 -27.90
C LEU A 151 8.84 -41.53 -28.81
N ASN A 152 7.82 -41.95 -29.56
CA ASN A 152 7.92 -43.09 -30.47
C ASN A 152 7.62 -42.60 -31.89
N TRP A 153 8.63 -42.70 -32.76
CA TRP A 153 8.50 -42.25 -34.14
C TRP A 153 7.96 -43.40 -34.99
N LEU A 154 6.83 -43.16 -35.66
CA LEU A 154 6.18 -44.15 -36.50
C LEU A 154 6.48 -43.85 -37.96
N THR A 155 7.20 -44.75 -38.62
CA THR A 155 7.49 -44.65 -40.04
C THR A 155 6.71 -45.73 -40.79
N LYS A 156 6.80 -45.71 -42.11
CA LYS A 156 6.08 -46.67 -42.93
C LYS A 156 6.64 -48.08 -42.70
N SER A 157 5.78 -49.07 -42.92
CA SER A 157 6.14 -50.48 -42.77
C SER A 157 6.06 -51.15 -44.13
N GLY A 158 7.22 -51.41 -44.72
CA GLY A 158 7.26 -52.03 -46.04
C GLY A 158 6.83 -51.11 -47.15
N SER A 159 5.51 -51.02 -47.38
CA SER A 159 4.99 -50.18 -48.44
C SER A 159 3.66 -49.51 -48.11
N THR A 160 3.13 -49.71 -46.91
CA THR A 160 1.82 -49.17 -46.54
C THR A 160 1.91 -48.50 -45.17
N TYR A 161 1.26 -47.34 -45.07
CA TYR A 161 1.10 -46.63 -43.80
C TYR A 161 -0.39 -46.51 -43.52
N PRO A 162 -0.97 -47.37 -42.69
CA PRO A 162 -2.42 -47.39 -42.52
C PRO A 162 -2.91 -46.18 -41.72
N VAL A 163 -4.22 -45.97 -41.78
CA VAL A 163 -4.88 -44.89 -41.05
C VAL A 163 -5.08 -45.39 -39.62
N LEU A 164 -4.15 -45.04 -38.73
CA LEU A 164 -4.22 -45.49 -37.35
C LEU A 164 -5.31 -44.74 -36.60
N ASN A 165 -6.15 -45.49 -35.89
CA ASN A 165 -7.06 -44.90 -34.89
C ASN A 165 -7.04 -45.88 -33.71
N VAL A 166 -6.34 -45.49 -32.67
CA VAL A 166 -6.22 -46.30 -31.45
C VAL A 166 -6.97 -45.58 -30.34
N THR A 167 -7.17 -46.28 -29.23
CA THR A 167 -7.88 -45.73 -28.09
C THR A 167 -7.17 -46.14 -26.82
N MET A 168 -7.01 -45.18 -25.90
CA MET A 168 -6.34 -45.40 -24.63
C MET A 168 -7.15 -44.75 -23.52
N PRO A 169 -7.98 -45.51 -22.82
CA PRO A 169 -8.84 -44.93 -21.78
C PRO A 169 -8.06 -44.63 -20.51
N ASN A 170 -8.51 -43.59 -19.81
CA ASN A 170 -7.92 -43.17 -18.54
C ASN A 170 -8.85 -43.62 -17.42
N ASN A 171 -8.61 -44.82 -16.92
CA ASN A 171 -9.35 -45.34 -15.78
C ASN A 171 -8.70 -45.00 -14.45
N ASP A 172 -7.53 -44.38 -14.47
CA ASP A 172 -6.84 -44.04 -13.23
C ASP A 172 -7.54 -42.88 -12.52
N ASN A 173 -7.19 -42.70 -11.24
CA ASN A 173 -7.78 -41.63 -10.45
C ASN A 173 -7.20 -40.26 -10.80
N PHE A 174 -6.02 -40.21 -11.39
CA PHE A 174 -5.32 -38.96 -11.67
C PHE A 174 -5.33 -38.67 -13.17
N ASP A 175 -5.07 -37.41 -13.50
CA ASP A 175 -5.02 -36.97 -14.88
C ASP A 175 -3.73 -37.42 -15.55
N LYS A 176 -3.78 -37.55 -16.86
CA LYS A 176 -2.65 -38.00 -17.67
C LYS A 176 -2.20 -36.90 -18.61
N LEU A 177 -0.90 -36.77 -18.79
CA LEU A 177 -0.30 -35.81 -19.72
C LEU A 177 0.40 -36.59 -20.83
N TYR A 178 -0.05 -36.41 -22.07
CA TYR A 178 0.54 -37.06 -23.22
C TYR A 178 1.30 -36.02 -24.04
N ILE A 179 2.59 -36.26 -24.22
CA ILE A 179 3.44 -35.40 -25.04
C ILE A 179 3.65 -36.10 -26.38
N TRP A 180 3.22 -35.45 -27.46
CA TRP A 180 3.32 -36.01 -28.80
C TRP A 180 3.71 -34.91 -29.77
N GLY A 181 4.22 -35.32 -30.94
CA GLY A 181 4.70 -34.39 -31.93
C GLY A 181 4.16 -34.73 -33.32
N VAL A 182 4.39 -33.80 -34.25
CA VAL A 182 4.03 -33.96 -35.65
C VAL A 182 5.26 -33.65 -36.48
N HIS A 183 5.64 -34.57 -37.36
CA HIS A 183 6.84 -34.41 -38.16
C HIS A 183 6.56 -33.56 -39.40
N HIS A 184 7.39 -32.55 -39.60
CA HIS A 184 7.27 -31.65 -40.76
C HIS A 184 8.43 -31.91 -41.71
N PRO A 185 8.24 -32.69 -42.77
CA PRO A 185 9.34 -32.98 -43.69
C PRO A 185 9.79 -31.74 -44.44
N SER A 186 11.04 -31.77 -44.90
CA SER A 186 11.62 -30.65 -45.64
C SER A 186 11.34 -30.72 -47.12
N THR A 187 11.27 -31.92 -47.70
CA THR A 187 11.03 -32.11 -49.12
C THR A 187 9.77 -32.95 -49.33
N ASN A 188 9.20 -32.83 -50.54
CA ASN A 188 8.03 -33.63 -50.88
C ASN A 188 8.37 -35.12 -50.96
N GLN A 189 9.59 -35.45 -51.38
CA GLN A 189 10.01 -36.84 -51.41
C GLN A 189 10.15 -37.43 -50.01
N GLU A 190 10.52 -36.59 -49.04
CA GLU A 190 10.67 -37.07 -47.67
C GLU A 190 9.32 -37.42 -47.04
N GLN A 191 8.25 -36.75 -47.47
CA GLN A 191 6.92 -37.05 -46.94
C GLN A 191 6.44 -38.41 -47.40
N THR A 192 6.56 -38.70 -48.69
CA THR A 192 6.02 -39.95 -49.23
C THR A 192 6.83 -41.15 -48.77
N SER A 193 8.16 -41.09 -48.92
CA SER A 193 8.98 -42.24 -48.57
C SER A 193 8.89 -42.57 -47.08
N LEU A 194 8.59 -41.58 -46.25
CA LEU A 194 8.54 -41.80 -44.81
C LEU A 194 7.13 -42.11 -44.30
N TYR A 195 6.08 -41.66 -45.02
CA TYR A 195 4.72 -41.85 -44.54
C TYR A 195 3.74 -42.24 -45.65
N VAL A 196 4.24 -42.71 -46.80
CA VAL A 196 3.42 -43.22 -47.89
C VAL A 196 2.47 -42.16 -48.44
N GLN A 197 1.52 -41.72 -47.62
CA GLN A 197 0.52 -40.77 -48.06
C GLN A 197 1.15 -39.47 -48.54
N ALA A 198 0.44 -38.77 -49.44
CA ALA A 198 0.96 -37.53 -50.00
C ALA A 198 1.01 -36.42 -48.95
N SER A 199 0.10 -36.43 -47.99
CA SER A 199 0.09 -35.45 -46.91
C SER A 199 -0.52 -36.09 -45.67
N GLY A 200 0.22 -36.12 -44.58
CA GLY A 200 -0.24 -36.70 -43.35
C GLY A 200 -1.27 -35.85 -42.64
N ARG A 201 -1.71 -36.36 -41.48
CA ARG A 201 -2.69 -35.68 -40.65
C ARG A 201 -2.76 -36.33 -39.28
N VAL A 202 -2.52 -35.56 -38.22
CA VAL A 202 -2.54 -36.07 -36.85
C VAL A 202 -3.73 -35.45 -36.13
N THR A 203 -4.62 -36.31 -35.64
CA THR A 203 -5.84 -35.88 -34.94
C THR A 203 -5.88 -36.59 -33.59
N VAL A 204 -5.27 -35.97 -32.58
CA VAL A 204 -5.31 -36.48 -31.22
C VAL A 204 -6.51 -35.85 -30.53
N SER A 205 -7.58 -36.63 -30.35
CA SER A 205 -8.84 -36.13 -29.83
C SER A 205 -9.19 -36.81 -28.52
N THR A 206 -10.09 -36.16 -27.78
CA THR A 206 -10.67 -36.69 -26.56
C THR A 206 -12.17 -36.45 -26.60
N ARG A 207 -12.85 -36.80 -25.50
CA ARG A 207 -14.29 -36.54 -25.40
C ARG A 207 -14.60 -35.08 -25.09
N ARG A 208 -13.58 -34.22 -24.98
CA ARG A 208 -13.79 -32.82 -24.65
C ARG A 208 -13.05 -31.89 -25.60
N SER A 209 -11.95 -32.37 -26.19
CA SER A 209 -11.13 -31.53 -27.05
C SER A 209 -10.45 -32.38 -28.11
N GLN A 210 -10.39 -31.86 -29.33
CA GLN A 210 -9.68 -32.49 -30.44
C GLN A 210 -8.64 -31.52 -30.98
N GLN A 211 -7.59 -32.08 -31.59
CA GLN A 211 -6.48 -31.28 -32.13
C GLN A 211 -6.06 -31.88 -33.45
N THR A 212 -6.47 -31.25 -34.55
CA THR A 212 -6.15 -31.70 -35.89
C THR A 212 -4.97 -30.89 -36.41
N ILE A 213 -3.89 -31.58 -36.77
CA ILE A 213 -2.66 -30.95 -37.24
C ILE A 213 -2.35 -31.45 -38.64
N ILE A 214 -2.00 -30.53 -39.53
CA ILE A 214 -1.59 -30.84 -40.89
C ILE A 214 -0.12 -30.47 -41.03
N PRO A 215 0.76 -31.40 -41.40
CA PRO A 215 2.19 -31.09 -41.48
C PRO A 215 2.51 -30.16 -42.64
N ASN A 216 3.63 -29.46 -42.48
CA ASN A 216 4.11 -28.51 -43.49
C ASN A 216 5.37 -29.04 -44.14
N ILE A 217 5.48 -28.83 -45.46
CA ILE A 217 6.61 -29.31 -46.24
C ILE A 217 7.26 -28.09 -46.89
N GLU A 218 8.36 -27.62 -46.30
CA GLU A 218 9.07 -26.46 -46.82
C GLU A 218 10.55 -26.59 -46.53
N SER A 219 11.36 -25.84 -47.28
CA SER A 219 12.81 -25.85 -47.14
C SER A 219 13.20 -24.82 -46.09
N ARG A 220 13.31 -25.27 -44.84
CA ARG A 220 13.64 -24.44 -43.71
C ARG A 220 15.15 -24.35 -43.52
N PRO A 221 15.64 -23.33 -42.83
CA PRO A 221 17.08 -23.22 -42.59
C PRO A 221 17.62 -24.42 -41.82
N TRP A 222 18.87 -24.78 -42.11
CA TRP A 222 19.50 -25.93 -41.48
C TRP A 222 19.81 -25.63 -40.03
N VAL A 223 19.08 -26.27 -39.12
CA VAL A 223 19.32 -26.18 -37.68
C VAL A 223 19.88 -27.53 -37.23
N ARG A 224 21.08 -27.51 -36.67
CA ARG A 224 21.81 -28.72 -36.29
C ARG A 224 22.00 -29.67 -37.47
N GLY A 225 22.09 -29.11 -38.67
CA GLY A 225 22.31 -29.90 -39.87
C GLY A 225 21.08 -30.56 -40.45
N LEU A 226 19.88 -30.07 -40.12
CA LEU A 226 18.64 -30.64 -40.61
C LEU A 226 17.71 -29.53 -41.09
N SER A 227 16.96 -29.83 -42.16
CA SER A 227 15.98 -28.90 -42.72
C SER A 227 14.55 -29.23 -42.32
N SER A 228 14.33 -30.32 -41.60
CA SER A 228 13.01 -30.71 -41.14
C SER A 228 12.91 -30.52 -39.64
N ARG A 229 11.70 -30.25 -39.17
CA ARG A 229 11.42 -29.97 -37.76
C ARG A 229 10.34 -30.91 -37.26
N ILE A 230 10.03 -30.78 -35.96
CA ILE A 230 8.95 -31.53 -35.32
C ILE A 230 8.23 -30.60 -34.37
N SER A 231 6.92 -30.44 -34.55
CA SER A 231 6.11 -29.57 -33.71
C SER A 231 5.54 -30.39 -32.55
N ILE A 232 5.89 -30.01 -31.33
CA ILE A 232 5.50 -30.75 -30.14
C ILE A 232 4.22 -30.16 -29.58
N TYR A 233 3.25 -31.02 -29.28
CA TYR A 233 2.00 -30.63 -28.66
C TYR A 233 1.78 -31.47 -27.40
N TRP A 234 0.77 -31.09 -26.61
CA TRP A 234 0.45 -31.84 -25.40
C TRP A 234 -1.06 -31.96 -25.27
N THR A 235 -1.49 -33.09 -24.72
CA THR A 235 -2.91 -33.38 -24.51
C THR A 235 -3.10 -33.94 -23.10
N ILE A 236 -4.09 -33.41 -22.39
CA ILE A 236 -4.36 -33.80 -21.01
C ILE A 236 -5.66 -34.61 -21.00
N VAL A 237 -5.58 -35.86 -20.56
CA VAL A 237 -6.73 -36.75 -20.50
C VAL A 237 -7.19 -36.85 -19.05
N LYS A 238 -8.37 -36.32 -18.76
CA LYS A 238 -8.86 -36.31 -17.39
C LYS A 238 -9.39 -37.70 -17.01
N PRO A 239 -9.55 -37.97 -15.72
CA PRO A 239 -10.10 -39.27 -15.30
C PRO A 239 -11.48 -39.49 -15.89
N GLY A 240 -11.65 -40.65 -16.54
CA GLY A 240 -12.86 -40.97 -17.26
C GLY A 240 -12.81 -40.62 -18.74
N ASP A 241 -12.01 -39.62 -19.10
CA ASP A 241 -11.83 -39.26 -20.50
C ASP A 241 -11.02 -40.32 -21.22
N VAL A 242 -11.17 -40.37 -22.55
CA VAL A 242 -10.49 -41.36 -23.37
C VAL A 242 -9.60 -40.62 -24.37
N LEU A 243 -8.50 -41.26 -24.74
CA LEU A 243 -7.54 -40.72 -25.71
C LEU A 243 -7.70 -41.47 -27.02
N VAL A 244 -7.93 -40.72 -28.10
CA VAL A 244 -8.11 -41.30 -29.43
C VAL A 244 -7.11 -40.63 -30.36
N ILE A 245 -6.10 -41.38 -30.79
CA ILE A 245 -5.07 -40.89 -31.70
C ILE A 245 -5.44 -41.38 -33.11
N ASN A 246 -5.75 -40.43 -34.00
CA ASN A 246 -6.10 -40.74 -35.37
C ASN A 246 -5.09 -40.08 -36.30
N SER A 247 -4.33 -40.88 -37.03
CA SER A 247 -3.30 -40.35 -37.91
C SER A 247 -3.10 -41.25 -39.11
N ASN A 248 -2.79 -40.64 -40.26
CA ASN A 248 -2.44 -41.35 -41.47
C ASN A 248 -1.00 -41.09 -41.89
N GLY A 249 -0.21 -40.47 -41.01
CA GLY A 249 1.16 -40.15 -41.34
C GLY A 249 1.65 -38.97 -40.54
N ASN A 250 2.99 -38.88 -40.45
CA ASN A 250 3.68 -37.78 -39.77
C ASN A 250 3.29 -37.70 -38.30
N LEU A 251 3.23 -38.86 -37.64
CA LEU A 251 2.82 -38.94 -36.24
C LEU A 251 4.02 -39.31 -35.38
N ILE A 252 4.34 -38.44 -34.42
CA ILE A 252 5.35 -38.75 -33.41
C ILE A 252 4.60 -39.21 -32.16
N ALA A 253 4.25 -40.50 -32.11
CA ALA A 253 3.37 -40.99 -31.08
C ALA A 253 4.07 -41.02 -29.72
N PRO A 254 3.32 -40.84 -28.64
CA PRO A 254 3.90 -40.98 -27.30
C PRO A 254 3.95 -42.43 -26.86
N ARG A 255 5.00 -42.74 -26.11
CA ARG A 255 5.16 -44.09 -25.57
C ARG A 255 4.32 -44.33 -24.33
N GLY A 256 3.80 -43.26 -23.72
CA GLY A 256 3.00 -43.36 -22.51
C GLY A 256 2.47 -42.01 -22.10
N TYR A 257 2.35 -41.78 -20.79
CA TYR A 257 1.84 -40.51 -20.29
C TYR A 257 2.67 -40.06 -19.10
N PHE A 258 2.63 -38.75 -18.84
CA PHE A 258 3.27 -38.17 -17.67
C PHE A 258 2.27 -38.07 -16.53
N LYS A 259 2.75 -38.28 -15.32
CA LYS A 259 1.90 -38.21 -14.14
C LYS A 259 1.68 -36.75 -13.76
N MET A 260 0.41 -36.34 -13.66
CA MET A 260 0.06 -34.96 -13.40
C MET A 260 -0.12 -34.74 -11.91
N ARG A 261 0.65 -33.81 -11.35
CA ARG A 261 0.50 -33.40 -9.95
C ARG A 261 0.58 -31.88 -9.88
N THR A 262 0.03 -31.32 -8.80
CA THR A 262 0.01 -29.88 -8.59
C THR A 262 0.60 -29.59 -7.21
N GLY A 263 1.73 -28.88 -7.20
CA GLY A 263 2.42 -28.61 -5.95
C GLY A 263 3.23 -27.33 -5.94
N LYS A 264 4.17 -27.24 -5.00
CA LYS A 264 4.99 -26.05 -4.79
C LYS A 264 6.13 -25.92 -5.80
N SER A 265 6.26 -26.85 -6.74
CA SER A 265 7.39 -26.84 -7.65
C SER A 265 7.28 -25.68 -8.63
N SER A 266 8.44 -25.27 -9.14
CA SER A 266 8.54 -24.14 -10.06
C SER A 266 9.83 -24.27 -10.87
N ILE A 267 10.14 -23.24 -11.66
CA ILE A 267 11.35 -23.19 -12.48
C ILE A 267 11.89 -21.76 -12.42
N MET A 268 13.20 -21.64 -12.62
CA MET A 268 13.85 -20.34 -12.57
C MET A 268 15.18 -20.41 -13.32
N ARG A 269 15.45 -19.37 -14.10
CA ARG A 269 16.69 -19.27 -14.86
C ARG A 269 17.75 -18.63 -13.98
N SER A 270 18.87 -19.33 -13.80
CA SER A 270 19.93 -18.82 -12.94
C SER A 270 21.25 -19.47 -13.32
N ASP A 271 22.34 -18.74 -13.11
CA ASP A 271 23.68 -19.25 -13.29
C ASP A 271 24.48 -19.32 -11.99
N ALA A 272 23.84 -19.03 -10.85
CA ALA A 272 24.54 -19.11 -9.58
C ALA A 272 24.84 -20.57 -9.24
N PRO A 273 26.02 -20.85 -8.68
CA PRO A 273 26.36 -22.24 -8.36
C PRO A 273 25.59 -22.74 -7.14
N ILE A 274 25.50 -24.07 -7.05
CA ILE A 274 24.79 -24.74 -5.97
C ILE A 274 25.78 -25.06 -4.86
N ASP A 275 25.42 -24.75 -3.62
CA ASP A 275 26.26 -25.01 -2.47
C ASP A 275 25.46 -25.75 -1.41
N THR A 276 26.17 -26.52 -0.58
CA THR A 276 25.53 -27.34 0.46
C THR A 276 25.31 -26.49 1.71
N CYS A 277 24.24 -25.70 1.67
CA CYS A 277 23.83 -24.86 2.79
C CYS A 277 22.31 -24.87 2.87
N ILE A 278 21.77 -24.07 3.80
CA ILE A 278 20.34 -23.98 4.01
C ILE A 278 19.92 -22.52 3.79
N SER A 279 18.83 -22.33 3.04
CA SER A 279 18.28 -21.00 2.79
C SER A 279 16.87 -21.10 2.21
N GLU A 280 15.89 -20.53 2.91
CA GLU A 280 14.51 -20.61 2.45
C GLU A 280 14.30 -19.85 1.15
N CYS A 281 15.07 -18.80 0.91
CA CYS A 281 14.90 -17.96 -0.27
C CYS A 281 16.00 -18.24 -1.29
N ILE A 282 15.62 -18.16 -2.57
CA ILE A 282 16.53 -18.44 -3.68
C ILE A 282 16.27 -17.41 -4.78
N THR A 283 17.34 -16.83 -5.28
CA THR A 283 17.30 -15.82 -6.33
C THR A 283 18.20 -16.23 -7.49
N PRO A 284 18.00 -15.66 -8.68
CA PRO A 284 18.96 -15.90 -9.77
C PRO A 284 20.37 -15.47 -9.43
N ASN A 285 20.54 -14.55 -8.49
CA ASN A 285 21.87 -14.16 -8.03
C ASN A 285 22.42 -15.09 -6.96
N GLY A 286 21.56 -15.88 -6.32
CA GLY A 286 21.98 -16.75 -5.26
C GLY A 286 21.04 -16.68 -4.08
N SER A 287 21.11 -17.68 -3.19
CA SER A 287 20.23 -17.70 -2.02
C SER A 287 20.56 -16.53 -1.10
N ILE A 288 19.52 -15.92 -0.55
CA ILE A 288 19.68 -14.79 0.36
C ILE A 288 18.91 -15.07 1.64
N PRO A 289 19.32 -14.51 2.79
CA PRO A 289 18.58 -14.75 4.02
C PRO A 289 17.28 -13.96 4.04
N ASN A 290 16.20 -14.62 4.44
CA ASN A 290 14.89 -13.99 4.54
C ASN A 290 14.59 -13.49 5.95
N ASP A 291 15.61 -13.07 6.68
CA ASP A 291 15.41 -12.49 8.02
C ASP A 291 14.90 -11.06 7.95
N LYS A 292 15.09 -10.36 6.82
CA LYS A 292 14.66 -8.99 6.60
C LYS A 292 13.36 -8.96 5.82
N PRO A 293 12.50 -7.95 6.05
CA PRO A 293 11.21 -7.93 5.35
C PRO A 293 11.31 -7.62 3.86
N PHE A 294 12.37 -6.94 3.42
CA PHE A 294 12.48 -6.52 2.04
C PHE A 294 13.86 -6.89 1.50
N GLN A 295 13.98 -6.85 0.18
CA GLN A 295 15.23 -7.17 -0.48
C GLN A 295 15.35 -6.34 -1.76
N ASN A 296 16.57 -6.26 -2.27
CA ASN A 296 16.87 -5.49 -3.47
C ASN A 296 17.74 -6.26 -4.45
N VAL A 297 17.89 -7.57 -4.27
CA VAL A 297 18.78 -8.35 -5.13
C VAL A 297 18.13 -8.65 -6.48
N ASN A 298 16.91 -9.16 -6.46
CA ASN A 298 16.23 -9.50 -7.70
C ASN A 298 14.74 -9.63 -7.46
N LYS A 299 13.95 -9.31 -8.50
CA LYS A 299 12.51 -9.43 -8.42
C LYS A 299 12.02 -10.86 -8.59
N ILE A 300 12.83 -11.73 -9.19
CA ILE A 300 12.50 -13.15 -9.32
C ILE A 300 12.98 -13.86 -8.06
N THR A 301 12.06 -14.44 -7.31
CA THR A 301 12.39 -15.13 -6.07
C THR A 301 11.52 -16.37 -5.93
N TYR A 302 12.07 -17.39 -5.27
CA TYR A 302 11.37 -18.64 -5.04
C TYR A 302 11.38 -18.96 -3.55
N GLY A 303 10.22 -19.31 -3.02
CA GLY A 303 10.10 -19.69 -1.62
C GLY A 303 9.84 -18.49 -0.72
N ALA A 304 10.06 -18.72 0.57
CA ALA A 304 9.91 -17.68 1.58
C ALA A 304 10.95 -16.59 1.37
N CYS A 305 10.60 -15.56 0.61
CA CYS A 305 11.53 -14.50 0.26
C CYS A 305 11.02 -13.14 0.70
N PRO A 306 11.91 -12.20 0.99
CA PRO A 306 11.48 -10.83 1.29
C PRO A 306 10.91 -10.15 0.07
N LYS A 307 10.13 -9.10 0.30
CA LYS A 307 9.46 -8.37 -0.76
C LYS A 307 10.46 -7.48 -1.49
N TYR A 308 10.48 -7.57 -2.82
CA TYR A 308 11.39 -6.76 -3.61
C TYR A 308 10.91 -5.31 -3.66
N VAL A 309 11.81 -4.38 -3.35
CA VAL A 309 11.50 -2.96 -3.37
C VAL A 309 12.62 -2.24 -4.11
N LYS A 310 12.31 -1.01 -4.54
CA LYS A 310 13.29 -0.23 -5.27
C LYS A 310 14.40 0.29 -4.36
N GLN A 311 14.10 0.51 -3.08
CA GLN A 311 15.08 1.10 -2.17
C GLN A 311 16.23 0.12 -1.93
N ASN A 312 17.44 0.67 -1.85
CA ASN A 312 18.61 -0.14 -1.54
C ASN A 312 18.89 -0.21 -0.05
N THR A 313 18.45 0.78 0.72
CA THR A 313 18.62 0.75 2.17
C THR A 313 17.42 1.44 2.82
N LEU A 314 16.93 0.84 3.90
CA LEU A 314 15.79 1.38 4.67
C LEU A 314 16.06 1.11 6.14
N LYS A 315 16.78 2.04 6.78
CA LYS A 315 17.11 1.88 8.19
C LYS A 315 15.87 2.04 9.05
N LEU A 316 15.66 1.09 9.96
CA LEU A 316 14.56 1.12 10.92
C LEU A 316 15.14 1.40 12.30
N ALA A 317 14.69 2.48 12.92
CA ALA A 317 15.26 2.92 14.20
C ALA A 317 14.97 1.88 15.28
N THR A 318 16.02 1.30 15.85
CA THR A 318 15.91 0.44 17.02
C THR A 318 16.37 1.13 18.29
N GLY A 319 16.72 2.41 18.21
CA GLY A 319 17.16 3.16 19.37
C GLY A 319 16.39 4.46 19.52
N MET A 320 16.93 5.38 20.30
CA MET A 320 16.27 6.65 20.57
C MET A 320 17.01 7.78 19.86
N ARG A 321 16.48 8.99 20.03
CA ARG A 321 17.12 10.19 19.49
C ARG A 321 18.48 10.39 20.14
N ASN A 322 19.51 10.61 19.32
CA ASN A 322 20.88 10.70 19.80
C ASN A 322 21.31 12.16 19.82
N VAL A 323 21.70 12.65 21.00
CA VAL A 323 22.24 13.99 21.16
C VAL A 323 23.50 13.90 22.01
N PRO A 324 24.70 14.01 21.42
CA PRO A 324 25.93 13.85 22.21
C PRO A 324 26.39 15.13 22.89
N GLU A 325 26.41 16.24 22.15
CA GLU A 325 26.82 17.52 22.71
C GLU A 325 26.10 18.63 21.97
N LYS A 326 26.20 19.85 22.52
CA LYS A 326 25.57 21.01 21.91
C LYS A 326 26.22 21.36 20.58
N GLY A 337 16.06 18.92 23.83
CA GLY A 337 14.96 19.76 24.27
C GLY A 337 15.15 20.31 25.68
N PHE A 338 15.01 19.44 26.67
CA PHE A 338 15.21 19.83 28.07
C PHE A 338 16.67 19.83 28.49
N ILE A 339 17.42 18.80 28.14
CA ILE A 339 18.85 18.76 28.42
C ILE A 339 19.60 19.37 27.24
N GLU A 340 20.80 19.89 27.50
CA GLU A 340 21.65 20.35 26.41
C GLU A 340 22.13 19.19 25.55
N ASN A 341 22.32 18.02 26.16
CA ASN A 341 22.80 16.85 25.44
C ASN A 341 22.51 15.61 26.26
N GLY A 342 22.70 14.45 25.64
CA GLY A 342 22.53 13.20 26.34
C GLY A 342 23.81 12.77 27.05
N TRP A 343 23.65 11.76 27.89
CA TRP A 343 24.76 11.24 28.71
C TRP A 343 25.42 10.08 27.98
N GLU A 344 26.65 10.29 27.50
CA GLU A 344 27.39 9.22 26.84
C GLU A 344 27.89 8.17 27.82
N GLY A 345 27.97 8.49 29.10
CA GLY A 345 28.45 7.55 30.10
C GLY A 345 27.46 6.51 30.56
N MET A 346 26.25 6.48 30.00
CA MET A 346 25.23 5.53 30.41
C MET A 346 25.36 4.26 29.57
N ILE A 347 25.72 3.15 30.21
CA ILE A 347 25.74 1.85 29.57
C ILE A 347 24.76 0.88 30.22
N ASP A 348 24.26 1.18 31.42
CA ASP A 348 23.36 0.31 32.14
C ASP A 348 21.89 0.55 31.81
N GLY A 349 21.60 1.50 30.93
CA GLY A 349 20.22 1.76 30.56
C GLY A 349 20.12 2.91 29.60
N TRP A 350 18.88 3.20 29.18
CA TRP A 350 18.61 4.30 28.27
C TRP A 350 18.32 5.60 29.02
N TYR A 351 17.55 5.54 30.09
CA TYR A 351 17.17 6.70 30.88
C TYR A 351 17.74 6.53 32.29
N GLY A 352 18.26 7.61 32.86
CA GLY A 352 18.91 7.49 34.15
C GLY A 352 18.92 8.80 34.93
N PHE A 353 19.53 8.73 36.10
CA PHE A 353 19.61 9.84 37.04
C PHE A 353 21.05 10.27 37.24
N ARG A 354 21.22 11.52 37.65
CA ARG A 354 22.51 12.06 38.08
C ARG A 354 22.27 13.03 39.22
N HIS A 355 23.18 13.06 40.18
CA HIS A 355 22.97 13.86 41.37
C HIS A 355 24.29 14.43 41.88
N GLN A 356 24.22 15.63 42.45
CA GLN A 356 25.31 16.28 43.16
C GLN A 356 24.82 16.52 44.58
N ASN A 357 25.07 15.57 45.47
CA ASN A 357 24.61 15.66 46.85
C ASN A 357 25.78 15.96 47.79
N SER A 358 25.55 15.76 49.09
CA SER A 358 26.58 16.05 50.08
C SER A 358 27.71 15.05 50.04
N GLU A 359 27.43 13.80 49.67
CA GLU A 359 28.46 12.78 49.64
C GLU A 359 29.37 12.94 48.42
N GLY A 360 28.78 13.10 47.24
CA GLY A 360 29.56 13.27 46.03
C GLY A 360 28.72 13.40 44.77
N THR A 361 29.09 12.67 43.73
CA THR A 361 28.37 12.70 42.46
C THR A 361 28.26 11.27 41.93
N GLY A 362 27.04 10.86 41.62
CA GLY A 362 26.80 9.51 41.15
C GLY A 362 25.82 9.49 39.99
N GLN A 363 25.59 8.29 39.46
CA GLN A 363 24.74 8.10 38.30
C GLN A 363 24.13 6.71 38.35
N ALA A 364 22.86 6.61 37.98
CA ALA A 364 22.19 5.32 37.92
C ALA A 364 21.05 5.41 36.93
N ALA A 365 20.69 4.27 36.33
CA ALA A 365 19.66 4.22 35.31
C ALA A 365 18.33 3.77 35.90
N ASP A 366 17.24 4.19 35.25
CA ASP A 366 15.90 3.75 35.61
C ASP A 366 15.56 2.54 34.73
N LEU A 367 15.48 1.36 35.36
CA LEU A 367 15.30 0.13 34.61
C LEU A 367 13.92 0.02 33.98
N LYS A 368 12.89 0.54 34.66
CA LYS A 368 11.52 0.37 34.17
C LYS A 368 11.29 1.20 32.92
N SER A 369 11.78 2.43 32.88
CA SER A 369 11.58 3.28 31.71
C SER A 369 12.37 2.77 30.52
N THR A 370 13.58 2.26 30.75
CA THR A 370 14.35 1.66 29.67
C THR A 370 13.66 0.42 29.12
N GLN A 371 13.21 -0.46 30.02
CA GLN A 371 12.51 -1.67 29.59
C GLN A 371 11.24 -1.35 28.82
N ALA A 372 10.47 -0.36 29.30
CA ALA A 372 9.23 0.00 28.63
C ALA A 372 9.48 0.55 27.24
N ALA A 373 10.58 1.26 27.04
CA ALA A 373 10.91 1.76 25.71
C ALA A 373 11.43 0.64 24.82
N ILE A 374 12.18 -0.30 25.39
CA ILE A 374 12.68 -1.43 24.61
C ILE A 374 11.53 -2.34 24.19
N ASP A 375 10.54 -2.52 25.07
CA ASP A 375 9.42 -3.40 24.74
C ASP A 375 8.61 -2.85 23.58
N GLN A 376 8.39 -1.53 23.54
CA GLN A 376 7.65 -0.96 22.42
C GLN A 376 8.41 -1.12 21.12
N ILE A 377 9.74 -0.94 21.15
CA ILE A 377 10.53 -1.12 19.94
C ILE A 377 10.61 -2.59 19.58
N ASN A 378 10.85 -3.47 20.58
CA ASN A 378 10.86 -4.89 20.31
C ASN A 378 9.53 -5.39 19.77
N GLY A 379 8.43 -4.77 20.20
CA GLY A 379 7.12 -5.20 19.72
C GLY A 379 6.89 -4.83 18.27
N LYS A 380 7.15 -3.57 17.92
CA LYS A 380 7.00 -3.15 16.52
C LYS A 380 8.09 -3.76 15.64
N LEU A 381 9.26 -4.04 16.21
CA LEU A 381 10.30 -4.72 15.46
C LEU A 381 9.80 -6.07 14.95
N ASN A 382 9.04 -6.79 15.78
CA ASN A 382 8.41 -8.03 15.34
C ASN A 382 7.35 -7.76 14.28
N ARG A 383 6.62 -6.65 14.41
CA ARG A 383 5.58 -6.33 13.45
C ARG A 383 6.16 -6.07 12.06
N VAL A 384 7.41 -5.57 12.00
CA VAL A 384 8.00 -5.25 10.70
C VAL A 384 8.64 -6.49 10.08
N ILE A 385 9.17 -7.41 10.89
CA ILE A 385 9.87 -8.58 10.38
C ILE A 385 9.00 -9.83 10.36
N GLU A 386 7.68 -9.68 10.54
CA GLU A 386 6.79 -10.84 10.51
C GLU A 386 6.96 -11.61 9.21
N LYS A 387 6.72 -12.92 9.29
CA LYS A 387 7.12 -13.84 8.23
C LYS A 387 6.65 -13.34 6.86
N THR A 388 7.59 -13.28 5.92
CA THR A 388 7.33 -12.71 4.62
C THR A 388 6.54 -13.68 3.75
N ASN A 389 6.08 -13.19 2.61
CA ASN A 389 5.26 -13.99 1.71
C ASN A 389 6.06 -15.16 1.16
N GLU A 390 5.39 -16.30 1.00
CA GLU A 390 5.98 -17.51 0.43
C GLU A 390 5.39 -17.69 -0.96
N LYS A 391 6.18 -17.38 -1.99
CA LYS A 391 5.74 -17.46 -3.37
C LYS A 391 6.60 -18.47 -4.10
N PHE A 392 5.95 -19.34 -4.89
CA PHE A 392 6.67 -20.38 -5.61
C PHE A 392 6.58 -20.08 -7.09
N HIS A 393 5.77 -20.80 -7.86
CA HIS A 393 5.65 -20.58 -9.29
C HIS A 393 4.81 -19.34 -9.56
N GLN A 394 5.47 -18.25 -9.95
CA GLN A 394 4.78 -17.01 -10.28
C GLN A 394 4.72 -16.83 -11.79
N ILE A 395 5.01 -15.63 -12.28
CA ILE A 395 5.09 -15.36 -13.71
C ILE A 395 6.49 -14.86 -14.03
N GLU A 396 6.94 -15.13 -15.25
CA GLU A 396 8.27 -14.70 -15.67
C GLU A 396 8.33 -13.18 -15.78
N LYS A 397 9.36 -12.59 -15.19
CA LYS A 397 9.54 -11.14 -15.24
C LYS A 397 10.66 -10.69 -16.14
N GLU A 398 11.61 -11.57 -16.46
CA GLU A 398 12.64 -11.28 -17.45
C GLU A 398 12.27 -11.98 -18.76
N PHE A 399 12.51 -11.28 -19.87
CA PHE A 399 12.10 -11.77 -21.18
C PHE A 399 13.28 -11.72 -22.15
N SER A 400 13.36 -12.73 -23.01
CA SER A 400 14.46 -12.83 -23.94
C SER A 400 14.25 -11.98 -25.19
N GLU A 401 13.01 -11.93 -25.69
CA GLU A 401 12.72 -11.10 -26.86
C GLU A 401 11.31 -10.54 -26.74
N VAL A 402 11.01 -9.56 -27.58
CA VAL A 402 9.73 -8.86 -27.52
C VAL A 402 8.63 -9.77 -28.03
N GLU A 403 7.57 -9.91 -27.24
CA GLU A 403 6.40 -10.70 -27.64
C GLU A 403 5.17 -9.85 -27.88
N GLY A 404 5.20 -8.58 -27.54
CA GLY A 404 4.11 -7.67 -27.86
C GLY A 404 3.16 -7.48 -26.70
N ARG A 405 1.86 -7.69 -26.95
CA ARG A 405 0.82 -7.26 -26.01
C ARG A 405 0.88 -8.04 -24.71
N ILE A 406 1.03 -9.37 -24.79
CA ILE A 406 1.02 -10.20 -23.58
C ILE A 406 2.23 -9.88 -22.72
N GLN A 407 3.42 -9.77 -23.33
CA GLN A 407 4.63 -9.46 -22.58
C GLN A 407 4.56 -8.07 -21.97
N ASP A 408 4.04 -7.10 -22.73
CA ASP A 408 3.92 -5.74 -22.20
C ASP A 408 3.02 -5.69 -20.98
N LEU A 409 1.99 -6.52 -20.92
CA LEU A 409 1.14 -6.58 -19.74
C LEU A 409 1.88 -7.23 -18.56
N GLU A 410 2.60 -8.32 -18.82
CA GLU A 410 3.33 -9.00 -17.74
C GLU A 410 4.37 -8.07 -17.13
N LYS A 411 5.07 -7.29 -17.96
CA LYS A 411 5.99 -6.31 -17.43
C LYS A 411 5.27 -5.22 -16.65
N TYR A 412 4.06 -4.87 -17.09
CA TYR A 412 3.30 -3.83 -16.40
C TYR A 412 2.74 -4.33 -15.08
N VAL A 413 2.27 -5.58 -15.05
CA VAL A 413 1.71 -6.13 -13.81
C VAL A 413 2.76 -6.15 -12.72
N GLU A 414 3.96 -6.64 -13.05
CA GLU A 414 5.01 -6.76 -12.04
C GLU A 414 5.54 -5.40 -11.62
N ASP A 415 5.86 -4.54 -12.60
CA ASP A 415 6.41 -3.23 -12.27
C ASP A 415 5.42 -2.41 -11.44
N THR A 416 4.13 -2.60 -11.66
CA THR A 416 3.14 -1.97 -10.79
C THR A 416 3.25 -2.51 -9.37
N LYS A 417 3.36 -3.83 -9.22
CA LYS A 417 3.50 -4.42 -7.90
C LYS A 417 4.75 -3.94 -7.19
N ILE A 418 5.84 -3.71 -7.95
CA ILE A 418 7.08 -3.26 -7.33
C ILE A 418 6.97 -1.83 -6.85
N ASP A 419 6.52 -0.92 -7.73
CA ASP A 419 6.41 0.48 -7.36
C ASP A 419 5.41 0.69 -6.23
N LEU A 420 4.37 -0.12 -6.16
CA LEU A 420 3.43 -0.02 -5.05
C LEU A 420 4.06 -0.53 -3.75
N TRP A 421 4.81 -1.63 -3.81
CA TRP A 421 5.47 -2.14 -2.61
C TRP A 421 6.56 -1.19 -2.13
N SER A 422 7.28 -0.56 -3.07
CA SER A 422 8.32 0.38 -2.69
C SER A 422 7.74 1.54 -1.90
N TYR A 423 6.57 2.04 -2.30
CA TYR A 423 5.90 3.06 -1.50
C TYR A 423 5.47 2.52 -0.15
N ASN A 424 4.96 1.29 -0.12
CA ASN A 424 4.50 0.71 1.13
C ASN A 424 5.65 0.52 2.11
N ALA A 425 6.85 0.22 1.60
CA ALA A 425 7.99 0.01 2.48
C ALA A 425 8.59 1.34 2.94
N GLU A 426 8.76 2.28 2.00
CA GLU A 426 9.39 3.55 2.34
C GLU A 426 8.50 4.39 3.25
N LEU A 427 7.17 4.29 3.09
CA LEU A 427 6.28 4.95 4.03
C LEU A 427 6.29 4.27 5.39
N LEU A 428 6.54 2.96 5.41
CA LEU A 428 6.56 2.22 6.68
C LEU A 428 7.71 2.67 7.55
N VAL A 429 8.92 2.73 6.99
CA VAL A 429 10.08 3.11 7.79
C VAL A 429 9.96 4.56 8.26
N ALA A 430 9.30 5.42 7.47
CA ALA A 430 9.12 6.80 7.89
C ALA A 430 8.17 6.88 9.09
N LEU A 431 7.03 6.19 9.01
CA LEU A 431 6.07 6.22 10.10
C LEU A 431 6.61 5.51 11.33
N GLU A 432 7.20 4.32 11.14
CA GLU A 432 7.70 3.56 12.28
C GLU A 432 8.79 4.32 13.02
N ASN A 433 9.69 4.97 12.28
CA ASN A 433 10.78 5.70 12.93
C ASN A 433 10.29 7.01 13.54
N GLN A 434 9.33 7.68 12.87
CA GLN A 434 8.72 8.84 13.49
C GLN A 434 8.03 8.47 14.79
N HIS A 435 7.32 7.34 14.81
CA HIS A 435 6.70 6.88 16.04
C HIS A 435 7.75 6.37 17.03
N THR A 436 8.87 5.86 16.52
CA THR A 436 9.94 5.39 17.40
C THR A 436 10.54 6.54 18.20
N ILE A 437 10.87 7.64 17.53
CA ILE A 437 11.42 8.79 18.22
C ILE A 437 10.38 9.38 19.17
N ASP A 438 9.12 9.39 18.75
CA ASP A 438 8.07 9.94 19.61
C ASP A 438 7.89 9.11 20.87
N LEU A 439 7.90 7.78 20.75
CA LEU A 439 7.64 6.93 21.91
C LEU A 439 8.82 6.95 22.88
N THR A 440 10.05 7.00 22.36
CA THR A 440 11.21 7.02 23.24
C THR A 440 11.34 8.37 23.93
N ASP A 441 11.06 9.46 23.20
CA ASP A 441 11.13 10.78 23.82
C ASP A 441 10.01 10.98 24.85
N SER A 442 8.86 10.35 24.63
CA SER A 442 7.77 10.44 25.60
C SER A 442 8.02 9.59 26.84
N GLU A 443 8.81 8.51 26.71
CA GLU A 443 9.17 7.72 27.89
C GLU A 443 10.04 8.51 28.85
N MET A 444 10.82 9.46 28.34
CA MET A 444 11.60 10.33 29.22
C MET A 444 10.75 11.46 29.78
N ASN A 445 9.84 12.00 28.97
CA ASN A 445 8.89 12.98 29.49
C ASN A 445 8.05 12.38 30.62
N LYS A 446 7.67 11.11 30.49
CA LYS A 446 6.93 10.46 31.57
C LYS A 446 7.85 10.15 32.76
N LEU A 447 9.13 9.88 32.51
CA LEU A 447 10.05 9.63 33.61
C LEU A 447 10.34 10.91 34.38
N PHE A 448 10.57 12.02 33.66
CA PHE A 448 10.73 13.31 34.31
C PHE A 448 9.44 13.72 35.02
N GLU A 449 8.29 13.36 34.45
CA GLU A 449 7.01 13.61 35.11
C GLU A 449 6.78 12.65 36.28
N LYS A 450 7.36 11.44 36.23
CA LYS A 450 7.24 10.52 37.35
C LYS A 450 7.84 11.11 38.62
N THR A 451 9.13 11.46 38.56
CA THR A 451 9.79 12.05 39.71
C THR A 451 9.32 13.47 39.98
N ARG A 452 8.77 14.17 38.97
CA ARG A 452 8.20 15.47 39.22
C ARG A 452 7.02 15.41 40.17
N ARG A 453 6.23 14.35 40.08
CA ARG A 453 5.14 14.11 41.03
C ARG A 453 5.64 13.55 42.35
N GLN A 454 6.85 12.97 42.38
CA GLN A 454 7.38 12.40 43.61
C GLN A 454 7.56 13.47 44.67
N LEU A 455 8.17 14.59 44.30
CA LEU A 455 8.48 15.64 45.26
C LEU A 455 7.75 16.94 44.93
N ARG A 456 6.42 16.90 44.96
CA ARG A 456 5.62 18.09 44.69
C ARG A 456 5.89 19.15 45.73
N GLU A 457 6.47 20.27 45.30
CA GLU A 457 6.86 21.42 46.11
C GLU A 457 7.99 21.12 47.09
N ASN A 458 8.53 19.90 47.08
CA ASN A 458 9.79 19.64 47.76
C ASN A 458 11.00 20.03 46.91
N ALA A 459 10.81 20.15 45.60
CA ALA A 459 11.83 20.63 44.69
C ALA A 459 11.15 21.29 43.50
N GLU A 460 11.94 21.99 42.69
CA GLU A 460 11.41 22.74 41.56
C GLU A 460 12.21 22.40 40.30
N ASP A 461 11.52 22.47 39.16
CA ASP A 461 12.16 22.22 37.88
C ASP A 461 13.08 23.39 37.53
N MET A 462 14.37 23.11 37.42
CA MET A 462 15.36 24.15 37.11
C MET A 462 15.28 24.64 35.67
N GLY A 463 14.54 23.96 34.81
CA GLY A 463 14.43 24.39 33.42
C GLY A 463 15.45 23.78 32.51
N ASN A 464 16.14 22.72 32.95
CA ASN A 464 17.11 22.07 32.08
C ASN A 464 17.15 20.56 32.26
N GLY A 465 16.17 19.94 32.92
CA GLY A 465 16.23 18.53 33.20
C GLY A 465 16.77 18.17 34.56
N CYS A 466 17.08 19.15 35.41
CA CYS A 466 17.61 18.91 36.73
C CYS A 466 16.63 19.42 37.79
N PHE A 467 16.51 18.68 38.88
CA PHE A 467 15.68 19.08 40.01
C PHE A 467 16.56 19.64 41.11
N LYS A 468 16.25 20.84 41.57
CA LYS A 468 16.94 21.45 42.70
C LYS A 468 16.21 21.04 43.97
N ILE A 469 16.69 19.99 44.62
CA ILE A 469 16.11 19.53 45.88
C ILE A 469 16.67 20.40 47.00
N TYR A 470 15.78 21.16 47.65
CA TYR A 470 16.20 22.17 48.61
C TYR A 470 16.53 21.61 50.00
N HIS A 471 16.29 20.33 50.22
CA HIS A 471 16.56 19.72 51.52
C HIS A 471 17.80 18.83 51.45
N LYS A 472 18.31 18.47 52.63
CA LYS A 472 19.47 17.59 52.73
C LYS A 472 19.10 16.20 52.25
N CYS A 473 19.68 15.77 51.14
CA CYS A 473 19.38 14.48 50.52
C CYS A 473 20.70 13.76 50.27
N ASP A 474 20.93 12.68 51.01
CA ASP A 474 22.17 11.92 50.91
C ASP A 474 22.07 10.91 49.76
N ASN A 475 23.03 9.98 49.69
CA ASN A 475 23.01 8.97 48.64
C ASN A 475 21.83 8.02 48.80
N ALA A 476 21.55 7.59 50.03
CA ALA A 476 20.38 6.74 50.26
C ALA A 476 19.08 7.48 50.00
N CYS A 477 19.05 8.79 50.27
CA CYS A 477 17.87 9.58 49.95
C CYS A 477 17.67 9.67 48.44
N ILE A 478 18.77 9.81 47.67
CA ILE A 478 18.67 9.80 46.22
C ILE A 478 18.18 8.44 45.74
N GLU A 479 18.67 7.36 46.36
CA GLU A 479 18.22 6.02 46.00
C GLU A 479 16.74 5.83 46.34
N SER A 480 16.25 6.48 47.40
CA SER A 480 14.83 6.40 47.71
C SER A 480 13.98 7.03 46.62
N ILE A 481 14.49 8.10 45.98
CA ILE A 481 13.79 8.69 44.85
C ILE A 481 13.87 7.79 43.63
N ARG A 482 15.02 7.14 43.45
CA ARG A 482 15.21 6.28 42.28
C ARG A 482 14.26 5.09 42.29
N ASN A 483 14.24 4.35 43.40
CA ASN A 483 13.42 3.14 43.46
C ASN A 483 11.97 3.43 43.85
N GLY A 484 11.60 4.68 44.04
CA GLY A 484 10.21 5.02 44.27
C GLY A 484 9.72 4.79 45.68
N THR A 485 10.53 5.13 46.68
CA THR A 485 10.12 5.08 48.07
C THR A 485 10.25 6.44 48.75
N TYR A 486 10.43 7.51 47.98
CA TYR A 486 10.64 8.84 48.56
C TYR A 486 9.34 9.38 49.12
N ASP A 487 9.30 9.58 50.44
CA ASP A 487 8.15 10.16 51.12
C ASP A 487 8.41 11.65 51.28
N HIS A 488 7.63 12.47 50.56
CA HIS A 488 7.89 13.91 50.56
C HIS A 488 7.56 14.54 51.90
N ASP A 489 6.64 13.93 52.67
CA ASP A 489 6.22 14.53 53.94
C ASP A 489 7.36 14.59 54.94
N VAL A 490 8.35 13.70 54.81
CA VAL A 490 9.50 13.71 55.72
C VAL A 490 10.30 14.98 55.54
N TYR A 491 10.49 15.42 54.31
CA TYR A 491 11.29 16.60 54.01
C TYR A 491 10.45 17.81 53.64
N ARG A 492 9.12 17.68 53.63
CA ARG A 492 8.27 18.80 53.23
C ARG A 492 8.39 19.96 54.21
N ASP A 493 8.54 19.66 55.50
CA ASP A 493 8.75 20.71 56.49
C ASP A 493 10.10 21.37 56.34
N GLU A 494 11.08 20.69 55.75
CA GLU A 494 12.41 21.23 55.56
C GLU A 494 12.57 21.92 54.21
N ALA A 495 12.14 21.25 53.13
CA ALA A 495 12.35 21.79 51.79
C ALA A 495 11.59 23.09 51.59
N LEU A 496 10.35 23.17 52.09
CA LEU A 496 9.56 24.40 51.93
C LEU A 496 10.21 25.58 52.62
N ASN A 497 10.89 25.35 53.75
CA ASN A 497 11.56 26.43 54.45
C ASN A 497 12.75 26.95 53.64
N ASN A 498 13.45 26.06 52.95
CA ASN A 498 14.62 26.46 52.17
C ASN A 498 14.25 27.16 50.87
N ARG A 499 13.00 27.00 50.40
CA ARG A 499 12.60 27.59 49.13
C ARG A 499 12.29 29.08 49.28
N PHE A 500 11.54 29.44 50.32
CA PHE A 500 11.06 30.81 50.50
C PHE A 500 11.81 31.56 51.60
N GLN A 501 12.87 30.98 52.14
CA GLN A 501 13.72 31.67 53.11
C GLN A 501 15.19 31.35 52.89
N ALA B 11 1.97 42.12 35.98
CA ALA B 11 2.13 41.97 34.55
C ALA B 11 1.53 40.66 34.06
N THR B 12 1.11 40.65 32.79
CA THR B 12 0.51 39.48 32.17
C THR B 12 1.26 39.16 30.88
N LEU B 13 1.45 37.87 30.60
CA LEU B 13 2.16 37.40 29.42
C LEU B 13 1.36 36.27 28.78
N CYS B 14 0.58 36.61 27.76
CA CYS B 14 -0.23 35.62 27.06
C CYS B 14 0.54 35.02 25.89
N LEU B 15 0.36 33.73 25.66
CA LEU B 15 0.97 33.01 24.55
C LEU B 15 -0.12 32.46 23.65
N GLY B 16 0.08 32.61 22.35
CA GLY B 16 -0.90 32.14 21.38
C GLY B 16 -0.28 32.01 20.01
N HIS B 17 -1.05 31.42 19.10
CA HIS B 17 -0.63 31.17 17.73
C HIS B 17 -1.33 32.17 16.81
N HIS B 18 -0.98 32.09 15.53
CA HIS B 18 -1.57 32.97 14.52
C HIS B 18 -2.84 32.35 13.95
N ALA B 19 -3.60 33.17 13.23
CA ALA B 19 -4.84 32.73 12.62
C ALA B 19 -5.12 33.57 11.38
N VAL B 20 -5.75 32.94 10.39
CA VAL B 20 -6.09 33.61 9.14
C VAL B 20 -7.59 33.92 9.13
N PRO B 21 -8.04 34.95 8.41
CA PRO B 21 -9.49 35.22 8.35
C PRO B 21 -10.25 34.17 7.55
N ASN B 22 -9.62 33.55 6.56
CA ASN B 22 -10.25 32.51 5.75
C ASN B 22 -9.27 31.38 5.56
N GLY B 23 -9.66 30.17 5.93
CA GLY B 23 -8.76 29.04 5.91
C GLY B 23 -9.30 27.89 5.06
N THR B 24 -8.40 27.07 4.57
CA THR B 24 -8.76 25.91 3.76
C THR B 24 -9.14 24.74 4.67
N LEU B 25 -10.05 23.91 4.18
CA LEU B 25 -10.45 22.69 4.88
C LEU B 25 -9.69 21.50 4.32
N VAL B 26 -9.23 20.63 5.23
CA VAL B 26 -8.45 19.46 4.87
C VAL B 26 -9.06 18.24 5.55
N LYS B 27 -8.62 17.06 5.08
CA LYS B 27 -9.05 15.79 5.64
C LYS B 27 -7.97 15.25 6.57
N THR B 28 -8.41 14.73 7.72
CA THR B 28 -7.52 14.11 8.69
C THR B 28 -8.05 12.73 9.05
N ILE B 29 -7.35 12.05 9.97
CA ILE B 29 -7.76 10.72 10.38
C ILE B 29 -9.09 10.78 11.13
N THR B 30 -9.26 11.77 12.00
CA THR B 30 -10.45 11.89 12.83
C THR B 30 -11.51 12.81 12.23
N ASP B 31 -11.11 13.95 11.66
CA ASP B 31 -12.05 14.93 11.14
C ASP B 31 -11.99 14.96 9.62
N ASP B 32 -13.17 14.99 8.99
CA ASP B 32 -13.24 15.05 7.53
C ASP B 32 -13.07 16.48 7.02
N GLN B 33 -13.69 17.45 7.68
CA GLN B 33 -13.59 18.86 7.32
C GLN B 33 -13.08 19.64 8.53
N ILE B 34 -11.79 19.93 8.54
CA ILE B 34 -11.17 20.71 9.61
C ILE B 34 -10.45 21.90 9.00
N GLU B 35 -10.63 23.07 9.60
CA GLU B 35 -10.09 24.30 9.06
C GLU B 35 -8.63 24.47 9.45
N VAL B 36 -7.77 24.71 8.46
CA VAL B 36 -6.36 24.99 8.70
C VAL B 36 -6.01 26.32 8.04
N THR B 37 -4.86 26.86 8.43
CA THR B 37 -4.47 28.19 7.96
C THR B 37 -4.03 28.17 6.50
N ASN B 38 -3.53 27.04 6.02
CA ASN B 38 -2.98 26.97 4.67
C ASN B 38 -2.92 25.52 4.24
N ALA B 39 -3.12 25.28 2.95
CA ALA B 39 -3.06 23.94 2.40
C ALA B 39 -2.66 24.03 0.93
N THR B 40 -2.22 22.90 0.38
CA THR B 40 -1.86 22.81 -1.02
C THR B 40 -2.53 21.59 -1.64
N GLU B 41 -2.79 21.68 -2.95
CA GLU B 41 -3.46 20.62 -3.68
C GLU B 41 -2.42 19.67 -4.27
N LEU B 42 -2.61 18.38 -4.03
CA LEU B 42 -1.69 17.35 -4.50
C LEU B 42 -2.17 16.63 -5.75
N VAL B 43 -3.41 16.87 -6.18
CA VAL B 43 -3.98 16.23 -7.36
C VAL B 43 -4.07 17.25 -8.47
N GLN B 44 -3.36 16.99 -9.57
CA GLN B 44 -3.40 17.87 -10.73
C GLN B 44 -4.65 17.58 -11.54
N SER B 45 -5.60 18.51 -11.51
CA SER B 45 -6.88 18.34 -12.21
C SER B 45 -7.06 19.28 -13.39
N SER B 46 -6.30 20.37 -13.46
CA SER B 46 -6.39 21.28 -14.59
C SER B 46 -5.38 20.88 -15.66
N SER B 47 -5.65 21.32 -16.89
CA SER B 47 -4.79 21.02 -18.03
C SER B 47 -4.71 22.22 -18.95
N THR B 48 -3.55 22.40 -19.58
CA THR B 48 -3.39 23.47 -20.55
C THR B 48 -4.15 23.18 -21.84
N GLY B 49 -4.45 21.91 -22.12
CA GLY B 49 -5.15 21.53 -23.32
C GLY B 49 -4.27 21.32 -24.53
N LYS B 50 -3.00 21.73 -24.47
CA LYS B 50 -2.08 21.60 -25.58
C LYS B 50 -0.86 20.79 -25.16
N ILE B 51 -0.37 19.95 -26.06
CA ILE B 51 0.81 19.13 -25.80
C ILE B 51 2.05 19.98 -26.10
N CYS B 52 2.90 20.14 -25.09
CA CYS B 52 4.13 20.89 -25.27
C CYS B 52 5.15 20.06 -26.06
N ASN B 53 5.72 20.66 -27.10
CA ASN B 53 6.69 19.96 -27.94
C ASN B 53 8.02 19.71 -27.23
N ASN B 54 8.26 20.38 -26.11
CA ASN B 54 9.48 20.16 -25.33
C ASN B 54 9.15 19.53 -23.98
N PRO B 55 10.06 18.69 -23.45
CA PRO B 55 11.33 18.30 -24.09
C PRO B 55 11.20 17.04 -24.94
N HIS B 56 10.26 16.17 -24.57
CA HIS B 56 10.08 14.91 -25.28
C HIS B 56 9.67 15.18 -26.72
N ARG B 57 10.44 14.66 -27.67
CA ARG B 57 10.19 14.92 -29.08
C ARG B 57 8.83 14.38 -29.50
N ILE B 58 7.83 15.25 -29.53
CA ILE B 58 6.49 14.86 -29.94
C ILE B 58 6.40 14.89 -31.46
N LEU B 59 5.87 13.82 -32.05
CA LEU B 59 5.64 13.75 -33.48
C LEU B 59 4.16 13.51 -33.72
N ASP B 60 3.55 14.36 -34.54
CA ASP B 60 2.10 14.41 -34.70
C ASP B 60 1.68 13.75 -36.01
N GLY B 61 0.89 12.68 -35.90
CA GLY B 61 0.29 12.07 -37.07
C GLY B 61 -1.09 12.66 -37.35
N ILE B 62 -1.13 13.71 -38.16
CA ILE B 62 -2.39 14.43 -38.37
C ILE B 62 -3.34 13.59 -39.22
N ASP B 63 -2.82 12.89 -40.22
CA ASP B 63 -3.66 12.21 -41.21
C ASP B 63 -3.64 10.70 -41.12
N CYS B 64 -2.62 10.10 -40.51
CA CYS B 64 -2.50 8.64 -40.48
C CYS B 64 -2.10 8.17 -39.10
N THR B 65 -2.18 6.85 -38.92
CA THR B 65 -1.71 6.18 -37.72
C THR B 65 -0.22 5.83 -37.88
N LEU B 66 0.35 5.24 -36.84
CA LEU B 66 1.76 4.84 -36.92
C LEU B 66 1.94 3.67 -37.87
N ILE B 67 0.96 2.75 -37.91
CA ILE B 67 1.06 1.59 -38.79
C ILE B 67 0.98 2.04 -40.25
N ASP B 68 0.19 3.06 -40.54
CA ASP B 68 0.14 3.58 -41.90
C ASP B 68 1.49 4.17 -42.30
N ALA B 69 2.17 4.85 -41.36
CA ALA B 69 3.50 5.38 -41.66
C ALA B 69 4.54 4.28 -41.68
N LEU B 70 4.37 3.24 -40.88
CA LEU B 70 5.29 2.10 -40.90
C LEU B 70 5.26 1.41 -42.25
N LEU B 71 4.06 1.15 -42.77
CA LEU B 71 3.94 0.54 -44.09
C LEU B 71 4.43 1.48 -45.18
N GLY B 72 4.25 2.78 -45.01
CA GLY B 72 4.67 3.75 -46.00
C GLY B 72 3.53 4.25 -46.86
N ASP B 73 2.46 4.71 -46.21
CA ASP B 73 1.31 5.22 -46.94
C ASP B 73 1.68 6.52 -47.66
N PRO B 74 1.18 6.72 -48.88
CA PRO B 74 1.57 7.92 -49.65
C PRO B 74 1.39 9.24 -48.92
N HIS B 75 0.27 9.43 -48.22
CA HIS B 75 0.06 10.68 -47.49
C HIS B 75 0.80 10.71 -46.15
N CYS B 76 1.67 9.73 -45.90
CA CYS B 76 2.47 9.68 -44.69
C CYS B 76 3.95 9.52 -45.02
N ASP B 77 4.34 10.00 -46.20
CA ASP B 77 5.74 10.00 -46.60
C ASP B 77 6.55 11.05 -45.85
N VAL B 78 5.89 12.02 -45.21
CA VAL B 78 6.59 13.02 -44.43
C VAL B 78 7.17 12.39 -43.16
N PHE B 79 6.57 11.30 -42.68
CA PHE B 79 7.03 10.61 -41.49
C PHE B 79 8.13 9.59 -41.77
N GLN B 80 8.66 9.57 -42.99
CA GLN B 80 9.68 8.59 -43.34
C GLN B 80 10.97 8.86 -42.57
N ASN B 81 11.58 7.78 -42.07
CA ASN B 81 12.87 7.83 -41.39
C ASN B 81 12.84 8.77 -40.19
N GLU B 82 11.67 8.89 -39.56
CA GLU B 82 11.49 9.80 -38.44
C GLU B 82 11.71 9.08 -37.10
N THR B 83 12.25 9.83 -36.15
CA THR B 83 12.42 9.38 -34.77
C THR B 83 11.51 10.18 -33.87
N TRP B 84 11.07 9.57 -32.76
CA TRP B 84 10.14 10.24 -31.87
C TRP B 84 10.27 9.68 -30.46
N ASP B 85 10.04 10.55 -29.48
CA ASP B 85 9.89 10.12 -28.10
C ASP B 85 8.45 9.73 -27.78
N LEU B 86 7.48 10.35 -28.45
CA LEU B 86 6.07 10.01 -28.25
C LEU B 86 5.32 10.33 -29.53
N PHE B 87 4.72 9.30 -30.13
CA PHE B 87 3.91 9.46 -31.32
C PHE B 87 2.45 9.57 -30.93
N VAL B 88 1.74 10.53 -31.51
CA VAL B 88 0.34 10.77 -31.19
C VAL B 88 -0.50 10.46 -32.43
N GLU B 89 -1.43 9.53 -32.29
CA GLU B 89 -2.36 9.18 -33.35
C GLU B 89 -3.64 9.99 -33.18
N ARG B 90 -4.09 10.60 -34.28
CA ARG B 90 -5.29 11.43 -34.25
C ARG B 90 -6.54 10.60 -34.56
N SER B 91 -7.70 11.19 -34.27
CA SER B 91 -8.97 10.54 -34.55
C SER B 91 -9.39 10.71 -36.00
N LYS B 92 -9.03 11.83 -36.62
CA LYS B 92 -9.32 12.07 -38.03
C LYS B 92 -8.39 11.29 -38.96
N ALA B 93 -7.62 10.35 -38.42
CA ALA B 93 -6.72 9.56 -39.24
C ALA B 93 -7.49 8.60 -40.13
N PHE B 94 -6.85 8.20 -41.23
CA PHE B 94 -7.46 7.29 -42.18
C PHE B 94 -6.35 6.59 -42.95
N SER B 95 -6.74 5.55 -43.69
CA SER B 95 -5.83 4.80 -44.55
C SER B 95 -6.27 4.97 -45.99
N ASN B 96 -5.41 5.58 -46.81
CA ASN B 96 -5.74 5.90 -48.19
C ASN B 96 -5.17 4.91 -49.19
N CYS B 97 -4.26 4.03 -48.77
CA CYS B 97 -3.58 3.15 -49.70
C CYS B 97 -4.37 1.85 -49.86
N TYR B 98 -3.70 0.78 -50.29
CA TYR B 98 -4.38 -0.47 -50.62
C TYR B 98 -5.08 -1.03 -49.38
N PRO B 99 -6.27 -1.60 -49.53
CA PRO B 99 -6.98 -2.17 -48.38
C PRO B 99 -6.17 -3.31 -47.76
N TYR B 100 -5.86 -3.17 -46.47
CA TYR B 100 -5.00 -4.11 -45.78
C TYR B 100 -5.61 -4.47 -44.42
N ASP B 101 -5.02 -5.49 -43.80
CA ASP B 101 -5.40 -5.91 -42.45
C ASP B 101 -4.18 -6.54 -41.80
N VAL B 102 -4.00 -6.27 -40.52
CA VAL B 102 -2.85 -6.75 -39.76
C VAL B 102 -3.35 -7.71 -38.69
N PRO B 103 -3.16 -9.02 -38.90
CA PRO B 103 -3.42 -9.97 -37.82
C PRO B 103 -2.53 -9.66 -36.63
N ASP B 104 -3.16 -9.54 -35.45
CA ASP B 104 -2.50 -9.08 -34.23
C ASP B 104 -1.92 -7.68 -34.44
N TYR B 105 -2.85 -6.74 -34.62
CA TYR B 105 -2.49 -5.34 -34.83
C TYR B 105 -1.92 -4.71 -33.56
N ALA B 106 -2.43 -5.13 -32.39
CA ALA B 106 -2.05 -4.47 -31.15
C ALA B 106 -0.59 -4.71 -30.80
N SER B 107 -0.12 -5.95 -30.93
CA SER B 107 1.26 -6.25 -30.57
C SER B 107 2.25 -5.54 -31.50
N LEU B 108 1.89 -5.42 -32.78
CA LEU B 108 2.77 -4.73 -33.72
C LEU B 108 2.79 -3.22 -33.47
N ARG B 109 1.63 -2.64 -33.15
CA ARG B 109 1.57 -1.22 -32.86
C ARG B 109 2.41 -0.87 -31.65
N SER B 110 2.36 -1.67 -30.60
CA SER B 110 3.11 -1.38 -29.39
C SER B 110 4.62 -1.54 -29.60
N LEU B 111 5.04 -2.49 -30.42
CA LEU B 111 6.46 -2.72 -30.63
C LEU B 111 7.10 -1.55 -31.36
N VAL B 112 6.53 -1.16 -32.51
CA VAL B 112 7.11 -0.06 -33.28
C VAL B 112 7.08 1.23 -32.47
N ALA B 113 6.07 1.41 -31.63
CA ALA B 113 5.97 2.62 -30.82
C ALA B 113 7.04 2.63 -29.72
N SER B 114 7.23 1.49 -29.05
CA SER B 114 8.25 1.42 -28.00
C SER B 114 9.65 1.56 -28.57
N SER B 115 9.85 1.18 -29.84
CA SER B 115 11.14 1.41 -30.48
C SER B 115 11.35 2.90 -30.73
N GLY B 116 10.31 3.60 -31.16
CA GLY B 116 10.39 5.04 -31.32
C GLY B 116 11.24 5.52 -32.47
N THR B 117 11.29 4.75 -33.56
CA THR B 117 12.06 5.16 -34.72
C THR B 117 11.53 4.43 -35.94
N LEU B 118 11.26 5.17 -37.01
CA LEU B 118 10.92 4.62 -38.31
C LEU B 118 12.14 4.54 -39.23
N GLU B 119 13.32 4.34 -38.65
CA GLU B 119 14.56 4.26 -39.42
C GLU B 119 14.49 3.06 -40.37
N PHE B 120 14.46 3.33 -41.67
CA PHE B 120 14.29 2.30 -42.68
C PHE B 120 15.54 2.24 -43.54
N ILE B 121 16.20 1.09 -43.55
CA ILE B 121 17.39 0.86 -44.36
C ILE B 121 17.02 -0.19 -45.41
N THR B 122 17.02 0.20 -46.67
CA THR B 122 16.69 -0.71 -47.75
C THR B 122 17.86 -1.66 -48.01
N GLU B 123 17.55 -2.94 -48.22
CA GLU B 123 18.55 -3.97 -48.45
C GLU B 123 18.37 -4.57 -49.84
N GLY B 124 19.42 -5.26 -50.29
CA GLY B 124 19.42 -5.84 -51.62
C GLY B 124 18.74 -7.20 -51.70
N PHE B 125 17.43 -7.21 -51.89
CA PHE B 125 16.68 -8.43 -52.09
C PHE B 125 16.60 -8.74 -53.58
N THR B 126 17.09 -9.91 -53.98
CA THR B 126 17.14 -10.30 -55.38
C THR B 126 15.86 -11.05 -55.73
N TRP B 127 14.94 -10.35 -56.40
CA TRP B 127 13.67 -10.94 -56.84
C TRP B 127 13.77 -11.20 -58.34
N THR B 128 14.24 -12.39 -58.68
CA THR B 128 14.42 -12.78 -60.08
C THR B 128 13.17 -13.50 -60.57
N GLY B 129 12.68 -13.10 -61.74
CA GLY B 129 11.54 -13.75 -62.36
C GLY B 129 10.18 -13.22 -61.97
N VAL B 130 10.12 -12.08 -61.27
CA VAL B 130 8.85 -11.49 -60.84
C VAL B 130 8.91 -9.99 -61.08
N THR B 131 7.77 -9.41 -61.44
CA THR B 131 7.66 -7.97 -61.59
C THR B 131 7.66 -7.32 -60.21
N GLN B 132 8.66 -6.46 -59.96
CA GLN B 132 8.92 -6.03 -58.60
C GLN B 132 7.93 -4.97 -58.11
N ASN B 133 7.63 -3.97 -58.95
CA ASN B 133 6.83 -2.85 -58.53
C ASN B 133 5.37 -3.08 -58.91
N GLY B 134 4.48 -2.85 -57.96
CA GLY B 134 3.04 -2.94 -58.19
C GLY B 134 2.36 -1.65 -57.78
N GLY B 135 1.34 -1.26 -58.55
CA GLY B 135 0.60 -0.04 -58.27
C GLY B 135 -0.88 -0.31 -58.15
N SER B 136 -1.58 0.62 -57.51
CA SER B 136 -3.00 0.52 -57.28
C SER B 136 -3.65 1.87 -57.50
N ASN B 137 -4.76 1.89 -58.24
CA ASN B 137 -5.48 3.14 -58.47
C ASN B 137 -6.11 3.68 -57.19
N ALA B 138 -6.38 2.83 -56.21
CA ALA B 138 -6.86 3.31 -54.91
C ALA B 138 -5.72 3.90 -54.09
N CYS B 139 -4.50 3.43 -54.29
CA CYS B 139 -3.33 3.94 -53.57
C CYS B 139 -2.54 4.86 -54.51
N LYS B 140 -3.16 6.01 -54.81
CA LYS B 140 -2.55 6.98 -55.72
C LYS B 140 -1.51 7.81 -55.01
N ARG B 141 -0.31 7.88 -55.59
CA ARG B 141 0.78 8.69 -55.07
C ARG B 141 1.29 9.59 -56.18
N GLY B 142 1.21 10.90 -55.97
CA GLY B 142 1.69 11.86 -56.94
C GLY B 142 0.85 11.88 -58.20
N PRO B 143 1.47 11.58 -59.34
CA PRO B 143 0.75 11.63 -60.62
C PRO B 143 -0.26 10.50 -60.76
N GLY B 144 0.22 9.25 -60.74
CA GLY B 144 -0.65 8.11 -60.95
C GLY B 144 -0.72 7.16 -59.77
N SER B 145 -0.71 5.86 -60.05
CA SER B 145 -0.85 4.86 -59.02
C SER B 145 0.46 4.62 -58.29
N GLY B 146 0.36 4.34 -56.98
CA GLY B 146 1.52 4.07 -56.17
C GLY B 146 1.31 2.89 -55.24
N PHE B 147 2.19 2.72 -54.27
CA PHE B 147 2.11 1.61 -53.33
C PHE B 147 2.84 2.02 -52.05
N PHE B 148 2.87 1.10 -51.09
CA PHE B 148 3.58 1.34 -49.83
C PHE B 148 5.06 1.53 -50.09
N SER B 149 5.64 2.58 -49.51
CA SER B 149 7.01 2.96 -49.80
C SER B 149 8.03 1.95 -49.27
N ARG B 150 7.63 1.09 -48.33
CA ARG B 150 8.54 0.13 -47.73
C ARG B 150 8.30 -1.30 -48.22
N LEU B 151 7.45 -1.48 -49.21
CA LEU B 151 7.06 -2.82 -49.66
C LEU B 151 7.11 -2.91 -51.18
N ASN B 152 7.43 -4.11 -51.67
CA ASN B 152 7.44 -4.42 -53.10
C ASN B 152 6.31 -5.41 -53.37
N TRP B 153 5.41 -5.04 -54.29
CA TRP B 153 4.32 -5.92 -54.68
C TRP B 153 4.78 -6.76 -55.87
N LEU B 154 5.04 -8.04 -55.62
CA LEU B 154 5.56 -8.95 -56.64
C LEU B 154 4.41 -9.59 -57.40
N THR B 155 4.31 -9.30 -58.69
CA THR B 155 3.36 -9.93 -59.58
C THR B 155 4.11 -10.84 -60.56
N LYS B 156 3.35 -11.48 -61.44
CA LYS B 156 3.97 -12.38 -62.40
C LYS B 156 4.79 -11.60 -63.43
N SER B 157 5.84 -12.25 -63.94
CA SER B 157 6.71 -11.67 -64.94
C SER B 157 6.51 -12.44 -66.25
N GLY B 158 5.80 -11.82 -67.18
CA GLY B 158 5.52 -12.46 -68.45
C GLY B 158 4.51 -13.58 -68.36
N SER B 159 4.97 -14.78 -68.03
CA SER B 159 4.08 -15.93 -67.94
C SER B 159 4.45 -16.91 -66.83
N THR B 160 5.50 -16.65 -66.05
CA THR B 160 5.95 -17.57 -65.02
C THR B 160 6.16 -16.84 -63.71
N TYR B 161 5.74 -17.46 -62.62
CA TYR B 161 6.00 -16.95 -61.26
C TYR B 161 6.81 -18.01 -60.53
N PRO B 162 8.12 -17.87 -60.44
CA PRO B 162 8.95 -18.93 -59.87
C PRO B 162 8.79 -19.02 -58.36
N VAL B 163 9.19 -20.17 -57.82
CA VAL B 163 9.19 -20.39 -56.38
C VAL B 163 10.37 -19.64 -55.78
N LEU B 164 10.12 -18.42 -55.32
CA LEU B 164 11.19 -17.60 -54.78
C LEU B 164 11.76 -18.21 -53.51
N ASN B 165 13.09 -18.12 -53.36
CA ASN B 165 13.78 -18.66 -52.20
C ASN B 165 15.04 -17.82 -51.98
N VAL B 166 14.87 -16.72 -51.25
CA VAL B 166 15.96 -15.79 -50.97
C VAL B 166 16.40 -15.93 -49.52
N THR B 167 17.57 -15.38 -49.22
CA THR B 167 18.11 -15.41 -47.88
C THR B 167 18.76 -14.07 -47.58
N MET B 168 18.60 -13.60 -46.33
CA MET B 168 19.16 -12.32 -45.90
C MET B 168 19.72 -12.50 -44.49
N PRO B 169 21.03 -12.69 -44.36
CA PRO B 169 21.60 -12.89 -43.03
C PRO B 169 21.74 -11.60 -42.25
N ASN B 170 21.59 -11.71 -40.94
CA ASN B 170 21.73 -10.58 -40.02
C ASN B 170 23.08 -10.70 -39.34
N ASN B 171 24.09 -10.05 -39.94
CA ASN B 171 25.42 -9.99 -39.37
C ASN B 171 25.63 -8.75 -38.51
N ASP B 172 24.65 -7.86 -38.44
CA ASP B 172 24.77 -6.65 -37.65
C ASP B 172 24.70 -6.97 -36.16
N ASN B 173 25.09 -5.99 -35.35
CA ASN B 173 25.09 -6.14 -33.91
C ASN B 173 23.72 -5.88 -33.28
N PHE B 174 22.75 -5.43 -34.06
CA PHE B 174 21.43 -5.11 -33.55
C PHE B 174 20.38 -5.95 -34.28
N ASP B 175 19.18 -6.00 -33.69
CA ASP B 175 18.09 -6.78 -34.25
C ASP B 175 17.43 -6.04 -35.41
N LYS B 176 16.85 -6.80 -36.34
CA LYS B 176 16.19 -6.26 -37.52
C LYS B 176 14.70 -6.55 -37.48
N LEU B 177 13.92 -5.63 -38.04
CA LEU B 177 12.46 -5.75 -38.09
C LEU B 177 12.02 -5.73 -39.54
N TYR B 178 11.47 -6.84 -40.01
CA TYR B 178 10.99 -6.96 -41.39
C TYR B 178 9.47 -7.01 -41.39
N ILE B 179 8.86 -6.17 -42.24
CA ILE B 179 7.42 -6.10 -42.39
C ILE B 179 7.06 -6.66 -43.76
N TRP B 180 6.24 -7.70 -43.77
CA TRP B 180 5.85 -8.37 -45.01
C TRP B 180 4.35 -8.66 -44.98
N GLY B 181 3.79 -8.90 -46.17
CA GLY B 181 2.36 -9.09 -46.31
C GLY B 181 2.03 -10.23 -47.24
N VAL B 182 0.74 -10.55 -47.31
CA VAL B 182 0.21 -11.61 -48.16
C VAL B 182 -1.04 -11.08 -48.85
N HIS B 183 -1.09 -11.21 -50.16
CA HIS B 183 -2.22 -10.72 -50.95
C HIS B 183 -3.31 -11.79 -51.00
N HIS B 184 -4.55 -11.37 -50.77
CA HIS B 184 -5.71 -12.27 -50.82
C HIS B 184 -6.63 -11.85 -51.96
N PRO B 185 -6.56 -12.51 -53.11
CA PRO B 185 -7.40 -12.12 -54.25
C PRO B 185 -8.87 -12.38 -53.99
N SER B 186 -9.71 -11.65 -54.73
CA SER B 186 -11.15 -11.77 -54.59
C SER B 186 -11.74 -12.86 -55.48
N THR B 187 -11.17 -13.07 -56.66
CA THR B 187 -11.67 -14.04 -57.61
C THR B 187 -10.58 -15.06 -57.93
N ASN B 188 -11.02 -16.23 -58.45
CA ASN B 188 -10.07 -17.26 -58.84
C ASN B 188 -9.23 -16.82 -60.04
N GLN B 189 -9.81 -16.02 -60.93
CA GLN B 189 -9.05 -15.50 -62.07
C GLN B 189 -7.98 -14.51 -61.62
N GLU B 190 -8.24 -13.76 -60.54
CA GLU B 190 -7.26 -12.80 -60.06
C GLU B 190 -6.03 -13.48 -59.50
N GLN B 191 -6.18 -14.71 -58.99
CA GLN B 191 -5.03 -15.44 -58.46
C GLN B 191 -4.08 -15.85 -59.58
N THR B 192 -4.62 -16.41 -60.66
CA THR B 192 -3.78 -16.90 -61.76
C THR B 192 -3.25 -15.75 -62.61
N SER B 193 -4.09 -14.77 -62.92
CA SER B 193 -3.67 -13.66 -63.77
C SER B 193 -2.71 -12.70 -63.08
N LEU B 194 -2.30 -12.98 -61.84
CA LEU B 194 -1.36 -12.12 -61.13
C LEU B 194 -0.18 -12.92 -60.60
N TYR B 195 -0.42 -14.18 -60.24
CA TYR B 195 0.61 -15.01 -59.62
C TYR B 195 0.74 -16.39 -60.26
N VAL B 196 0.18 -16.59 -61.45
CA VAL B 196 0.33 -17.81 -62.23
C VAL B 196 -0.22 -19.03 -61.49
N GLN B 197 0.39 -19.39 -60.37
CA GLN B 197 0.00 -20.59 -59.64
C GLN B 197 -1.46 -20.53 -59.21
N ALA B 198 -2.05 -21.72 -59.05
CA ALA B 198 -3.46 -21.80 -58.68
C ALA B 198 -3.70 -21.32 -57.25
N SER B 199 -2.71 -21.45 -56.37
CA SER B 199 -2.81 -20.98 -54.98
C SER B 199 -1.41 -20.71 -54.45
N GLY B 200 -1.19 -19.50 -53.94
CA GLY B 200 0.11 -19.11 -53.44
C GLY B 200 0.42 -19.66 -52.08
N ARG B 201 1.60 -19.29 -51.57
CA ARG B 201 2.07 -19.77 -50.27
C ARG B 201 3.26 -18.92 -49.90
N VAL B 202 3.12 -18.17 -48.81
CA VAL B 202 4.18 -17.30 -48.33
C VAL B 202 4.73 -17.89 -47.04
N THR B 203 6.05 -18.05 -46.97
CA THR B 203 6.73 -18.62 -45.81
C THR B 203 7.97 -17.78 -45.51
N VAL B 204 7.85 -16.88 -44.54
CA VAL B 204 8.97 -16.08 -44.06
C VAL B 204 9.48 -16.77 -42.79
N SER B 205 10.60 -17.47 -42.89
CA SER B 205 11.11 -18.30 -41.81
C SER B 205 12.47 -17.79 -41.35
N THR B 206 12.80 -18.15 -40.11
CA THR B 206 14.10 -17.88 -39.52
C THR B 206 14.60 -19.17 -38.87
N ARG B 207 15.76 -19.08 -38.21
CA ARG B 207 16.29 -20.22 -37.48
C ARG B 207 15.60 -20.45 -36.15
N ARG B 208 14.58 -19.66 -35.82
CA ARG B 208 13.90 -19.77 -34.54
C ARG B 208 12.38 -19.80 -34.72
N SER B 209 11.88 -19.23 -35.82
CA SER B 209 10.44 -19.17 -36.03
C SER B 209 10.13 -19.13 -37.53
N GLN B 210 9.07 -19.83 -37.92
CA GLN B 210 8.58 -19.80 -39.29
C GLN B 210 7.11 -19.41 -39.28
N GLN B 211 6.66 -18.86 -40.41
CA GLN B 211 5.28 -18.38 -40.55
C GLN B 211 4.81 -18.74 -41.96
N THR B 212 3.97 -19.76 -42.06
CA THR B 212 3.42 -20.23 -43.32
C THR B 212 2.01 -19.68 -43.48
N ILE B 213 1.77 -18.94 -44.56
CA ILE B 213 0.49 -18.29 -44.82
C ILE B 213 -0.05 -18.78 -46.15
N ILE B 214 -1.34 -19.12 -46.17
CA ILE B 214 -2.03 -19.57 -47.37
C ILE B 214 -3.11 -18.53 -47.69
N PRO B 215 -3.09 -17.94 -48.89
CA PRO B 215 -4.07 -16.89 -49.19
C PRO B 215 -5.47 -17.43 -49.38
N ASN B 216 -6.45 -16.59 -49.08
CA ASN B 216 -7.86 -16.93 -49.20
C ASN B 216 -8.45 -16.20 -50.41
N ILE B 217 -9.35 -16.88 -51.12
CA ILE B 217 -9.97 -16.33 -52.33
C ILE B 217 -11.48 -16.34 -52.09
N GLU B 218 -12.01 -15.21 -51.61
CA GLU B 218 -13.43 -15.07 -51.35
C GLU B 218 -13.90 -13.69 -51.79
N SER B 219 -15.20 -13.59 -52.04
CA SER B 219 -15.82 -12.33 -52.46
C SER B 219 -16.16 -11.52 -51.20
N ARG B 220 -15.24 -10.65 -50.82
CA ARG B 220 -15.37 -9.81 -49.65
C ARG B 220 -16.05 -8.49 -50.01
N PRO B 221 -16.61 -7.79 -49.03
CA PRO B 221 -17.25 -6.49 -49.31
C PRO B 221 -16.26 -5.50 -49.91
N TRP B 222 -16.79 -4.60 -50.73
CA TRP B 222 -15.96 -3.59 -51.37
C TRP B 222 -15.53 -2.54 -50.36
N VAL B 223 -14.24 -2.54 -50.01
CA VAL B 223 -13.64 -1.54 -49.15
C VAL B 223 -12.69 -0.69 -49.99
N ARG B 224 -12.95 0.61 -50.05
CA ARG B 224 -12.20 1.54 -50.90
C ARG B 224 -12.21 1.11 -52.37
N GLY B 225 -13.31 0.49 -52.80
CA GLY B 225 -13.45 0.09 -54.18
C GLY B 225 -12.74 -1.19 -54.57
N LEU B 226 -12.53 -2.09 -53.63
CA LEU B 226 -11.84 -3.35 -53.90
C LEU B 226 -12.42 -4.45 -53.03
N SER B 227 -12.49 -5.65 -53.60
CA SER B 227 -12.96 -6.84 -52.89
C SER B 227 -11.82 -7.72 -52.41
N SER B 228 -10.57 -7.30 -52.63
CA SER B 228 -9.39 -8.05 -52.21
C SER B 228 -8.64 -7.28 -51.15
N ARG B 229 -7.97 -8.00 -50.26
CA ARG B 229 -7.26 -7.42 -49.13
C ARG B 229 -5.81 -7.88 -49.13
N ILE B 230 -5.06 -7.43 -48.12
CA ILE B 230 -3.67 -7.83 -47.90
C ILE B 230 -3.46 -8.01 -46.41
N SER B 231 -2.89 -9.15 -46.02
CA SER B 231 -2.63 -9.47 -44.62
C SER B 231 -1.16 -9.24 -44.31
N ILE B 232 -0.88 -8.27 -43.43
CA ILE B 232 0.48 -7.87 -43.09
C ILE B 232 0.91 -8.61 -41.84
N TYR B 233 2.14 -9.15 -41.86
CA TYR B 233 2.74 -9.80 -40.71
C TYR B 233 4.09 -9.17 -40.42
N TRP B 234 4.71 -9.60 -39.32
CA TRP B 234 6.03 -9.09 -38.94
C TRP B 234 6.90 -10.24 -38.45
N THR B 235 8.19 -10.12 -38.71
CA THR B 235 9.17 -11.12 -38.29
C THR B 235 10.43 -10.40 -37.86
N ILE B 236 10.96 -10.76 -36.69
CA ILE B 236 12.13 -10.14 -36.10
C ILE B 236 13.30 -11.10 -36.22
N VAL B 237 14.40 -10.62 -36.80
CA VAL B 237 15.60 -11.41 -37.01
C VAL B 237 16.67 -10.92 -36.04
N LYS B 238 17.08 -11.80 -35.13
CA LYS B 238 18.07 -11.45 -34.13
C LYS B 238 19.48 -11.51 -34.72
N PRO B 239 20.46 -10.88 -34.06
CA PRO B 239 21.84 -10.98 -34.52
C PRO B 239 22.30 -12.43 -34.61
N GLY B 240 22.82 -12.81 -35.78
CA GLY B 240 23.18 -14.17 -36.08
C GLY B 240 22.10 -14.96 -36.78
N ASP B 241 20.83 -14.64 -36.51
CA ASP B 241 19.73 -15.31 -37.19
C ASP B 241 19.68 -14.90 -38.66
N VAL B 242 19.04 -15.72 -39.47
CA VAL B 242 18.94 -15.50 -40.90
C VAL B 242 17.46 -15.42 -41.29
N LEU B 243 17.19 -14.63 -42.33
CA LEU B 243 15.84 -14.45 -42.85
C LEU B 243 15.71 -15.22 -44.16
N VAL B 244 14.73 -16.12 -44.22
CA VAL B 244 14.48 -16.95 -45.41
C VAL B 244 13.04 -16.73 -45.82
N ILE B 245 12.83 -16.08 -46.96
CA ILE B 245 11.51 -15.84 -47.51
C ILE B 245 11.29 -16.83 -48.64
N ASN B 246 10.28 -17.68 -48.49
CA ASN B 246 9.95 -18.70 -49.49
C ASN B 246 8.51 -18.50 -49.92
N SER B 247 8.31 -18.20 -51.21
CA SER B 247 6.98 -17.93 -51.73
C SER B 247 6.89 -18.34 -53.19
N ASN B 248 5.71 -18.84 -53.58
CA ASN B 248 5.41 -19.14 -54.97
C ASN B 248 4.28 -18.29 -55.51
N GLY B 249 3.88 -17.25 -54.79
CA GLY B 249 2.81 -16.38 -55.22
C GLY B 249 2.18 -15.67 -54.05
N ASN B 250 1.53 -14.54 -54.36
CA ASN B 250 0.79 -13.74 -53.38
C ASN B 250 1.72 -13.22 -52.28
N LEU B 251 2.89 -12.73 -52.67
CA LEU B 251 3.89 -12.23 -51.74
C LEU B 251 4.00 -10.71 -51.85
N ILE B 252 3.93 -10.05 -50.71
CA ILE B 252 4.16 -8.60 -50.62
C ILE B 252 5.54 -8.44 -50.00
N ALA B 253 6.56 -8.42 -50.85
CA ALA B 253 7.93 -8.50 -50.38
C ALA B 253 8.35 -7.21 -49.67
N PRO B 254 9.20 -7.32 -48.65
CA PRO B 254 9.71 -6.11 -47.98
C PRO B 254 10.93 -5.54 -48.69
N ARG B 255 11.05 -4.21 -48.65
CA ARG B 255 12.19 -3.56 -49.25
C ARG B 255 13.43 -3.69 -48.38
N GLY B 256 13.27 -3.58 -47.07
CA GLY B 256 14.39 -3.68 -46.15
C GLY B 256 13.91 -3.99 -44.75
N TYR B 257 14.64 -3.46 -43.77
CA TYR B 257 14.32 -3.69 -42.37
C TYR B 257 14.33 -2.37 -41.62
N PHE B 258 13.61 -2.36 -40.50
CA PHE B 258 13.59 -1.21 -39.59
C PHE B 258 14.56 -1.47 -38.44
N LYS B 259 15.21 -0.40 -37.99
CA LYS B 259 16.19 -0.51 -36.91
C LYS B 259 15.47 -0.69 -35.58
N MET B 260 15.79 -1.78 -34.89
CA MET B 260 15.15 -2.12 -33.63
C MET B 260 15.90 -1.45 -32.48
N ARG B 261 15.21 -0.60 -31.73
CA ARG B 261 15.76 0.04 -30.56
C ARG B 261 14.81 -0.15 -29.38
N THR B 262 15.37 -0.08 -28.18
CA THR B 262 14.61 -0.23 -26.94
C THR B 262 14.89 0.97 -26.06
N GLY B 263 13.93 1.89 -25.96
CA GLY B 263 14.15 3.10 -25.20
C GLY B 263 12.91 3.64 -24.51
N LYS B 264 12.91 4.94 -24.24
CA LYS B 264 11.84 5.61 -23.50
C LYS B 264 10.66 6.01 -24.39
N SER B 265 10.61 5.56 -25.64
CA SER B 265 9.59 6.01 -26.56
C SER B 265 8.29 5.22 -26.38
N SER B 266 7.19 5.81 -26.85
CA SER B 266 5.86 5.23 -26.68
C SER B 266 4.91 5.86 -27.70
N ILE B 267 3.62 5.55 -27.55
CA ILE B 267 2.56 6.06 -28.41
C ILE B 267 1.37 6.43 -27.53
N MET B 268 0.49 7.28 -28.07
CA MET B 268 -0.65 7.76 -27.31
C MET B 268 -1.66 8.37 -28.27
N ARG B 269 -2.92 7.91 -28.20
CA ARG B 269 -3.98 8.45 -29.04
C ARG B 269 -4.52 9.73 -28.42
N SER B 270 -4.58 10.79 -29.21
CA SER B 270 -5.01 12.08 -28.68
C SER B 270 -5.48 12.97 -29.83
N ASP B 271 -6.32 13.94 -29.49
CA ASP B 271 -6.76 14.97 -30.42
C ASP B 271 -6.35 16.37 -29.97
N ALA B 272 -5.52 16.48 -28.94
CA ALA B 272 -5.17 17.79 -28.41
C ALA B 272 -4.20 18.50 -29.35
N PRO B 273 -4.32 19.82 -29.49
CA PRO B 273 -3.38 20.55 -30.35
C PRO B 273 -2.00 20.63 -29.72
N ILE B 274 -1.05 21.12 -30.52
CA ILE B 274 0.35 21.22 -30.09
C ILE B 274 0.69 22.68 -29.85
N ASP B 275 1.73 22.90 -29.05
CA ASP B 275 2.23 24.23 -28.77
C ASP B 275 3.70 24.13 -28.42
N THR B 276 4.38 25.28 -28.43
CA THR B 276 5.81 25.36 -28.15
C THR B 276 6.00 25.78 -26.69
N CYS B 277 5.97 24.78 -25.80
CA CYS B 277 6.19 24.99 -24.38
C CYS B 277 7.00 23.82 -23.83
N ILE B 278 7.24 23.83 -22.52
CA ILE B 278 8.00 22.79 -21.84
C ILE B 278 7.10 22.12 -20.82
N SER B 279 7.15 20.78 -20.79
CA SER B 279 6.37 19.99 -19.83
C SER B 279 6.84 18.54 -19.85
N GLU B 280 7.22 18.03 -18.68
CA GLU B 280 7.74 16.67 -18.60
C GLU B 280 6.64 15.62 -18.83
N CYS B 281 5.40 15.95 -18.50
CA CYS B 281 4.29 15.02 -18.60
C CYS B 281 3.41 15.36 -19.78
N ILE B 282 2.87 14.33 -20.43
CA ILE B 282 1.98 14.48 -21.58
C ILE B 282 0.82 13.53 -21.42
N THR B 283 -0.40 14.02 -21.62
CA THR B 283 -1.63 13.25 -21.54
C THR B 283 -2.40 13.39 -22.84
N PRO B 284 -3.35 12.49 -23.11
CA PRO B 284 -4.21 12.68 -24.29
C PRO B 284 -5.03 13.96 -24.25
N ASN B 285 -5.17 14.57 -23.07
CA ASN B 285 -5.86 15.84 -22.94
C ASN B 285 -4.92 17.04 -23.06
N GLY B 286 -3.63 16.82 -22.94
CA GLY B 286 -2.64 17.88 -23.03
C GLY B 286 -1.60 17.73 -21.93
N SER B 287 -0.50 18.46 -22.11
CA SER B 287 0.58 18.41 -21.14
C SER B 287 0.16 19.03 -19.82
N ILE B 288 0.52 18.38 -18.72
CA ILE B 288 0.17 18.85 -17.38
C ILE B 288 1.45 19.04 -16.57
N PRO B 289 1.47 19.93 -15.58
CA PRO B 289 2.66 20.07 -14.74
C PRO B 289 2.77 18.93 -13.74
N ASN B 290 3.99 18.40 -13.62
CA ASN B 290 4.28 17.32 -12.69
C ASN B 290 4.80 17.81 -11.34
N ASP B 291 4.38 19.00 -10.91
CA ASP B 291 4.79 19.51 -9.61
C ASP B 291 4.03 18.86 -8.46
N LYS B 292 2.87 18.27 -8.73
CA LYS B 292 2.03 17.56 -7.78
C LYS B 292 2.27 16.05 -7.87
N PRO B 293 2.16 15.32 -6.75
CA PRO B 293 2.41 13.87 -6.79
C PRO B 293 1.30 13.06 -7.43
N PHE B 294 0.09 13.59 -7.55
CA PHE B 294 -1.04 12.85 -8.11
C PHE B 294 -1.76 13.71 -9.13
N GLN B 295 -2.55 13.06 -9.99
CA GLN B 295 -3.30 13.76 -11.02
C GLN B 295 -4.61 13.04 -11.27
N ASN B 296 -5.52 13.73 -11.95
CA ASN B 296 -6.84 13.19 -12.24
C ASN B 296 -7.26 13.45 -13.68
N VAL B 297 -6.35 13.88 -14.55
CA VAL B 297 -6.73 14.26 -15.91
C VAL B 297 -6.95 13.02 -16.77
N ASN B 298 -6.02 12.07 -16.74
CA ASN B 298 -6.13 10.88 -17.56
C ASN B 298 -5.21 9.80 -17.00
N LYS B 299 -5.67 8.55 -17.12
CA LYS B 299 -4.86 7.41 -16.72
C LYS B 299 -3.76 7.09 -17.70
N ILE B 300 -3.88 7.53 -18.95
CA ILE B 300 -2.82 7.38 -19.95
C ILE B 300 -1.88 8.57 -19.83
N THR B 301 -0.62 8.30 -19.47
CA THR B 301 0.36 9.36 -19.29
C THR B 301 1.71 8.91 -19.84
N TYR B 302 2.51 9.89 -20.25
CA TYR B 302 3.85 9.64 -20.78
C TYR B 302 4.85 10.58 -20.13
N GLY B 303 5.96 10.02 -19.67
CA GLY B 303 7.01 10.80 -19.04
C GLY B 303 6.87 10.87 -17.54
N ALA B 304 7.70 11.73 -16.95
CA ALA B 304 7.64 11.97 -15.51
C ALA B 304 6.28 12.55 -15.14
N CYS B 305 5.30 11.68 -14.91
CA CYS B 305 3.93 12.10 -14.67
C CYS B 305 3.50 11.76 -13.25
N PRO B 306 2.60 12.54 -12.66
CA PRO B 306 2.02 12.17 -11.38
C PRO B 306 1.18 10.90 -11.50
N LYS B 307 0.93 10.27 -10.36
CA LYS B 307 0.15 9.04 -10.31
C LYS B 307 -1.33 9.35 -10.43
N TYR B 308 -2.02 8.62 -11.30
CA TYR B 308 -3.46 8.83 -11.51
C TYR B 308 -4.26 8.21 -10.37
N VAL B 309 -5.11 9.02 -9.74
CA VAL B 309 -5.93 8.57 -8.63
C VAL B 309 -7.38 8.95 -8.91
N LYS B 310 -8.29 8.28 -8.20
CA LYS B 310 -9.71 8.55 -8.41
C LYS B 310 -10.13 9.88 -7.80
N GLN B 311 -9.40 10.37 -6.80
CA GLN B 311 -9.79 11.62 -6.14
C GLN B 311 -9.53 12.81 -7.05
N ASN B 312 -10.48 13.74 -7.06
CA ASN B 312 -10.31 14.99 -7.80
C ASN B 312 -9.53 16.04 -7.02
N THR B 313 -9.59 16.01 -5.69
CA THR B 313 -8.89 16.97 -4.85
C THR B 313 -8.39 16.29 -3.59
N LEU B 314 -7.17 16.61 -3.18
CA LEU B 314 -6.56 16.07 -1.96
C LEU B 314 -5.69 17.18 -1.35
N LYS B 315 -6.30 17.96 -0.46
CA LYS B 315 -5.61 19.08 0.17
C LYS B 315 -4.65 18.59 1.25
N LEU B 316 -3.39 18.99 1.14
CA LEU B 316 -2.37 18.69 2.14
C LEU B 316 -2.13 19.92 3.00
N ALA B 317 -2.19 19.75 4.32
CA ALA B 317 -2.06 20.88 5.23
C ALA B 317 -0.63 21.40 5.21
N THR B 318 -0.47 22.65 4.76
CA THR B 318 0.80 23.36 4.83
C THR B 318 0.82 24.40 5.94
N GLY B 319 -0.27 24.55 6.68
CA GLY B 319 -0.32 25.48 7.79
C GLY B 319 -0.71 24.79 9.09
N MET B 320 -1.16 25.56 10.06
CA MET B 320 -1.55 25.02 11.36
C MET B 320 -3.06 25.03 11.51
N ARG B 321 -3.51 24.53 12.66
CA ARG B 321 -4.94 24.54 12.98
C ARG B 321 -5.44 25.97 13.12
N ASN B 322 -6.50 26.30 12.39
CA ASN B 322 -6.99 27.67 12.28
C ASN B 322 -8.15 27.89 13.25
N VAL B 323 -7.98 28.86 14.15
CA VAL B 323 -9.03 29.27 15.07
C VAL B 323 -9.07 30.80 15.09
N PRO B 324 -10.06 31.44 14.46
CA PRO B 324 -10.05 32.90 14.38
C PRO B 324 -10.73 33.59 15.56
N GLU B 325 -11.94 33.15 15.93
CA GLU B 325 -12.67 33.77 17.02
C GLU B 325 -13.53 32.72 17.71
N LYS B 326 -14.12 33.12 18.82
CA LYS B 326 -14.99 32.23 19.60
C LYS B 326 -16.30 31.96 18.87
N ALA B 336 -6.95 25.57 19.54
CA ALA B 336 -8.30 25.29 20.03
C ALA B 336 -8.26 24.44 21.29
N GLY B 337 -7.60 24.94 22.32
CA GLY B 337 -7.48 24.22 23.56
C GLY B 337 -7.16 25.09 24.75
N PHE B 338 -6.04 25.80 24.70
CA PHE B 338 -5.58 26.61 25.82
C PHE B 338 -5.92 28.09 25.69
N ILE B 339 -6.24 28.57 24.48
CA ILE B 339 -6.68 29.94 24.30
C ILE B 339 -8.11 29.93 23.76
N GLU B 340 -8.75 31.10 23.80
CA GLU B 340 -10.09 31.22 23.24
C GLU B 340 -10.05 31.27 21.72
N ASN B 341 -9.02 31.89 21.15
CA ASN B 341 -8.91 32.04 19.70
C ASN B 341 -7.48 32.40 19.35
N GLY B 342 -7.14 32.16 18.08
CA GLY B 342 -5.83 32.52 17.59
C GLY B 342 -5.72 34.01 17.28
N TRP B 343 -4.48 34.50 17.26
CA TRP B 343 -4.21 35.91 17.04
C TRP B 343 -4.16 36.18 15.54
N GLU B 344 -5.16 36.89 15.03
CA GLU B 344 -5.19 37.24 13.62
C GLU B 344 -4.25 38.38 13.28
N GLY B 345 -3.93 39.25 14.25
CA GLY B 345 -3.09 40.39 14.02
C GLY B 345 -1.60 40.12 14.00
N MET B 346 -1.19 38.86 13.92
CA MET B 346 0.22 38.48 13.92
C MET B 346 0.62 38.09 12.51
N ILE B 347 1.52 38.86 11.91
CA ILE B 347 2.02 38.58 10.56
C ILE B 347 3.51 38.30 10.53
N ASP B 348 4.24 38.57 11.62
CA ASP B 348 5.68 38.33 11.68
C ASP B 348 6.03 36.89 12.03
N GLY B 349 5.04 36.06 12.33
CA GLY B 349 5.32 34.67 12.67
C GLY B 349 4.02 33.95 13.01
N TRP B 350 4.17 32.70 13.41
CA TRP B 350 3.04 31.87 13.81
C TRP B 350 2.84 31.83 15.32
N TYR B 351 3.91 31.65 16.09
CA TYR B 351 3.86 31.61 17.54
C TYR B 351 4.52 32.86 18.11
N GLY B 352 3.88 33.44 19.12
CA GLY B 352 4.40 34.69 19.67
C GLY B 352 3.88 34.97 21.06
N PHE B 353 4.17 36.19 21.52
CA PHE B 353 3.83 36.65 22.86
C PHE B 353 2.99 37.92 22.79
N ARG B 354 2.24 38.16 23.86
CA ARG B 354 1.54 39.42 24.09
C ARG B 354 1.58 39.72 25.59
N HIS B 355 1.70 40.99 25.93
CA HIS B 355 1.91 41.37 27.32
C HIS B 355 1.15 42.64 27.66
N GLN B 356 0.66 42.71 28.89
CA GLN B 356 0.07 43.92 29.47
C GLN B 356 0.92 44.27 30.69
N ASN B 357 1.92 45.11 30.48
CA ASN B 357 2.84 45.49 31.54
C ASN B 357 2.56 46.92 31.99
N SER B 358 3.51 47.51 32.73
CA SER B 358 3.33 48.86 33.24
C SER B 358 3.42 49.91 32.14
N GLU B 359 4.23 49.66 31.11
CA GLU B 359 4.38 50.63 30.03
C GLU B 359 3.17 50.64 29.10
N GLY B 360 2.68 49.47 28.72
CA GLY B 360 1.50 49.38 27.86
C GLY B 360 1.17 47.97 27.42
N THR B 361 0.88 47.80 26.13
CA THR B 361 0.52 46.50 25.58
C THR B 361 1.25 46.31 24.27
N GLY B 362 1.95 45.17 24.13
CA GLY B 362 2.71 44.90 22.94
C GLY B 362 2.57 43.45 22.50
N GLN B 363 3.13 43.16 21.33
CA GLN B 363 3.06 41.84 20.74
C GLN B 363 4.34 41.56 19.98
N ALA B 364 4.88 40.35 20.15
CA ALA B 364 6.09 39.97 19.46
C ALA B 364 6.09 38.46 19.25
N ALA B 365 6.59 38.03 18.10
CA ALA B 365 6.62 36.61 17.78
C ALA B 365 7.97 36.00 18.12
N ASP B 366 7.98 34.70 18.35
CA ASP B 366 9.20 33.96 18.64
C ASP B 366 9.67 33.27 17.36
N LEU B 367 10.85 33.66 16.87
CA LEU B 367 11.35 33.11 15.61
C LEU B 367 11.74 31.65 15.76
N LYS B 368 12.36 31.28 16.87
CA LYS B 368 12.86 29.92 17.03
C LYS B 368 11.73 28.90 17.09
N SER B 369 10.68 29.19 17.86
CA SER B 369 9.57 28.25 17.99
C SER B 369 8.84 28.07 16.66
N THR B 370 8.68 29.16 15.90
CA THR B 370 8.00 29.05 14.61
C THR B 370 8.88 28.39 13.57
N GLN B 371 10.19 28.67 13.60
CA GLN B 371 11.11 28.07 12.65
C GLN B 371 11.13 26.54 12.79
N ALA B 372 11.05 26.04 14.02
CA ALA B 372 11.03 24.60 14.23
C ALA B 372 9.79 23.97 13.63
N ALA B 373 8.64 24.64 13.75
CA ALA B 373 7.42 24.13 13.14
C ALA B 373 7.47 24.26 11.62
N ILE B 374 8.04 25.36 11.12
CA ILE B 374 8.15 25.55 9.68
C ILE B 374 9.09 24.50 9.08
N ASP B 375 10.14 24.13 9.82
CA ASP B 375 11.07 23.12 9.31
C ASP B 375 10.42 21.75 9.24
N GLN B 376 9.56 21.41 10.22
CA GLN B 376 8.91 20.11 10.21
C GLN B 376 7.92 20.00 9.06
N ILE B 377 7.12 21.04 8.83
CA ILE B 377 6.15 20.99 7.75
C ILE B 377 6.85 20.92 6.39
N ASN B 378 7.83 21.78 6.17
CA ASN B 378 8.59 21.72 4.93
C ASN B 378 9.32 20.39 4.79
N GLY B 379 9.64 19.74 5.91
CA GLY B 379 10.28 18.43 5.84
C GLY B 379 9.38 17.39 5.23
N LYS B 380 8.12 17.33 5.68
CA LYS B 380 7.17 16.41 5.08
C LYS B 380 6.63 16.93 3.75
N LEU B 381 6.60 18.26 3.57
CA LEU B 381 6.25 18.80 2.26
C LEU B 381 7.18 18.26 1.19
N ASN B 382 8.49 18.26 1.48
CA ASN B 382 9.44 17.62 0.57
C ASN B 382 9.25 16.12 0.50
N ARG B 383 8.80 15.52 1.60
CA ARG B 383 8.60 14.07 1.60
C ARG B 383 7.43 13.67 0.71
N VAL B 384 6.50 14.58 0.46
CA VAL B 384 5.30 14.23 -0.29
C VAL B 384 5.53 14.32 -1.78
N ILE B 385 6.02 15.47 -2.24
CA ILE B 385 6.21 15.71 -3.66
C ILE B 385 7.62 15.28 -4.06
N GLU B 386 7.75 14.73 -5.26
CA GLU B 386 9.01 14.25 -5.80
C GLU B 386 8.76 13.73 -7.22
N LYS B 387 9.84 13.61 -8.00
CA LYS B 387 9.74 12.94 -9.28
C LYS B 387 9.24 11.51 -9.13
N THR B 388 9.58 10.88 -8.00
CA THR B 388 9.10 9.58 -7.54
C THR B 388 8.97 8.49 -8.61
N ASN B 389 8.37 8.80 -9.76
CA ASN B 389 8.23 7.80 -10.81
C ASN B 389 8.26 8.46 -12.17
N GLU B 390 8.84 7.75 -13.14
CA GLU B 390 8.93 8.23 -14.52
C GLU B 390 8.60 7.04 -15.43
N LYS B 391 7.40 7.04 -16.00
CA LYS B 391 6.91 5.93 -16.80
C LYS B 391 6.70 6.37 -18.23
N PHE B 392 7.01 5.46 -19.17
CA PHE B 392 6.95 5.77 -20.59
C PHE B 392 5.98 4.81 -21.25
N HIS B 393 6.45 3.79 -21.97
CA HIS B 393 5.57 2.89 -22.69
C HIS B 393 4.96 1.88 -21.73
N GLN B 394 3.63 1.95 -21.57
CA GLN B 394 2.91 1.01 -20.70
C GLN B 394 1.82 0.31 -21.50
N ILE B 395 0.78 -0.17 -20.82
CA ILE B 395 -0.28 -0.92 -21.48
C ILE B 395 -1.34 0.03 -22.01
N GLU B 396 -2.27 -0.49 -22.81
CA GLU B 396 -3.38 0.28 -23.31
C GLU B 396 -4.54 0.20 -22.32
N LYS B 397 -5.15 1.34 -22.02
CA LYS B 397 -6.25 1.40 -21.08
C LYS B 397 -7.60 1.67 -21.71
N GLU B 398 -7.65 2.44 -22.79
CA GLU B 398 -8.88 2.68 -23.52
C GLU B 398 -8.90 1.83 -24.79
N PHE B 399 -10.00 1.13 -25.01
CA PHE B 399 -10.13 0.22 -26.13
C PHE B 399 -11.30 0.62 -27.01
N SER B 400 -11.23 0.24 -28.29
CA SER B 400 -12.24 0.61 -29.27
C SER B 400 -13.35 -0.43 -29.41
N GLU B 401 -12.99 -1.71 -29.46
CA GLU B 401 -13.97 -2.78 -29.62
C GLU B 401 -13.63 -3.93 -28.66
N VAL B 402 -14.58 -4.85 -28.50
CA VAL B 402 -14.41 -5.97 -27.58
C VAL B 402 -13.37 -6.93 -28.12
N GLU B 403 -12.50 -7.42 -27.23
CA GLU B 403 -11.42 -8.32 -27.60
C GLU B 403 -11.47 -9.67 -26.91
N GLY B 404 -12.31 -9.81 -25.88
CA GLY B 404 -12.49 -11.10 -25.23
C GLY B 404 -11.83 -11.12 -23.89
N ARG B 405 -10.95 -12.11 -23.68
CA ARG B 405 -10.36 -12.36 -22.37
C ARG B 405 -9.30 -11.33 -22.00
N ILE B 406 -8.34 -11.07 -22.91
CA ILE B 406 -7.22 -10.18 -22.59
C ILE B 406 -7.71 -8.79 -22.26
N GLN B 407 -8.78 -8.33 -22.91
CA GLN B 407 -9.33 -7.01 -22.61
C GLN B 407 -9.81 -6.94 -21.17
N ASP B 408 -10.41 -8.02 -20.66
CA ASP B 408 -10.84 -8.05 -19.27
C ASP B 408 -9.64 -7.96 -18.33
N LEU B 409 -8.51 -8.55 -18.71
CA LEU B 409 -7.32 -8.53 -17.86
C LEU B 409 -6.60 -7.20 -17.92
N GLU B 410 -6.48 -6.62 -19.12
CA GLU B 410 -5.82 -5.32 -19.25
C GLU B 410 -6.58 -4.23 -18.50
N LYS B 411 -7.92 -4.28 -18.56
CA LYS B 411 -8.71 -3.34 -17.77
C LYS B 411 -8.59 -3.62 -16.28
N TYR B 412 -8.53 -4.90 -15.90
CA TYR B 412 -8.49 -5.25 -14.49
C TYR B 412 -7.17 -4.82 -13.85
N VAL B 413 -6.06 -5.00 -14.57
CA VAL B 413 -4.75 -4.63 -14.02
C VAL B 413 -4.69 -3.13 -13.78
N GLU B 414 -5.16 -2.33 -14.75
CA GLU B 414 -5.12 -0.88 -14.59
C GLU B 414 -6.09 -0.43 -13.50
N ASP B 415 -7.32 -0.95 -13.53
CA ASP B 415 -8.30 -0.58 -12.49
C ASP B 415 -7.80 -0.98 -11.11
N THR B 416 -7.04 -2.07 -11.02
CA THR B 416 -6.42 -2.44 -9.75
C THR B 416 -5.38 -1.40 -9.34
N LYS B 417 -4.50 -1.02 -10.28
CA LYS B 417 -3.47 -0.04 -9.99
C LYS B 417 -4.05 1.29 -9.55
N ILE B 418 -5.13 1.73 -10.21
CA ILE B 418 -5.76 2.99 -9.84
C ILE B 418 -6.34 2.91 -8.44
N ASP B 419 -7.18 1.90 -8.18
CA ASP B 419 -7.86 1.81 -6.91
C ASP B 419 -6.90 1.60 -5.76
N LEU B 420 -5.74 0.99 -6.02
CA LEU B 420 -4.75 0.82 -4.95
C LEU B 420 -3.98 2.11 -4.69
N TRP B 421 -3.66 2.85 -5.75
CA TRP B 421 -2.99 4.15 -5.56
C TRP B 421 -3.92 5.16 -4.92
N SER B 422 -5.22 5.12 -5.25
CA SER B 422 -6.16 6.05 -4.63
C SER B 422 -6.20 5.86 -3.13
N TYR B 423 -6.13 4.61 -2.66
CA TYR B 423 -6.07 4.37 -1.22
C TYR B 423 -4.74 4.84 -0.65
N ASN B 424 -3.65 4.67 -1.40
CA ASN B 424 -2.36 5.14 -0.93
C ASN B 424 -2.32 6.65 -0.80
N ALA B 425 -2.98 7.36 -1.73
CA ALA B 425 -2.98 8.82 -1.70
C ALA B 425 -3.93 9.36 -0.64
N GLU B 426 -5.14 8.80 -0.58
CA GLU B 426 -6.12 9.26 0.40
C GLU B 426 -5.63 9.01 1.82
N LEU B 427 -4.98 7.86 2.05
CA LEU B 427 -4.43 7.58 3.38
C LEU B 427 -3.25 8.48 3.69
N LEU B 428 -2.49 8.89 2.67
CA LEU B 428 -1.32 9.74 2.90
C LEU B 428 -1.74 11.13 3.38
N VAL B 429 -2.69 11.75 2.68
CA VAL B 429 -3.08 13.11 3.05
C VAL B 429 -3.77 13.14 4.40
N ALA B 430 -4.42 12.04 4.79
CA ALA B 430 -5.07 12.02 6.10
C ALA B 430 -4.05 11.90 7.22
N LEU B 431 -3.06 11.01 7.06
CA LEU B 431 -2.04 10.86 8.09
C LEU B 431 -1.14 12.08 8.17
N GLU B 432 -0.74 12.63 7.02
CA GLU B 432 0.18 13.76 7.03
C GLU B 432 -0.49 15.01 7.58
N ASN B 433 -1.77 15.21 7.28
CA ASN B 433 -2.49 16.35 7.84
C ASN B 433 -2.72 16.19 9.33
N GLN B 434 -3.10 14.99 9.77
CA GLN B 434 -3.28 14.74 11.19
C GLN B 434 -1.99 15.00 11.96
N HIS B 435 -0.87 14.47 11.46
CA HIS B 435 0.42 14.73 12.09
C HIS B 435 0.80 16.21 12.00
N THR B 436 0.41 16.87 10.90
CA THR B 436 0.69 18.31 10.78
C THR B 436 -0.02 19.09 11.89
N ILE B 437 -1.31 18.83 12.08
CA ILE B 437 -2.04 19.49 13.15
C ILE B 437 -1.51 19.05 14.51
N ASP B 438 -1.08 17.78 14.62
CA ASP B 438 -0.53 17.30 15.88
C ASP B 438 0.78 18.00 16.21
N LEU B 439 1.67 18.14 15.23
CA LEU B 439 2.98 18.71 15.51
C LEU B 439 2.92 20.22 15.75
N THR B 440 2.01 20.91 15.07
CA THR B 440 1.90 22.35 15.28
C THR B 440 1.43 22.66 16.69
N ASP B 441 0.50 21.86 17.22
CA ASP B 441 0.04 22.06 18.59
C ASP B 441 1.15 21.80 19.60
N SER B 442 2.09 20.90 19.28
CA SER B 442 3.19 20.60 20.19
C SER B 442 4.18 21.75 20.23
N GLU B 443 4.52 22.33 19.08
CA GLU B 443 5.41 23.49 19.06
C GLU B 443 4.84 24.65 19.85
N MET B 444 3.51 24.78 19.88
CA MET B 444 2.88 25.78 20.72
C MET B 444 3.00 25.41 22.19
N ASN B 445 2.84 24.12 22.52
CA ASN B 445 2.99 23.67 23.90
C ASN B 445 4.44 23.75 24.35
N LYS B 446 5.39 23.41 23.46
CA LYS B 446 6.80 23.51 23.81
C LYS B 446 7.18 24.95 24.15
N LEU B 447 6.66 25.91 23.37
CA LEU B 447 6.92 27.31 23.67
C LEU B 447 6.31 27.72 25.00
N PHE B 448 5.11 27.23 25.30
CA PHE B 448 4.50 27.49 26.59
C PHE B 448 5.30 26.85 27.71
N GLU B 449 5.83 25.65 27.47
CA GLU B 449 6.67 25.00 28.46
C GLU B 449 8.05 25.65 28.55
N LYS B 450 8.53 26.23 27.44
CA LYS B 450 9.83 26.90 27.45
C LYS B 450 9.80 28.10 28.39
N THR B 451 8.85 29.02 28.18
CA THR B 451 8.74 30.16 29.07
C THR B 451 8.25 29.76 30.46
N ARG B 452 7.57 28.61 30.58
CA ARG B 452 7.17 28.13 31.89
C ARG B 452 8.35 27.72 32.76
N ARG B 453 9.40 27.19 32.15
CA ARG B 453 10.60 26.84 32.90
C ARG B 453 11.35 28.08 33.36
N GLN B 454 11.26 29.18 32.61
CA GLN B 454 11.97 30.40 32.98
C GLN B 454 11.39 31.01 34.25
N LEU B 455 10.07 31.07 34.36
CA LEU B 455 9.44 31.77 35.47
C LEU B 455 9.54 30.97 36.76
N ARG B 456 9.58 29.64 36.67
CA ARG B 456 9.61 28.76 37.84
C ARG B 456 8.43 29.07 38.76
N GLU B 457 8.70 29.67 39.91
CA GLU B 457 7.67 30.06 40.86
C GLU B 457 7.47 31.56 40.92
N ASN B 458 8.09 32.32 40.01
CA ASN B 458 7.86 33.76 39.92
C ASN B 458 6.52 34.10 39.32
N ALA B 459 5.85 33.15 38.66
CA ALA B 459 4.54 33.38 38.07
C ALA B 459 3.80 32.05 38.00
N GLU B 460 2.52 32.13 37.67
CA GLU B 460 1.67 30.95 37.61
C GLU B 460 0.90 30.91 36.30
N ASP B 461 0.65 29.70 35.82
CA ASP B 461 -0.17 29.52 34.63
C ASP B 461 -1.61 29.88 34.94
N MET B 462 -2.14 30.90 34.24
CA MET B 462 -3.50 31.37 34.48
C MET B 462 -4.56 30.41 33.96
N GLY B 463 -4.18 29.35 33.27
CA GLY B 463 -5.16 28.43 32.73
C GLY B 463 -5.76 28.86 31.41
N ASN B 464 -5.19 29.87 30.76
CA ASN B 464 -5.69 30.32 29.46
C ASN B 464 -4.56 30.68 28.50
N GLY B 465 -3.37 30.10 28.67
CA GLY B 465 -2.25 30.46 27.84
C GLY B 465 -1.54 31.73 28.25
N CYS B 466 -1.95 32.37 29.35
CA CYS B 466 -1.33 33.59 29.84
C CYS B 466 -0.62 33.32 31.16
N PHE B 467 0.47 34.06 31.38
CA PHE B 467 1.23 33.97 32.61
C PHE B 467 1.05 35.25 33.42
N LYS B 468 0.64 35.10 34.68
CA LYS B 468 0.47 36.25 35.58
C LYS B 468 1.77 36.44 36.32
N ILE B 469 2.63 37.31 35.78
CA ILE B 469 3.90 37.63 36.42
C ILE B 469 3.62 38.61 37.56
N TYR B 470 3.89 38.17 38.79
CA TYR B 470 3.49 38.93 39.97
C TYR B 470 4.44 40.08 40.31
N HIS B 471 5.57 40.22 39.61
CA HIS B 471 6.53 41.27 39.90
C HIS B 471 6.50 42.33 38.81
N LYS B 472 7.10 43.48 39.12
CA LYS B 472 7.17 44.60 38.19
C LYS B 472 8.07 44.24 37.02
N CYS B 473 7.50 44.08 35.83
CA CYS B 473 8.22 43.66 34.64
C CYS B 473 7.95 44.67 33.53
N ASP B 474 8.96 45.44 33.17
CA ASP B 474 8.82 46.49 32.15
C ASP B 474 8.96 45.88 30.76
N ASN B 475 9.03 46.75 29.75
CA ASN B 475 9.16 46.27 28.37
C ASN B 475 10.48 45.53 28.16
N ALA B 476 11.58 46.10 28.67
CA ALA B 476 12.86 45.41 28.58
C ALA B 476 12.85 44.11 29.38
N CYS B 477 12.10 44.07 30.49
CA CYS B 477 11.97 42.83 31.24
C CYS B 477 11.19 41.79 30.45
N ILE B 478 10.14 42.22 29.73
CA ILE B 478 9.41 41.30 28.87
C ILE B 478 10.32 40.80 27.74
N GLU B 479 11.13 41.70 27.18
CA GLU B 479 12.07 41.30 26.14
C GLU B 479 13.13 40.35 26.70
N SER B 480 13.48 40.48 27.98
CA SER B 480 14.41 39.54 28.58
C SER B 480 13.82 38.14 28.65
N ILE B 481 12.51 38.04 28.85
CA ILE B 481 11.85 36.74 28.84
C ILE B 481 11.78 36.19 27.41
N ARG B 482 11.55 37.07 26.44
CA ARG B 482 11.40 36.63 25.05
C ARG B 482 12.69 36.04 24.52
N ASN B 483 13.81 36.75 24.67
CA ASN B 483 15.08 36.30 24.11
C ASN B 483 15.83 35.35 25.01
N GLY B 484 15.28 34.99 26.17
CA GLY B 484 15.87 33.97 27.00
C GLY B 484 17.02 34.42 27.88
N THR B 485 16.93 35.62 28.46
CA THR B 485 17.93 36.10 29.41
C THR B 485 17.31 36.44 30.76
N TYR B 486 16.07 36.04 30.99
CA TYR B 486 15.37 36.38 32.24
C TYR B 486 15.98 35.61 33.40
N ASP B 487 16.53 36.34 34.36
CA ASP B 487 17.08 35.75 35.58
C ASP B 487 16.01 35.82 36.65
N HIS B 488 15.51 34.66 37.08
CA HIS B 488 14.40 34.62 38.03
C HIS B 488 14.84 35.07 39.41
N ASP B 489 16.12 34.90 39.76
CA ASP B 489 16.56 35.19 41.11
C ASP B 489 16.47 36.69 41.42
N VAL B 490 16.51 37.53 40.38
CA VAL B 490 16.40 38.96 40.59
C VAL B 490 15.02 39.32 41.11
N TYR B 491 13.99 38.69 40.57
CA TYR B 491 12.61 38.96 40.95
C TYR B 491 12.01 37.90 41.85
N ARG B 492 12.79 36.87 42.23
CA ARG B 492 12.23 35.80 43.06
C ARG B 492 11.89 36.30 44.45
N ASP B 493 12.71 37.22 45.00
CA ASP B 493 12.39 37.82 46.29
C ASP B 493 11.18 38.73 46.21
N GLU B 494 10.85 39.23 45.02
CA GLU B 494 9.71 40.13 44.83
C GLU B 494 8.44 39.37 44.46
N ALA B 495 8.52 38.49 43.46
CA ALA B 495 7.32 37.81 42.98
C ALA B 495 6.74 36.87 44.02
N LEU B 496 7.58 36.19 44.79
CA LEU B 496 7.08 35.28 45.82
C LEU B 496 6.32 36.03 46.91
N ASN B 497 6.74 37.25 47.23
CA ASN B 497 6.02 38.04 48.21
C ASN B 497 4.64 38.43 47.70
N ASN B 498 4.51 38.69 46.40
CA ASN B 498 3.23 39.09 45.83
C ASN B 498 2.27 37.93 45.66
N ARG B 499 2.77 36.69 45.63
CA ARG B 499 1.89 35.54 45.41
C ARG B 499 1.11 35.21 46.68
N PHE B 500 1.79 35.16 47.82
CA PHE B 500 1.20 34.70 49.06
C PHE B 500 0.89 35.83 50.04
N GLN B 501 1.02 37.08 49.59
CA GLN B 501 0.64 38.22 50.42
C GLN B 501 -0.02 39.31 49.57
N VAL C 2 18.50 43.00 -7.55
CA VAL C 2 19.20 41.86 -8.11
C VAL C 2 20.71 42.13 -8.10
N GLN C 3 21.10 43.28 -7.55
CA GLN C 3 22.49 43.69 -7.51
C GLN C 3 22.95 43.83 -6.08
N LEU C 4 23.94 43.05 -5.68
CA LEU C 4 24.56 43.12 -4.36
C LEU C 4 26.07 43.22 -4.51
N LEU C 5 26.70 44.00 -3.62
CA LEU C 5 28.14 44.21 -3.65
C LEU C 5 28.74 43.83 -2.31
N GLU C 6 30.00 43.39 -2.34
CA GLU C 6 30.75 43.01 -1.15
C GLU C 6 31.86 44.03 -0.89
N SER C 7 31.86 44.61 0.31
CA SER C 7 32.88 45.56 0.71
C SER C 7 33.64 45.01 1.90
N GLY C 8 34.84 45.56 2.12
CA GLY C 8 35.68 45.13 3.21
C GLY C 8 36.77 44.17 2.77
N GLY C 9 37.14 43.25 3.65
CA GLY C 9 38.19 42.28 3.35
C GLY C 9 39.57 42.91 3.41
N GLY C 10 40.56 42.09 3.09
CA GLY C 10 41.94 42.52 3.06
C GLY C 10 42.83 41.52 3.76
N LEU C 11 43.99 42.01 4.21
CA LEU C 11 44.99 41.19 4.89
C LEU C 11 44.81 41.30 6.39
N VAL C 12 44.82 40.16 7.06
CA VAL C 12 44.71 40.11 8.53
C VAL C 12 45.65 39.04 9.07
N GLN C 13 46.20 39.30 10.25
CA GLN C 13 47.03 38.33 10.92
C GLN C 13 46.16 37.20 11.46
N PRO C 14 46.63 35.95 11.41
CA PRO C 14 45.84 34.84 11.97
C PRO C 14 45.52 35.08 13.43
N GLY C 15 44.24 34.87 13.78
CA GLY C 15 43.75 35.13 15.12
C GLY C 15 42.93 36.40 15.24
N GLU C 16 43.12 37.36 14.33
CA GLU C 16 42.35 38.59 14.35
C GLU C 16 40.94 38.36 13.81
N SER C 17 40.12 39.41 13.89
CA SER C 17 38.74 39.39 13.43
C SER C 17 38.60 40.30 12.22
N LEU C 18 37.52 40.09 11.48
CA LEU C 18 37.25 40.89 10.29
C LEU C 18 35.81 40.63 9.88
N ARG C 19 35.07 41.70 9.62
CA ARG C 19 33.70 41.64 9.16
C ARG C 19 33.62 42.11 7.72
N VAL C 20 32.81 41.41 6.93
CA VAL C 20 32.59 41.73 5.52
C VAL C 20 31.14 42.12 5.32
N SER C 21 30.90 43.20 4.58
CA SER C 21 29.57 43.71 4.34
C SER C 21 29.06 43.28 2.96
N CYS C 22 27.74 43.36 2.80
CA CYS C 22 27.11 43.01 1.52
C CYS C 22 25.90 43.92 1.36
N ALA C 23 26.05 44.96 0.53
CA ALA C 23 24.97 45.91 0.29
C ALA C 23 23.96 45.28 -0.66
N ALA C 24 22.84 44.80 -0.09
CA ALA C 24 21.80 44.13 -0.87
C ALA C 24 20.89 45.19 -1.48
N SER C 25 21.03 45.41 -2.78
CA SER C 25 20.23 46.37 -3.52
C SER C 25 19.36 45.65 -4.53
N GLY C 26 18.32 46.34 -4.99
CA GLY C 26 17.51 45.86 -6.09
C GLY C 26 16.25 45.12 -5.70
N PHE C 27 15.93 44.07 -6.47
CA PHE C 27 14.66 43.36 -6.32
C PHE C 27 14.49 42.77 -4.94
N THR C 28 15.59 42.35 -4.31
CA THR C 28 15.52 41.71 -3.00
C THR C 28 14.93 42.65 -1.95
N PHE C 29 13.65 42.44 -1.62
CA PHE C 29 13.01 43.20 -0.55
C PHE C 29 13.59 42.87 0.81
N ARG C 30 14.44 41.86 0.91
CA ARG C 30 15.08 41.44 2.15
C ARG C 30 14.07 40.91 3.16
N ASP C 31 13.03 40.26 2.65
CA ASP C 31 12.33 39.22 3.37
C ASP C 31 12.74 37.84 2.86
N SER C 32 13.71 37.79 1.95
CA SER C 32 14.26 36.57 1.42
C SER C 32 15.66 36.35 2.01
N ALA C 33 16.08 35.09 2.07
CA ALA C 33 17.30 34.72 2.76
C ALA C 33 18.54 35.11 1.97
N LEU C 34 19.68 35.09 2.66
CA LEU C 34 20.97 35.42 2.09
C LEU C 34 22.03 34.52 2.69
N SER C 35 23.06 34.23 1.90
CA SER C 35 24.11 33.30 2.33
C SER C 35 25.48 33.86 1.98
N TRP C 36 26.50 33.28 2.63
CA TRP C 36 27.90 33.57 2.34
C TRP C 36 28.57 32.30 1.86
N VAL C 37 29.39 32.43 0.82
CA VAL C 37 30.11 31.29 0.23
C VAL C 37 31.53 31.74 -0.07
N ARG C 38 32.51 31.07 0.51
CA ARG C 38 33.91 31.38 0.26
C ARG C 38 34.51 30.38 -0.73
N GLN C 39 35.60 30.80 -1.36
CA GLN C 39 36.30 29.98 -2.34
C GLN C 39 37.79 30.24 -2.20
N ALA C 40 38.52 29.27 -1.65
CA ALA C 40 39.95 29.41 -1.46
C ALA C 40 40.66 29.49 -2.82
N PRO C 41 41.81 30.15 -2.88
CA PRO C 41 42.54 30.25 -4.15
C PRO C 41 42.91 28.88 -4.68
N GLY C 42 42.45 28.59 -5.91
CA GLY C 42 42.67 27.30 -6.52
C GLY C 42 41.70 26.22 -6.10
N LYS C 43 40.99 26.40 -4.99
CA LYS C 43 40.04 25.43 -4.50
C LYS C 43 38.63 25.78 -4.97
N GLY C 44 37.71 24.84 -4.78
CA GLY C 44 36.34 24.98 -5.24
C GLY C 44 35.49 25.77 -4.26
N LEU C 45 34.18 25.75 -4.54
CA LEU C 45 33.22 26.49 -3.72
C LEU C 45 32.94 25.75 -2.41
N GLU C 46 32.57 26.52 -1.39
CA GLU C 46 32.21 25.96 -0.09
C GLU C 46 31.22 26.88 0.58
N TRP C 47 30.04 26.35 0.89
CA TRP C 47 29.03 27.13 1.59
C TRP C 47 29.49 27.42 3.02
N VAL C 48 29.34 28.66 3.44
CA VAL C 48 29.81 29.09 4.76
C VAL C 48 28.65 29.14 5.73
N SER C 49 27.71 30.05 5.49
CA SER C 49 26.60 30.25 6.40
C SER C 49 25.41 30.80 5.62
N ALA C 50 24.29 30.97 6.33
CA ALA C 50 23.07 31.52 5.76
C ALA C 50 22.38 32.36 6.82
N ILE C 51 21.40 33.14 6.39
CA ILE C 51 20.60 33.95 7.30
C ILE C 51 19.21 34.11 6.70
N SER C 52 18.22 34.31 7.56
CA SER C 52 16.84 34.50 7.14
C SER C 52 16.32 35.83 7.67
N GLY C 53 15.01 36.01 7.62
CA GLY C 53 14.39 37.17 8.23
C GLY C 53 14.59 37.17 9.73
N ASN C 54 15.36 38.15 10.23
CA ASN C 54 15.76 38.20 11.63
C ASN C 54 16.57 36.96 12.01
N GLY C 55 16.43 36.54 13.28
CA GLY C 55 17.32 35.53 13.83
C GLY C 55 16.96 34.08 13.59
N GLY C 56 16.35 33.75 12.46
CA GLY C 56 16.11 32.34 12.15
C GLY C 56 17.33 31.58 11.68
N ALA C 57 18.49 32.23 11.64
CA ALA C 57 19.74 31.64 11.19
C ALA C 57 20.89 32.51 11.69
N THR C 58 21.93 32.00 12.36
CA THR C 58 22.36 30.59 12.54
C THR C 58 22.59 29.86 11.21
N TYR C 59 22.79 28.54 11.29
CA TYR C 59 23.24 27.73 10.16
C TYR C 59 24.65 28.13 9.72
N TYR C 60 25.66 27.44 10.25
CA TYR C 60 27.06 27.67 9.88
C TYR C 60 27.73 26.35 9.56
N ALA C 61 28.60 26.36 8.55
CA ALA C 61 29.34 25.15 8.19
C ALA C 61 30.24 24.73 9.35
N ASP C 62 30.55 23.43 9.38
CA ASP C 62 31.34 22.87 10.48
C ASP C 62 32.73 23.47 10.56
N THR C 63 33.29 23.90 9.43
CA THR C 63 34.63 24.49 9.46
C THR C 63 34.64 25.84 10.16
N VAL C 64 33.51 26.53 10.16
CA VAL C 64 33.38 27.87 10.74
C VAL C 64 32.28 27.92 11.80
N LYS C 65 31.90 26.77 12.35
CA LYS C 65 30.77 26.72 13.28
C LYS C 65 31.05 27.54 14.54
N GLY C 66 32.28 27.46 15.05
CA GLY C 66 32.65 28.16 16.27
C GLY C 66 33.44 29.43 16.06
N ARG C 67 33.51 29.96 14.85
CA ARG C 67 34.32 31.13 14.59
C ARG C 67 33.56 32.26 13.90
N PHE C 68 32.71 31.94 12.93
CA PHE C 68 32.01 32.96 12.17
C PHE C 68 30.60 33.17 12.74
N THR C 69 30.11 34.40 12.57
CA THR C 69 28.77 34.78 13.01
C THR C 69 28.17 35.72 11.97
N ILE C 70 27.07 35.30 11.36
CA ILE C 70 26.42 36.07 10.29
C ILE C 70 25.44 37.06 10.92
N SER C 71 25.34 38.24 10.33
CA SER C 71 24.47 39.31 10.83
C SER C 71 23.66 39.90 9.68
N ARG C 72 22.55 40.55 10.03
CA ARG C 72 21.65 41.13 9.05
C ARG C 72 21.10 42.44 9.59
N ASP C 73 21.17 43.50 8.78
CA ASP C 73 20.66 44.83 9.13
C ASP C 73 19.69 45.25 8.03
N ASN C 74 18.41 44.90 8.21
CA ASN C 74 17.40 45.19 7.20
C ASN C 74 17.10 46.69 7.09
N SER C 75 17.34 47.46 8.15
CA SER C 75 17.06 48.90 8.09
C SER C 75 17.98 49.60 7.09
N GLN C 76 19.23 49.17 6.99
CA GLN C 76 20.16 49.69 6.01
C GLN C 76 20.40 48.73 4.84
N THR C 77 19.74 47.58 4.83
CA THR C 77 19.80 46.61 3.73
C THR C 77 21.25 46.18 3.45
N THR C 78 21.90 45.64 4.48
CA THR C 78 23.27 45.19 4.37
C THR C 78 23.47 43.91 5.17
N LEU C 79 24.16 42.95 4.56
CA LEU C 79 24.45 41.65 5.16
C LEU C 79 25.90 41.64 5.64
N TYR C 80 26.10 41.17 6.87
CA TYR C 80 27.43 41.14 7.48
C TYR C 80 27.84 39.71 7.81
N LEU C 81 29.13 39.55 8.11
CA LEU C 81 29.68 38.25 8.50
C LEU C 81 30.94 38.51 9.32
N GLN C 82 30.82 38.37 10.64
CA GLN C 82 31.95 38.59 11.55
C GLN C 82 32.79 37.33 11.61
N MET C 83 34.01 37.40 11.08
CA MET C 83 34.92 36.25 11.03
C MET C 83 35.98 36.44 12.11
N ASN C 84 35.80 35.74 13.23
CA ASN C 84 36.69 35.83 14.37
C ASN C 84 37.59 34.60 14.44
N SER C 85 38.74 34.77 15.09
CA SER C 85 39.73 33.71 15.26
C SER C 85 40.12 33.10 13.92
N LEU C 86 40.48 33.97 12.98
CA LEU C 86 40.79 33.52 11.63
C LEU C 86 42.06 32.68 11.62
N ARG C 87 42.01 31.58 10.87
CA ARG C 87 43.15 30.68 10.67
C ARG C 87 43.67 30.83 9.25
N ALA C 88 44.74 30.09 8.95
CA ALA C 88 45.41 30.24 7.66
C ALA C 88 44.50 29.82 6.51
N ASP C 89 43.79 28.70 6.67
CA ASP C 89 42.96 28.19 5.58
C ASP C 89 41.74 29.05 5.31
N ASP C 90 41.47 30.08 6.12
CA ASP C 90 40.32 30.93 5.88
C ASP C 90 40.52 31.88 4.71
N THR C 91 41.71 31.93 4.12
CA THR C 91 41.98 32.79 2.97
C THR C 91 41.14 32.33 1.80
N ALA C 92 40.21 33.17 1.37
CA ALA C 92 39.28 32.81 0.30
C ALA C 92 38.59 34.06 -0.20
N THR C 93 37.98 33.94 -1.39
CA THR C 93 37.18 35.01 -1.96
C THR C 93 35.74 34.80 -1.48
N TYR C 94 35.35 35.52 -0.43
CA TYR C 94 34.04 35.36 0.17
C TYR C 94 32.97 35.99 -0.71
N TYR C 95 32.05 35.17 -1.22
CA TYR C 95 30.97 35.62 -2.07
C TYR C 95 29.69 35.77 -1.25
N CYS C 96 28.89 36.78 -1.59
CA CYS C 96 27.59 37.02 -0.98
C CYS C 96 26.52 36.73 -2.01
N ALA C 97 25.66 35.75 -1.74
CA ALA C 97 24.68 35.30 -2.70
C ALA C 97 23.30 35.25 -2.08
N LYS C 98 22.30 35.50 -2.91
CA LYS C 98 20.90 35.36 -2.52
C LYS C 98 20.48 33.90 -2.60
N ASP C 99 19.49 33.53 -1.81
CA ASP C 99 18.98 32.18 -1.77
C ASP C 99 17.50 32.18 -2.16
N GLU C 100 17.14 31.32 -3.10
CA GLU C 100 15.77 31.18 -3.57
C GLU C 100 15.29 29.76 -3.32
N SER C 101 13.99 29.62 -3.09
CA SER C 101 13.37 28.34 -2.78
C SER C 101 12.19 28.10 -3.71
N PRO C 102 11.81 26.83 -3.91
CA PRO C 102 10.56 26.54 -4.62
C PRO C 102 9.38 27.16 -3.91
N PRO C 103 8.41 27.69 -4.66
CA PRO C 103 7.28 28.39 -4.02
C PRO C 103 6.42 27.49 -3.15
N ILE C 104 6.51 26.16 -3.30
CA ILE C 104 5.75 25.29 -2.43
C ILE C 104 6.27 25.38 -1.00
N TYR C 105 7.55 25.70 -0.83
CA TYR C 105 8.13 25.87 0.49
C TYR C 105 7.99 27.34 0.90
N ASN C 106 8.66 27.73 1.99
CA ASN C 106 8.59 29.07 2.53
C ASN C 106 7.15 29.46 2.85
N LEU C 107 6.62 28.91 3.95
CA LEU C 107 5.24 29.17 4.33
C LEU C 107 5.05 30.60 4.82
N MET C 108 5.82 30.99 5.84
CA MET C 108 5.84 32.39 6.26
C MET C 108 6.90 33.13 5.46
N PRO C 109 6.57 34.28 4.86
CA PRO C 109 7.50 34.89 3.89
C PRO C 109 8.86 35.24 4.45
N GLY C 110 8.94 35.68 5.71
CA GLY C 110 10.20 36.15 6.24
C GLY C 110 11.18 35.07 6.66
N TYR C 111 10.68 33.87 6.95
CA TYR C 111 11.50 32.88 7.64
C TYR C 111 12.33 32.04 6.68
N TYR C 112 13.21 31.23 7.25
CA TYR C 112 14.12 30.37 6.48
C TYR C 112 13.32 29.25 5.82
N SER C 113 13.38 29.19 4.50
CA SER C 113 12.87 28.04 3.76
C SER C 113 14.03 27.05 3.60
N THR C 114 13.89 25.88 4.22
CA THR C 114 15.04 25.00 4.43
C THR C 114 15.79 24.66 3.14
N TYR C 115 15.10 24.65 2.01
CA TYR C 115 15.65 24.16 0.75
C TYR C 115 15.90 25.35 -0.17
N TYR C 116 17.16 25.79 -0.24
CA TYR C 116 17.54 26.98 -0.98
C TYR C 116 18.57 26.65 -2.05
N TYR C 117 18.54 27.43 -3.13
CA TYR C 117 19.55 27.38 -4.18
C TYR C 117 19.94 28.81 -4.52
N MET C 118 21.24 29.03 -4.65
CA MET C 118 21.74 30.38 -4.92
C MET C 118 21.51 30.75 -6.38
N ASP C 119 20.94 31.94 -6.60
CA ASP C 119 20.66 32.43 -7.95
C ASP C 119 21.42 33.69 -8.29
N VAL C 120 21.54 34.63 -7.35
CA VAL C 120 22.21 35.90 -7.58
C VAL C 120 23.50 35.90 -6.77
N TRP C 121 24.64 35.88 -7.46
CA TRP C 121 25.94 35.91 -6.81
C TRP C 121 26.54 37.31 -6.87
N GLY C 122 27.42 37.60 -5.91
CA GLY C 122 28.05 38.90 -5.81
C GLY C 122 29.42 38.94 -6.46
N LYS C 123 29.99 40.14 -6.48
CA LYS C 123 31.31 40.32 -7.07
C LYS C 123 32.41 39.68 -6.22
N GLY C 124 32.20 39.58 -4.92
CA GLY C 124 33.17 38.96 -4.04
C GLY C 124 34.26 39.89 -3.56
N THR C 125 34.67 39.73 -2.31
CA THR C 125 35.75 40.52 -1.72
C THR C 125 36.87 39.57 -1.29
N THR C 126 38.10 39.93 -1.64
CA THR C 126 39.25 39.09 -1.35
C THR C 126 39.69 39.26 0.10
N VAL C 127 39.94 38.15 0.79
CA VAL C 127 40.37 38.13 2.18
C VAL C 127 41.60 37.23 2.28
N THR C 128 42.68 37.76 2.85
CA THR C 128 43.93 37.03 3.00
C THR C 128 44.29 36.97 4.48
N VAL C 129 44.72 35.80 4.94
CA VAL C 129 45.05 35.56 6.35
C VAL C 129 46.45 34.96 6.41
N SER C 130 47.44 35.77 6.80
CA SER C 130 48.81 35.31 7.03
C SER C 130 49.64 36.42 7.68
N SER C 131 50.95 36.38 7.53
CA SER C 131 51.80 37.29 8.31
C SER C 131 52.94 37.85 7.47
N SER C 133 53.43 39.03 7.86
CA SER C 133 54.60 39.69 7.28
C SER C 133 54.40 40.10 5.83
N THR C 134 54.71 41.35 5.49
CA THR C 134 54.50 41.87 4.13
C THR C 134 55.84 42.32 3.56
N LYS C 135 56.51 41.40 2.86
CA LYS C 135 57.86 41.63 2.36
C LYS C 135 57.83 42.19 0.94
N GLY C 136 58.81 43.04 0.64
CA GLY C 136 58.99 43.55 -0.70
C GLY C 136 59.55 42.48 -1.62
N PRO C 137 59.08 42.46 -2.87
CA PRO C 137 59.45 41.37 -3.78
C PRO C 137 60.94 41.38 -4.12
N SER C 138 61.48 40.18 -4.27
CA SER C 138 62.83 39.97 -4.77
C SER C 138 62.71 39.45 -6.19
N VAL C 139 63.17 40.24 -7.16
CA VAL C 139 63.13 39.88 -8.57
C VAL C 139 64.56 39.57 -9.01
N PHE C 140 64.77 38.38 -9.55
CA PHE C 140 66.08 37.97 -10.03
C PHE C 140 66.05 37.86 -11.54
N PRO C 141 66.69 38.76 -12.28
CA PRO C 141 66.61 38.71 -13.75
C PRO C 141 67.35 37.50 -14.28
N LEU C 142 67.01 37.14 -15.53
CA LEU C 142 67.69 36.05 -16.23
C LEU C 142 68.22 36.57 -17.55
N ALA C 143 69.50 36.30 -17.81
CA ALA C 143 70.17 36.64 -19.04
C ALA C 143 70.44 35.38 -19.87
N PRO C 144 70.29 35.45 -21.18
CA PRO C 144 70.58 34.28 -22.01
C PRO C 144 72.07 33.98 -22.04
N SER C 145 72.40 32.70 -22.10
CA SER C 145 73.77 32.24 -22.10
C SER C 145 74.09 31.56 -23.43
N SER C 146 75.23 30.86 -23.47
CA SER C 146 75.70 30.16 -24.66
C SER C 146 75.82 31.09 -25.86
N LYS C 147 74.95 30.93 -26.85
CA LYS C 147 75.02 31.73 -28.07
C LYS C 147 73.59 31.85 -28.62
N SER C 148 72.96 33.00 -28.35
CA SER C 148 71.59 33.28 -28.81
C SER C 148 70.62 32.21 -28.31
N THR C 149 70.84 31.72 -27.10
CA THR C 149 70.01 30.71 -26.46
C THR C 149 69.89 29.45 -27.32
N SER C 150 69.21 29.56 -28.46
CA SER C 150 69.06 28.46 -29.40
C SER C 150 69.63 28.79 -30.77
N GLY C 151 69.20 29.89 -31.38
CA GLY C 151 69.68 30.27 -32.70
C GLY C 151 68.75 31.24 -33.38
N GLY C 152 67.55 30.79 -33.73
CA GLY C 152 66.55 31.65 -34.33
C GLY C 152 65.62 32.32 -33.35
N THR C 153 65.68 31.96 -32.07
CA THR C 153 64.75 32.48 -31.07
C THR C 153 65.46 32.47 -29.72
N ALA C 154 65.51 33.61 -29.05
CA ALA C 154 66.30 33.78 -27.83
C ALA C 154 65.40 34.13 -26.66
N ALA C 155 65.69 33.54 -25.50
CA ALA C 155 64.77 33.58 -24.36
C ALA C 155 65.33 34.43 -23.22
N LEU C 156 64.43 35.12 -22.52
CA LEU C 156 64.76 35.85 -21.31
C LEU C 156 63.80 35.43 -20.20
N GLY C 157 64.25 35.56 -18.95
CA GLY C 157 63.44 35.12 -17.84
C GLY C 157 63.24 36.11 -16.70
N CYS C 158 61.99 36.51 -16.46
CA CYS C 158 61.66 37.37 -15.33
C CYS C 158 60.90 36.56 -14.29
N LEU C 159 61.48 36.44 -13.09
CA LEU C 159 60.85 35.74 -11.98
C LEU C 159 60.90 36.61 -10.75
N VAL C 160 59.94 36.37 -9.84
CA VAL C 160 59.82 37.09 -8.58
C VAL C 160 59.84 36.07 -7.45
N LYS C 161 60.63 36.35 -6.41
CA LYS C 161 60.85 35.38 -5.35
C LYS C 161 60.55 35.99 -3.99
N ASP C 162 59.84 35.22 -3.15
CA ASP C 162 59.57 35.56 -1.75
C ASP C 162 58.97 36.94 -1.60
N TYR C 163 57.82 37.15 -2.24
CA TYR C 163 57.06 38.39 -2.11
C TYR C 163 55.72 38.08 -1.46
N PHE C 164 55.36 38.87 -0.44
CA PHE C 164 54.11 38.65 0.25
C PHE C 164 53.35 39.92 0.55
N PRO C 165 52.02 39.89 0.35
CA PRO C 165 51.36 38.71 -0.21
C PRO C 165 51.19 38.81 -1.72
N GLU C 166 50.13 38.19 -2.21
CA GLU C 166 49.80 38.22 -3.62
C GLU C 166 48.89 39.41 -3.91
N PRO C 167 48.86 39.86 -5.17
CA PRO C 167 49.65 39.37 -6.31
C PRO C 167 50.69 40.36 -6.79
N VAL C 168 51.39 40.02 -7.87
CA VAL C 168 52.21 40.97 -8.58
C VAL C 168 51.47 41.38 -9.86
N THR C 169 51.92 42.48 -10.47
CA THR C 169 51.46 42.91 -11.78
C THR C 169 52.71 43.04 -12.63
N VAL C 170 52.99 42.01 -13.44
CA VAL C 170 54.21 41.99 -14.25
C VAL C 170 53.86 42.41 -15.67
N SER C 171 54.81 43.07 -16.32
CA SER C 171 54.64 43.55 -17.69
C SER C 171 56.02 43.83 -18.26
N TRP C 172 56.07 43.90 -19.59
CA TRP C 172 57.32 44.12 -20.31
C TRP C 172 57.23 45.40 -21.14
N ASN C 173 58.19 46.30 -20.94
CA ASN C 173 58.26 47.57 -21.67
C ASN C 173 56.97 48.37 -21.52
N SER C 174 56.50 48.49 -20.27
CA SER C 174 55.30 49.25 -19.93
C SER C 174 54.07 48.73 -20.66
N GLY C 175 54.04 47.44 -20.99
CA GLY C 175 52.92 46.82 -21.66
C GLY C 175 53.02 46.77 -23.17
N ALA C 176 54.12 47.26 -23.74
CA ALA C 176 54.21 47.26 -25.20
C ALA C 176 54.56 45.90 -25.73
N LEU C 177 55.17 45.06 -24.90
CA LEU C 177 55.58 43.71 -25.29
C LEU C 177 54.59 42.72 -24.71
N THR C 178 53.77 42.12 -25.57
CA THR C 178 52.73 41.19 -25.11
C THR C 178 52.67 39.88 -25.89
N SER C 179 53.44 39.69 -26.97
CA SER C 179 53.23 38.53 -27.82
C SER C 179 53.78 37.27 -27.15
N GLY C 180 52.94 36.24 -27.02
CA GLY C 180 53.38 34.97 -26.48
C GLY C 180 53.56 34.92 -24.98
N VAL C 181 53.25 36.00 -24.27
CA VAL C 181 53.58 36.13 -22.86
C VAL C 181 52.56 35.35 -22.02
N HIS C 182 53.05 34.70 -20.96
CA HIS C 182 52.18 33.98 -20.04
C HIS C 182 52.77 34.00 -18.65
N THR C 183 51.90 34.04 -17.65
CA THR C 183 52.30 34.06 -16.24
C THR C 183 51.63 32.92 -15.49
N PHE C 184 52.24 32.56 -14.34
CA PHE C 184 51.91 31.37 -13.58
C PHE C 184 51.24 31.77 -12.26
N PRO C 185 50.82 30.80 -11.41
CA PRO C 185 50.26 31.19 -10.09
C PRO C 185 51.20 30.94 -8.92
N ALA C 186 51.89 31.98 -8.46
CA ALA C 186 52.82 31.88 -7.34
C ALA C 186 52.15 31.25 -6.12
N VAL C 187 52.77 30.20 -5.58
CA VAL C 187 52.24 29.47 -4.43
C VAL C 187 53.13 29.75 -3.23
N LEU C 188 52.52 29.87 -2.05
CA LEU C 188 53.28 30.15 -0.84
C LEU C 188 54.26 29.03 -0.53
N GLN C 189 55.46 29.41 -0.10
CA GLN C 189 56.48 28.45 0.28
C GLN C 189 56.28 28.03 1.72
N SER C 190 57.22 27.23 2.24
CA SER C 190 57.21 26.89 3.65
C SER C 190 57.33 28.15 4.51
N SER C 191 58.01 29.17 4.00
CA SER C 191 58.06 30.46 4.69
C SER C 191 56.71 31.15 4.69
N GLY C 192 55.87 30.87 3.71
CA GLY C 192 54.54 31.45 3.66
C GLY C 192 54.36 32.60 2.70
N LEU C 193 55.37 32.92 1.89
CA LEU C 193 55.27 33.99 0.91
C LEU C 193 55.35 33.43 -0.50
N TYR C 194 54.55 34.01 -1.40
CA TYR C 194 54.47 33.49 -2.77
C TYR C 194 55.71 33.89 -3.56
N SER C 195 55.82 33.29 -4.76
CA SER C 195 56.95 33.56 -5.65
C SER C 195 56.66 33.09 -7.07
N LEU C 196 56.95 33.91 -8.08
CA LEU C 196 56.44 33.64 -9.42
C LEU C 196 57.52 33.79 -10.48
N SER C 197 57.37 33.04 -11.57
CA SER C 197 58.19 33.21 -12.77
C SER C 197 57.26 33.24 -13.98
N SER C 198 57.60 34.07 -14.97
CA SER C 198 56.79 34.21 -16.17
C SER C 198 57.69 34.60 -17.33
N VAL C 199 57.64 33.84 -18.42
CA VAL C 199 58.70 33.84 -19.42
C VAL C 199 58.14 33.58 -20.83
N VAL C 200 58.92 33.98 -21.84
CA VAL C 200 58.62 33.75 -23.25
C VAL C 200 59.89 33.98 -24.06
N THR C 201 59.86 33.70 -25.37
CA THR C 201 61.05 33.66 -26.20
C THR C 201 60.78 34.36 -27.52
N VAL C 202 61.55 35.42 -27.79
CA VAL C 202 61.41 36.27 -28.97
C VAL C 202 62.58 35.98 -29.89
N PRO C 203 62.52 36.32 -31.19
CA PRO C 203 63.69 36.17 -32.05
C PRO C 203 64.94 36.84 -31.49
N SER C 204 66.09 36.27 -31.85
CA SER C 204 67.39 36.77 -31.41
C SER C 204 67.85 37.99 -32.18
N SER C 205 67.14 38.39 -33.24
CA SER C 205 67.52 39.57 -34.00
C SER C 205 67.34 40.85 -33.20
N SER C 206 66.60 40.81 -32.10
CA SER C 206 66.36 41.97 -31.24
C SER C 206 67.11 41.86 -29.91
N LEU C 207 68.20 41.11 -29.90
CA LEU C 207 68.97 40.93 -28.67
C LEU C 207 69.74 42.20 -28.29
N GLY C 208 70.17 42.98 -29.28
CA GLY C 208 70.95 44.16 -28.98
C GLY C 208 70.28 45.46 -29.37
N THR C 209 69.39 45.42 -30.35
CA THR C 209 68.73 46.63 -30.83
C THR C 209 67.59 47.09 -29.95
N GLN C 210 67.15 46.27 -28.99
CA GLN C 210 66.04 46.61 -28.12
C GLN C 210 66.43 46.36 -26.66
N THR C 211 66.04 47.30 -25.79
CA THR C 211 66.31 47.20 -24.36
C THR C 211 65.00 46.79 -23.67
N TYR C 212 64.99 45.57 -23.12
CA TYR C 212 63.81 45.02 -22.49
C TYR C 212 63.80 45.29 -20.98
N ILE C 213 62.65 45.71 -20.47
CA ILE C 213 62.48 46.06 -19.07
C ILE C 213 61.23 45.34 -18.56
N CYS C 214 61.35 44.65 -17.43
CA CYS C 214 60.16 44.13 -16.77
C CYS C 214 59.48 45.24 -15.98
N ASN C 215 58.21 45.00 -15.65
CA ASN C 215 57.40 45.94 -14.89
C ASN C 215 56.74 45.25 -13.71
N VAL C 216 57.54 44.61 -12.86
CA VAL C 216 57.01 43.94 -11.68
C VAL C 216 56.38 44.96 -10.77
N ASN C 217 55.09 44.77 -10.46
CA ASN C 217 54.34 45.68 -9.58
C ASN C 217 53.69 44.87 -8.47
N HIS C 218 53.97 45.24 -7.22
CA HIS C 218 53.42 44.56 -6.05
C HIS C 218 52.86 45.61 -5.10
N LYS C 219 51.55 45.84 -5.18
CA LYS C 219 50.86 46.87 -4.41
C LYS C 219 50.77 46.59 -2.90
N PRO C 220 50.56 45.33 -2.44
CA PRO C 220 50.49 45.08 -0.99
C PRO C 220 51.65 45.69 -0.21
N SER C 221 52.88 45.22 -0.46
CA SER C 221 54.05 45.90 0.09
C SER C 221 54.43 47.13 -0.71
N ASN C 222 53.68 47.45 -1.77
CA ASN C 222 53.85 48.67 -2.56
C ASN C 222 55.30 48.82 -3.06
N THR C 223 55.74 47.82 -3.81
CA THR C 223 57.06 47.84 -4.44
C THR C 223 56.89 47.43 -5.89
N LYS C 224 57.29 48.31 -6.80
CA LYS C 224 57.07 48.11 -8.23
C LYS C 224 58.40 48.35 -8.96
N VAL C 225 59.23 47.32 -9.03
CA VAL C 225 60.55 47.42 -9.63
C VAL C 225 60.45 47.32 -11.14
N ASP C 226 61.34 48.03 -11.84
CA ASP C 226 61.46 47.98 -13.30
C ASP C 226 62.91 47.65 -13.61
N LYS C 227 63.22 46.36 -13.72
CA LYS C 227 64.59 45.90 -13.90
C LYS C 227 64.93 45.76 -15.38
N LYS C 228 66.17 46.09 -15.72
CA LYS C 228 66.67 45.96 -17.08
C LYS C 228 67.23 44.57 -17.31
N VAL C 229 66.88 43.98 -18.45
CA VAL C 229 67.31 42.63 -18.81
C VAL C 229 68.25 42.75 -20.00
N GLU C 230 69.52 42.38 -19.79
CA GLU C 230 70.54 42.39 -20.81
C GLU C 230 71.25 41.04 -20.83
N PRO C 231 71.78 40.64 -21.98
CA PRO C 231 72.47 39.34 -22.07
C PRO C 231 73.69 39.29 -21.15
N LYS C 232 74.04 38.06 -20.77
CA LYS C 232 75.13 37.84 -19.82
C LYS C 232 76.46 38.27 -20.43
N SER C 233 77.13 39.23 -19.80
CA SER C 233 78.39 39.75 -20.29
C SER C 233 79.50 38.78 -19.90
N CYS C 234 79.98 38.01 -20.87
CA CYS C 234 81.11 37.11 -20.63
C CYS C 234 82.39 37.66 -21.27
N GLU D 1 28.66 17.71 5.85
CA GLU D 1 28.50 16.40 6.48
C GLU D 1 27.78 15.47 5.52
N ILE D 2 27.55 15.95 4.30
CA ILE D 2 26.96 15.14 3.24
C ILE D 2 27.83 15.36 1.99
N VAL D 3 28.83 14.50 1.80
CA VAL D 3 29.86 14.77 0.82
C VAL D 3 29.30 14.62 -0.59
N MET D 4 29.85 15.42 -1.51
CA MET D 4 29.49 15.38 -2.92
C MET D 4 30.74 15.07 -3.74
N THR D 5 30.58 14.19 -4.72
CA THR D 5 31.70 13.77 -5.56
C THR D 5 31.29 13.91 -7.02
N GLN D 6 31.98 14.78 -7.75
CA GLN D 6 31.75 14.98 -9.17
C GLN D 6 32.75 14.16 -9.98
N SER D 7 32.29 13.60 -11.08
CA SER D 7 33.14 12.78 -11.93
C SER D 7 32.94 13.13 -13.41
N PRO D 8 34.05 13.28 -14.15
CA PRO D 8 35.41 13.21 -13.61
C PRO D 8 35.89 14.57 -13.10
N VAL D 9 37.15 14.64 -12.70
CA VAL D 9 37.72 15.92 -12.28
C VAL D 9 37.79 16.88 -13.44
N THR D 10 38.06 16.38 -14.65
CA THR D 10 38.11 17.21 -15.84
C THR D 10 37.84 16.32 -17.05
N LEU D 11 37.05 16.83 -17.99
CA LEU D 11 36.65 16.08 -19.17
C LEU D 11 36.93 16.89 -20.43
N SER D 12 37.38 16.21 -21.47
CA SER D 12 37.66 16.84 -22.76
C SER D 12 36.53 16.50 -23.73
N VAL D 13 35.90 17.53 -24.28
CA VAL D 13 34.78 17.38 -25.19
C VAL D 13 34.93 18.38 -26.34
N SER D 14 34.91 17.88 -27.57
CA SER D 14 35.00 18.74 -28.73
C SER D 14 33.80 19.68 -28.79
N PRO D 15 33.95 20.86 -29.42
CA PRO D 15 32.84 21.81 -29.45
C PRO D 15 31.71 21.31 -30.34
N GLY D 16 30.50 21.28 -29.77
CA GLY D 16 29.32 20.78 -30.44
C GLY D 16 28.83 19.46 -29.88
N GLU D 17 29.74 18.61 -29.41
CA GLU D 17 29.35 17.35 -28.79
C GLU D 17 28.68 17.59 -27.44
N THR D 18 27.95 16.59 -26.99
CA THR D 18 27.26 16.67 -25.71
C THR D 18 28.18 16.17 -24.60
N ALA D 19 28.32 16.98 -23.55
CA ALA D 19 29.21 16.68 -22.42
C ALA D 19 28.36 16.33 -21.21
N THR D 20 28.38 15.07 -20.82
CA THR D 20 27.63 14.60 -19.67
C THR D 20 28.52 14.60 -18.44
N LEU D 21 28.04 15.24 -17.37
CA LEU D 21 28.76 15.35 -16.12
C LEU D 21 28.06 14.50 -15.05
N SER D 22 28.82 14.12 -14.03
CA SER D 22 28.32 13.29 -12.95
C SER D 22 28.42 14.03 -11.62
N CYS D 23 27.42 13.82 -10.75
CA CYS D 23 27.38 14.45 -9.42
C CYS D 23 26.84 13.38 -8.46
N ARG D 24 27.70 12.42 -8.12
CA ARG D 24 27.31 11.39 -7.17
C ARG D 24 27.25 11.95 -5.76
N ALA D 25 26.20 11.60 -5.03
CA ALA D 25 25.93 12.17 -3.71
C ALA D 25 25.69 11.05 -2.71
N SER D 26 26.46 11.04 -1.63
CA SER D 26 26.19 10.13 -0.53
C SER D 26 24.88 10.51 0.16
N GLN D 27 24.09 9.49 0.49
CA GLN D 27 22.78 9.67 1.12
C GLN D 27 21.77 10.32 0.16
N SER D 28 20.48 10.10 0.41
CA SER D 28 19.46 10.51 -0.55
C SER D 28 19.31 12.03 -0.56
N VAL D 29 18.99 12.55 -1.75
CA VAL D 29 18.72 13.97 -1.95
C VAL D 29 17.97 14.13 -3.26
N ARG D 30 16.78 14.72 -3.21
CA ARG D 30 15.92 14.75 -4.40
C ARG D 30 15.43 16.16 -4.74
N SER D 31 14.87 16.85 -3.75
CA SER D 31 14.15 18.09 -4.00
C SER D 31 15.07 19.24 -4.41
N ASN D 32 16.37 19.12 -4.19
CA ASN D 32 17.26 20.25 -4.46
C ASN D 32 18.60 19.73 -4.96
N LEU D 33 18.98 20.17 -6.15
CA LEU D 33 20.34 19.96 -6.66
C LEU D 33 20.58 21.06 -7.69
N ALA D 34 21.36 22.07 -7.33
CA ALA D 34 21.60 23.22 -8.19
C ALA D 34 22.93 23.06 -8.92
N TRP D 35 22.90 23.31 -10.22
CA TRP D 35 24.11 23.32 -11.04
C TRP D 35 24.56 24.76 -11.26
N TYR D 36 25.88 24.95 -11.27
CA TYR D 36 26.45 26.28 -11.41
C TYR D 36 27.54 26.27 -12.50
N GLN D 37 27.69 27.41 -13.16
CA GLN D 37 28.70 27.62 -14.20
C GLN D 37 29.56 28.81 -13.78
N GLN D 38 30.71 28.52 -13.16
CA GLN D 38 31.63 29.55 -12.71
C GLN D 38 32.77 29.67 -13.72
N LYS D 39 32.72 30.72 -14.52
CA LYS D 39 33.82 30.99 -15.43
C LYS D 39 35.00 31.56 -14.65
N PRO D 40 36.24 31.27 -15.09
CA PRO D 40 37.41 31.76 -14.35
C PRO D 40 37.41 33.27 -14.21
N GLY D 41 37.70 33.74 -13.01
CA GLY D 41 37.70 35.18 -12.75
C GLY D 41 36.32 35.79 -12.60
N GLN D 42 35.30 34.97 -12.37
CA GLN D 42 33.93 35.45 -12.20
C GLN D 42 33.26 34.67 -11.09
N ALA D 43 32.09 35.16 -10.68
CA ALA D 43 31.28 34.48 -9.70
C ALA D 43 30.46 33.36 -10.35
N PRO D 44 30.07 32.35 -9.58
CA PRO D 44 29.22 31.28 -10.14
C PRO D 44 27.88 31.83 -10.62
N ARG D 45 27.31 31.14 -11.60
CA ARG D 45 26.01 31.52 -12.16
C ARG D 45 25.10 30.30 -12.13
N LEU D 46 23.87 30.51 -11.66
CA LEU D 46 22.94 29.39 -11.51
C LEU D 46 22.47 28.90 -12.87
N LEU D 47 22.46 27.58 -13.05
CA LEU D 47 22.00 26.95 -14.28
C LEU D 47 20.70 26.19 -14.07
N ILE D 48 20.73 25.14 -13.24
CA ILE D 48 19.58 24.31 -12.96
C ILE D 48 19.39 24.27 -11.45
N TYR D 49 18.14 24.15 -11.01
CA TYR D 49 17.83 23.97 -9.60
C TYR D 49 16.82 22.84 -9.45
N GLY D 50 16.75 22.30 -8.22
CA GLY D 50 15.90 21.16 -7.94
C GLY D 50 16.49 19.87 -8.45
N ALA D 51 16.42 19.67 -9.77
CA ALA D 51 17.01 18.50 -10.41
C ALA D 51 17.08 18.70 -11.92
N SER D 52 15.97 19.16 -12.50
CA SER D 52 15.88 19.40 -13.94
C SER D 52 15.42 20.80 -14.30
N THR D 53 14.75 21.52 -13.41
CA THR D 53 14.26 22.86 -13.73
C THR D 53 15.42 23.83 -13.88
N ARG D 54 15.59 24.38 -15.07
CA ARG D 54 16.69 25.29 -15.34
C ARG D 54 16.35 26.71 -14.89
N ALA D 55 17.40 27.51 -14.72
CA ALA D 55 17.23 28.88 -14.23
C ALA D 55 16.63 29.76 -15.33
N THR D 56 16.33 31.00 -14.94
CA THR D 56 15.70 31.93 -15.87
C THR D 56 16.69 32.38 -16.93
N ASP D 57 16.18 32.51 -18.16
CA ASP D 57 16.94 32.98 -19.34
C ASP D 57 18.34 32.37 -19.41
N ILE D 58 18.38 31.04 -19.36
CA ILE D 58 19.61 30.30 -19.65
C ILE D 58 19.35 29.42 -20.85
N PRO D 59 20.37 29.08 -21.65
CA PRO D 59 20.11 28.34 -22.89
C PRO D 59 19.50 26.97 -22.62
N ALA D 60 18.70 26.52 -23.59
CA ALA D 60 18.02 25.23 -23.46
C ALA D 60 18.96 24.04 -23.65
N ARG D 61 20.19 24.28 -24.09
CA ARG D 61 21.15 23.18 -24.27
C ARG D 61 21.61 22.60 -22.94
N PHE D 62 21.43 23.34 -21.85
CA PHE D 62 21.77 22.83 -20.51
C PHE D 62 20.63 21.96 -20.00
N SER D 63 20.90 20.67 -19.82
CA SER D 63 19.90 19.72 -19.37
C SER D 63 20.33 19.11 -18.03
N GLY D 64 19.35 18.85 -17.18
CA GLY D 64 19.62 18.28 -15.88
C GLY D 64 18.67 17.14 -15.58
N SER D 65 19.16 16.19 -14.79
CA SER D 65 18.41 15.00 -14.41
C SER D 65 19.11 14.32 -13.24
N GLY D 66 18.44 13.33 -12.68
CA GLY D 66 19.02 12.54 -11.60
C GLY D 66 17.98 12.09 -10.60
N SER D 67 18.24 10.93 -9.99
CA SER D 67 17.37 10.41 -8.94
C SER D 67 17.85 10.90 -7.58
N GLY D 68 17.77 10.04 -6.56
CA GLY D 68 18.21 10.40 -5.24
C GLY D 68 19.70 10.48 -5.03
N THR D 69 20.43 9.46 -5.53
CA THR D 69 21.87 9.34 -5.31
C THR D 69 22.71 9.80 -6.50
N GLU D 70 22.29 9.48 -7.72
CA GLU D 70 23.03 9.78 -8.92
C GLU D 70 22.41 10.94 -9.67
N PHE D 71 23.23 11.91 -10.06
CA PHE D 71 22.78 13.08 -10.82
C PHE D 71 23.68 13.28 -12.03
N THR D 72 23.11 13.84 -13.09
CA THR D 72 23.83 14.07 -14.34
C THR D 72 23.54 15.46 -14.86
N LEU D 73 24.47 15.98 -15.66
CA LEU D 73 24.34 17.28 -16.31
C LEU D 73 24.91 17.17 -17.71
N SER D 74 24.06 17.38 -18.72
CA SER D 74 24.45 17.25 -20.12
C SER D 74 24.30 18.59 -20.82
N ILE D 75 25.37 19.03 -21.49
CA ILE D 75 25.38 20.25 -22.27
C ILE D 75 25.21 19.84 -23.73
N SER D 76 24.04 20.11 -24.32
CA SER D 76 23.72 19.67 -25.67
C SER D 76 24.71 20.20 -26.69
N SER D 77 24.54 21.44 -27.12
CA SER D 77 25.44 22.06 -28.09
C SER D 77 26.49 22.87 -27.33
N LEU D 78 27.73 22.40 -27.36
CA LEU D 78 28.82 23.00 -26.62
C LEU D 78 29.41 24.18 -27.40
N GLN D 79 29.73 25.25 -26.68
CA GLN D 79 30.33 26.44 -27.26
C GLN D 79 31.72 26.66 -26.67
N SER D 80 32.53 27.45 -27.37
CA SER D 80 33.89 27.70 -26.94
C SER D 80 33.96 28.47 -25.63
N ASP D 81 32.91 29.22 -25.28
CA ASP D 81 32.88 29.97 -24.03
C ASP D 81 32.44 29.13 -22.85
N ASP D 82 32.16 27.84 -23.05
CA ASP D 82 31.73 26.95 -21.97
C ASP D 82 32.91 26.30 -21.25
N PHE D 83 34.08 26.93 -21.27
CA PHE D 83 35.28 26.41 -20.62
C PHE D 83 35.24 26.57 -19.10
N ALA D 84 34.07 26.83 -18.53
CA ALA D 84 33.96 27.12 -17.11
C ALA D 84 34.01 25.82 -16.29
N VAL D 85 34.09 26.00 -14.98
CA VAL D 85 34.03 24.90 -14.02
C VAL D 85 32.61 24.79 -13.51
N TYR D 86 32.11 23.57 -13.38
CA TYR D 86 30.73 23.31 -12.99
C TYR D 86 30.69 22.68 -11.60
N TYR D 87 29.72 23.11 -10.80
CA TYR D 87 29.55 22.63 -9.43
C TYR D 87 28.11 22.20 -9.23
N CYS D 88 27.90 21.36 -8.22
CA CYS D 88 26.57 20.90 -7.85
C CYS D 88 26.41 20.90 -6.33
N GLN D 89 25.37 21.56 -5.85
CA GLN D 89 25.00 21.57 -4.44
C GLN D 89 23.75 20.71 -4.24
N GLN D 90 23.27 20.68 -3.00
CA GLN D 90 22.20 19.76 -2.63
C GLN D 90 21.57 20.23 -1.32
N TYR D 91 20.71 19.41 -0.75
CA TYR D 91 20.00 19.72 0.48
C TYR D 91 19.82 18.47 1.36
N ASN D 92 19.86 18.61 2.68
CA ASN D 92 20.28 19.83 3.37
C ASN D 92 20.84 19.44 4.72
N HIS D 93 19.99 18.81 5.55
CA HIS D 93 20.27 18.59 6.97
C HIS D 93 20.90 19.84 7.58
N TRP D 94 20.26 20.97 7.31
CA TRP D 94 20.63 22.33 7.68
C TRP D 94 21.95 22.81 7.07
N LEU D 95 22.73 21.93 6.44
CA LEU D 95 24.05 22.28 5.93
C LEU D 95 24.14 22.03 4.44
N ARG D 96 24.32 23.09 3.67
CA ARG D 96 24.53 22.99 2.23
C ARG D 96 26.00 22.71 1.94
N THR D 97 26.27 21.71 1.11
CA THR D 97 27.62 21.40 0.67
C THR D 97 27.69 21.50 -0.85
N PHE D 98 28.88 21.85 -1.34
CA PHE D 98 29.14 21.96 -2.77
C PHE D 98 29.88 20.74 -3.27
N GLY D 99 29.93 20.60 -4.59
CA GLY D 99 30.70 19.54 -5.20
C GLY D 99 32.17 19.90 -5.33
N GLN D 100 32.95 18.92 -5.78
CA GLN D 100 34.38 19.16 -5.99
C GLN D 100 34.60 20.09 -7.18
N GLY D 101 33.83 19.93 -8.25
CA GLY D 101 34.05 20.71 -9.45
C GLY D 101 34.47 19.89 -10.65
N THR D 102 33.93 20.21 -11.83
CA THR D 102 34.25 19.48 -13.06
C THR D 102 34.72 20.49 -14.10
N LYS D 103 36.02 20.50 -14.36
CA LYS D 103 36.58 21.36 -15.38
C LYS D 103 36.22 20.82 -16.77
N LEU D 104 35.84 21.73 -17.67
CA LEU D 104 35.41 21.37 -19.01
C LEU D 104 36.52 21.71 -20.00
N GLU D 105 37.18 20.68 -20.52
CA GLU D 105 38.16 20.86 -21.57
C GLU D 105 37.51 20.72 -22.94
N ILE D 106 38.13 21.35 -23.93
CA ILE D 106 37.66 21.31 -25.31
C ILE D 106 38.84 20.87 -26.18
N LYS D 107 38.57 19.91 -27.07
CA LYS D 107 39.61 19.29 -27.91
C LYS D 107 40.69 18.64 -27.04
N THR D 109 48.06 16.49 -31.29
CA THR D 109 49.48 16.62 -31.57
C THR D 109 50.28 16.83 -30.30
N VAL D 110 51.25 15.95 -30.05
CA VAL D 110 52.12 16.05 -28.88
C VAL D 110 53.26 17.02 -29.20
N ALA D 111 53.34 18.11 -28.45
CA ALA D 111 54.33 19.14 -28.67
C ALA D 111 55.62 18.84 -27.89
N ALA D 112 56.74 19.22 -28.48
CA ALA D 112 58.06 18.99 -27.86
C ALA D 112 58.42 20.16 -26.96
N PRO D 113 58.90 19.91 -25.74
CA PRO D 113 59.25 21.01 -24.83
C PRO D 113 60.55 21.68 -25.27
N SER D 114 60.46 22.99 -25.53
CA SER D 114 61.64 23.78 -25.85
C SER D 114 62.35 24.13 -24.55
N VAL D 115 63.38 23.36 -24.22
CA VAL D 115 64.10 23.55 -22.96
C VAL D 115 65.02 24.75 -23.07
N PHE D 116 65.06 25.56 -22.02
CA PHE D 116 65.94 26.71 -21.94
C PHE D 116 66.52 26.80 -20.55
N ILE D 117 67.84 26.94 -20.44
CA ILE D 117 68.49 27.10 -19.16
C ILE D 117 68.73 28.59 -18.91
N PHE D 118 68.93 28.93 -17.65
CA PHE D 118 69.14 30.32 -17.26
C PHE D 118 70.07 30.40 -16.03
N PRO D 119 71.31 30.86 -16.19
CA PRO D 119 72.20 30.93 -15.04
C PRO D 119 71.79 32.03 -14.09
N PRO D 120 72.13 31.93 -12.81
CA PRO D 120 71.79 33.00 -11.86
C PRO D 120 72.51 34.29 -12.19
N SER D 121 71.77 35.40 -12.09
CA SER D 121 72.35 36.70 -12.40
C SER D 121 73.34 37.13 -11.34
N ASP D 122 74.19 38.09 -11.70
CA ASP D 122 75.20 38.59 -10.75
C ASP D 122 74.55 39.25 -9.55
N GLU D 123 73.39 39.91 -9.73
CA GLU D 123 72.70 40.52 -8.61
C GLU D 123 72.21 39.46 -7.62
N GLN D 124 71.81 38.30 -8.14
CA GLN D 124 71.37 37.22 -7.26
C GLN D 124 72.56 36.52 -6.61
N LEU D 125 73.68 36.45 -7.32
CA LEU D 125 74.88 35.83 -6.76
C LEU D 125 75.40 36.62 -5.56
N LYS D 126 75.34 37.96 -5.63
CA LYS D 126 75.81 38.80 -4.54
C LYS D 126 74.86 38.79 -3.34
N SER D 127 73.61 38.38 -3.53
CA SER D 127 72.65 38.37 -2.42
C SER D 127 73.00 37.29 -1.41
N GLY D 128 73.49 36.14 -1.87
CA GLY D 128 73.83 35.03 -1.00
C GLY D 128 73.14 33.74 -1.34
N THR D 129 72.17 33.74 -2.26
CA THR D 129 71.46 32.52 -2.66
C THR D 129 71.25 32.57 -4.16
N ALA D 130 71.93 31.71 -4.89
CA ALA D 130 71.83 31.64 -6.34
C ALA D 130 70.87 30.51 -6.72
N SER D 131 69.82 30.84 -7.48
CA SER D 131 68.83 29.87 -7.92
C SER D 131 68.87 29.77 -9.43
N VAL D 132 69.07 28.56 -9.94
CA VAL D 132 69.14 28.31 -11.37
C VAL D 132 67.75 27.96 -11.88
N VAL D 133 67.39 28.50 -13.04
CA VAL D 133 66.06 28.37 -13.60
C VAL D 133 66.14 27.66 -14.94
N CYS D 134 65.24 26.70 -15.17
CA CYS D 134 65.13 26.00 -16.45
C CYS D 134 63.70 26.13 -16.95
N LEU D 135 63.57 26.50 -18.23
CA LEU D 135 62.27 26.77 -18.84
C LEU D 135 61.93 25.69 -19.85
N LEU D 136 60.66 25.29 -19.87
CA LEU D 136 60.10 24.37 -20.86
C LEU D 136 58.96 25.09 -21.56
N ASN D 137 59.29 25.88 -22.58
CA ASN D 137 58.31 26.71 -23.25
C ASN D 137 57.58 25.93 -24.34
N ASN D 138 56.24 25.97 -24.30
CA ASN D 138 55.37 25.36 -25.29
C ASN D 138 55.54 23.84 -25.37
N PHE D 139 54.64 23.10 -24.72
CA PHE D 139 54.68 21.65 -24.77
C PHE D 139 53.35 21.09 -24.32
N TYR D 140 53.00 19.93 -24.89
CA TYR D 140 51.82 19.17 -24.47
C TYR D 140 52.17 17.68 -24.49
N PRO D 141 51.69 16.92 -23.50
CA PRO D 141 50.80 17.31 -22.41
C PRO D 141 51.50 17.97 -21.22
N ARG D 142 50.72 18.27 -20.18
CA ARG D 142 51.26 18.92 -18.98
C ARG D 142 52.28 18.03 -18.27
N GLU D 143 52.16 16.71 -18.42
CA GLU D 143 53.07 15.79 -17.76
C GLU D 143 54.48 15.97 -18.28
N ALA D 144 55.41 16.33 -17.39
CA ALA D 144 56.81 16.54 -17.76
C ALA D 144 57.67 16.23 -16.55
N LYS D 145 58.47 15.18 -16.64
CA LYS D 145 59.37 14.79 -15.55
C LYS D 145 60.66 15.59 -15.66
N VAL D 146 60.83 16.56 -14.75
CA VAL D 146 61.98 17.45 -14.75
C VAL D 146 62.89 17.05 -13.60
N GLN D 147 64.19 16.92 -13.88
CA GLN D 147 65.18 16.52 -12.90
C GLN D 147 66.38 17.45 -12.98
N TRP D 148 66.94 17.80 -11.83
CA TRP D 148 68.11 18.65 -11.74
C TRP D 148 69.35 17.82 -11.48
N LYS D 149 70.39 18.04 -12.28
CA LYS D 149 71.65 17.30 -12.17
C LYS D 149 72.78 18.31 -12.08
N VAL D 150 73.40 18.41 -10.90
CA VAL D 150 74.37 19.45 -10.58
C VAL D 150 75.71 18.79 -10.30
N ASP D 151 76.76 19.28 -10.98
CA ASP D 151 78.02 18.55 -11.07
C ASP D 151 77.73 17.08 -11.33
N ASN D 152 76.79 16.83 -12.25
CA ASN D 152 76.28 15.51 -12.59
C ASN D 152 75.39 14.94 -11.49
N ALA D 153 75.59 15.36 -10.24
CA ALA D 153 74.80 14.81 -9.14
C ALA D 153 73.33 15.24 -9.22
N LEU D 154 72.43 14.27 -9.05
CA LEU D 154 71.01 14.56 -8.96
C LEU D 154 70.69 15.29 -7.66
N GLN D 155 69.86 16.34 -7.77
CA GLN D 155 69.52 17.19 -6.64
C GLN D 155 68.01 17.19 -6.46
N SER D 156 67.55 16.82 -5.27
CA SER D 156 66.14 16.81 -4.92
C SER D 156 65.96 17.50 -3.57
N GLY D 157 64.73 17.95 -3.32
CA GLY D 157 64.43 18.69 -2.12
C GLY D 157 64.77 20.17 -2.18
N ASN D 158 65.32 20.64 -3.31
CA ASN D 158 65.67 22.04 -3.48
C ASN D 158 65.03 22.64 -4.73
N SER D 159 64.08 21.94 -5.34
CA SER D 159 63.48 22.36 -6.60
C SER D 159 61.97 22.55 -6.44
N GLN D 160 61.42 23.48 -7.21
CA GLN D 160 60.00 23.78 -7.18
C GLN D 160 59.49 23.87 -8.61
N GLU D 161 58.41 23.15 -8.89
CA GLU D 161 57.82 23.08 -10.22
C GLU D 161 56.68 24.09 -10.35
N SER D 162 56.75 24.93 -11.37
CA SER D 162 55.72 25.93 -11.65
C SER D 162 55.19 25.69 -13.05
N VAL D 163 53.90 25.41 -13.16
CA VAL D 163 53.26 25.06 -14.43
C VAL D 163 52.15 26.06 -14.72
N THR D 164 52.06 26.48 -15.97
CA THR D 164 51.03 27.41 -16.40
C THR D 164 49.73 26.65 -16.70
N GLU D 165 48.66 27.43 -16.88
CA GLU D 165 47.45 26.88 -17.47
C GLU D 165 47.64 26.71 -18.97
N GLN D 166 46.76 25.91 -19.57
CA GLN D 166 46.85 25.69 -21.01
C GLN D 166 46.58 26.99 -21.77
N ASP D 167 47.26 27.15 -22.90
CA ASP D 167 47.14 28.37 -23.68
C ASP D 167 45.81 28.40 -24.43
N SER D 168 45.33 29.62 -24.68
CA SER D 168 44.03 29.79 -25.33
C SER D 168 44.10 29.62 -26.84
N LYS D 169 45.30 29.67 -27.44
CA LYS D 169 45.44 29.55 -28.89
C LYS D 169 46.20 28.29 -29.26
N ASP D 170 47.51 28.22 -29.01
CA ASP D 170 48.29 27.05 -29.38
C ASP D 170 48.12 25.88 -28.42
N SER D 171 47.47 26.10 -27.27
CA SER D 171 47.11 25.04 -26.34
C SER D 171 48.33 24.26 -25.87
N THR D 172 49.41 24.97 -25.56
CA THR D 172 50.63 24.36 -25.06
C THR D 172 50.98 24.93 -23.70
N TYR D 173 51.42 24.05 -22.80
CA TYR D 173 51.78 24.47 -21.46
C TYR D 173 53.21 25.02 -21.44
N SER D 174 53.59 25.55 -20.28
CA SER D 174 54.95 26.01 -20.03
C SER D 174 55.33 25.66 -18.61
N LEU D 175 56.58 25.23 -18.42
CA LEU D 175 57.06 24.80 -17.12
C LEU D 175 58.36 25.50 -16.79
N SER D 176 58.55 25.81 -15.51
CA SER D 176 59.77 26.44 -15.02
C SER D 176 60.12 25.85 -13.66
N SER D 177 61.38 25.46 -13.50
CA SER D 177 61.89 24.92 -12.26
C SER D 177 63.01 25.83 -11.74
N THR D 178 62.97 26.13 -10.45
CA THR D 178 63.93 27.03 -9.82
C THR D 178 64.66 26.27 -8.72
N LEU D 179 65.91 25.90 -8.97
CA LEU D 179 66.72 25.15 -8.02
C LEU D 179 67.43 26.14 -7.10
N THR D 180 66.90 26.33 -5.91
CA THR D 180 67.45 27.30 -4.97
C THR D 180 68.62 26.71 -4.21
N LEU D 181 69.74 27.42 -4.23
CA LEU D 181 70.94 27.01 -3.50
C LEU D 181 71.64 28.25 -2.97
N SER D 182 72.53 28.03 -2.00
CA SER D 182 73.23 29.12 -1.35
C SER D 182 74.33 29.67 -2.26
N LYS D 183 75.01 30.72 -1.78
CA LYS D 183 76.08 31.34 -2.55
C LYS D 183 77.29 30.40 -2.64
N ALA D 184 77.68 29.79 -1.52
CA ALA D 184 78.77 28.83 -1.54
C ALA D 184 78.35 27.49 -2.10
N ASP D 185 77.08 27.12 -1.94
CA ASP D 185 76.58 25.87 -2.51
C ASP D 185 76.56 25.92 -4.04
N TYR D 186 76.44 27.11 -4.62
CA TYR D 186 76.46 27.24 -6.07
C TYR D 186 77.88 27.15 -6.62
N GLU D 187 78.80 27.96 -6.09
CA GLU D 187 80.21 27.89 -6.47
C GLU D 187 80.85 26.55 -6.12
N LYS D 188 80.21 25.74 -5.25
CA LYS D 188 80.74 24.45 -4.87
C LYS D 188 80.82 23.49 -6.05
N HIS D 189 79.90 23.61 -7.01
CA HIS D 189 79.83 22.72 -8.16
C HIS D 189 80.11 23.49 -9.44
N LYS D 190 80.26 22.74 -10.55
CA LYS D 190 80.73 23.29 -11.81
C LYS D 190 79.62 23.36 -12.85
N VAL D 191 79.10 22.23 -13.32
CA VAL D 191 78.13 22.19 -14.41
C VAL D 191 76.76 21.86 -13.84
N TYR D 192 75.74 22.52 -14.38
CA TYR D 192 74.35 22.31 -13.98
C TYR D 192 73.57 21.88 -15.20
N ALA D 193 72.93 20.71 -15.12
CA ALA D 193 72.21 20.12 -16.24
C ALA D 193 70.77 19.83 -15.83
N CYS D 194 69.84 20.15 -16.72
CA CYS D 194 68.41 19.91 -16.48
C CYS D 194 67.99 18.68 -17.27
N GLU D 195 67.86 17.54 -16.58
CA GLU D 195 67.43 16.29 -17.19
C GLU D 195 65.94 16.35 -17.42
N VAL D 196 65.52 16.57 -18.66
CA VAL D 196 64.12 16.73 -19.02
C VAL D 196 63.68 15.50 -19.79
N THR D 197 62.61 14.85 -19.32
CA THR D 197 62.01 13.72 -19.99
C THR D 197 60.53 13.98 -20.16
N HIS D 198 60.04 13.87 -21.40
CA HIS D 198 58.66 14.16 -21.74
C HIS D 198 58.01 12.93 -22.36
N GLN D 199 56.68 12.95 -22.41
CA GLN D 199 55.94 11.84 -22.99
C GLN D 199 56.28 11.66 -24.46
N GLY D 200 56.24 12.74 -25.23
CA GLY D 200 56.59 12.67 -26.64
C GLY D 200 58.03 13.07 -26.90
N LEU D 201 58.95 12.51 -26.12
CA LEU D 201 60.37 12.80 -26.24
C LEU D 201 61.12 11.50 -26.52
N SER D 202 61.78 11.43 -27.67
CA SER D 202 62.50 10.22 -28.03
C SER D 202 63.69 9.99 -27.11
N SER D 203 64.53 11.01 -26.93
CA SER D 203 65.67 10.94 -26.04
C SER D 203 65.61 12.09 -25.05
N PRO D 204 66.05 11.86 -23.80
CA PRO D 204 66.01 12.93 -22.79
C PRO D 204 66.86 14.13 -23.18
N VAL D 205 66.20 15.22 -23.60
CA VAL D 205 66.92 16.43 -23.98
C VAL D 205 67.44 17.11 -22.72
N THR D 206 68.74 17.42 -22.71
CA THR D 206 69.38 18.03 -21.56
C THR D 206 70.23 19.22 -22.04
N LYS D 207 69.98 20.38 -21.45
CA LYS D 207 70.75 21.59 -21.73
C LYS D 207 71.54 21.96 -20.49
N SER D 208 72.81 22.29 -20.66
CA SER D 208 73.71 22.53 -19.54
C SER D 208 74.63 23.70 -19.84
N PHE D 209 75.33 24.15 -18.82
CA PHE D 209 76.28 25.26 -18.94
C PHE D 209 77.34 25.13 -17.87
N ASN D 210 78.53 25.64 -18.18
CA ASN D 210 79.64 25.64 -17.24
C ASN D 210 79.59 26.86 -16.35
N ARG D 211 80.24 26.76 -15.19
CA ARG D 211 80.35 27.88 -14.27
C ARG D 211 81.57 28.72 -14.65
N GLY D 212 81.34 30.02 -14.82
CA GLY D 212 82.38 30.91 -15.28
C GLY D 212 82.47 31.05 -16.78
N GLU D 213 81.45 30.61 -17.51
CA GLU D 213 81.46 30.70 -18.98
C GLU D 213 80.02 30.65 -19.47
N CYS D 214 79.67 31.55 -20.38
CA CYS D 214 78.31 31.62 -20.91
C CYS D 214 77.98 30.37 -21.73
N ALA E 11 -9.70 17.37 51.44
CA ALA E 11 -10.50 16.80 50.34
C ALA E 11 -9.60 16.23 49.25
N THR E 12 -10.12 15.24 48.53
CA THR E 12 -9.41 14.58 47.45
C THR E 12 -10.29 14.53 46.21
N LEU E 13 -9.69 14.68 45.03
CA LEU E 13 -10.41 14.63 43.76
C LEU E 13 -9.61 13.78 42.77
N CYS E 14 -10.04 12.54 42.59
CA CYS E 14 -9.34 11.60 41.72
C CYS E 14 -9.91 11.61 40.32
N LEU E 15 -9.02 11.59 39.33
CA LEU E 15 -9.39 11.51 37.92
C LEU E 15 -9.17 10.09 37.42
N GLY E 16 -10.07 9.64 36.54
CA GLY E 16 -9.96 8.28 36.03
C GLY E 16 -10.78 8.07 34.77
N HIS E 17 -10.45 7.00 34.07
CA HIS E 17 -11.15 6.58 32.87
C HIS E 17 -11.92 5.29 33.15
N HIS E 18 -12.87 4.98 32.26
CA HIS E 18 -13.72 3.81 32.46
C HIS E 18 -12.98 2.54 32.06
N ALA E 19 -13.57 1.40 32.43
CA ALA E 19 -13.00 0.09 32.11
C ALA E 19 -14.12 -0.93 32.10
N VAL E 20 -13.96 -1.95 31.27
CA VAL E 20 -14.97 -2.99 31.11
C VAL E 20 -14.49 -4.25 31.81
N PRO E 21 -15.39 -5.15 32.23
CA PRO E 21 -14.93 -6.39 32.88
C PRO E 21 -14.13 -7.29 31.94
N ASN E 22 -14.69 -7.64 30.79
CA ASN E 22 -13.98 -8.45 29.80
C ASN E 22 -14.25 -7.87 28.42
N GLY E 23 -13.18 -7.48 27.73
CA GLY E 23 -13.29 -6.85 26.43
C GLY E 23 -12.58 -7.58 25.31
N THR E 24 -12.24 -6.86 24.25
CA THR E 24 -11.66 -7.42 23.04
C THR E 24 -10.19 -7.04 22.91
N LEU E 25 -9.41 -7.94 22.34
CA LEU E 25 -8.02 -7.70 22.02
C LEU E 25 -7.89 -7.21 20.57
N VAL E 26 -6.91 -6.34 20.33
CA VAL E 26 -6.69 -5.76 19.02
C VAL E 26 -5.18 -5.70 18.76
N LYS E 27 -4.84 -5.47 17.49
CA LYS E 27 -3.46 -5.32 17.07
C LYS E 27 -3.12 -3.85 16.90
N THR E 28 -1.93 -3.46 17.36
CA THR E 28 -1.42 -2.11 17.24
C THR E 28 -0.02 -2.16 16.64
N ILE E 29 0.62 -0.99 16.55
CA ILE E 29 1.96 -0.91 15.98
C ILE E 29 2.97 -1.60 16.90
N THR E 30 2.87 -1.36 18.20
CA THR E 30 3.83 -1.92 19.15
C THR E 30 3.37 -3.26 19.71
N ASP E 31 2.14 -3.35 20.18
CA ASP E 31 1.64 -4.55 20.85
C ASP E 31 0.80 -5.38 19.88
N ASP E 32 1.05 -6.69 19.86
CA ASP E 32 0.27 -7.58 19.00
C ASP E 32 -1.08 -7.90 19.64
N GLN E 33 -1.10 -8.16 20.94
CA GLN E 33 -2.33 -8.44 21.68
C GLN E 33 -2.44 -7.41 22.80
N ILE E 34 -3.31 -6.43 22.64
CA ILE E 34 -3.56 -5.41 23.65
C ILE E 34 -5.06 -5.30 23.88
N GLU E 35 -5.45 -5.21 25.15
CA GLU E 35 -6.86 -5.23 25.54
C GLU E 35 -7.47 -3.84 25.44
N VAL E 36 -8.62 -3.74 24.79
CA VAL E 36 -9.39 -2.51 24.69
C VAL E 36 -10.82 -2.77 25.12
N THR E 37 -11.56 -1.68 25.37
CA THR E 37 -12.90 -1.79 25.92
C THR E 37 -13.92 -2.22 24.87
N ASN E 38 -13.65 -1.96 23.60
CA ASN E 38 -14.62 -2.26 22.55
C ASN E 38 -13.91 -2.29 21.21
N ALA E 39 -14.37 -3.17 20.33
CA ALA E 39 -13.81 -3.28 19.00
C ALA E 39 -14.87 -3.80 18.04
N THR E 40 -14.62 -3.60 16.75
CA THR E 40 -15.54 -4.05 15.72
C THR E 40 -14.76 -4.83 14.66
N GLU E 41 -15.45 -5.78 14.02
CA GLU E 41 -14.84 -6.62 13.01
C GLU E 41 -15.02 -6.01 11.63
N LEU E 42 -13.92 -5.86 10.89
CA LEU E 42 -13.95 -5.27 9.56
C LEU E 42 -13.94 -6.29 8.44
N VAL E 43 -13.65 -7.55 8.73
CA VAL E 43 -13.59 -8.60 7.72
C VAL E 43 -14.84 -9.46 7.82
N GLN E 44 -15.59 -9.53 6.73
CA GLN E 44 -16.80 -10.35 6.70
C GLN E 44 -16.42 -11.80 6.39
N SER E 45 -16.72 -12.71 7.31
CA SER E 45 -16.38 -14.12 7.18
C SER E 45 -17.57 -15.05 7.13
N SER E 46 -18.73 -14.64 7.61
CA SER E 46 -19.93 -15.47 7.58
C SER E 46 -20.73 -15.20 6.31
N SER E 47 -21.52 -16.20 5.90
CA SER E 47 -22.35 -16.08 4.71
C SER E 47 -23.71 -16.73 4.97
N THR E 48 -24.73 -16.23 4.28
CA THR E 48 -26.06 -16.81 4.41
C THR E 48 -26.17 -18.13 3.65
N GLY E 49 -25.32 -18.34 2.65
CA GLY E 49 -25.35 -19.55 1.85
C GLY E 49 -26.27 -19.52 0.66
N LYS E 50 -27.14 -18.52 0.56
CA LYS E 50 -28.09 -18.41 -0.54
C LYS E 50 -27.88 -17.08 -1.26
N ILE E 51 -28.00 -17.12 -2.58
CA ILE E 51 -27.87 -15.92 -3.40
C ILE E 51 -29.22 -15.20 -3.45
N CYS E 52 -29.25 -13.99 -2.91
CA CYS E 52 -30.48 -13.21 -2.90
C CYS E 52 -30.84 -12.76 -4.30
N ASN E 53 -32.10 -12.98 -4.70
CA ASN E 53 -32.54 -12.60 -6.03
C ASN E 53 -32.67 -11.09 -6.21
N ASN E 54 -32.58 -10.33 -5.13
CA ASN E 54 -32.62 -8.87 -5.21
C ASN E 54 -31.34 -8.28 -4.63
N PRO E 55 -30.93 -7.10 -5.14
CA PRO E 55 -31.59 -6.33 -6.19
C PRO E 55 -31.27 -6.79 -7.61
N HIS E 56 -30.06 -7.30 -7.83
CA HIS E 56 -29.64 -7.70 -9.16
C HIS E 56 -30.51 -8.82 -9.68
N ARG E 57 -30.95 -8.70 -10.94
CA ARG E 57 -31.79 -9.71 -11.55
C ARG E 57 -30.99 -11.00 -11.75
N ILE E 58 -31.05 -11.90 -10.78
CA ILE E 58 -30.30 -13.14 -10.84
C ILE E 58 -31.06 -14.13 -11.72
N LEU E 59 -30.44 -14.51 -12.83
CA LEU E 59 -31.02 -15.49 -13.76
C LEU E 59 -30.32 -16.82 -13.52
N ASP E 60 -31.02 -17.76 -12.89
CA ASP E 60 -30.46 -19.08 -12.65
C ASP E 60 -30.32 -19.85 -13.95
N GLY E 61 -29.15 -20.44 -14.17
CA GLY E 61 -28.96 -21.29 -15.33
C GLY E 61 -29.62 -22.64 -15.25
N ILE E 62 -30.02 -23.07 -14.04
CA ILE E 62 -30.64 -24.37 -13.81
C ILE E 62 -29.75 -25.45 -14.42
N ASP E 63 -30.31 -26.24 -15.34
CA ASP E 63 -29.58 -27.28 -16.03
C ASP E 63 -28.81 -26.75 -17.24
N CYS E 64 -28.77 -25.45 -17.43
CA CYS E 64 -28.29 -24.85 -18.67
C CYS E 64 -27.10 -23.91 -18.38
N THR E 65 -26.19 -23.86 -19.34
CA THR E 65 -25.14 -22.85 -19.35
C THR E 65 -25.63 -21.64 -20.15
N LEU E 66 -24.88 -20.53 -20.05
CA LEU E 66 -25.25 -19.35 -20.80
C LEU E 66 -25.10 -19.56 -22.31
N ILE E 67 -24.10 -20.35 -22.71
CA ILE E 67 -23.90 -20.62 -24.13
C ILE E 67 -25.00 -21.55 -24.65
N ASP E 68 -25.45 -22.50 -23.81
CA ASP E 68 -26.54 -23.39 -24.20
C ASP E 68 -27.83 -22.59 -24.43
N ALA E 69 -28.16 -21.69 -23.51
CA ALA E 69 -29.32 -20.84 -23.69
C ALA E 69 -29.14 -19.91 -24.90
N LEU E 70 -27.92 -19.42 -25.11
CA LEU E 70 -27.64 -18.63 -26.29
C LEU E 70 -27.76 -19.47 -27.56
N LEU E 71 -27.25 -20.70 -27.52
CA LEU E 71 -27.31 -21.57 -28.69
C LEU E 71 -28.75 -21.99 -28.99
N GLY E 72 -29.38 -22.69 -28.06
CA GLY E 72 -30.75 -23.14 -28.25
C GLY E 72 -30.96 -24.59 -27.90
N ASP E 73 -30.54 -24.99 -26.71
CA ASP E 73 -30.78 -26.35 -26.26
C ASP E 73 -32.27 -26.58 -26.05
N PRO E 74 -32.79 -27.77 -26.35
CA PRO E 74 -34.24 -28.01 -26.17
C PRO E 74 -34.73 -27.73 -24.76
N HIS E 75 -34.00 -28.17 -23.74
CA HIS E 75 -34.39 -27.87 -22.36
C HIS E 75 -34.10 -26.42 -21.98
N CYS E 76 -33.33 -25.70 -22.80
CA CYS E 76 -32.97 -24.32 -22.50
C CYS E 76 -33.70 -23.32 -23.40
N ASP E 77 -34.80 -23.74 -24.02
CA ASP E 77 -35.63 -22.81 -24.78
C ASP E 77 -36.36 -21.82 -23.91
N VAL E 78 -36.44 -22.06 -22.59
CA VAL E 78 -37.14 -21.14 -21.70
C VAL E 78 -36.40 -19.83 -21.54
N PHE E 79 -35.09 -19.79 -21.84
CA PHE E 79 -34.29 -18.60 -21.65
C PHE E 79 -34.26 -17.70 -22.87
N GLN E 80 -35.23 -17.83 -23.78
CA GLN E 80 -35.26 -17.00 -24.97
C GLN E 80 -35.64 -15.56 -24.60
N ASN E 81 -34.88 -14.60 -25.15
CA ASN E 81 -35.08 -13.18 -24.90
C ASN E 81 -34.99 -12.83 -23.41
N GLU E 82 -34.18 -13.58 -22.67
CA GLU E 82 -34.01 -13.35 -21.23
C GLU E 82 -32.85 -12.39 -20.99
N THR E 83 -33.08 -11.41 -20.13
CA THR E 83 -32.06 -10.48 -19.69
C THR E 83 -31.70 -10.76 -18.23
N TRP E 84 -30.52 -10.31 -17.83
CA TRP E 84 -30.05 -10.62 -16.49
C TRP E 84 -29.00 -9.61 -16.07
N ASP E 85 -28.91 -9.40 -14.75
CA ASP E 85 -27.81 -8.67 -14.15
C ASP E 85 -26.64 -9.57 -13.79
N LEU E 86 -26.91 -10.83 -13.46
CA LEU E 86 -25.86 -11.79 -13.15
C LEU E 86 -26.39 -13.18 -13.44
N PHE E 87 -25.76 -13.87 -14.38
CA PHE E 87 -26.14 -15.23 -14.75
C PHE E 87 -25.40 -16.21 -13.86
N VAL E 88 -26.12 -17.21 -13.36
CA VAL E 88 -25.58 -18.19 -12.43
C VAL E 88 -25.59 -19.55 -13.10
N GLU E 89 -24.41 -20.09 -13.37
CA GLU E 89 -24.27 -21.43 -13.94
C GLU E 89 -24.20 -22.45 -12.81
N ARG E 90 -25.03 -23.48 -12.90
CA ARG E 90 -25.02 -24.56 -11.92
C ARG E 90 -24.02 -25.64 -12.32
N SER E 91 -23.61 -26.43 -11.33
CA SER E 91 -22.73 -27.57 -11.61
C SER E 91 -23.49 -28.73 -12.21
N LYS E 92 -24.79 -28.85 -11.91
CA LYS E 92 -25.66 -29.88 -12.47
C LYS E 92 -26.02 -29.63 -13.92
N ALA E 93 -25.45 -28.59 -14.54
CA ALA E 93 -25.79 -28.25 -15.91
C ALA E 93 -25.27 -29.32 -16.88
N PHE E 94 -25.91 -29.39 -18.03
CA PHE E 94 -25.54 -30.32 -19.09
C PHE E 94 -26.02 -29.76 -20.41
N SER E 95 -25.74 -30.50 -21.48
CA SER E 95 -26.19 -30.12 -22.82
C SER E 95 -26.69 -31.37 -23.52
N ASN E 96 -27.96 -31.37 -23.90
CA ASN E 96 -28.58 -32.52 -24.53
C ASN E 96 -28.64 -32.41 -26.05
N CYS E 97 -28.48 -31.22 -26.60
CA CYS E 97 -28.60 -31.02 -28.04
C CYS E 97 -27.39 -31.59 -28.77
N TYR E 98 -27.22 -31.19 -30.03
CA TYR E 98 -26.13 -31.71 -30.85
C TYR E 98 -24.78 -31.42 -30.18
N PRO E 99 -23.87 -32.38 -30.15
CA PRO E 99 -22.55 -32.14 -29.54
C PRO E 99 -21.78 -31.09 -30.29
N TYR E 100 -21.40 -30.03 -29.58
CA TYR E 100 -20.74 -28.87 -30.18
C TYR E 100 -19.51 -28.48 -29.37
N ASP E 101 -18.74 -27.56 -29.95
CA ASP E 101 -17.55 -27.01 -29.30
C ASP E 101 -17.36 -25.58 -29.78
N VAL E 102 -16.88 -24.73 -28.88
CA VAL E 102 -16.69 -23.32 -29.20
C VAL E 102 -15.20 -22.98 -29.10
N PRO E 103 -14.53 -22.74 -30.22
CA PRO E 103 -13.14 -22.24 -30.15
C PRO E 103 -13.10 -20.92 -29.42
N ASP E 104 -12.22 -20.83 -28.42
CA ASP E 104 -12.16 -19.70 -27.50
C ASP E 104 -13.50 -19.52 -26.79
N TYR E 105 -13.87 -20.54 -26.03
CA TYR E 105 -15.17 -20.57 -25.36
C TYR E 105 -15.27 -19.49 -24.29
N ALA E 106 -14.14 -19.15 -23.64
CA ALA E 106 -14.18 -18.24 -22.51
C ALA E 106 -14.51 -16.82 -22.95
N SER E 107 -13.97 -16.38 -24.09
CA SER E 107 -14.20 -15.01 -24.53
C SER E 107 -15.66 -14.77 -24.89
N LEU E 108 -16.28 -15.71 -25.60
CA LEU E 108 -17.69 -15.57 -25.93
C LEU E 108 -18.56 -15.58 -24.68
N ARG E 109 -18.27 -16.48 -23.74
CA ARG E 109 -19.00 -16.51 -22.48
C ARG E 109 -18.90 -15.18 -21.74
N SER E 110 -17.70 -14.60 -21.71
CA SER E 110 -17.54 -13.28 -21.10
C SER E 110 -18.21 -12.20 -21.95
N LEU E 111 -18.24 -12.38 -23.27
CA LEU E 111 -18.83 -11.37 -24.13
C LEU E 111 -20.34 -11.28 -23.95
N VAL E 112 -21.01 -12.44 -23.91
CA VAL E 112 -22.45 -12.45 -23.72
C VAL E 112 -22.82 -12.05 -22.31
N ALA E 113 -22.01 -12.45 -21.32
CA ALA E 113 -22.31 -12.13 -19.94
C ALA E 113 -22.23 -10.63 -19.67
N SER E 114 -21.18 -9.97 -20.19
CA SER E 114 -21.07 -8.52 -20.01
C SER E 114 -22.22 -7.79 -20.67
N SER E 115 -22.75 -8.32 -21.78
CA SER E 115 -23.92 -7.70 -22.40
C SER E 115 -25.16 -7.91 -21.55
N GLY E 116 -25.41 -9.15 -21.13
CA GLY E 116 -26.52 -9.44 -20.24
C GLY E 116 -27.89 -9.38 -20.87
N THR E 117 -28.01 -9.83 -22.12
CA THR E 117 -29.29 -9.83 -22.80
C THR E 117 -29.28 -10.92 -23.87
N LEU E 118 -30.39 -11.64 -23.98
CA LEU E 118 -30.57 -12.66 -25.01
C LEU E 118 -31.64 -12.28 -26.02
N GLU E 119 -31.90 -10.98 -26.19
CA GLU E 119 -32.87 -10.54 -27.19
C GLU E 119 -32.38 -10.90 -28.58
N PHE E 120 -33.19 -11.67 -29.30
CA PHE E 120 -32.80 -12.23 -30.59
C PHE E 120 -33.86 -11.85 -31.62
N ILE E 121 -33.47 -11.06 -32.61
CA ILE E 121 -34.37 -10.61 -33.66
C ILE E 121 -34.09 -11.44 -34.91
N THR E 122 -35.11 -12.16 -35.37
CA THR E 122 -34.96 -12.97 -36.58
C THR E 122 -35.01 -12.07 -37.81
N GLU E 123 -34.08 -12.28 -38.73
CA GLU E 123 -33.98 -11.49 -39.95
C GLU E 123 -34.41 -12.32 -41.16
N GLY E 124 -34.66 -11.62 -42.27
CA GLY E 124 -35.08 -12.27 -43.49
C GLY E 124 -33.92 -12.76 -44.33
N PHE E 125 -33.35 -13.90 -43.95
CA PHE E 125 -32.26 -14.51 -44.72
C PHE E 125 -32.83 -15.33 -45.87
N THR E 126 -32.31 -15.10 -47.08
CA THR E 126 -32.80 -15.76 -48.28
C THR E 126 -31.80 -16.86 -48.65
N TRP E 127 -32.07 -18.08 -48.16
CA TRP E 127 -31.24 -19.24 -48.46
C TRP E 127 -31.91 -19.99 -49.62
N THR E 128 -31.50 -19.68 -50.84
CA THR E 128 -32.05 -20.31 -52.03
C THR E 128 -31.17 -21.49 -52.44
N GLY E 129 -31.80 -22.61 -52.75
CA GLY E 129 -31.10 -23.80 -53.20
C GLY E 129 -30.66 -24.76 -52.11
N VAL E 130 -31.00 -24.50 -50.86
CA VAL E 130 -30.64 -25.37 -49.75
C VAL E 130 -31.86 -25.62 -48.89
N THR E 131 -31.90 -26.80 -48.26
CA THR E 131 -32.98 -27.14 -47.35
C THR E 131 -32.92 -26.23 -46.13
N GLN E 132 -34.07 -25.65 -45.78
CA GLN E 132 -34.08 -24.60 -44.75
C GLN E 132 -33.70 -25.15 -43.38
N ASN E 133 -34.49 -26.09 -42.86
CA ASN E 133 -34.30 -26.59 -41.51
C ASN E 133 -33.61 -27.95 -41.53
N GLY E 134 -33.00 -28.27 -40.39
CA GLY E 134 -32.34 -29.55 -40.22
C GLY E 134 -32.62 -30.12 -38.85
N GLY E 135 -32.60 -31.45 -38.77
CA GLY E 135 -32.89 -32.14 -37.53
C GLY E 135 -31.85 -33.20 -37.22
N SER E 136 -31.84 -33.61 -35.95
CA SER E 136 -30.92 -34.63 -35.49
C SER E 136 -31.59 -35.42 -34.38
N ASN E 137 -31.35 -36.74 -34.37
CA ASN E 137 -31.97 -37.59 -33.35
C ASN E 137 -31.37 -37.38 -31.97
N ALA E 138 -30.22 -36.72 -31.87
CA ALA E 138 -29.63 -36.43 -30.57
C ALA E 138 -30.23 -35.17 -29.96
N CYS E 139 -30.55 -34.19 -30.78
CA CYS E 139 -31.15 -32.94 -30.32
C CYS E 139 -32.65 -32.98 -30.55
N LYS E 140 -33.32 -33.87 -29.82
CA LYS E 140 -34.74 -34.11 -30.02
C LYS E 140 -35.57 -33.05 -29.30
N ARG E 141 -36.53 -32.47 -30.01
CA ARG E 141 -37.51 -31.55 -29.45
C ARG E 141 -38.88 -32.23 -29.50
N GLY E 142 -39.57 -32.26 -28.36
CA GLY E 142 -40.87 -32.84 -28.26
C GLY E 142 -40.91 -34.29 -28.70
N PRO E 143 -41.61 -34.57 -29.82
CA PRO E 143 -41.73 -35.95 -30.29
C PRO E 143 -40.51 -36.43 -31.07
N GLY E 144 -40.11 -35.67 -32.08
CA GLY E 144 -39.06 -36.11 -32.98
C GLY E 144 -37.78 -35.30 -32.93
N SER E 145 -37.09 -35.21 -34.07
CA SER E 145 -35.79 -34.57 -34.14
C SER E 145 -35.92 -33.06 -34.21
N GLY E 146 -34.87 -32.38 -33.76
CA GLY E 146 -34.82 -30.93 -33.81
C GLY E 146 -33.41 -30.39 -33.91
N PHE E 147 -33.23 -29.13 -33.56
CA PHE E 147 -31.92 -28.48 -33.68
C PHE E 147 -31.90 -27.27 -32.74
N PHE E 148 -30.75 -26.59 -32.70
CA PHE E 148 -30.60 -25.41 -31.87
C PHE E 148 -31.58 -24.33 -32.29
N SER E 149 -32.06 -23.57 -31.31
CA SER E 149 -33.14 -22.61 -31.56
C SER E 149 -32.67 -21.47 -32.45
N ARG E 150 -31.54 -20.86 -32.10
CA ARG E 150 -31.09 -19.65 -32.79
C ARG E 150 -30.29 -19.92 -34.05
N LEU E 151 -30.12 -21.18 -34.44
CA LEU E 151 -29.35 -21.54 -35.62
C LEU E 151 -30.21 -22.35 -36.58
N ASN E 152 -29.88 -22.25 -37.86
CA ASN E 152 -30.63 -22.89 -38.94
C ASN E 152 -29.71 -23.81 -39.72
N TRP E 153 -29.99 -25.11 -39.70
CA TRP E 153 -29.15 -26.09 -40.35
C TRP E 153 -29.47 -26.16 -41.83
N LEU E 154 -28.47 -25.88 -42.67
CA LEU E 154 -28.63 -25.89 -44.12
C LEU E 154 -28.03 -27.17 -44.68
N THR E 155 -28.89 -28.03 -45.24
CA THR E 155 -28.47 -29.24 -45.92
C THR E 155 -28.74 -29.10 -47.42
N LYS E 156 -28.41 -30.14 -48.17
CA LYS E 156 -28.59 -30.10 -49.61
C LYS E 156 -30.06 -30.13 -49.99
N SER E 157 -30.38 -29.51 -51.11
CA SER E 157 -31.73 -29.46 -51.65
C SER E 157 -31.77 -30.29 -52.92
N GLY E 158 -32.40 -31.47 -52.85
CA GLY E 158 -32.47 -32.35 -53.99
C GLY E 158 -31.15 -33.00 -54.32
N SER E 159 -30.34 -32.33 -55.12
CA SER E 159 -29.05 -32.87 -55.53
C SER E 159 -27.94 -31.83 -55.61
N THR E 160 -28.21 -30.57 -55.29
CA THR E 160 -27.23 -29.50 -55.44
C THR E 160 -27.20 -28.62 -54.19
N TYR E 161 -26.00 -28.25 -53.78
CA TYR E 161 -25.79 -27.30 -52.67
C TYR E 161 -25.05 -26.10 -53.25
N PRO E 162 -25.73 -24.99 -53.50
CA PRO E 162 -25.08 -23.87 -54.21
C PRO E 162 -24.13 -23.10 -53.30
N VAL E 163 -23.22 -22.37 -53.95
CA VAL E 163 -22.31 -21.49 -53.23
C VAL E 163 -23.09 -20.27 -52.79
N LEU E 164 -23.64 -20.34 -51.57
CA LEU E 164 -24.42 -19.23 -51.04
C LEU E 164 -23.55 -17.99 -50.84
N ASN E 165 -24.10 -16.83 -51.24
CA ASN E 165 -23.41 -15.56 -51.14
C ASN E 165 -24.47 -14.51 -50.79
N VAL E 166 -24.79 -14.41 -49.50
CA VAL E 166 -25.81 -13.50 -49.01
C VAL E 166 -25.15 -12.28 -48.38
N THR E 167 -25.93 -11.23 -48.21
CA THR E 167 -25.45 -10.01 -47.55
C THR E 167 -26.56 -9.49 -46.64
N MET E 168 -26.16 -9.00 -45.46
CA MET E 168 -27.10 -8.48 -44.48
C MET E 168 -26.53 -7.19 -43.88
N PRO E 169 -26.98 -6.04 -44.34
CA PRO E 169 -26.43 -4.78 -43.83
C PRO E 169 -26.99 -4.40 -42.47
N ASN E 170 -26.16 -3.74 -41.67
CA ASN E 170 -26.53 -3.27 -40.35
C ASN E 170 -26.80 -1.77 -40.44
N ASN E 171 -28.06 -1.41 -40.69
CA ASN E 171 -28.48 -0.02 -40.71
C ASN E 171 -28.98 0.46 -39.35
N ASP E 172 -29.05 -0.43 -38.36
CA ASP E 172 -29.53 -0.05 -37.04
C ASP E 172 -28.50 0.81 -36.32
N ASN E 173 -28.97 1.49 -35.27
CA ASN E 173 -28.11 2.38 -34.48
C ASN E 173 -27.26 1.62 -33.47
N PHE E 174 -27.45 0.32 -33.31
CA PHE E 174 -26.72 -0.48 -32.35
C PHE E 174 -25.97 -1.60 -33.05
N ASP E 175 -25.01 -2.19 -32.32
CA ASP E 175 -24.20 -3.26 -32.86
C ASP E 175 -24.96 -4.60 -32.81
N LYS E 176 -24.61 -5.49 -33.72
CA LYS E 176 -25.25 -6.79 -33.84
C LYS E 176 -24.23 -7.90 -33.62
N LEU E 177 -24.68 -8.96 -32.94
CA LEU E 177 -23.86 -10.14 -32.70
C LEU E 177 -24.50 -11.33 -33.38
N TYR E 178 -23.78 -11.94 -34.32
CA TYR E 178 -24.26 -13.08 -35.09
C TYR E 178 -23.55 -14.34 -34.63
N ILE E 179 -24.33 -15.30 -34.14
CA ILE E 179 -23.79 -16.59 -33.69
C ILE E 179 -24.05 -17.60 -34.79
N TRP E 180 -22.97 -18.10 -35.39
CA TRP E 180 -23.06 -19.05 -36.48
C TRP E 180 -22.10 -20.21 -36.22
N GLY E 181 -22.40 -21.37 -36.82
CA GLY E 181 -21.64 -22.56 -36.59
C GLY E 181 -21.17 -23.19 -37.89
N VAL E 182 -20.33 -24.22 -37.74
CA VAL E 182 -19.79 -24.99 -38.85
C VAL E 182 -19.92 -26.47 -38.49
N HIS E 183 -20.55 -27.24 -39.37
CA HIS E 183 -20.76 -28.66 -39.13
C HIS E 183 -19.54 -29.46 -39.55
N HIS E 184 -19.10 -30.36 -38.68
CA HIS E 184 -17.95 -31.22 -38.96
C HIS E 184 -18.40 -32.67 -39.06
N PRO E 185 -18.59 -33.21 -40.25
CA PRO E 185 -19.07 -34.59 -40.39
C PRO E 185 -18.05 -35.59 -39.87
N SER E 186 -18.56 -36.78 -39.51
CA SER E 186 -17.72 -37.84 -38.99
C SER E 186 -17.15 -38.74 -40.08
N THR E 187 -17.85 -38.86 -41.21
CA THR E 187 -17.41 -39.72 -42.31
C THR E 187 -17.41 -38.93 -43.60
N ASN E 188 -16.64 -39.43 -44.57
CA ASN E 188 -16.59 -38.79 -45.89
C ASN E 188 -17.93 -38.88 -46.60
N GLN E 189 -18.69 -39.95 -46.35
CA GLN E 189 -20.01 -40.07 -46.94
C GLN E 189 -20.98 -39.06 -46.36
N GLU E 190 -20.83 -38.73 -45.08
CA GLU E 190 -21.72 -37.76 -44.45
C GLU E 190 -21.52 -36.37 -45.01
N GLN E 191 -20.31 -36.08 -45.51
CA GLN E 191 -20.06 -34.78 -46.12
C GLN E 191 -20.83 -34.62 -47.42
N THR E 192 -20.87 -35.66 -48.25
CA THR E 192 -21.50 -35.58 -49.56
C THR E 192 -23.00 -35.87 -49.50
N SER E 193 -23.43 -36.83 -48.70
CA SER E 193 -24.85 -37.13 -48.59
C SER E 193 -25.64 -36.04 -47.87
N LEU E 194 -24.98 -34.93 -47.50
CA LEU E 194 -25.65 -33.84 -46.82
C LEU E 194 -25.24 -32.50 -47.41
N TYR E 195 -23.98 -32.38 -47.83
CA TYR E 195 -23.46 -31.12 -48.36
C TYR E 195 -22.88 -31.28 -49.77
N VAL E 196 -23.06 -32.44 -50.41
CA VAL E 196 -22.72 -32.66 -51.81
C VAL E 196 -21.23 -32.47 -52.07
N GLN E 197 -20.75 -31.24 -51.90
CA GLN E 197 -19.38 -30.91 -52.25
C GLN E 197 -18.39 -31.74 -51.43
N ALA E 198 -17.21 -31.97 -52.01
CA ALA E 198 -16.22 -32.83 -51.36
C ALA E 198 -15.78 -32.28 -50.02
N SER E 199 -15.64 -30.96 -49.91
CA SER E 199 -15.28 -30.32 -48.66
C SER E 199 -15.86 -28.93 -48.63
N GLY E 200 -16.59 -28.61 -47.56
CA GLY E 200 -17.25 -27.34 -47.43
C GLY E 200 -16.29 -26.23 -47.06
N ARG E 201 -16.87 -25.04 -46.86
CA ARG E 201 -16.12 -23.84 -46.51
C ARG E 201 -17.07 -22.73 -46.10
N VAL E 202 -16.91 -22.20 -44.88
CA VAL E 202 -17.75 -21.12 -44.37
C VAL E 202 -16.88 -19.89 -44.18
N THR E 203 -17.24 -18.80 -44.88
CA THR E 203 -16.50 -17.54 -44.80
C THR E 203 -17.49 -16.43 -44.44
N VAL E 204 -17.66 -16.20 -43.14
CA VAL E 204 -18.50 -15.13 -42.64
C VAL E 204 -17.61 -13.90 -42.49
N SER E 205 -17.76 -12.93 -43.39
CA SER E 205 -16.87 -11.78 -43.46
C SER E 205 -17.65 -10.49 -43.26
N THR E 206 -16.93 -9.45 -42.85
CA THR E 206 -17.45 -8.10 -42.73
C THR E 206 -16.46 -7.13 -43.39
N ARG E 207 -16.74 -5.84 -43.30
CA ARG E 207 -15.84 -4.83 -43.84
C ARG E 207 -14.63 -4.60 -42.96
N ARG E 208 -14.51 -5.32 -41.85
CA ARG E 208 -13.39 -5.13 -40.93
C ARG E 208 -12.74 -6.45 -40.57
N SER E 209 -13.49 -7.55 -40.61
CA SER E 209 -12.97 -8.84 -40.19
C SER E 209 -13.64 -9.95 -41.00
N GLN E 210 -12.86 -10.96 -41.37
CA GLN E 210 -13.35 -12.15 -42.04
C GLN E 210 -12.94 -13.38 -41.26
N GLN E 211 -13.70 -14.46 -41.44
CA GLN E 211 -13.44 -15.72 -40.74
C GLN E 211 -13.72 -16.86 -41.72
N THR E 212 -12.66 -17.48 -42.22
CA THR E 212 -12.77 -18.59 -43.15
C THR E 212 -12.54 -19.90 -42.39
N ILE E 213 -13.54 -20.78 -42.39
CA ILE E 213 -13.49 -22.03 -41.65
C ILE E 213 -13.57 -23.19 -42.63
N ILE E 214 -12.74 -24.21 -42.42
CA ILE E 214 -12.75 -25.42 -43.22
C ILE E 214 -13.13 -26.57 -42.31
N PRO E 215 -14.16 -27.35 -42.65
CA PRO E 215 -14.61 -28.41 -41.75
C PRO E 215 -13.63 -29.60 -41.73
N ASN E 216 -13.60 -30.26 -40.58
CA ASN E 216 -12.77 -31.45 -40.39
C ASN E 216 -13.65 -32.70 -40.40
N ILE E 217 -13.16 -33.75 -41.04
CA ILE E 217 -13.90 -35.00 -41.20
C ILE E 217 -13.06 -36.08 -40.53
N GLU E 218 -13.34 -36.37 -39.26
CA GLU E 218 -12.60 -37.39 -38.52
C GLU E 218 -13.56 -38.18 -37.65
N SER E 219 -13.15 -39.41 -37.32
CA SER E 219 -13.94 -40.29 -36.47
C SER E 219 -13.64 -39.96 -35.02
N ARG E 220 -14.41 -39.02 -34.47
CA ARG E 220 -14.22 -38.57 -33.10
C ARG E 220 -14.95 -39.47 -32.13
N PRO E 221 -14.58 -39.44 -30.84
CA PRO E 221 -15.27 -40.29 -29.86
C PRO E 221 -16.77 -39.98 -29.79
N TRP E 222 -17.54 -41.03 -29.53
CA TRP E 222 -19.00 -40.92 -29.46
C TRP E 222 -19.38 -40.07 -28.25
N VAL E 223 -19.76 -38.82 -28.51
CA VAL E 223 -20.28 -37.93 -27.49
C VAL E 223 -21.76 -37.68 -27.79
N ARG E 224 -22.62 -37.98 -26.82
CA ARG E 224 -24.07 -37.93 -27.00
C ARG E 224 -24.53 -38.79 -28.17
N GLY E 225 -23.89 -39.94 -28.38
CA GLY E 225 -24.29 -40.83 -29.44
C GLY E 225 -23.97 -40.36 -30.85
N LEU E 226 -22.93 -39.54 -31.01
CA LEU E 226 -22.56 -39.02 -32.31
C LEU E 226 -21.06 -38.87 -32.40
N SER E 227 -20.51 -39.21 -33.56
CA SER E 227 -19.09 -39.02 -33.85
C SER E 227 -18.81 -37.73 -34.59
N SER E 228 -19.83 -36.91 -34.82
CA SER E 228 -19.69 -35.63 -35.49
C SER E 228 -20.00 -34.49 -34.53
N ARG E 229 -19.36 -33.34 -34.76
CA ARG E 229 -19.51 -32.17 -33.90
C ARG E 229 -19.87 -30.96 -34.76
N ILE E 230 -20.07 -29.83 -34.10
CA ILE E 230 -20.37 -28.56 -34.75
C ILE E 230 -19.59 -27.47 -34.04
N SER E 231 -18.80 -26.70 -34.80
CA SER E 231 -17.97 -25.64 -34.26
C SER E 231 -18.72 -24.32 -34.34
N ILE E 232 -19.00 -23.72 -33.18
CA ILE E 232 -19.75 -22.48 -33.10
C ILE E 232 -18.78 -21.31 -33.10
N TYR E 233 -19.07 -20.30 -33.92
CA TYR E 233 -18.24 -19.10 -34.02
C TYR E 233 -19.12 -17.86 -33.82
N TRP E 234 -18.49 -16.70 -33.90
CA TRP E 234 -19.19 -15.45 -33.64
C TRP E 234 -18.61 -14.35 -34.54
N THR E 235 -19.40 -13.29 -34.70
CA THR E 235 -19.01 -12.16 -35.54
C THR E 235 -19.83 -10.94 -35.14
N ILE E 236 -19.15 -9.84 -34.88
CA ILE E 236 -19.80 -8.61 -34.43
C ILE E 236 -19.86 -7.64 -35.61
N VAL E 237 -21.05 -7.17 -35.94
CA VAL E 237 -21.27 -6.25 -37.04
C VAL E 237 -21.66 -4.90 -36.43
N LYS E 238 -20.79 -3.91 -36.58
CA LYS E 238 -21.03 -2.58 -36.05
C LYS E 238 -21.98 -1.80 -36.96
N PRO E 239 -22.60 -0.74 -36.45
CA PRO E 239 -23.49 0.08 -37.28
C PRO E 239 -22.77 0.61 -38.50
N GLY E 240 -23.36 0.40 -39.68
CA GLY E 240 -22.75 0.73 -40.94
C GLY E 240 -22.02 -0.43 -41.60
N ASP E 241 -21.48 -1.34 -40.79
CA ASP E 241 -20.82 -2.53 -41.33
C ASP E 241 -21.86 -3.47 -41.94
N VAL E 242 -21.39 -4.34 -42.83
CA VAL E 242 -22.26 -5.27 -43.53
C VAL E 242 -21.79 -6.70 -43.23
N LEU E 243 -22.74 -7.61 -43.18
CA LEU E 243 -22.47 -9.03 -42.96
C LEU E 243 -22.55 -9.77 -44.28
N VAL E 244 -21.51 -10.54 -44.60
CA VAL E 244 -21.45 -11.30 -45.84
C VAL E 244 -21.11 -12.75 -45.48
N ILE E 245 -22.09 -13.63 -45.60
CA ILE E 245 -21.90 -15.06 -45.35
C ILE E 245 -21.69 -15.75 -46.68
N ASN E 246 -20.51 -16.33 -46.87
CA ASN E 246 -20.16 -17.04 -48.09
C ASN E 246 -19.84 -18.48 -47.74
N SER E 247 -20.65 -19.41 -48.24
CA SER E 247 -20.48 -20.82 -47.90
C SER E 247 -20.94 -21.70 -49.05
N ASN E 248 -20.22 -22.80 -49.26
CA ASN E 248 -20.61 -23.82 -50.22
C ASN E 248 -20.95 -25.15 -49.55
N GLY E 249 -21.12 -25.16 -48.24
CA GLY E 249 -21.43 -26.37 -47.51
C GLY E 249 -20.95 -26.28 -46.08
N ASN E 250 -21.48 -27.16 -45.24
CA ASN E 250 -21.12 -27.25 -43.82
C ASN E 250 -21.40 -25.95 -43.09
N LEU E 251 -22.51 -25.30 -43.45
CA LEU E 251 -22.89 -24.02 -42.86
C LEU E 251 -24.04 -24.21 -41.90
N ILE E 252 -23.83 -23.83 -40.65
CA ILE E 252 -24.91 -23.74 -39.67
C ILE E 252 -25.30 -22.27 -39.56
N ALA E 253 -26.15 -21.82 -40.46
CA ALA E 253 -26.41 -20.40 -40.62
C ALA E 253 -27.20 -19.84 -39.43
N PRO E 254 -26.99 -18.57 -39.09
CA PRO E 254 -27.77 -17.95 -38.03
C PRO E 254 -29.13 -17.49 -38.52
N ARG E 255 -30.13 -17.66 -37.66
CA ARG E 255 -31.49 -17.22 -38.01
C ARG E 255 -31.68 -15.72 -37.85
N GLY E 256 -30.78 -15.06 -37.13
CA GLY E 256 -30.88 -13.63 -36.89
C GLY E 256 -29.68 -13.08 -36.14
N TYR E 257 -29.93 -12.13 -35.24
CA TYR E 257 -28.84 -11.51 -34.48
C TYR E 257 -29.29 -11.27 -33.05
N PHE E 258 -28.31 -11.15 -32.17
CA PHE E 258 -28.54 -10.80 -30.78
C PHE E 258 -28.27 -9.33 -30.56
N LYS E 259 -29.04 -8.72 -29.67
CA LYS E 259 -28.92 -7.30 -29.39
C LYS E 259 -27.72 -7.06 -28.47
N MET E 260 -26.84 -6.15 -28.86
CA MET E 260 -25.60 -5.86 -28.14
C MET E 260 -25.82 -4.65 -27.23
N ARG E 261 -25.70 -4.87 -25.93
CA ARG E 261 -25.79 -3.82 -24.94
C ARG E 261 -24.54 -3.85 -24.05
N THR E 262 -24.24 -2.71 -23.45
CA THR E 262 -23.07 -2.56 -22.58
C THR E 262 -23.54 -2.09 -21.21
N GLY E 263 -23.50 -2.98 -20.22
CA GLY E 263 -23.96 -2.64 -18.89
C GLY E 263 -23.21 -3.32 -17.78
N LYS E 264 -23.82 -3.39 -16.60
CA LYS E 264 -23.20 -3.97 -15.41
C LYS E 264 -23.36 -5.48 -15.33
N SER E 265 -23.86 -6.12 -16.39
CA SER E 265 -24.16 -7.54 -16.32
C SER E 265 -22.89 -8.38 -16.34
N SER E 266 -22.98 -9.57 -15.75
CA SER E 266 -21.84 -10.47 -15.63
C SER E 266 -22.37 -11.90 -15.49
N ILE E 267 -21.47 -12.82 -15.14
CA ILE E 267 -21.80 -14.22 -14.95
C ILE E 267 -20.98 -14.75 -13.78
N MET E 268 -21.51 -15.77 -13.11
CA MET E 268 -20.85 -16.37 -11.96
C MET E 268 -21.27 -17.82 -11.83
N ARG E 269 -20.30 -18.70 -11.62
CA ARG E 269 -20.57 -20.12 -11.42
C ARG E 269 -20.79 -20.38 -9.94
N SER E 270 -21.94 -20.99 -9.62
CA SER E 270 -22.28 -21.25 -8.23
C SER E 270 -23.38 -22.30 -8.15
N ASP E 271 -23.36 -23.06 -7.06
CA ASP E 271 -24.41 -24.02 -6.75
C ASP E 271 -25.33 -23.54 -5.62
N ALA E 272 -25.12 -22.32 -5.13
CA ALA E 272 -25.93 -21.82 -4.04
C ALA E 272 -27.37 -21.58 -4.51
N PRO E 273 -28.36 -21.94 -3.70
CA PRO E 273 -29.75 -21.72 -4.11
C PRO E 273 -30.14 -20.26 -4.01
N ILE E 274 -31.00 -19.85 -4.93
CA ILE E 274 -31.48 -18.48 -4.97
C ILE E 274 -32.67 -18.32 -4.03
N ASP E 275 -32.65 -17.28 -3.21
CA ASP E 275 -33.71 -16.99 -2.26
C ASP E 275 -34.20 -15.56 -2.47
N THR E 276 -35.36 -15.27 -1.88
CA THR E 276 -35.99 -13.95 -2.04
C THR E 276 -35.56 -13.05 -0.88
N CYS E 277 -34.39 -12.44 -1.05
CA CYS E 277 -33.86 -11.48 -0.08
C CYS E 277 -33.13 -10.38 -0.85
N ILE E 278 -32.53 -9.45 -0.11
CA ILE E 278 -31.80 -8.32 -0.67
C ILE E 278 -30.37 -8.38 -0.19
N SER E 279 -29.43 -8.28 -1.13
CA SER E 279 -28.00 -8.24 -0.81
C SER E 279 -27.26 -7.70 -2.01
N GLU E 280 -26.48 -6.63 -1.81
CA GLU E 280 -25.80 -5.98 -2.93
C GLU E 280 -24.59 -6.79 -3.40
N CYS E 281 -23.96 -7.54 -2.51
CA CYS E 281 -22.80 -8.35 -2.84
C CYS E 281 -23.21 -9.80 -3.02
N ILE E 282 -22.70 -10.43 -4.09
CA ILE E 282 -23.01 -11.81 -4.41
C ILE E 282 -21.69 -12.57 -4.62
N THR E 283 -21.57 -13.71 -3.97
CA THR E 283 -20.41 -14.58 -4.08
C THR E 283 -20.85 -15.97 -4.52
N PRO E 284 -19.94 -16.77 -5.08
CA PRO E 284 -20.29 -18.17 -5.37
C PRO E 284 -20.69 -18.95 -4.13
N ASN E 285 -20.27 -18.51 -2.94
CA ASN E 285 -20.70 -19.13 -1.70
C ASN E 285 -22.08 -18.68 -1.27
N GLY E 286 -22.52 -17.53 -1.74
CA GLY E 286 -23.80 -16.95 -1.35
C GLY E 286 -23.63 -15.46 -1.10
N SER E 287 -24.76 -14.76 -1.11
CA SER E 287 -24.75 -13.31 -0.92
C SER E 287 -24.31 -12.98 0.50
N ILE E 288 -23.51 -11.92 0.63
CA ILE E 288 -22.97 -11.50 1.92
C ILE E 288 -23.24 -10.01 2.12
N PRO E 289 -23.36 -9.55 3.36
CA PRO E 289 -23.57 -8.12 3.59
C PRO E 289 -22.28 -7.33 3.38
N ASN E 290 -22.42 -6.20 2.68
CA ASN E 290 -21.28 -5.32 2.39
C ASN E 290 -21.16 -4.18 3.39
N ASP E 291 -21.61 -4.38 4.62
CA ASP E 291 -21.47 -3.34 5.65
C ASP E 291 -20.02 -3.20 6.10
N LYS E 292 -19.23 -4.28 6.04
CA LYS E 292 -17.83 -4.27 6.41
C LYS E 292 -16.96 -3.96 5.19
N PRO E 293 -15.81 -3.29 5.40
CA PRO E 293 -14.98 -2.93 4.25
C PRO E 293 -14.23 -4.10 3.63
N PHE E 294 -14.02 -5.19 4.37
CA PHE E 294 -13.26 -6.33 3.88
C PHE E 294 -14.07 -7.61 4.06
N GLN E 295 -13.65 -8.65 3.33
CA GLN E 295 -14.31 -9.95 3.41
C GLN E 295 -13.28 -11.04 3.17
N ASN E 296 -13.64 -12.27 3.57
CA ASN E 296 -12.76 -13.42 3.44
C ASN E 296 -13.49 -14.62 2.82
N VAL E 297 -14.69 -14.43 2.29
CA VAL E 297 -15.47 -15.56 1.79
C VAL E 297 -14.94 -16.04 0.44
N ASN E 298 -14.79 -15.12 -0.51
CA ASN E 298 -14.37 -15.52 -1.85
C ASN E 298 -13.83 -14.31 -2.59
N LYS E 299 -12.84 -14.56 -3.47
CA LYS E 299 -12.28 -13.49 -4.28
C LYS E 299 -13.23 -13.10 -5.40
N ILE E 300 -13.94 -14.07 -5.98
CA ILE E 300 -14.91 -13.76 -7.02
C ILE E 300 -16.14 -13.12 -6.38
N THR E 301 -16.40 -11.87 -6.72
CA THR E 301 -17.50 -11.11 -6.14
C THR E 301 -18.16 -10.27 -7.22
N TYR E 302 -19.46 -9.99 -7.02
CA TYR E 302 -20.24 -9.20 -7.96
C TYR E 302 -21.02 -8.15 -7.19
N GLY E 303 -20.98 -6.91 -7.69
CA GLY E 303 -21.66 -5.80 -7.02
C GLY E 303 -20.76 -5.07 -6.06
N ALA E 304 -21.36 -4.14 -5.31
CA ALA E 304 -20.64 -3.43 -4.28
C ALA E 304 -20.21 -4.39 -3.19
N CYS E 305 -19.01 -4.95 -3.33
CA CYS E 305 -18.50 -5.99 -2.46
C CYS E 305 -17.27 -5.53 -1.68
N PRO E 306 -17.13 -5.98 -0.45
CA PRO E 306 -15.93 -5.65 0.33
C PRO E 306 -14.67 -6.22 -0.32
N LYS E 307 -13.54 -5.61 0.00
CA LYS E 307 -12.26 -6.06 -0.56
C LYS E 307 -11.88 -7.41 0.04
N TYR E 308 -11.44 -8.33 -0.82
CA TYR E 308 -11.02 -9.63 -0.36
C TYR E 308 -9.59 -9.55 0.20
N VAL E 309 -9.40 -10.07 1.41
CA VAL E 309 -8.10 -10.06 2.07
C VAL E 309 -7.82 -11.45 2.63
N LYS E 310 -6.55 -11.70 2.94
CA LYS E 310 -6.15 -13.01 3.46
C LYS E 310 -6.57 -13.18 4.91
N GLN E 311 -6.69 -12.09 5.67
CA GLN E 311 -7.00 -12.18 7.09
C GLN E 311 -8.45 -12.64 7.30
N ASN E 312 -8.65 -13.46 8.32
CA ASN E 312 -9.98 -13.93 8.67
C ASN E 312 -10.66 -13.02 9.68
N THR E 313 -9.89 -12.29 10.49
CA THR E 313 -10.45 -11.33 11.44
C THR E 313 -9.51 -10.15 11.57
N LEU E 314 -10.09 -8.94 11.63
CA LEU E 314 -9.33 -7.70 11.78
C LEU E 314 -10.14 -6.77 12.69
N LYS E 315 -9.90 -6.85 13.99
CA LYS E 315 -10.65 -6.05 14.95
C LYS E 315 -10.16 -4.60 14.90
N LEU E 316 -11.11 -3.67 14.79
CA LEU E 316 -10.82 -2.24 14.80
C LEU E 316 -11.28 -1.69 16.15
N ALA E 317 -10.37 -1.03 16.86
CA ALA E 317 -10.65 -0.54 18.21
C ALA E 317 -11.69 0.58 18.14
N THR E 318 -12.88 0.33 18.68
CA THR E 318 -13.91 1.33 18.86
C THR E 318 -13.98 1.87 20.29
N GLY E 319 -13.11 1.39 21.17
CA GLY E 319 -13.07 1.88 22.53
C GLY E 319 -11.69 2.36 22.93
N MET E 320 -11.42 2.41 24.24
CA MET E 320 -10.15 2.89 24.76
C MET E 320 -9.35 1.73 25.35
N ARG E 321 -8.15 2.06 25.81
CA ARG E 321 -7.30 1.07 26.48
C ARG E 321 -7.97 0.59 27.77
N ASN E 322 -8.12 -0.72 27.91
CA ASN E 322 -8.85 -1.32 29.02
C ASN E 322 -7.88 -1.78 30.10
N VAL E 323 -8.05 -1.24 31.31
CA VAL E 323 -7.29 -1.68 32.48
C VAL E 323 -8.26 -1.87 33.64
N PRO E 324 -8.53 -3.10 34.07
CA PRO E 324 -9.53 -3.31 35.13
C PRO E 324 -8.94 -3.27 36.53
N GLU E 325 -7.79 -3.92 36.72
CA GLU E 325 -7.16 -3.99 38.03
C GLU E 325 -5.66 -4.16 37.86
N LYS E 326 -4.93 -4.03 38.96
CA LYS E 326 -3.48 -4.20 38.96
C LYS E 326 -3.11 -5.66 38.75
N PHE E 338 -1.23 6.91 34.97
CA PHE E 338 -1.32 7.78 36.13
C PHE E 338 -2.07 7.08 37.27
N ILE E 339 -3.17 6.42 36.93
CA ILE E 339 -3.90 5.63 37.89
C ILE E 339 -3.38 4.21 37.88
N GLU E 340 -3.58 3.50 38.99
CA GLU E 340 -3.19 2.09 39.03
C GLU E 340 -4.08 1.24 38.14
N ASN E 341 -5.34 1.64 37.96
CA ASN E 341 -6.30 0.86 37.20
C ASN E 341 -7.46 1.75 36.81
N GLY E 342 -8.28 1.26 35.87
CA GLY E 342 -9.41 2.00 35.37
C GLY E 342 -10.65 1.84 36.23
N TRP E 343 -11.71 2.52 35.81
CA TRP E 343 -12.99 2.56 36.53
C TRP E 343 -13.95 1.55 35.90
N GLU E 344 -14.19 0.43 36.59
CA GLU E 344 -15.12 -0.56 36.09
C GLU E 344 -16.56 -0.08 36.22
N GLY E 345 -16.90 0.53 37.36
CA GLY E 345 -18.28 0.89 37.65
C GLY E 345 -18.82 2.03 36.82
N MET E 346 -17.95 2.83 36.21
CA MET E 346 -18.39 4.01 35.46
C MET E 346 -19.16 3.59 34.22
N ILE E 347 -20.46 3.89 34.20
CA ILE E 347 -21.29 3.69 33.03
C ILE E 347 -21.78 4.98 32.41
N ASP E 348 -21.54 6.13 33.07
CA ASP E 348 -22.02 7.40 32.54
C ASP E 348 -21.19 7.88 31.36
N GLY E 349 -19.96 7.41 31.22
CA GLY E 349 -19.12 7.86 30.13
C GLY E 349 -17.78 7.17 30.16
N TRP E 350 -16.80 7.78 29.48
CA TRP E 350 -15.46 7.24 29.38
C TRP E 350 -14.48 7.88 30.35
N TYR E 351 -14.62 9.18 30.61
CA TYR E 351 -13.77 9.89 31.55
C TYR E 351 -14.63 10.53 32.63
N GLY E 352 -14.10 10.59 33.84
CA GLY E 352 -14.88 11.12 34.93
C GLY E 352 -14.04 11.49 36.14
N PHE E 353 -14.73 11.75 37.25
CA PHE E 353 -14.11 12.22 38.47
C PHE E 353 -14.58 11.38 39.67
N ARG E 354 -13.77 11.40 40.71
CA ARG E 354 -14.14 10.87 42.01
C ARG E 354 -13.65 11.85 43.08
N HIS E 355 -14.33 11.87 44.21
CA HIS E 355 -13.96 12.79 45.27
C HIS E 355 -14.28 12.19 46.63
N GLN E 356 -13.42 12.45 47.60
CA GLN E 356 -13.64 12.13 49.01
C GLN E 356 -13.64 13.45 49.78
N ASN E 357 -14.79 14.09 49.85
CA ASN E 357 -14.92 15.39 50.48
C ASN E 357 -15.53 15.25 51.88
N SER E 358 -15.97 16.36 52.45
CA SER E 358 -16.52 16.34 53.80
C SER E 358 -17.87 15.64 53.84
N GLU E 359 -18.65 15.73 52.76
CA GLU E 359 -19.98 15.12 52.77
C GLU E 359 -19.88 13.60 52.62
N GLY E 360 -19.05 13.13 51.69
CA GLY E 360 -18.90 11.71 51.49
C GLY E 360 -18.00 11.35 50.32
N THR E 361 -18.44 10.38 49.51
CA THR E 361 -17.69 9.95 48.34
C THR E 361 -18.65 9.82 47.17
N GLY E 362 -18.29 10.44 46.04
CA GLY E 362 -19.13 10.43 44.87
C GLY E 362 -18.33 10.20 43.60
N GLN E 363 -19.06 9.96 42.51
CA GLN E 363 -18.48 9.69 41.21
C GLN E 363 -19.34 10.32 40.13
N ALA E 364 -18.69 10.94 39.16
CA ALA E 364 -19.40 11.57 38.05
C ALA E 364 -18.49 11.60 36.82
N ALA E 365 -19.08 11.41 35.65
CA ALA E 365 -18.35 11.40 34.40
C ALA E 365 -18.42 12.76 33.71
N ASP E 366 -17.40 13.06 32.92
CA ASP E 366 -17.32 14.31 32.17
C ASP E 366 -17.82 14.04 30.75
N LEU E 367 -18.89 14.75 30.37
CA LEU E 367 -19.52 14.50 29.08
C LEU E 367 -18.68 15.02 27.92
N LYS E 368 -18.10 16.21 28.08
CA LYS E 368 -17.39 16.85 26.96
C LYS E 368 -16.13 16.08 26.59
N SER E 369 -15.37 15.60 27.59
CA SER E 369 -14.17 14.84 27.28
C SER E 369 -14.52 13.50 26.64
N THR E 370 -15.58 12.85 27.13
CA THR E 370 -16.01 11.59 26.52
C THR E 370 -16.54 11.82 25.11
N GLN E 371 -17.33 12.88 24.92
CA GLN E 371 -17.86 13.20 23.60
C GLN E 371 -16.74 13.53 22.62
N ALA E 372 -15.70 14.24 23.08
CA ALA E 372 -14.59 14.58 22.20
C ALA E 372 -13.89 13.33 21.70
N ALA E 373 -13.74 12.31 22.56
CA ALA E 373 -13.12 11.07 22.14
C ALA E 373 -14.03 10.30 21.19
N ILE E 374 -15.33 10.30 21.45
CA ILE E 374 -16.27 9.59 20.60
C ILE E 374 -16.36 10.27 19.23
N ASP E 375 -16.32 11.60 19.20
CA ASP E 375 -16.35 12.32 17.93
C ASP E 375 -15.13 11.97 17.07
N GLN E 376 -13.98 11.74 17.70
CA GLN E 376 -12.79 11.36 16.95
C GLN E 376 -12.91 9.94 16.40
N ILE E 377 -13.37 9.01 17.23
CA ILE E 377 -13.44 7.61 16.81
C ILE E 377 -14.54 7.41 15.76
N ASN E 378 -15.70 8.05 15.97
CA ASN E 378 -16.75 7.98 14.95
C ASN E 378 -16.29 8.59 13.64
N GLY E 379 -15.39 9.57 13.69
CA GLY E 379 -14.87 10.15 12.47
C GLY E 379 -14.03 9.17 11.67
N LYS E 380 -13.17 8.41 12.34
CA LYS E 380 -12.35 7.44 11.64
C LYS E 380 -13.14 6.17 11.34
N LEU E 381 -14.14 5.84 12.16
CA LEU E 381 -15.03 4.72 11.82
C LEU E 381 -15.75 4.98 10.52
N ASN E 382 -16.11 6.23 10.26
CA ASN E 382 -16.66 6.59 8.96
C ASN E 382 -15.59 6.51 7.88
N ARG E 383 -14.36 6.88 8.21
CA ARG E 383 -13.29 6.88 7.23
C ARG E 383 -12.92 5.48 6.76
N VAL E 384 -13.22 4.46 7.56
CA VAL E 384 -12.77 3.11 7.23
C VAL E 384 -13.82 2.31 6.48
N ILE E 385 -15.11 2.59 6.70
CA ILE E 385 -16.18 1.84 6.04
C ILE E 385 -16.81 2.62 4.90
N GLU E 386 -16.24 3.78 4.55
CA GLU E 386 -16.85 4.64 3.54
C GLU E 386 -16.66 4.07 2.14
N LYS E 387 -17.63 4.38 1.26
CA LYS E 387 -17.67 4.01 -0.15
C LYS E 387 -16.86 2.77 -0.50
N THR E 388 -17.49 1.60 -0.39
CA THR E 388 -16.86 0.36 -0.81
C THR E 388 -16.87 0.28 -2.34
N ASN E 389 -15.77 -0.21 -2.91
CA ASN E 389 -15.67 -0.29 -4.36
C ASN E 389 -16.76 -1.18 -4.94
N GLU E 390 -17.20 -0.85 -6.14
CA GLU E 390 -18.27 -1.57 -6.83
C GLU E 390 -17.69 -2.15 -8.11
N LYS E 391 -17.52 -3.47 -8.15
CA LYS E 391 -16.96 -4.16 -9.30
C LYS E 391 -17.97 -5.16 -9.84
N PHE E 392 -18.09 -5.22 -11.17
CA PHE E 392 -19.05 -6.09 -11.82
C PHE E 392 -18.28 -7.12 -12.64
N HIS E 393 -18.22 -6.98 -13.96
CA HIS E 393 -17.55 -7.97 -14.79
C HIS E 393 -16.04 -7.82 -14.65
N GLN E 394 -15.41 -8.77 -13.96
CA GLN E 394 -13.99 -8.79 -13.70
C GLN E 394 -13.36 -9.93 -14.51
N ILE E 395 -12.28 -10.50 -13.99
CA ILE E 395 -11.64 -11.63 -14.61
C ILE E 395 -12.05 -12.91 -13.88
N GLU E 396 -11.77 -14.06 -14.48
CA GLU E 396 -11.99 -15.33 -13.82
C GLU E 396 -10.81 -15.63 -12.89
N LYS E 397 -11.12 -16.05 -11.68
CA LYS E 397 -10.10 -16.30 -10.67
C LYS E 397 -9.94 -17.76 -10.30
N GLU E 398 -11.01 -18.56 -10.38
CA GLU E 398 -10.93 -20.00 -10.23
C GLU E 398 -11.02 -20.64 -11.62
N PHE E 399 -10.17 -21.61 -11.88
CA PHE E 399 -10.08 -22.22 -13.20
C PHE E 399 -10.36 -23.70 -13.13
N SER E 400 -10.74 -24.27 -14.28
CA SER E 400 -11.10 -25.68 -14.38
C SER E 400 -9.93 -26.54 -14.82
N GLU E 401 -9.26 -26.17 -15.91
CA GLU E 401 -8.14 -26.93 -16.43
C GLU E 401 -6.96 -26.01 -16.68
N VAL E 402 -5.82 -26.62 -17.01
CA VAL E 402 -4.58 -25.88 -17.19
C VAL E 402 -4.64 -25.09 -18.49
N GLU E 403 -4.12 -23.87 -18.47
CA GLU E 403 -4.12 -23.01 -19.65
C GLU E 403 -2.74 -22.42 -19.90
N GLY E 404 -1.97 -22.19 -18.83
CA GLY E 404 -0.60 -21.77 -18.98
C GLY E 404 -0.36 -20.28 -18.83
N ARG E 405 0.09 -19.63 -19.91
CA ARG E 405 0.58 -18.26 -19.83
C ARG E 405 -0.50 -17.31 -19.33
N ILE E 406 -1.67 -17.32 -19.98
CA ILE E 406 -2.74 -16.39 -19.58
C ILE E 406 -3.26 -16.75 -18.20
N GLN E 407 -3.42 -18.05 -17.93
CA GLN E 407 -3.95 -18.48 -16.64
C GLN E 407 -3.00 -18.11 -15.49
N ASP E 408 -1.70 -18.34 -15.69
CA ASP E 408 -0.74 -17.99 -14.65
C ASP E 408 -0.74 -16.50 -14.36
N LEU E 409 -1.01 -15.66 -15.37
CA LEU E 409 -1.08 -14.23 -15.16
C LEU E 409 -2.39 -13.82 -14.49
N GLU E 410 -3.50 -14.46 -14.89
CA GLU E 410 -4.76 -14.18 -14.22
C GLU E 410 -4.70 -14.54 -12.74
N LYS E 411 -4.06 -15.67 -12.42
CA LYS E 411 -3.91 -16.06 -11.02
C LYS E 411 -2.93 -15.16 -10.29
N TYR E 412 -1.92 -14.64 -10.99
CA TYR E 412 -0.92 -13.79 -10.35
C TYR E 412 -1.47 -12.38 -10.10
N VAL E 413 -2.22 -11.83 -11.07
CA VAL E 413 -2.80 -10.50 -10.88
C VAL E 413 -3.72 -10.47 -9.67
N GLU E 414 -4.59 -11.48 -9.54
CA GLU E 414 -5.48 -11.55 -8.39
C GLU E 414 -4.70 -11.82 -7.10
N ASP E 415 -3.75 -12.75 -7.15
CA ASP E 415 -2.96 -13.03 -5.95
C ASP E 415 -2.18 -11.80 -5.52
N THR E 416 -1.63 -11.04 -6.48
CA THR E 416 -0.95 -9.80 -6.14
C THR E 416 -1.92 -8.79 -5.55
N LYS E 417 -3.10 -8.65 -6.14
CA LYS E 417 -4.09 -7.71 -5.64
C LYS E 417 -4.46 -8.01 -4.19
N ILE E 418 -4.60 -9.30 -3.85
CA ILE E 418 -5.02 -9.67 -2.50
C ILE E 418 -3.92 -9.35 -1.49
N ASP E 419 -2.68 -9.78 -1.78
CA ASP E 419 -1.59 -9.59 -0.83
C ASP E 419 -1.32 -8.11 -0.57
N LEU E 420 -1.54 -7.25 -1.56
CA LEU E 420 -1.34 -5.82 -1.34
C LEU E 420 -2.45 -5.23 -0.49
N TRP E 421 -3.70 -5.67 -0.72
CA TRP E 421 -4.80 -5.19 0.11
C TRP E 421 -4.72 -5.77 1.52
N SER E 422 -4.23 -7.00 1.66
CA SER E 422 -4.07 -7.57 2.99
C SER E 422 -3.13 -6.73 3.84
N TYR E 423 -2.04 -6.26 3.24
CA TYR E 423 -1.14 -5.35 3.96
C TYR E 423 -1.78 -4.00 4.16
N ASN E 424 -2.52 -3.50 3.16
CA ASN E 424 -3.19 -2.21 3.32
C ASN E 424 -4.18 -2.24 4.48
N ALA E 425 -4.84 -3.39 4.68
CA ALA E 425 -5.80 -3.51 5.77
C ALA E 425 -5.09 -3.79 7.10
N GLU E 426 -4.09 -4.67 7.08
CA GLU E 426 -3.36 -4.99 8.31
C GLU E 426 -2.66 -3.76 8.87
N LEU E 427 -2.01 -2.99 8.00
CA LEU E 427 -1.39 -1.74 8.43
C LEU E 427 -2.43 -0.72 8.87
N LEU E 428 -3.61 -0.74 8.24
CA LEU E 428 -4.67 0.21 8.58
C LEU E 428 -5.12 0.01 10.02
N VAL E 429 -5.51 -1.22 10.37
CA VAL E 429 -6.00 -1.48 11.73
C VAL E 429 -4.88 -1.29 12.74
N ALA E 430 -3.64 -1.61 12.35
CA ALA E 430 -2.52 -1.41 13.27
C ALA E 430 -2.32 0.08 13.58
N LEU E 431 -2.37 0.93 12.54
CA LEU E 431 -2.18 2.35 12.76
C LEU E 431 -3.37 2.97 13.46
N GLU E 432 -4.59 2.65 13.02
CA GLU E 432 -5.78 3.29 13.57
C GLU E 432 -5.99 2.88 15.03
N ASN E 433 -5.76 1.60 15.36
CA ASN E 433 -5.91 1.17 16.74
C ASN E 433 -4.87 1.82 17.63
N GLN E 434 -3.65 1.98 17.12
CA GLN E 434 -2.62 2.69 17.89
C GLN E 434 -3.03 4.13 18.14
N HIS E 435 -3.52 4.80 17.09
CA HIS E 435 -3.96 6.19 17.23
C HIS E 435 -5.23 6.30 18.07
N THR E 436 -6.11 5.30 18.00
CA THR E 436 -7.28 5.30 18.87
C THR E 436 -6.88 5.26 20.34
N ILE E 437 -5.95 4.36 20.68
CA ILE E 437 -5.43 4.30 22.05
C ILE E 437 -4.68 5.57 22.38
N ASP E 438 -3.95 6.12 21.41
CA ASP E 438 -3.20 7.35 21.65
C ASP E 438 -4.14 8.52 21.92
N LEU E 439 -5.20 8.66 21.11
CA LEU E 439 -6.08 9.81 21.27
C LEU E 439 -6.91 9.70 22.54
N THR E 440 -7.30 8.48 22.94
CA THR E 440 -8.07 8.32 24.16
C THR E 440 -7.22 8.64 25.38
N ASP E 441 -5.97 8.19 25.40
CA ASP E 441 -5.08 8.53 26.51
C ASP E 441 -4.80 10.02 26.56
N SER E 442 -4.72 10.69 25.41
CA SER E 442 -4.47 12.13 25.39
C SER E 442 -5.66 12.89 25.98
N GLU E 443 -6.88 12.49 25.60
CA GLU E 443 -8.05 13.17 26.14
C GLU E 443 -8.15 13.01 27.65
N MET E 444 -7.62 11.91 28.20
CA MET E 444 -7.51 11.79 29.64
C MET E 444 -6.49 12.77 30.20
N ASN E 445 -5.32 12.87 29.57
CA ASN E 445 -4.34 13.87 29.98
C ASN E 445 -4.89 15.28 29.80
N LYS E 446 -5.66 15.52 28.73
CA LYS E 446 -6.26 16.83 28.52
C LYS E 446 -7.32 17.12 29.58
N LEU E 447 -8.00 16.08 30.09
CA LEU E 447 -8.94 16.29 31.17
C LEU E 447 -8.22 16.55 32.48
N PHE E 448 -7.17 15.78 32.77
CA PHE E 448 -6.37 16.02 33.96
C PHE E 448 -5.66 17.36 33.91
N GLU E 449 -5.26 17.79 32.72
CA GLU E 449 -4.62 19.10 32.59
C GLU E 449 -5.64 20.22 32.70
N LYS E 450 -6.89 19.95 32.33
CA LYS E 450 -7.94 20.98 32.44
C LYS E 450 -8.18 21.34 33.90
N THR E 451 -8.47 20.34 34.73
CA THR E 451 -8.69 20.59 36.15
C THR E 451 -7.43 21.04 36.85
N ARG E 452 -6.25 20.70 36.33
CA ARG E 452 -5.01 21.16 36.93
C ARG E 452 -4.82 22.65 36.81
N ARG E 453 -5.25 23.23 35.68
CA ARG E 453 -5.13 24.67 35.49
C ARG E 453 -6.15 25.44 36.35
N GLN E 454 -7.26 24.80 36.70
CA GLN E 454 -8.27 25.46 37.52
C GLN E 454 -7.78 25.73 38.93
N LEU E 455 -6.78 25.00 39.40
CA LEU E 455 -6.20 25.16 40.73
C LEU E 455 -4.74 25.56 40.53
N ARG E 456 -4.50 26.87 40.39
CA ARG E 456 -3.14 27.35 40.13
C ARG E 456 -2.21 26.96 41.27
N GLU E 457 -2.56 27.34 42.50
CA GLU E 457 -1.83 26.89 43.68
C GLU E 457 -2.78 26.46 44.79
N ASN E 458 -4.03 26.15 44.46
CA ASN E 458 -5.00 25.74 45.47
C ASN E 458 -4.89 24.25 45.81
N ALA E 459 -4.21 23.47 44.98
CA ALA E 459 -4.03 22.05 45.24
C ALA E 459 -2.77 21.58 44.54
N GLU E 460 -2.38 20.34 44.81
CA GLU E 460 -1.17 19.76 44.24
C GLU E 460 -1.47 18.36 43.70
N ASP E 461 -0.74 18.00 42.66
CA ASP E 461 -0.89 16.68 42.04
C ASP E 461 -0.27 15.62 42.94
N MET E 462 -1.09 14.68 43.43
CA MET E 462 -0.62 13.67 44.37
C MET E 462 0.29 12.65 43.70
N GLY E 463 0.30 12.57 42.38
CA GLY E 463 1.12 11.61 41.68
C GLY E 463 0.42 10.31 41.36
N ASN E 464 -0.92 10.30 41.38
CA ASN E 464 -1.63 9.07 41.04
C ASN E 464 -2.93 9.36 40.29
N GLY E 465 -3.16 10.58 39.80
CA GLY E 465 -4.42 10.94 39.20
C GLY E 465 -5.38 11.65 40.12
N CYS E 466 -4.99 11.88 41.37
CA CYS E 466 -5.84 12.54 42.35
C CYS E 466 -5.26 13.90 42.72
N PHE E 467 -6.14 14.86 42.98
CA PHE E 467 -5.77 16.19 43.44
C PHE E 467 -6.11 16.31 44.92
N LYS E 468 -5.13 16.75 45.72
CA LYS E 468 -5.37 16.98 47.14
C LYS E 468 -5.73 18.46 47.31
N ILE E 469 -7.02 18.74 47.28
CA ILE E 469 -7.52 20.10 47.47
C ILE E 469 -7.43 20.42 48.96
N TYR E 470 -6.58 21.37 49.32
CA TYR E 470 -6.27 21.64 50.71
C TYR E 470 -7.35 22.47 51.42
N HIS E 471 -8.35 22.95 50.71
CA HIS E 471 -9.39 23.77 51.31
C HIS E 471 -10.69 23.00 51.42
N LYS E 472 -11.61 23.54 52.23
CA LYS E 472 -12.92 22.93 52.43
C LYS E 472 -13.70 22.99 51.13
N CYS E 473 -13.91 21.83 50.49
CA CYS E 473 -14.59 21.73 49.21
C CYS E 473 -15.74 20.74 49.36
N ASP E 474 -16.97 21.26 49.37
CA ASP E 474 -18.16 20.43 49.54
C ASP E 474 -18.55 19.80 48.20
N ASN E 475 -19.72 19.16 48.17
CA ASN E 475 -20.20 18.54 46.94
C ASN E 475 -20.48 19.58 45.86
N ALA E 476 -21.11 20.69 46.23
CA ALA E 476 -21.33 21.76 45.27
C ALA E 476 -20.02 22.40 44.84
N CYS E 477 -19.01 22.40 45.71
CA CYS E 477 -17.69 22.88 45.32
C CYS E 477 -17.03 21.92 44.34
N ILE E 478 -17.20 20.62 44.54
CA ILE E 478 -16.69 19.63 43.59
C ILE E 478 -17.41 19.78 42.25
N GLU E 479 -18.73 20.01 42.29
CA GLU E 479 -19.48 20.22 41.06
C GLU E 479 -19.06 21.51 40.37
N SER E 480 -18.64 22.53 41.12
CA SER E 480 -18.13 23.74 40.51
C SER E 480 -16.86 23.48 39.72
N ILE E 481 -16.03 22.55 40.19
CA ILE E 481 -14.84 22.17 39.43
C ILE E 481 -15.21 21.34 38.21
N ARG E 482 -16.26 20.52 38.32
CA ARG E 482 -16.65 19.65 37.22
C ARG E 482 -17.18 20.45 36.04
N ASN E 483 -18.12 21.36 36.28
CA ASN E 483 -18.74 22.11 35.20
C ASN E 483 -17.98 23.36 34.81
N GLY E 484 -16.85 23.63 35.45
CA GLY E 484 -15.99 24.73 35.03
C GLY E 484 -16.38 26.10 35.52
N THR E 485 -16.78 26.22 36.79
CA THR E 485 -17.05 27.52 37.39
C THR E 485 -16.23 27.75 38.66
N TYR E 486 -15.21 26.95 38.90
CA TYR E 486 -14.40 27.06 40.11
C TYR E 486 -13.53 28.30 40.06
N ASP E 487 -13.78 29.24 40.96
CA ASP E 487 -12.95 30.43 41.08
C ASP E 487 -11.90 30.17 42.16
N HIS E 488 -10.64 30.15 41.77
CA HIS E 488 -9.58 29.80 42.71
C HIS E 488 -9.32 30.91 43.71
N ASP E 489 -9.62 32.16 43.37
CA ASP E 489 -9.32 33.27 44.26
C ASP E 489 -10.15 33.21 45.54
N VAL E 490 -11.32 32.58 45.49
CA VAL E 490 -12.15 32.46 46.69
C VAL E 490 -11.45 31.61 47.73
N TYR E 491 -10.83 30.50 47.31
CA TYR E 491 -10.16 29.58 48.21
C TYR E 491 -8.65 29.74 48.21
N ARG E 492 -8.11 30.68 47.43
CA ARG E 492 -6.66 30.86 47.37
C ARG E 492 -6.11 31.36 48.69
N ASP E 493 -6.87 32.21 49.39
CA ASP E 493 -6.46 32.65 50.72
C ASP E 493 -6.49 31.53 51.74
N GLU E 494 -7.31 30.50 51.50
CA GLU E 494 -7.46 29.39 52.42
C GLU E 494 -6.51 28.24 52.07
N ALA E 495 -6.48 27.84 50.80
CA ALA E 495 -5.70 26.66 50.42
C ALA E 495 -4.21 26.89 50.59
N LEU E 496 -3.73 28.10 50.29
CA LEU E 496 -2.30 28.39 50.45
C LEU E 496 -1.88 28.31 51.91
N ASN E 497 -2.77 28.68 52.84
CA ASN E 497 -2.43 28.57 54.26
C ASN E 497 -2.33 27.12 54.69
N ASN E 498 -3.16 26.24 54.11
CA ASN E 498 -3.14 24.83 54.49
C ASN E 498 -1.97 24.07 53.87
N ARG E 499 -1.38 24.58 52.79
CA ARG E 499 -0.27 23.89 52.15
C ARG E 499 1.03 24.03 52.95
N PHE E 500 1.33 25.23 53.42
CA PHE E 500 2.62 25.52 54.06
C PHE E 500 2.50 25.71 55.56
N GLN E 501 1.33 25.45 56.15
CA GLN E 501 1.18 25.49 57.59
C GLN E 501 0.28 24.36 58.07
N GLU F 1 -45.18 2.58 17.51
CA GLU F 1 -45.56 3.98 17.54
C GLU F 1 -44.40 4.82 18.12
N VAL F 2 -43.90 5.76 17.33
CA VAL F 2 -42.77 6.58 17.73
C VAL F 2 -43.09 8.06 17.48
N GLN F 3 -44.37 8.39 17.41
CA GLN F 3 -44.78 9.75 17.08
C GLN F 3 -44.45 10.71 18.22
N LEU F 4 -44.07 11.93 17.86
CA LEU F 4 -43.89 13.02 18.80
C LEU F 4 -44.84 14.15 18.41
N LEU F 5 -45.17 14.99 19.38
CA LEU F 5 -46.13 16.07 19.19
C LEU F 5 -45.49 17.40 19.53
N GLU F 6 -45.59 18.36 18.61
CA GLU F 6 -45.03 19.70 18.81
C GLU F 6 -46.12 20.64 19.31
N SER F 7 -45.86 21.31 20.43
CA SER F 7 -46.78 22.27 21.00
C SER F 7 -46.10 23.64 21.07
N GLY F 8 -46.93 24.68 21.14
CA GLY F 8 -46.44 26.03 21.21
C GLY F 8 -46.54 26.78 19.90
N GLY F 9 -45.58 27.68 19.65
CA GLY F 9 -45.59 28.48 18.44
C GLY F 9 -46.68 29.54 18.47
N GLY F 10 -46.80 30.26 17.36
CA GLY F 10 -47.79 31.29 17.21
C GLY F 10 -47.18 32.53 16.57
N LEU F 11 -47.82 33.67 16.80
CA LEU F 11 -47.40 34.95 16.25
C LEU F 11 -46.59 35.71 17.29
N VAL F 12 -45.41 36.20 16.89
CA VAL F 12 -44.54 36.95 17.79
C VAL F 12 -43.94 38.13 17.05
N GLN F 13 -43.69 39.21 17.79
CA GLN F 13 -43.04 40.38 17.21
C GLN F 13 -41.55 40.11 17.04
N PRO F 14 -40.92 40.58 15.97
CA PRO F 14 -39.48 40.39 15.81
C PRO F 14 -38.71 40.93 17.00
N GLY F 15 -37.72 40.15 17.45
CA GLY F 15 -36.93 40.49 18.61
C GLY F 15 -37.34 39.77 19.88
N GLU F 16 -38.50 39.11 19.88
CA GLU F 16 -38.99 38.43 21.06
C GLU F 16 -38.45 37.00 21.12
N SER F 17 -38.76 36.31 22.21
CA SER F 17 -38.39 34.92 22.39
C SER F 17 -39.62 34.02 22.35
N LEU F 18 -39.38 32.75 22.03
CA LEU F 18 -40.42 31.74 22.03
C LEU F 18 -39.81 30.33 22.04
N ARG F 19 -40.24 29.47 22.96
CA ARG F 19 -39.75 28.10 23.01
C ARG F 19 -40.85 27.14 22.56
N VAL F 20 -40.46 26.12 21.82
CA VAL F 20 -41.38 25.13 21.28
C VAL F 20 -41.08 23.78 21.93
N SER F 21 -42.12 23.09 22.37
CA SER F 21 -41.99 21.81 23.02
C SER F 21 -42.18 20.68 22.02
N CYS F 22 -41.65 19.50 22.37
CA CYS F 22 -41.76 18.32 21.52
C CYS F 22 -41.90 17.10 22.44
N ALA F 23 -43.13 16.67 22.66
CA ALA F 23 -43.41 15.53 23.53
C ALA F 23 -42.96 14.25 22.83
N ALA F 24 -41.82 13.72 23.22
CA ALA F 24 -41.28 12.50 22.62
C ALA F 24 -41.98 11.31 23.24
N SER F 25 -42.93 10.73 22.52
CA SER F 25 -43.70 9.58 23.00
C SER F 25 -43.39 8.37 22.15
N GLY F 26 -43.50 7.19 22.77
CA GLY F 26 -43.42 5.94 22.04
C GLY F 26 -42.14 5.16 22.20
N PHE F 27 -41.66 4.57 21.10
CA PHE F 27 -40.52 3.67 21.14
C PHE F 27 -39.26 4.36 21.66
N THR F 28 -39.15 5.67 21.44
CA THR F 28 -37.94 6.41 21.83
C THR F 28 -37.70 6.35 23.33
N PHE F 29 -36.66 5.62 23.73
CA PHE F 29 -36.24 5.62 25.13
C PHE F 29 -35.59 6.93 25.55
N ARG F 30 -35.30 7.81 24.59
CA ARG F 30 -34.66 9.10 24.84
C ARG F 30 -33.25 8.94 25.39
N ASP F 31 -32.57 7.88 24.96
CA ASP F 31 -31.11 7.87 24.94
C ASP F 31 -30.60 8.07 23.53
N SER F 32 -31.49 8.36 22.58
CA SER F 32 -31.16 8.65 21.20
C SER F 32 -31.31 10.14 20.94
N ALA F 33 -30.72 10.59 19.84
CA ALA F 33 -30.68 12.01 19.54
C ALA F 33 -32.02 12.49 18.96
N LEU F 34 -32.23 13.80 19.05
CA LEU F 34 -33.39 14.46 18.48
C LEU F 34 -32.94 15.75 17.81
N SER F 35 -33.75 16.23 16.87
CA SER F 35 -33.38 17.40 16.08
C SER F 35 -34.61 18.26 15.80
N TRP F 36 -34.35 19.52 15.45
CA TRP F 36 -35.37 20.45 15.00
C TRP F 36 -35.07 20.86 13.57
N VAL F 37 -36.12 20.92 12.74
CA VAL F 37 -36.00 21.32 11.34
C VAL F 37 -37.16 22.24 11.00
N ARG F 38 -36.85 23.42 10.46
CA ARG F 38 -37.86 24.41 10.13
C ARG F 38 -38.03 24.52 8.63
N GLN F 39 -39.25 24.89 8.21
CA GLN F 39 -39.56 25.07 6.80
C GLN F 39 -40.61 26.17 6.67
N ALA F 40 -40.33 27.17 5.87
CA ALA F 40 -41.34 28.18 5.62
C ALA F 40 -42.15 27.81 4.38
N PRO F 41 -43.47 27.97 4.43
CA PRO F 41 -44.29 27.72 3.23
C PRO F 41 -43.82 28.58 2.07
N GLY F 42 -43.44 27.93 0.98
CA GLY F 42 -42.77 28.58 -0.13
C GLY F 42 -41.28 28.37 -0.16
N LYS F 43 -40.71 27.68 0.82
CA LYS F 43 -39.30 27.34 0.87
C LYS F 43 -39.14 25.88 1.26
N GLY F 44 -37.92 25.36 1.07
CA GLY F 44 -37.62 23.98 1.35
C GLY F 44 -37.25 23.74 2.80
N LEU F 45 -36.79 22.52 3.07
CA LEU F 45 -36.39 22.14 4.42
C LEU F 45 -35.04 22.76 4.78
N GLU F 46 -34.80 22.89 6.07
CA GLU F 46 -33.53 23.41 6.58
C GLU F 46 -33.33 22.87 7.99
N TRP F 47 -32.23 22.15 8.19
CA TRP F 47 -31.90 21.64 9.52
C TRP F 47 -31.54 22.78 10.46
N VAL F 48 -32.09 22.74 11.67
CA VAL F 48 -31.89 23.81 12.63
C VAL F 48 -30.83 23.43 13.66
N SER F 49 -31.04 22.30 14.34
CA SER F 49 -30.20 21.96 15.49
C SER F 49 -30.39 20.49 15.83
N ALA F 50 -29.72 20.06 16.90
CA ALA F 50 -29.78 18.68 17.36
C ALA F 50 -29.40 18.63 18.83
N ILE F 51 -29.81 17.53 19.48
CA ILE F 51 -29.55 17.28 20.89
C ILE F 51 -29.08 15.84 21.04
N SER F 52 -28.27 15.58 22.07
CA SER F 52 -27.75 14.25 22.30
C SER F 52 -27.54 14.02 23.79
N GLY F 53 -27.99 12.85 24.26
CA GLY F 53 -27.77 12.44 25.63
C GLY F 53 -28.12 13.49 26.65
N ASN F 54 -27.11 14.18 27.17
CA ASN F 54 -27.32 15.29 28.08
C ASN F 54 -26.89 16.56 27.35
N GLY F 55 -25.73 17.12 27.68
CA GLY F 55 -25.29 18.36 27.08
C GLY F 55 -24.27 18.20 25.96
N GLY F 56 -24.42 17.15 25.14
CA GLY F 56 -23.51 16.94 24.04
C GLY F 56 -23.81 17.73 22.78
N ALA F 57 -24.83 18.58 22.79
CA ALA F 57 -25.23 19.34 21.61
C ALA F 57 -26.08 20.55 22.03
N THR F 58 -25.68 21.81 21.84
CA THR F 58 -24.41 22.37 21.31
C THR F 58 -24.23 22.26 19.79
N TYR F 59 -25.22 21.71 19.08
CA TYR F 59 -25.20 21.65 17.62
C TYR F 59 -26.29 22.56 17.07
N TYR F 60 -25.88 23.73 16.54
CA TYR F 60 -26.81 24.70 15.97
C TYR F 60 -26.35 25.12 14.58
N ALA F 61 -27.31 25.44 13.72
CA ALA F 61 -26.98 25.92 12.39
C ALA F 61 -26.46 27.35 12.44
N ASP F 62 -25.71 27.73 11.40
CA ASP F 62 -25.11 29.06 11.34
C ASP F 62 -26.16 30.17 11.31
N THR F 63 -27.38 29.87 10.85
CA THR F 63 -28.42 30.90 10.83
C THR F 63 -28.85 31.28 12.24
N VAL F 64 -28.87 30.31 13.16
CA VAL F 64 -29.32 30.52 14.52
C VAL F 64 -28.21 30.27 15.54
N LYS F 65 -26.95 30.38 15.10
CA LYS F 65 -25.82 30.03 15.95
C LYS F 65 -25.80 30.81 17.26
N GLY F 66 -26.23 32.08 17.24
CA GLY F 66 -26.26 32.90 18.42
C GLY F 66 -27.64 33.22 18.96
N ARG F 67 -28.69 32.58 18.45
CA ARG F 67 -30.06 32.91 18.85
C ARG F 67 -30.78 31.73 19.49
N PHE F 68 -30.75 30.56 18.85
CA PHE F 68 -31.51 29.41 19.33
C PHE F 68 -30.68 28.58 20.29
N THR F 69 -31.36 28.02 21.29
CA THR F 69 -30.74 27.15 22.28
C THR F 69 -31.66 25.97 22.54
N ILE F 70 -31.08 24.77 22.60
CA ILE F 70 -31.83 23.52 22.61
C ILE F 70 -31.75 22.91 23.99
N SER F 71 -32.91 22.62 24.57
CA SER F 71 -33.02 22.01 25.89
C SER F 71 -33.57 20.60 25.76
N ARG F 72 -33.27 19.77 26.77
CA ARG F 72 -33.77 18.41 26.83
C ARG F 72 -34.15 18.10 28.27
N ASP F 73 -35.36 17.58 28.46
CA ASP F 73 -35.87 17.22 29.78
C ASP F 73 -36.29 15.75 29.72
N ASN F 74 -35.34 14.85 29.99
CA ASN F 74 -35.62 13.42 29.92
C ASN F 74 -36.57 12.95 31.02
N SER F 75 -36.64 13.67 32.14
CA SER F 75 -37.54 13.26 33.21
C SER F 75 -39.00 13.34 32.78
N GLN F 76 -39.37 14.37 32.03
CA GLN F 76 -40.72 14.51 31.48
C GLN F 76 -40.79 14.14 30.01
N THR F 77 -39.67 13.71 29.41
CA THR F 77 -39.62 13.24 28.03
C THR F 77 -40.14 14.28 27.06
N THR F 78 -39.51 15.45 27.06
CA THR F 78 -39.91 16.55 26.19
C THR F 78 -38.67 17.29 25.71
N LEU F 79 -38.64 17.58 24.42
CA LEU F 79 -37.55 18.33 23.80
C LEU F 79 -37.98 19.76 23.56
N TYR F 80 -37.08 20.70 23.85
CA TYR F 80 -37.39 22.13 23.77
C TYR F 80 -36.45 22.83 22.79
N LEU F 81 -36.79 24.09 22.49
CA LEU F 81 -35.98 24.91 21.58
C LEU F 81 -36.35 26.37 21.86
N GLN F 82 -35.51 27.05 22.62
CA GLN F 82 -35.74 28.45 22.97
C GLN F 82 -35.23 29.32 21.84
N MET F 83 -36.15 29.96 21.12
CA MET F 83 -35.82 30.77 19.94
C MET F 83 -35.85 32.24 20.36
N ASN F 84 -34.67 32.78 20.66
CA ASN F 84 -34.53 34.16 21.10
C ASN F 84 -34.07 35.04 19.95
N SER F 85 -34.35 36.34 20.09
CA SER F 85 -33.98 37.36 19.10
C SER F 85 -34.49 36.96 17.71
N LEU F 86 -35.78 36.64 17.65
CA LEU F 86 -36.38 36.18 16.40
C LEU F 86 -36.42 37.30 15.38
N ARG F 87 -36.06 36.98 14.14
CA ARG F 87 -36.11 37.91 13.03
C ARG F 87 -37.25 37.52 12.09
N ALA F 88 -37.39 38.29 11.01
CA ALA F 88 -38.51 38.09 10.10
C ALA F 88 -38.42 36.74 9.38
N ASP F 89 -37.21 36.37 8.93
CA ASP F 89 -37.05 35.13 8.19
C ASP F 89 -37.19 33.88 9.04
N ASP F 90 -37.37 34.01 10.35
CA ASP F 90 -37.57 32.86 11.22
C ASP F 90 -38.97 32.27 11.13
N THR F 91 -39.87 32.89 10.36
CA THR F 91 -41.21 32.37 10.18
C THR F 91 -41.16 31.06 9.40
N ALA F 92 -41.52 29.96 10.05
CA ALA F 92 -41.44 28.64 9.42
C ALA F 92 -42.27 27.65 10.23
N THR F 93 -42.47 26.48 9.64
CA THR F 93 -43.15 25.37 10.31
C THR F 93 -42.08 24.49 10.94
N TYR F 94 -41.81 24.70 12.22
CA TYR F 94 -40.74 23.99 12.91
C TYR F 94 -41.11 22.55 13.16
N TYR F 95 -40.36 21.62 12.57
CA TYR F 95 -40.60 20.19 12.73
C TYR F 95 -39.61 19.61 13.73
N CYS F 96 -40.13 18.79 14.64
CA CYS F 96 -39.32 18.00 15.55
C CYS F 96 -39.15 16.62 14.96
N ALA F 97 -37.90 16.21 14.74
CA ALA F 97 -37.60 15.00 13.99
C ALA F 97 -36.76 14.04 14.82
N LYS F 98 -37.10 12.76 14.75
CA LYS F 98 -36.25 11.71 15.33
C LYS F 98 -34.91 11.67 14.62
N ASP F 99 -33.93 11.05 15.26
CA ASP F 99 -32.59 10.93 14.71
C ASP F 99 -32.10 9.49 14.90
N GLU F 100 -31.66 8.87 13.81
CA GLU F 100 -31.13 7.52 13.84
C GLU F 100 -29.77 7.50 13.17
N SER F 101 -28.90 6.60 13.64
CA SER F 101 -27.56 6.45 13.11
C SER F 101 -27.28 5.00 12.79
N PRO F 102 -26.37 4.72 11.87
CA PRO F 102 -25.96 3.34 11.62
C PRO F 102 -25.41 2.70 12.88
N PRO F 103 -25.70 1.41 13.11
CA PRO F 103 -25.29 0.79 14.38
C PRO F 103 -23.79 0.71 14.59
N ILE F 104 -22.99 0.90 13.53
CA ILE F 104 -21.54 0.88 13.70
C ILE F 104 -21.08 2.09 14.50
N TYR F 105 -21.74 3.23 14.33
CA TYR F 105 -21.44 4.42 15.11
C TYR F 105 -22.15 4.34 16.46
N ASN F 106 -22.19 5.46 17.17
CA ASN F 106 -22.82 5.55 18.49
C ASN F 106 -22.28 4.47 19.43
N LEU F 107 -21.02 4.67 19.81
CA LEU F 107 -20.36 3.71 20.69
C LEU F 107 -21.01 3.67 22.06
N MET F 108 -20.95 4.77 22.79
CA MET F 108 -21.71 4.87 24.05
C MET F 108 -23.15 5.24 23.73
N PRO F 109 -24.13 4.55 24.32
CA PRO F 109 -25.54 4.76 23.90
C PRO F 109 -26.03 6.19 24.06
N GLY F 110 -25.51 6.93 25.03
CA GLY F 110 -26.02 8.26 25.30
C GLY F 110 -25.47 9.35 24.39
N TYR F 111 -24.18 9.31 24.10
CA TYR F 111 -23.52 10.42 23.43
C TYR F 111 -23.93 10.50 21.97
N TYR F 112 -23.38 11.51 21.28
CA TYR F 112 -23.78 11.85 19.92
C TYR F 112 -22.97 11.04 18.91
N SER F 113 -23.66 10.44 17.94
CA SER F 113 -23.04 9.88 16.76
C SER F 113 -23.12 10.90 15.64
N THR F 114 -21.96 11.37 15.17
CA THR F 114 -21.94 12.55 14.32
C THR F 114 -22.51 12.30 12.92
N TYR F 115 -23.25 11.21 12.74
CA TYR F 115 -23.89 10.89 11.46
C TYR F 115 -25.31 10.42 11.74
N TYR F 116 -26.28 11.32 11.63
CA TYR F 116 -27.68 11.03 11.88
C TYR F 116 -28.53 11.29 10.64
N TYR F 117 -29.57 10.47 10.49
CA TYR F 117 -30.62 10.67 9.51
C TYR F 117 -31.96 10.59 10.22
N MET F 118 -32.86 11.52 9.89
CA MET F 118 -34.16 11.61 10.55
C MET F 118 -35.15 10.66 9.90
N ASP F 119 -35.81 9.84 10.72
CA ASP F 119 -36.71 8.79 10.25
C ASP F 119 -38.17 9.10 10.55
N VAL F 120 -38.49 9.47 11.78
CA VAL F 120 -39.86 9.75 12.19
C VAL F 120 -40.01 11.25 12.39
N TRP F 121 -40.84 11.87 11.56
CA TRP F 121 -41.11 13.30 11.63
C TRP F 121 -42.38 13.56 12.43
N GLY F 122 -42.48 14.79 12.94
CA GLY F 122 -43.61 15.20 13.73
C GLY F 122 -44.65 15.96 12.91
N LYS F 123 -45.74 16.32 13.60
CA LYS F 123 -46.82 17.05 12.94
C LYS F 123 -46.41 18.48 12.61
N GLY F 124 -45.53 19.08 13.42
CA GLY F 124 -45.05 20.42 13.14
C GLY F 124 -45.88 21.52 13.77
N THR F 125 -45.21 22.58 14.21
CA THR F 125 -45.86 23.76 14.77
C THR F 125 -45.44 24.98 13.96
N THR F 126 -46.43 25.76 13.52
CA THR F 126 -46.17 26.94 12.71
C THR F 126 -45.89 28.14 13.60
N VAL F 127 -44.78 28.83 13.32
CA VAL F 127 -44.39 30.03 14.06
C VAL F 127 -44.26 31.17 13.06
N THR F 128 -45.02 32.23 13.29
CA THR F 128 -45.01 33.41 12.42
C THR F 128 -44.41 34.59 13.17
N VAL F 129 -43.40 35.21 12.57
CA VAL F 129 -42.71 36.35 13.16
C VAL F 129 -42.96 37.55 12.24
N SER F 130 -43.86 38.44 12.66
CA SER F 130 -44.19 39.63 11.88
C SER F 130 -44.77 40.67 12.82
N SER F 131 -45.36 41.72 12.26
CA SER F 131 -45.96 42.79 13.05
C SER F 131 -47.47 42.70 13.03
N SER F 133 -50.33 42.86 14.38
CA SER F 133 -51.49 42.90 13.50
C SER F 133 -52.08 41.50 13.31
N THR F 134 -53.29 41.29 13.80
CA THR F 134 -54.02 40.04 13.67
C THR F 134 -55.44 40.39 13.18
N LYS F 135 -55.59 40.51 11.88
CA LYS F 135 -56.85 40.95 11.29
C LYS F 135 -57.78 39.76 11.03
N GLY F 136 -59.07 39.98 11.26
CA GLY F 136 -60.07 38.99 10.97
C GLY F 136 -60.48 39.00 9.51
N PRO F 137 -60.67 37.82 8.93
CA PRO F 137 -61.01 37.76 7.50
C PRO F 137 -62.45 38.16 7.25
N SER F 138 -62.66 38.86 6.13
CA SER F 138 -63.98 39.24 5.66
C SER F 138 -64.40 38.25 4.58
N VAL F 139 -65.46 37.49 4.84
CA VAL F 139 -65.88 36.43 3.94
C VAL F 139 -66.96 36.97 3.01
N PHE F 140 -66.73 36.85 1.70
CA PHE F 140 -67.68 37.27 0.68
C PHE F 140 -68.05 36.08 -0.19
N PRO F 141 -69.34 35.78 -0.36
CA PRO F 141 -69.73 34.66 -1.21
C PRO F 141 -69.63 35.00 -2.69
N LEU F 142 -69.58 33.95 -3.51
CA LEU F 142 -69.52 34.06 -4.96
C LEU F 142 -70.71 33.32 -5.55
N ALA F 143 -71.60 34.07 -6.20
CA ALA F 143 -72.84 33.52 -6.72
C ALA F 143 -72.72 33.25 -8.22
N PRO F 144 -73.37 32.18 -8.70
CA PRO F 144 -73.35 31.90 -10.13
C PRO F 144 -74.20 32.89 -10.91
N SER F 145 -73.75 33.20 -12.12
CA SER F 145 -74.40 34.18 -12.98
C SER F 145 -74.93 33.49 -14.24
N SER F 146 -75.35 34.31 -15.21
CA SER F 146 -75.91 33.85 -16.48
C SER F 146 -77.10 32.93 -16.27
N LYS F 147 -76.92 31.64 -16.56
CA LYS F 147 -78.01 30.68 -16.44
C LYS F 147 -77.39 29.32 -16.13
N SER F 148 -77.45 28.93 -14.85
CA SER F 148 -76.88 27.67 -14.37
C SER F 148 -75.38 27.57 -14.68
N THR F 149 -74.68 28.70 -14.62
CA THR F 149 -73.25 28.77 -14.85
C THR F 149 -72.85 28.24 -16.22
N SER F 150 -72.95 26.92 -16.40
CA SER F 150 -72.55 26.27 -17.64
C SER F 150 -73.70 25.64 -18.41
N GLY F 151 -74.73 25.15 -17.73
CA GLY F 151 -75.78 24.41 -18.38
C GLY F 151 -75.58 22.92 -18.22
N GLY F 152 -75.88 22.40 -17.04
CA GLY F 152 -75.62 21.02 -16.71
C GLY F 152 -74.99 20.88 -15.34
N THR F 153 -73.96 21.68 -15.08
CA THR F 153 -73.30 21.73 -13.79
C THR F 153 -72.97 23.18 -13.45
N ALA F 154 -73.22 23.56 -12.21
CA ALA F 154 -73.02 24.93 -11.74
C ALA F 154 -71.81 25.01 -10.82
N ALA F 155 -71.31 26.23 -10.65
CA ALA F 155 -70.14 26.50 -9.82
C ALA F 155 -70.45 27.61 -8.84
N LEU F 156 -69.88 27.51 -7.64
CA LEU F 156 -70.05 28.49 -6.59
C LEU F 156 -68.76 28.61 -5.80
N GLY F 157 -68.64 29.72 -5.07
CA GLY F 157 -67.40 29.97 -4.35
C GLY F 157 -67.58 30.82 -3.11
N CYS F 158 -66.59 30.73 -2.23
CA CYS F 158 -66.47 31.55 -1.04
C CYS F 158 -65.12 32.24 -1.05
N LEU F 159 -65.08 33.49 -0.59
CA LEU F 159 -63.87 34.29 -0.59
C LEU F 159 -63.45 34.63 0.83
N VAL F 160 -62.14 34.52 1.10
CA VAL F 160 -61.58 34.86 2.41
C VAL F 160 -60.55 35.96 2.21
N LYS F 161 -61.00 37.21 2.18
CA LYS F 161 -60.16 38.34 1.82
C LYS F 161 -59.65 39.07 3.06
N ASP F 162 -58.38 39.48 3.02
CA ASP F 162 -57.76 40.33 4.04
C ASP F 162 -57.78 39.69 5.43
N TYR F 163 -56.70 39.00 5.78
CA TYR F 163 -56.56 38.43 7.11
C TYR F 163 -55.09 38.18 7.38
N PHE F 164 -54.75 38.11 8.67
CA PHE F 164 -53.38 37.88 9.09
C PHE F 164 -53.35 37.28 10.48
N PRO F 165 -52.57 36.19 10.66
CA PRO F 165 -51.81 35.54 9.60
C PRO F 165 -52.50 34.30 9.06
N GLU F 166 -51.72 33.30 8.66
CA GLU F 166 -52.23 32.02 8.20
C GLU F 166 -52.30 31.06 9.38
N PRO F 167 -53.13 30.00 9.27
CA PRO F 167 -54.01 29.64 8.17
C PRO F 167 -55.49 29.91 8.46
N VAL F 168 -56.35 29.46 7.55
CA VAL F 168 -57.80 29.57 7.71
C VAL F 168 -58.43 28.25 7.29
N THR F 169 -59.29 27.71 8.14
CA THR F 169 -59.99 26.46 7.86
C THR F 169 -61.32 26.76 7.19
N VAL F 170 -61.63 26.01 6.14
CA VAL F 170 -62.86 26.20 5.39
C VAL F 170 -63.46 24.84 5.07
N SER F 171 -64.77 24.71 5.29
CA SER F 171 -65.53 23.51 4.94
C SER F 171 -66.88 23.95 4.41
N TRP F 172 -67.61 23.00 3.83
CA TRP F 172 -68.92 23.26 3.24
C TRP F 172 -69.96 22.41 3.94
N ASN F 173 -71.02 23.06 4.44
CA ASN F 173 -72.11 22.39 5.13
C ASN F 173 -71.60 21.58 6.32
N SER F 174 -70.73 22.20 7.12
CA SER F 174 -70.16 21.59 8.32
C SER F 174 -69.39 20.32 7.99
N GLY F 175 -68.83 20.24 6.78
CA GLY F 175 -68.07 19.08 6.37
C GLY F 175 -68.86 18.02 5.63
N ALA F 176 -70.17 18.20 5.44
CA ALA F 176 -70.96 17.20 4.74
C ALA F 176 -70.69 17.22 3.24
N LEU F 177 -70.26 18.36 2.70
CA LEU F 177 -69.96 18.50 1.28
C LEU F 177 -68.45 18.47 1.10
N THR F 178 -67.95 17.43 0.44
CA THR F 178 -66.51 17.27 0.24
C THR F 178 -66.18 17.03 -1.23
N SER F 179 -67.13 16.48 -1.98
CA SER F 179 -66.89 16.15 -3.39
C SER F 179 -66.94 17.42 -4.23
N GLY F 180 -65.90 17.64 -5.03
CA GLY F 180 -65.87 18.79 -5.90
C GLY F 180 -65.35 20.06 -5.28
N VAL F 181 -64.92 20.02 -4.03
CA VAL F 181 -64.45 21.22 -3.34
C VAL F 181 -63.00 21.49 -3.71
N HIS F 182 -62.67 22.76 -3.93
CA HIS F 182 -61.32 23.18 -4.28
C HIS F 182 -60.95 24.38 -3.41
N THR F 183 -60.07 24.14 -2.44
CA THR F 183 -59.58 25.20 -1.56
C THR F 183 -58.23 25.68 -2.09
N PHE F 184 -58.16 26.97 -2.43
CA PHE F 184 -56.98 27.57 -3.03
C PHE F 184 -56.01 28.07 -1.96
N PRO F 185 -54.71 28.10 -2.25
CA PRO F 185 -53.75 28.59 -1.27
C PRO F 185 -53.88 30.09 -1.07
N ALA F 186 -53.30 30.56 0.04
CA ALA F 186 -53.33 31.97 0.38
C ALA F 186 -52.36 32.76 -0.48
N VAL F 187 -52.74 33.98 -0.83
CA VAL F 187 -51.93 34.87 -1.62
C VAL F 187 -51.84 36.21 -0.89
N LEU F 188 -50.63 36.62 -0.53
CA LEU F 188 -50.45 37.88 0.17
C LEU F 188 -50.68 39.05 -0.79
N GLN F 189 -51.59 39.95 -0.41
CA GLN F 189 -51.99 41.05 -1.27
C GLN F 189 -51.04 42.23 -1.13
N SER F 190 -51.36 43.33 -1.83
CA SER F 190 -50.51 44.52 -1.78
C SER F 190 -50.51 45.16 -0.40
N SER F 191 -51.62 45.03 0.34
CA SER F 191 -51.69 45.58 1.69
C SER F 191 -50.92 44.75 2.71
N GLY F 192 -50.46 43.56 2.33
CA GLY F 192 -49.77 42.68 3.24
C GLY F 192 -50.65 41.61 3.88
N LEU F 193 -51.94 41.59 3.55
CA LEU F 193 -52.87 40.62 4.11
C LEU F 193 -53.15 39.52 3.10
N TYR F 194 -53.30 38.29 3.59
CA TYR F 194 -53.52 37.15 2.71
C TYR F 194 -54.96 37.13 2.20
N SER F 195 -55.17 36.31 1.18
CA SER F 195 -56.49 36.18 0.55
C SER F 195 -56.67 34.74 0.07
N LEU F 196 -57.80 34.15 0.40
CA LEU F 196 -58.09 32.75 0.07
C LEU F 196 -59.46 32.64 -0.56
N SER F 197 -59.62 31.63 -1.41
CA SER F 197 -60.89 31.37 -2.07
C SER F 197 -61.13 29.87 -2.13
N SER F 198 -62.34 29.44 -1.81
CA SER F 198 -62.71 28.03 -1.84
C SER F 198 -63.96 27.88 -2.68
N VAL F 199 -63.87 27.04 -3.72
CA VAL F 199 -64.97 26.84 -4.65
C VAL F 199 -65.32 25.37 -4.68
N VAL F 200 -66.57 25.09 -5.08
CA VAL F 200 -67.08 23.73 -5.20
C VAL F 200 -68.03 23.68 -6.39
N THR F 201 -67.90 22.63 -7.19
CA THR F 201 -68.71 22.44 -8.39
C THR F 201 -69.69 21.29 -8.14
N VAL F 202 -70.97 21.62 -8.10
CA VAL F 202 -72.03 20.62 -7.92
C VAL F 202 -73.04 20.79 -9.05
N PRO F 203 -73.78 19.74 -9.42
CA PRO F 203 -74.72 19.87 -10.54
C PRO F 203 -75.79 20.93 -10.28
N SER F 204 -76.31 21.49 -11.38
CA SER F 204 -77.30 22.55 -11.30
C SER F 204 -78.65 22.06 -10.79
N SER F 205 -78.84 20.75 -10.67
CA SER F 205 -80.10 20.23 -10.14
C SER F 205 -80.28 20.53 -8.66
N SER F 206 -79.20 20.88 -7.96
CA SER F 206 -79.25 21.20 -6.54
C SER F 206 -79.07 22.69 -6.28
N LEU F 207 -79.35 23.53 -7.28
CA LEU F 207 -79.19 24.97 -7.10
C LEU F 207 -80.20 25.55 -6.13
N GLY F 208 -81.42 25.00 -6.11
CA GLY F 208 -82.47 25.54 -5.27
C GLY F 208 -82.89 24.64 -4.13
N THR F 209 -82.78 23.33 -4.33
CA THR F 209 -83.23 22.38 -3.32
C THR F 209 -82.26 22.24 -2.15
N GLN F 210 -81.05 22.78 -2.27
CA GLN F 210 -80.05 22.69 -1.21
C GLN F 210 -79.50 24.07 -0.90
N THR F 211 -79.32 24.35 0.39
CA THR F 211 -78.76 25.61 0.86
C THR F 211 -77.32 25.36 1.28
N TYR F 212 -76.37 25.92 0.52
CA TYR F 212 -74.95 25.69 0.75
C TYR F 212 -74.38 26.78 1.66
N ILE F 213 -73.64 26.35 2.69
CA ILE F 213 -73.03 27.25 3.66
C ILE F 213 -71.55 26.94 3.74
N CYS F 214 -70.74 27.97 3.94
CA CYS F 214 -69.30 27.81 4.13
C CYS F 214 -68.97 27.76 5.62
N ASN F 215 -67.77 27.28 5.93
CA ASN F 215 -67.32 27.12 7.31
C ASN F 215 -65.92 27.72 7.46
N VAL F 216 -65.83 29.03 7.26
CA VAL F 216 -64.56 29.74 7.37
C VAL F 216 -64.20 29.89 8.84
N ASN F 217 -63.12 29.26 9.26
CA ASN F 217 -62.63 29.34 10.63
C ASN F 217 -61.21 29.89 10.64
N HIS F 218 -60.98 30.96 11.39
CA HIS F 218 -59.66 31.58 11.54
C HIS F 218 -59.37 31.70 13.03
N LYS F 219 -58.74 30.66 13.59
CA LYS F 219 -58.44 30.66 15.02
C LYS F 219 -57.47 31.75 15.47
N PRO F 220 -56.45 32.16 14.71
CA PRO F 220 -55.56 33.23 15.20
C PRO F 220 -56.29 34.48 15.69
N SER F 221 -57.29 34.96 14.96
CA SER F 221 -58.12 36.07 15.40
C SER F 221 -59.45 35.61 15.97
N ASN F 222 -59.74 34.31 15.93
CA ASN F 222 -60.99 33.73 16.39
C ASN F 222 -62.19 34.41 15.73
N THR F 223 -62.20 34.34 14.40
CA THR F 223 -63.30 34.87 13.58
C THR F 223 -63.80 33.74 12.70
N LYS F 224 -65.03 33.30 12.93
CA LYS F 224 -65.59 32.14 12.24
C LYS F 224 -66.96 32.53 11.67
N VAL F 225 -66.99 32.80 10.36
CA VAL F 225 -68.20 33.19 9.66
C VAL F 225 -68.71 32.02 8.84
N ASP F 226 -70.02 31.79 8.88
CA ASP F 226 -70.68 30.74 8.10
C ASP F 226 -71.63 31.43 7.12
N LYS F 227 -71.09 31.85 5.98
CA LYS F 227 -71.85 32.63 5.01
C LYS F 227 -72.72 31.72 4.14
N LYS F 228 -73.91 32.21 3.83
CA LYS F 228 -74.84 31.49 2.96
C LYS F 228 -74.57 31.86 1.51
N VAL F 229 -74.48 30.85 0.66
CA VAL F 229 -74.23 31.05 -0.77
C VAL F 229 -75.51 30.73 -1.52
N GLU F 230 -76.12 31.78 -2.08
CA GLU F 230 -77.31 31.64 -2.91
C GLU F 230 -77.03 32.21 -4.29
N PRO F 231 -77.69 31.68 -5.33
CA PRO F 231 -77.45 32.21 -6.68
C PRO F 231 -77.81 33.69 -6.76
N LYS F 232 -77.07 34.41 -7.62
CA LYS F 232 -77.40 35.80 -7.88
C LYS F 232 -78.82 35.91 -8.42
N SER F 233 -79.80 35.92 -7.50
CA SER F 233 -81.22 36.06 -7.79
C SER F 233 -81.44 37.10 -8.88
N CYS F 234 -82.13 36.73 -9.95
CA CYS F 234 -82.13 37.58 -11.14
C CYS F 234 -83.47 38.28 -11.30
N GLU G 1 -23.12 25.15 5.47
CA GLU G 1 -21.69 25.21 5.19
C GLU G 1 -21.30 24.15 4.16
N ILE G 2 -22.29 23.43 3.65
CA ILE G 2 -22.08 22.46 2.59
C ILE G 2 -23.37 22.38 1.77
N VAL G 3 -23.40 23.13 0.66
CA VAL G 3 -24.65 23.36 -0.04
C VAL G 3 -25.08 22.12 -0.82
N MET G 4 -26.39 21.93 -0.94
CA MET G 4 -26.99 20.85 -1.70
C MET G 4 -27.83 21.46 -2.82
N THR G 5 -27.66 20.95 -4.03
CA THR G 5 -28.37 21.45 -5.20
C THR G 5 -29.04 20.28 -5.90
N GLN G 6 -30.37 20.32 -6.00
CA GLN G 6 -31.13 19.30 -6.71
C GLN G 6 -31.48 19.78 -8.11
N SER G 7 -31.56 18.83 -9.04
CA SER G 7 -31.86 19.15 -10.43
C SER G 7 -32.81 18.12 -11.05
N PRO G 8 -33.84 18.60 -11.76
CA PRO G 8 -34.15 20.02 -11.93
C PRO G 8 -35.07 20.55 -10.83
N VAL G 9 -35.54 21.79 -10.99
CA VAL G 9 -36.46 22.36 -10.00
C VAL G 9 -37.79 21.64 -10.04
N THR G 10 -38.23 21.21 -11.22
CA THR G 10 -39.48 20.48 -11.37
C THR G 10 -39.41 19.66 -12.65
N LEU G 11 -39.98 18.46 -12.61
CA LEU G 11 -39.96 17.56 -13.75
C LEU G 11 -41.35 17.00 -13.98
N SER G 12 -41.66 16.75 -15.26
CA SER G 12 -42.94 16.18 -15.67
C SER G 12 -42.69 14.77 -16.20
N VAL G 13 -43.32 13.77 -15.57
CA VAL G 13 -43.14 12.38 -15.92
C VAL G 13 -44.51 11.71 -15.99
N SER G 14 -44.76 10.99 -17.08
CA SER G 14 -46.02 10.27 -17.22
C SER G 14 -46.10 9.15 -16.19
N PRO G 15 -47.32 8.82 -15.72
CA PRO G 15 -47.46 7.76 -14.72
C PRO G 15 -47.05 6.40 -15.29
N GLY G 16 -46.15 5.73 -14.58
CA GLY G 16 -45.63 4.45 -15.04
C GLY G 16 -44.16 4.54 -15.42
N GLU G 17 -43.76 5.67 -16.01
CA GLU G 17 -42.37 5.86 -16.39
C GLU G 17 -41.50 6.08 -15.16
N THR G 18 -40.20 5.89 -15.35
CA THR G 18 -39.23 6.07 -14.28
C THR G 18 -38.75 7.52 -14.25
N ALA G 19 -38.77 8.12 -13.06
CA ALA G 19 -38.38 9.50 -12.87
C ALA G 19 -37.07 9.54 -12.08
N THR G 20 -36.00 9.96 -12.74
CA THR G 20 -34.68 10.05 -12.12
C THR G 20 -34.44 11.48 -11.64
N LEU G 21 -34.07 11.61 -10.37
CA LEU G 21 -33.79 12.90 -9.75
C LEU G 21 -32.30 13.04 -9.51
N SER G 22 -31.86 14.28 -9.29
CA SER G 22 -30.45 14.58 -9.06
C SER G 22 -30.29 15.31 -7.73
N CYS G 23 -29.16 15.04 -7.05
CA CYS G 23 -28.81 15.67 -5.78
C CYS G 23 -27.30 15.91 -5.77
N ARG G 24 -26.85 16.89 -6.54
CA ARG G 24 -25.44 17.25 -6.57
C ARG G 24 -25.05 17.97 -5.29
N ALA G 25 -23.92 17.58 -4.72
CA ALA G 25 -23.48 18.09 -3.42
C ALA G 25 -22.04 18.54 -3.51
N SER G 26 -21.78 19.77 -3.10
CA SER G 26 -20.41 20.26 -2.98
C SER G 26 -19.69 19.53 -1.86
N GLN G 27 -18.42 19.23 -2.09
CA GLN G 27 -17.57 18.48 -1.16
C GLN G 27 -18.06 17.03 -1.02
N SER G 28 -17.16 16.14 -0.62
CA SER G 28 -17.48 14.72 -0.61
C SER G 28 -18.50 14.39 0.48
N VAL G 29 -19.38 13.44 0.17
CA VAL G 29 -20.39 12.95 1.11
C VAL G 29 -20.89 11.59 0.62
N ARG G 30 -20.76 10.56 1.45
CA ARG G 30 -21.12 9.21 1.06
C ARG G 30 -21.85 8.44 2.16
N SER G 31 -21.34 8.54 3.38
CA SER G 31 -21.86 7.74 4.49
C SER G 31 -23.35 8.00 4.73
N ASN G 32 -23.73 9.27 4.77
CA ASN G 32 -25.09 9.66 5.15
C ASN G 32 -25.72 10.49 4.03
N LEU G 33 -26.89 10.04 3.58
CA LEU G 33 -27.66 10.73 2.55
C LEU G 33 -29.08 10.18 2.61
N ALA G 34 -30.05 11.04 2.88
CA ALA G 34 -31.42 10.61 3.08
C ALA G 34 -32.36 11.31 2.11
N TRP G 35 -33.25 10.54 1.51
CA TRP G 35 -34.28 11.07 0.61
C TRP G 35 -35.62 11.12 1.33
N TYR G 36 -36.46 12.08 0.94
CA TYR G 36 -37.73 12.31 1.60
C TYR G 36 -38.81 12.59 0.57
N GLN G 37 -40.06 12.26 0.95
CA GLN G 37 -41.23 12.46 0.11
C GLN G 37 -42.24 13.28 0.92
N GLN G 38 -42.18 14.60 0.74
CA GLN G 38 -43.06 15.52 1.47
C GLN G 38 -44.26 15.83 0.58
N LYS G 39 -45.38 15.17 0.84
CA LYS G 39 -46.59 15.48 0.11
C LYS G 39 -47.18 16.80 0.63
N PRO G 40 -47.82 17.57 -0.25
CA PRO G 40 -48.35 18.88 0.17
C PRO G 40 -49.31 18.75 1.35
N GLY G 41 -49.14 19.64 2.32
CA GLY G 41 -49.96 19.60 3.52
C GLY G 41 -49.62 18.49 4.48
N GLN G 42 -48.43 17.89 4.34
CA GLN G 42 -48.00 16.81 5.21
C GLN G 42 -46.53 16.97 5.56
N ALA G 43 -46.10 16.25 6.59
CA ALA G 43 -44.71 16.25 7.00
C ALA G 43 -43.88 15.34 6.09
N PRO G 44 -42.58 15.60 5.97
CA PRO G 44 -41.74 14.73 5.14
C PRO G 44 -41.70 13.30 5.68
N ARG G 45 -41.54 12.35 4.76
CA ARG G 45 -41.47 10.93 5.10
C ARG G 45 -40.17 10.36 4.55
N LEU G 46 -39.46 9.61 5.40
CA LEU G 46 -38.18 9.05 5.01
C LEU G 46 -38.37 7.95 3.98
N LEU G 47 -37.56 8.00 2.91
CA LEU G 47 -37.58 6.98 1.87
C LEU G 47 -36.30 6.14 1.88
N ILE G 48 -35.15 6.77 1.67
CA ILE G 48 -33.86 6.11 1.62
C ILE G 48 -32.92 6.82 2.58
N TYR G 49 -32.04 6.05 3.23
CA TYR G 49 -31.00 6.63 4.08
C TYR G 49 -29.65 6.03 3.69
N GLY G 50 -28.60 6.76 4.06
CA GLY G 50 -27.25 6.36 3.70
C GLY G 50 -26.89 6.72 2.27
N ALA G 51 -27.49 6.00 1.31
CA ALA G 51 -27.31 6.27 -0.11
C ALA G 51 -28.29 5.43 -0.91
N SER G 52 -28.34 4.13 -0.62
CA SER G 52 -29.21 3.19 -1.29
C SER G 52 -30.16 2.45 -0.36
N THR G 53 -29.85 2.37 0.93
CA THR G 53 -30.68 1.62 1.86
C THR G 53 -32.00 2.35 2.09
N ARG G 54 -33.10 1.74 1.64
CA ARG G 54 -34.40 2.37 1.77
C ARG G 54 -34.95 2.17 3.18
N ALA G 55 -35.89 3.04 3.55
CA ALA G 55 -36.48 2.99 4.87
C ALA G 55 -37.37 1.76 5.02
N THR G 56 -37.87 1.56 6.23
CA THR G 56 -38.71 0.40 6.52
C THR G 56 -40.07 0.54 5.85
N ASP G 57 -40.57 -0.58 5.34
CA ASP G 57 -41.88 -0.70 4.69
C ASP G 57 -42.19 0.47 3.77
N ILE G 58 -41.26 0.73 2.84
CA ILE G 58 -41.51 1.67 1.75
C ILE G 58 -41.45 0.87 0.45
N PRO G 59 -42.15 1.30 -0.61
CA PRO G 59 -42.20 0.49 -1.83
C PRO G 59 -40.82 0.30 -2.44
N ALA G 60 -40.65 -0.83 -3.13
CA ALA G 60 -39.39 -1.17 -3.77
C ALA G 60 -39.15 -0.35 -5.04
N ARG G 61 -40.15 0.40 -5.51
CA ARG G 61 -39.97 1.22 -6.70
C ARG G 61 -39.10 2.44 -6.44
N PHE G 62 -38.89 2.80 -5.18
CA PHE G 62 -38.00 3.90 -4.82
C PHE G 62 -36.57 3.37 -4.74
N SER G 63 -35.72 3.81 -5.67
CA SER G 63 -34.33 3.36 -5.74
C SER G 63 -33.39 4.53 -5.46
N GLY G 64 -32.28 4.23 -4.81
CA GLY G 64 -31.30 5.24 -4.48
C GLY G 64 -29.90 4.80 -4.85
N SER G 65 -29.09 5.78 -5.26
CA SER G 65 -27.71 5.52 -5.66
C SER G 65 -26.94 6.83 -5.60
N GLY G 66 -25.63 6.72 -5.79
CA GLY G 66 -24.76 7.88 -5.76
C GLY G 66 -23.52 7.69 -4.92
N SER G 67 -22.53 8.57 -5.09
CA SER G 67 -21.27 8.45 -4.37
C SER G 67 -20.57 9.80 -4.34
N GLY G 68 -20.17 10.22 -3.14
CA GLY G 68 -19.33 11.40 -2.98
C GLY G 68 -19.94 12.73 -3.34
N THR G 69 -20.32 12.89 -4.61
CA THR G 69 -20.78 14.19 -5.10
C THR G 69 -22.13 14.07 -5.81
N GLU G 70 -22.20 13.20 -6.81
CA GLU G 70 -23.41 13.02 -7.61
C GLU G 70 -24.28 11.93 -6.99
N PHE G 71 -25.55 12.24 -6.76
CA PHE G 71 -26.52 11.30 -6.21
C PHE G 71 -27.80 11.35 -7.02
N THR G 72 -28.43 10.19 -7.16
CA THR G 72 -29.63 10.06 -7.97
C THR G 72 -30.73 9.35 -7.18
N LEU G 73 -31.98 9.61 -7.58
CA LEU G 73 -33.15 8.99 -7.00
C LEU G 73 -34.13 8.68 -8.12
N SER G 74 -34.39 7.39 -8.35
CA SER G 74 -35.25 6.95 -9.43
C SER G 74 -36.49 6.26 -8.86
N ILE G 75 -37.66 6.67 -9.34
CA ILE G 75 -38.93 6.08 -8.95
C ILE G 75 -39.37 5.17 -10.09
N SER G 76 -39.31 3.85 -9.87
CA SER G 76 -39.56 2.87 -10.92
C SER G 76 -40.97 3.01 -11.50
N SER G 77 -41.95 2.43 -10.83
CA SER G 77 -43.34 2.52 -11.28
C SER G 77 -43.99 3.72 -10.60
N LEU G 78 -44.33 4.73 -11.38
CA LEU G 78 -44.86 5.98 -10.84
C LEU G 78 -46.37 5.88 -10.66
N GLN G 79 -46.87 6.46 -9.58
CA GLN G 79 -48.28 6.49 -9.27
C GLN G 79 -48.76 7.93 -9.19
N SER G 80 -50.07 8.12 -9.37
CA SER G 80 -50.65 9.46 -9.37
C SER G 80 -50.52 10.16 -8.02
N ASP G 81 -50.33 9.41 -6.94
CA ASP G 81 -50.19 9.98 -5.61
C ASP G 81 -48.76 10.39 -5.29
N ASP G 82 -47.82 10.23 -6.23
CA ASP G 82 -46.43 10.59 -6.02
C ASP G 82 -46.14 12.04 -6.39
N PHE G 83 -47.12 12.93 -6.27
CA PHE G 83 -46.98 14.31 -6.74
C PHE G 83 -46.29 15.14 -5.68
N ALA G 84 -45.54 14.48 -4.81
CA ALA G 84 -44.92 15.15 -3.68
C ALA G 84 -43.63 15.85 -4.12
N VAL G 85 -43.01 16.55 -3.17
CA VAL G 85 -41.71 17.18 -3.36
C VAL G 85 -40.67 16.35 -2.63
N TYR G 86 -39.50 16.21 -3.25
CA TYR G 86 -38.44 15.33 -2.75
C TYR G 86 -37.21 16.15 -2.36
N TYR G 87 -36.57 15.74 -1.27
CA TYR G 87 -35.41 16.45 -0.73
C TYR G 87 -34.31 15.45 -0.38
N CYS G 88 -33.11 15.97 -0.20
CA CYS G 88 -31.96 15.15 0.15
C CYS G 88 -31.09 15.91 1.15
N GLN G 89 -30.64 15.21 2.20
CA GLN G 89 -29.77 15.77 3.23
C GLN G 89 -28.41 15.09 3.18
N GLN G 90 -27.50 15.52 4.06
CA GLN G 90 -26.11 15.10 3.97
C GLN G 90 -25.46 15.11 5.34
N TYR G 91 -24.34 14.39 5.43
CA TYR G 91 -23.41 14.51 6.55
C TYR G 91 -22.14 15.22 6.05
N ASN G 92 -21.42 15.93 6.92
CA ASN G 92 -21.84 16.18 8.30
C ASN G 92 -21.51 17.62 8.66
N HIS G 93 -20.21 17.95 8.66
CA HIS G 93 -19.74 19.28 9.03
C HIS G 93 -20.35 19.72 10.36
N TRP G 94 -20.64 18.74 11.22
CA TRP G 94 -21.50 18.85 12.40
C TRP G 94 -22.80 19.63 12.13
N LEU G 95 -23.10 19.87 10.86
CA LEU G 95 -24.22 20.74 10.46
C LEU G 95 -24.85 20.13 9.22
N ARG G 96 -25.93 19.39 9.40
CA ARG G 96 -26.63 18.79 8.26
C ARG G 96 -27.33 19.87 7.46
N THR G 97 -27.33 19.72 6.14
CA THR G 97 -28.03 20.63 5.24
C THR G 97 -29.00 19.85 4.38
N PHE G 98 -30.08 20.51 3.98
CA PHE G 98 -31.10 19.92 3.12
C PHE G 98 -30.91 20.39 1.68
N GLY G 99 -31.64 19.74 0.77
CA GLY G 99 -31.65 20.14 -0.62
C GLY G 99 -32.69 21.20 -0.92
N GLN G 100 -32.64 21.70 -2.15
CA GLN G 100 -33.60 22.73 -2.56
C GLN G 100 -35.00 22.15 -2.74
N GLY G 101 -35.10 20.97 -3.35
CA GLY G 101 -36.38 20.34 -3.57
C GLY G 101 -36.69 20.11 -5.03
N THR G 102 -37.30 18.97 -5.35
CA THR G 102 -37.65 18.62 -6.72
C THR G 102 -39.14 18.29 -6.78
N LYS G 103 -39.88 19.09 -7.53
CA LYS G 103 -41.32 18.87 -7.69
C LYS G 103 -41.57 17.85 -8.79
N LEU G 104 -42.43 16.88 -8.51
CA LEU G 104 -42.74 15.82 -9.45
C LEU G 104 -44.16 16.00 -9.98
N GLU G 105 -44.32 15.96 -11.30
CA GLU G 105 -45.62 16.06 -11.94
C GLU G 105 -46.03 14.72 -12.53
N ILE G 106 -47.33 14.58 -12.78
CA ILE G 106 -47.92 13.39 -13.37
C ILE G 106 -48.46 13.77 -14.75
N LYS G 107 -48.26 12.88 -15.73
CA LYS G 107 -48.65 13.12 -17.12
C LYS G 107 -47.94 14.34 -17.69
N THR G 109 -52.86 13.17 -20.43
CA THR G 109 -53.97 13.77 -21.17
C THR G 109 -54.13 15.24 -20.84
N VAL G 110 -54.20 16.07 -21.88
CA VAL G 110 -54.34 17.51 -21.71
C VAL G 110 -55.82 17.82 -21.46
N ALA G 111 -56.11 18.40 -20.29
CA ALA G 111 -57.48 18.71 -19.92
C ALA G 111 -57.83 20.15 -20.26
N ALA G 112 -59.10 20.38 -20.60
CA ALA G 112 -59.57 21.70 -20.97
C ALA G 112 -60.01 22.48 -19.73
N PRO G 113 -59.58 23.74 -19.56
CA PRO G 113 -59.97 24.50 -18.37
C PRO G 113 -61.43 24.92 -18.43
N SER G 114 -62.21 24.47 -17.44
CA SER G 114 -63.60 24.89 -17.30
C SER G 114 -63.60 26.28 -16.66
N VAL G 115 -63.73 27.31 -17.49
CA VAL G 115 -63.69 28.68 -17.02
C VAL G 115 -65.01 29.04 -16.36
N PHE G 116 -64.94 29.72 -15.21
CA PHE G 116 -66.12 30.20 -14.51
C PHE G 116 -65.85 31.61 -14.01
N ILE G 117 -66.80 32.50 -14.18
CA ILE G 117 -66.66 33.88 -13.73
C ILE G 117 -67.57 34.11 -12.52
N PHE G 118 -67.14 35.00 -11.63
CA PHE G 118 -67.92 35.28 -10.42
C PHE G 118 -67.93 36.79 -10.16
N PRO G 119 -69.09 37.44 -10.24
CA PRO G 119 -69.14 38.87 -9.96
C PRO G 119 -68.97 39.13 -8.47
N PRO G 120 -68.52 40.32 -8.09
CA PRO G 120 -68.38 40.63 -6.66
C PRO G 120 -69.74 40.66 -5.98
N SER G 121 -69.78 40.12 -4.77
CA SER G 121 -71.02 40.06 -4.00
C SER G 121 -71.42 41.44 -3.50
N ASP G 122 -72.70 41.56 -3.11
CA ASP G 122 -73.21 42.84 -2.62
C ASP G 122 -72.50 43.26 -1.33
N GLU G 123 -72.13 42.29 -0.49
CA GLU G 123 -71.42 42.62 0.75
C GLU G 123 -70.04 43.19 0.46
N GLN G 124 -69.38 42.73 -0.61
CA GLN G 124 -68.08 43.26 -0.97
C GLN G 124 -68.19 44.60 -1.69
N LEU G 125 -69.30 44.83 -2.40
CA LEU G 125 -69.51 46.12 -3.06
C LEU G 125 -69.67 47.25 -2.04
N LYS G 126 -70.32 46.97 -0.90
CA LYS G 126 -70.53 47.99 0.11
C LYS G 126 -69.24 48.29 0.89
N SER G 127 -68.33 47.32 0.97
CA SER G 127 -67.10 47.53 1.72
C SER G 127 -66.27 48.67 1.12
N GLY G 128 -66.31 48.84 -0.19
CA GLY G 128 -65.54 49.85 -0.88
C GLY G 128 -64.56 49.32 -1.91
N THR G 129 -64.34 48.01 -1.97
CA THR G 129 -63.42 47.40 -2.92
C THR G 129 -64.07 46.13 -3.45
N ALA G 130 -64.42 46.12 -4.73
CA ALA G 130 -65.05 44.98 -5.38
C ALA G 130 -64.00 44.24 -6.20
N SER G 131 -63.83 42.95 -5.93
CA SER G 131 -62.85 42.12 -6.61
C SER G 131 -63.58 41.03 -7.38
N VAL G 132 -63.35 40.97 -8.68
CA VAL G 132 -63.96 39.97 -9.55
C VAL G 132 -63.06 38.74 -9.59
N VAL G 133 -63.68 37.56 -9.60
CA VAL G 133 -62.97 36.29 -9.52
C VAL G 133 -63.29 35.46 -10.76
N CYS G 134 -62.27 34.84 -11.33
CA CYS G 134 -62.42 33.89 -12.43
C CYS G 134 -61.79 32.56 -12.05
N LEU G 135 -62.54 31.47 -12.25
CA LEU G 135 -62.13 30.14 -11.87
C LEU G 135 -61.81 29.30 -13.10
N LEU G 136 -60.76 28.50 -13.02
CA LEU G 136 -60.37 27.55 -14.06
C LEU G 136 -60.31 26.17 -13.41
N ASN G 137 -61.47 25.53 -13.31
CA ASN G 137 -61.58 24.27 -12.59
C ASN G 137 -61.19 23.09 -13.48
N ASN G 138 -60.26 22.26 -12.98
CA ASN G 138 -59.81 21.04 -13.65
C ASN G 138 -59.15 21.32 -15.00
N PHE G 139 -57.83 21.33 -15.03
CA PHE G 139 -57.11 21.51 -16.30
C PHE G 139 -55.67 21.04 -16.13
N TYR G 140 -55.11 20.57 -17.24
CA TYR G 140 -53.70 20.17 -17.30
C TYR G 140 -53.14 20.58 -18.66
N PRO G 141 -51.90 21.10 -18.70
CA PRO G 141 -50.97 21.28 -17.57
C PRO G 141 -51.21 22.54 -16.75
N ARG G 142 -50.29 22.82 -15.83
CA ARG G 142 -50.43 23.97 -14.94
C ARG G 142 -50.34 25.29 -15.70
N GLU G 143 -49.64 25.31 -16.83
CA GLU G 143 -49.45 26.54 -17.59
C GLU G 143 -50.79 27.03 -18.14
N ALA G 144 -51.14 28.26 -17.79
CA ALA G 144 -52.39 28.86 -18.24
C ALA G 144 -52.24 30.37 -18.24
N LYS G 145 -52.33 30.99 -19.41
CA LYS G 145 -52.19 32.44 -19.55
C LYS G 145 -53.56 33.08 -19.34
N VAL G 146 -53.75 33.71 -18.18
CA VAL G 146 -55.01 34.33 -17.81
C VAL G 146 -54.86 35.84 -17.92
N GLN G 147 -55.81 36.49 -18.58
CA GLN G 147 -55.79 37.92 -18.79
C GLN G 147 -57.15 38.51 -18.43
N TRP G 148 -57.13 39.70 -17.83
CA TRP G 148 -58.34 40.40 -17.43
C TRP G 148 -58.61 41.53 -18.42
N LYS G 149 -59.79 41.49 -19.05
CA LYS G 149 -60.21 42.53 -19.98
C LYS G 149 -61.46 43.20 -19.42
N VAL G 150 -61.36 44.49 -19.14
CA VAL G 150 -62.46 45.28 -18.58
C VAL G 150 -62.79 46.38 -19.58
N ASP G 151 -64.00 46.33 -20.14
CA ASP G 151 -64.44 47.25 -21.19
C ASP G 151 -63.51 47.21 -22.39
N ASN G 152 -63.26 45.99 -22.89
CA ASN G 152 -62.41 45.77 -24.06
C ASN G 152 -61.00 46.32 -23.84
N ALA G 153 -60.56 46.39 -22.59
CA ALA G 153 -59.25 46.93 -22.25
C ALA G 153 -58.58 46.02 -21.23
N LEU G 154 -57.31 45.68 -21.48
CA LEU G 154 -56.58 44.79 -20.59
C LEU G 154 -56.20 45.53 -19.31
N GLN G 155 -56.32 44.82 -18.18
CA GLN G 155 -55.98 45.35 -16.87
C GLN G 155 -54.84 44.53 -16.28
N SER G 156 -53.71 45.18 -16.02
CA SER G 156 -52.54 44.55 -15.43
C SER G 156 -52.14 45.27 -14.16
N GLY G 157 -51.55 44.53 -13.22
CA GLY G 157 -51.19 45.06 -11.93
C GLY G 157 -52.27 45.01 -10.88
N ASN G 158 -53.48 44.58 -11.24
CA ASN G 158 -54.60 44.47 -10.31
C ASN G 158 -55.08 43.04 -10.15
N SER G 159 -54.36 42.05 -10.67
CA SER G 159 -54.77 40.66 -10.63
C SER G 159 -53.69 39.81 -9.98
N GLN G 160 -54.12 38.79 -9.25
CA GLN G 160 -53.23 37.86 -8.57
C GLN G 160 -53.64 36.44 -8.92
N GLU G 161 -52.67 35.62 -9.32
CA GLU G 161 -52.92 34.26 -9.75
C GLU G 161 -52.76 33.29 -8.58
N SER G 162 -53.78 32.49 -8.35
CA SER G 162 -53.77 31.48 -7.29
C SER G 162 -53.95 30.11 -7.93
N VAL G 163 -52.94 29.25 -7.77
CA VAL G 163 -52.91 27.92 -8.38
C VAL G 163 -52.85 26.89 -7.26
N THR G 164 -53.70 25.87 -7.36
CA THR G 164 -53.70 24.77 -6.41
C THR G 164 -52.70 23.70 -6.85
N GLU G 165 -52.36 22.83 -5.90
CA GLU G 165 -51.49 21.70 -6.21
C GLU G 165 -52.24 20.70 -7.10
N GLN G 166 -51.46 19.83 -7.73
CA GLN G 166 -52.05 18.81 -8.60
C GLN G 166 -52.89 17.84 -7.78
N ASP G 167 -54.03 17.44 -8.35
CA ASP G 167 -54.95 16.58 -7.63
C ASP G 167 -54.41 15.17 -7.51
N SER G 168 -54.81 14.49 -6.44
CA SER G 168 -54.31 13.15 -6.16
C SER G 168 -55.01 12.07 -7.00
N LYS G 169 -56.15 12.38 -7.61
CA LYS G 169 -56.90 11.39 -8.39
C LYS G 169 -56.94 11.78 -9.86
N ASP G 170 -57.71 12.80 -10.24
CA ASP G 170 -57.83 13.17 -11.65
C ASP G 170 -56.61 13.93 -12.16
N SER G 171 -55.69 14.34 -11.27
CA SER G 171 -54.42 14.94 -11.66
C SER G 171 -54.61 16.20 -12.50
N THR G 172 -55.58 17.03 -12.11
CA THR G 172 -55.86 18.27 -12.80
C THR G 172 -55.73 19.44 -11.83
N TYR G 173 -55.17 20.55 -12.31
CA TYR G 173 -54.98 21.73 -11.50
C TYR G 173 -56.22 22.60 -11.50
N SER G 174 -56.20 23.65 -10.68
CA SER G 174 -57.26 24.64 -10.62
C SER G 174 -56.64 26.01 -10.38
N LEU G 175 -57.08 27.01 -11.14
CA LEU G 175 -56.52 28.35 -11.08
C LEU G 175 -57.62 29.35 -10.77
N SER G 176 -57.27 30.38 -9.98
CA SER G 176 -58.19 31.45 -9.64
C SER G 176 -57.46 32.79 -9.72
N SER G 177 -58.08 33.77 -10.36
CA SER G 177 -57.54 35.11 -10.48
C SER G 177 -58.52 36.10 -9.85
N THR G 178 -58.01 36.99 -9.01
CA THR G 178 -58.82 37.94 -8.28
C THR G 178 -58.41 39.36 -8.68
N LEU G 179 -59.25 40.02 -9.47
CA LEU G 179 -58.96 41.37 -9.96
C LEU G 179 -59.50 42.37 -8.93
N THR G 180 -58.61 42.89 -8.10
CA THR G 180 -59.00 43.82 -7.04
C THR G 180 -59.15 45.23 -7.60
N LEU G 181 -60.29 45.85 -7.35
CA LEU G 181 -60.55 47.22 -7.77
C LEU G 181 -61.42 47.90 -6.72
N SER G 182 -61.46 49.23 -6.79
CA SER G 182 -62.20 50.03 -5.82
C SER G 182 -63.70 49.97 -6.12
N LYS G 183 -64.48 50.60 -5.24
CA LYS G 183 -65.93 50.63 -5.42
C LYS G 183 -66.31 51.47 -6.64
N ALA G 184 -65.72 52.66 -6.76
CA ALA G 184 -65.97 53.51 -7.92
C ALA G 184 -65.25 53.01 -9.15
N ASP G 185 -64.09 52.37 -8.98
CA ASP G 185 -63.38 51.79 -10.12
C ASP G 185 -64.15 50.65 -10.75
N TYR G 186 -64.93 49.93 -9.95
CA TYR G 186 -65.74 48.84 -10.49
C TYR G 186 -66.94 49.38 -11.27
N GLU G 187 -67.70 50.28 -10.66
CA GLU G 187 -68.86 50.88 -11.32
C GLU G 187 -68.46 51.73 -12.52
N LYS G 188 -67.17 52.04 -12.68
CA LYS G 188 -66.74 52.88 -13.78
C LYS G 188 -66.92 52.19 -15.13
N HIS G 189 -66.85 50.87 -15.17
CA HIS G 189 -66.88 50.10 -16.40
C HIS G 189 -68.12 49.22 -16.45
N LYS G 190 -68.36 48.62 -17.62
CA LYS G 190 -69.57 47.84 -17.85
C LYS G 190 -69.28 46.35 -17.92
N VAL G 191 -68.55 45.90 -18.94
CA VAL G 191 -68.35 44.47 -19.19
C VAL G 191 -67.02 44.04 -18.61
N TYR G 192 -66.99 42.85 -18.01
CA TYR G 192 -65.79 42.26 -17.44
C TYR G 192 -65.58 40.88 -18.08
N ALA G 193 -64.45 40.71 -18.75
CA ALA G 193 -64.15 39.48 -19.47
C ALA G 193 -62.81 38.93 -19.02
N CYS G 194 -62.73 37.60 -18.95
CA CYS G 194 -61.50 36.89 -18.60
C CYS G 194 -60.96 36.21 -19.85
N GLU G 195 -59.95 36.82 -20.45
CA GLU G 195 -59.29 36.27 -21.65
C GLU G 195 -58.41 35.12 -21.20
N VAL G 196 -58.87 33.89 -21.42
CA VAL G 196 -58.19 32.68 -20.98
C VAL G 196 -57.62 31.97 -22.20
N THR G 197 -56.32 31.72 -22.19
CA THR G 197 -55.65 30.97 -23.25
C THR G 197 -54.87 29.83 -22.61
N HIS G 198 -55.12 28.60 -23.08
CA HIS G 198 -54.48 27.42 -22.54
C HIS G 198 -53.67 26.72 -23.63
N GLN G 199 -52.77 25.84 -23.21
CA GLN G 199 -51.96 25.08 -24.16
C GLN G 199 -52.85 24.23 -25.06
N GLY G 200 -53.75 23.45 -24.47
CA GLY G 200 -54.66 22.63 -25.24
C GLY G 200 -55.99 23.32 -25.48
N LEU G 201 -55.93 24.57 -25.92
CA LEU G 201 -57.12 25.38 -26.17
C LEU G 201 -57.10 25.84 -27.63
N SER G 202 -58.09 25.39 -28.40
CA SER G 202 -58.14 25.75 -29.81
C SER G 202 -58.35 27.25 -29.99
N SER G 203 -59.39 27.79 -29.36
CA SER G 203 -59.67 29.21 -29.40
C SER G 203 -59.73 29.77 -27.99
N PRO G 204 -59.31 31.02 -27.78
CA PRO G 204 -59.35 31.61 -26.44
C PRO G 204 -60.76 31.70 -25.88
N VAL G 205 -61.08 30.83 -24.93
CA VAL G 205 -62.40 30.83 -24.29
C VAL G 205 -62.47 31.99 -23.32
N THR G 206 -63.50 32.82 -23.46
CA THR G 206 -63.68 34.00 -22.63
C THR G 206 -65.10 34.01 -22.08
N LYS G 207 -65.22 34.11 -20.76
CA LYS G 207 -66.51 34.22 -20.08
C LYS G 207 -66.65 35.63 -19.52
N SER G 208 -67.78 36.26 -19.79
CA SER G 208 -68.00 37.64 -19.40
C SER G 208 -69.39 37.80 -18.80
N PHE G 209 -69.67 39.01 -18.33
CA PHE G 209 -70.96 39.35 -17.76
C PHE G 209 -71.11 40.86 -17.76
N ASN G 210 -72.34 41.31 -17.95
CA ASN G 210 -72.63 42.73 -17.87
C ASN G 210 -72.81 43.16 -16.42
N ARG G 211 -72.40 44.39 -16.13
CA ARG G 211 -72.57 44.94 -14.79
C ARG G 211 -74.04 45.20 -14.52
N GLY G 212 -74.57 44.61 -13.45
CA GLY G 212 -75.96 44.80 -13.12
C GLY G 212 -76.90 43.87 -13.85
N GLU G 213 -76.43 42.68 -14.25
CA GLU G 213 -77.28 41.70 -14.91
C GLU G 213 -76.63 40.33 -14.72
N CYS G 214 -77.41 39.38 -14.24
CA CYS G 214 -76.86 38.06 -13.94
C CYS G 214 -76.56 37.30 -15.23
N GLU H 1 30.26 -25.30 27.95
CA GLU H 1 29.27 -25.83 28.87
C GLU H 1 28.42 -24.71 29.46
N VAL H 2 27.10 -24.87 29.40
CA VAL H 2 26.18 -23.89 29.95
C VAL H 2 25.38 -24.56 31.06
N GLN H 3 26.05 -25.40 31.84
CA GLN H 3 25.36 -26.23 32.82
C GLN H 3 24.75 -25.37 33.92
N LEU H 4 23.58 -25.79 34.38
CA LEU H 4 22.94 -25.18 35.55
C LEU H 4 22.24 -26.28 36.34
N LEU H 5 22.31 -26.18 37.66
CA LEU H 5 21.84 -27.22 38.56
C LEU H 5 20.79 -26.65 39.50
N GLU H 6 19.70 -27.40 39.68
CA GLU H 6 18.61 -27.01 40.55
C GLU H 6 18.74 -27.74 41.89
N SER H 7 18.71 -26.98 42.98
CA SER H 7 18.78 -27.53 44.32
C SER H 7 17.50 -27.20 45.08
N GLY H 8 17.23 -28.00 46.10
CA GLY H 8 16.05 -27.80 46.91
C GLY H 8 14.92 -28.74 46.54
N GLY H 9 13.68 -28.31 46.80
CA GLY H 9 12.52 -29.10 46.49
C GLY H 9 12.28 -30.20 47.50
N GLY H 10 11.18 -30.92 47.29
CA GLY H 10 10.81 -32.02 48.16
C GLY H 10 9.34 -32.10 48.47
N LEU H 11 8.99 -32.57 49.66
CA LEU H 11 7.60 -32.72 50.08
C LEU H 11 7.19 -31.52 50.91
N VAL H 12 6.07 -30.90 50.54
CA VAL H 12 5.49 -29.81 51.31
C VAL H 12 4.00 -30.07 51.47
N GLN H 13 3.44 -29.56 52.56
CA GLN H 13 2.01 -29.61 52.73
C GLN H 13 1.36 -28.45 51.99
N PRO H 14 0.10 -28.59 51.57
CA PRO H 14 -0.57 -27.49 50.87
C PRO H 14 -0.65 -26.25 51.75
N GLY H 15 -0.37 -25.11 51.14
CA GLY H 15 -0.35 -23.84 51.84
C GLY H 15 1.00 -23.39 52.33
N GLU H 16 2.05 -24.20 52.16
CA GLU H 16 3.38 -23.86 52.61
C GLU H 16 4.16 -23.15 51.49
N SER H 17 5.33 -22.64 51.85
CA SER H 17 6.20 -21.95 50.92
C SER H 17 7.45 -22.78 50.64
N LEU H 18 8.10 -22.49 49.51
CA LEU H 18 9.28 -23.22 49.10
C LEU H 18 10.10 -22.35 48.15
N ARG H 19 11.41 -22.33 48.37
CA ARG H 19 12.34 -21.63 47.52
C ARG H 19 13.26 -22.65 46.85
N VAL H 20 13.34 -22.59 45.53
CA VAL H 20 14.19 -23.47 44.74
C VAL H 20 15.30 -22.64 44.10
N SER H 21 16.53 -23.10 44.25
CA SER H 21 17.69 -22.40 43.72
C SER H 21 18.04 -22.93 42.33
N CYS H 22 18.88 -22.19 41.62
CA CYS H 22 19.34 -22.59 40.29
C CYS H 22 20.70 -21.94 40.06
N ALA H 23 21.77 -22.72 40.23
CA ALA H 23 23.13 -22.21 40.08
C ALA H 23 23.45 -22.09 38.60
N ALA H 24 23.49 -20.87 38.08
CA ALA H 24 23.77 -20.63 36.67
C ALA H 24 25.28 -20.63 36.47
N SER H 25 25.80 -21.71 35.91
CA SER H 25 27.22 -21.86 35.65
C SER H 25 27.48 -21.87 34.15
N GLY H 26 28.73 -21.59 33.79
CA GLY H 26 29.16 -21.75 32.42
C GLY H 26 29.05 -20.51 31.55
N PHE H 27 28.62 -20.72 30.30
CA PHE H 27 28.66 -19.66 29.30
C PHE H 27 27.81 -18.46 29.67
N THR H 28 26.72 -18.68 30.40
CA THR H 28 25.79 -17.61 30.73
C THR H 28 26.47 -16.54 31.60
N PHE H 29 26.80 -15.39 30.99
CA PHE H 29 27.33 -14.27 31.76
C PHE H 29 26.29 -13.66 32.69
N ARG H 30 25.02 -14.08 32.58
CA ARG H 30 23.91 -13.59 33.37
C ARG H 30 23.63 -12.10 33.16
N ASP H 31 23.88 -11.62 31.96
CA ASP H 31 23.12 -10.51 31.39
C ASP H 31 22.02 -11.03 30.48
N SER H 32 21.86 -12.35 30.41
CA SER H 32 20.81 -13.01 29.65
C SER H 32 19.73 -13.51 30.60
N ALA H 33 18.51 -13.64 30.07
CA ALA H 33 17.35 -13.95 30.89
C ALA H 33 17.29 -15.45 31.23
N LEU H 34 16.46 -15.76 32.22
CA LEU H 34 16.26 -17.12 32.70
C LEU H 34 14.79 -17.32 33.04
N SER H 35 14.34 -18.57 32.99
CA SER H 35 12.95 -18.89 33.24
C SER H 35 12.84 -20.17 34.06
N TRP H 36 11.67 -20.36 34.65
CA TRP H 36 11.30 -21.58 35.34
C TRP H 36 10.16 -22.26 34.61
N VAL H 37 10.26 -23.58 34.46
CA VAL H 37 9.25 -24.38 33.78
C VAL H 37 9.01 -25.63 34.60
N ARG H 38 7.77 -25.85 35.02
CA ARG H 38 7.40 -27.04 35.77
C ARG H 38 6.61 -27.98 34.87
N GLN H 39 6.71 -29.28 35.17
CA GLN H 39 5.86 -30.27 34.52
C GLN H 39 5.34 -31.23 35.59
N ALA H 40 4.03 -31.41 35.61
CA ALA H 40 3.45 -32.29 36.61
C ALA H 40 3.68 -33.74 36.23
N PRO H 41 3.72 -34.65 37.22
CA PRO H 41 3.97 -36.06 36.91
C PRO H 41 2.99 -36.63 35.90
N GLY H 42 3.48 -36.95 34.71
CA GLY H 42 2.66 -37.47 33.65
C GLY H 42 1.95 -36.43 32.80
N LYS H 43 2.04 -35.16 33.16
CA LYS H 43 1.36 -34.10 32.46
C LYS H 43 2.34 -33.33 31.58
N GLY H 44 1.79 -32.46 30.73
CA GLY H 44 2.60 -31.69 29.81
C GLY H 44 3.36 -30.57 30.50
N LEU H 45 4.25 -29.95 29.73
CA LEU H 45 5.06 -28.86 30.24
C LEU H 45 4.22 -27.60 30.44
N GLU H 46 4.73 -26.69 31.25
CA GLU H 46 4.04 -25.42 31.51
C GLU H 46 5.07 -24.38 31.94
N TRP H 47 5.10 -23.26 31.21
CA TRP H 47 5.97 -22.15 31.58
C TRP H 47 5.45 -21.46 32.83
N VAL H 48 6.32 -21.34 33.84
CA VAL H 48 5.94 -20.78 35.13
C VAL H 48 6.17 -19.27 35.12
N SER H 49 7.43 -18.86 35.14
CA SER H 49 7.77 -17.44 35.19
C SER H 49 9.08 -17.22 34.45
N ALA H 50 9.45 -15.94 34.32
CA ALA H 50 10.68 -15.56 33.66
C ALA H 50 11.32 -14.43 34.46
N ILE H 51 12.63 -14.29 34.30
CA ILE H 51 13.36 -13.14 34.83
C ILE H 51 14.39 -12.73 33.80
N SER H 52 14.67 -11.44 33.76
CA SER H 52 15.66 -10.90 32.84
C SER H 52 16.95 -10.59 33.59
N GLY H 53 17.95 -10.13 32.85
CA GLY H 53 19.05 -9.43 33.48
C GLY H 53 18.52 -8.25 34.27
N ASN H 54 19.10 -8.03 35.44
CA ASN H 54 18.60 -7.11 36.46
C ASN H 54 17.12 -7.42 36.72
N GLY H 55 16.34 -6.43 37.12
CA GLY H 55 14.96 -6.66 37.49
C GLY H 55 13.92 -6.21 36.47
N GLY H 56 13.94 -6.82 35.29
CA GLY H 56 12.95 -6.52 34.28
C GLY H 56 11.80 -7.52 34.23
N ALA H 57 11.64 -8.27 35.31
CA ALA H 57 10.64 -9.35 35.41
C ALA H 57 10.54 -9.79 36.87
N THR H 58 9.35 -9.97 37.47
CA THR H 58 7.98 -9.99 36.91
C THR H 58 7.79 -11.05 35.81
N TYR H 59 6.66 -10.99 35.10
CA TYR H 59 6.25 -12.03 34.14
C TYR H 59 6.02 -13.37 34.84
N TYR H 60 4.79 -13.62 35.29
CA TYR H 60 4.42 -14.87 35.95
C TYR H 60 3.15 -15.43 35.31
N ALA H 61 3.14 -16.73 35.06
CA ALA H 61 1.95 -17.37 34.50
C ALA H 61 0.75 -17.19 35.42
N ASP H 62 -0.43 -17.11 34.81
CA ASP H 62 -1.65 -16.86 35.56
C ASP H 62 -1.92 -17.92 36.62
N THR H 63 -1.40 -19.13 36.44
CA THR H 63 -1.60 -20.18 37.43
C THR H 63 -0.89 -19.85 38.74
N VAL H 64 0.25 -19.17 38.67
CA VAL H 64 1.07 -18.89 39.84
C VAL H 64 1.31 -17.39 40.01
N LYS H 65 0.42 -16.56 39.45
CA LYS H 65 0.69 -15.12 39.38
C LYS H 65 0.86 -14.53 40.78
N GLY H 66 -0.08 -14.80 41.67
CA GLY H 66 0.02 -14.27 43.02
C GLY H 66 0.81 -15.13 43.97
N ARG H 67 1.12 -16.36 43.58
CA ARG H 67 1.74 -17.31 44.49
C ARG H 67 3.27 -17.31 44.40
N PHE H 68 3.83 -17.24 43.20
CA PHE H 68 5.26 -17.38 43.00
C PHE H 68 5.90 -16.01 42.76
N THR H 69 7.18 -15.90 43.13
CA THR H 69 7.97 -14.69 42.93
C THR H 69 9.38 -15.10 42.58
N ILE H 70 9.86 -14.71 41.40
CA ILE H 70 11.17 -15.12 40.90
C ILE H 70 12.21 -14.08 41.33
N SER H 71 13.38 -14.57 41.71
CA SER H 71 14.45 -13.72 42.21
C SER H 71 15.75 -14.05 41.50
N ARG H 72 16.66 -13.08 41.46
CA ARG H 72 17.94 -13.23 40.77
C ARG H 72 19.05 -12.62 41.61
N ASP H 73 20.14 -13.38 41.79
CA ASP H 73 21.30 -12.94 42.56
C ASP H 73 22.53 -13.10 41.67
N ASN H 74 22.86 -12.04 40.93
CA ASN H 74 23.96 -12.12 39.97
C ASN H 74 25.32 -12.18 40.65
N SER H 75 25.43 -11.61 41.85
CA SER H 75 26.71 -11.62 42.55
C SER H 75 27.18 -13.04 42.84
N GLN H 76 26.26 -13.96 43.08
CA GLN H 76 26.58 -15.37 43.24
C GLN H 76 26.09 -16.23 42.08
N THR H 77 25.53 -15.62 41.04
CA THR H 77 25.10 -16.30 39.82
C THR H 77 24.13 -17.44 40.14
N THR H 78 23.04 -17.10 40.84
CA THR H 78 22.06 -18.08 41.24
C THR H 78 20.66 -17.52 41.03
N LEU H 79 19.80 -18.33 40.41
CA LEU H 79 18.41 -17.98 40.17
C LEU H 79 17.52 -18.65 41.21
N TYR H 80 16.57 -17.89 41.75
CA TYR H 80 15.68 -18.37 42.79
C TYR H 80 14.22 -18.30 42.33
N LEU H 81 13.36 -18.96 43.10
CA LEU H 81 11.92 -18.95 42.83
C LEU H 81 11.22 -19.32 44.13
N GLN H 82 10.68 -18.32 44.81
CA GLN H 82 9.95 -18.52 46.07
C GLN H 82 8.51 -18.89 45.75
N MET H 83 8.13 -20.12 46.08
CA MET H 83 6.80 -20.66 45.75
C MET H 83 5.97 -20.63 47.02
N ASN H 84 5.20 -19.57 47.20
CA ASN H 84 4.37 -19.39 48.39
C ASN H 84 2.94 -19.83 48.11
N SER H 85 2.24 -20.19 49.20
CA SER H 85 0.85 -20.63 49.16
C SER H 85 0.66 -21.78 48.17
N LEU H 86 1.52 -22.79 48.30
CA LEU H 86 1.50 -23.91 47.37
C LEU H 86 0.22 -24.72 47.51
N ARG H 87 -0.33 -25.12 46.36
CA ARG H 87 -1.53 -25.95 46.29
C ARG H 87 -1.17 -27.33 45.77
N ALA H 88 -2.17 -28.22 45.73
CA ALA H 88 -1.91 -29.61 45.37
C ALA H 88 -1.36 -29.74 43.95
N ASP H 89 -1.93 -29.00 43.00
CA ASP H 89 -1.52 -29.11 41.60
C ASP H 89 -0.14 -28.53 41.34
N ASP H 90 0.51 -27.92 42.34
CA ASP H 90 1.87 -27.41 42.17
C ASP H 90 2.92 -28.52 42.21
N THR H 91 2.51 -29.76 42.44
CA THR H 91 3.45 -30.89 42.42
C THR H 91 3.98 -31.08 41.00
N ALA H 92 5.28 -30.87 40.81
CA ALA H 92 5.85 -30.89 39.48
C ALA H 92 7.37 -30.93 39.59
N THR H 93 8.01 -31.27 38.48
CA THR H 93 9.47 -31.22 38.38
C THR H 93 9.85 -29.87 37.81
N TYR H 94 10.26 -28.95 38.68
CA TYR H 94 10.55 -27.58 38.28
C TYR H 94 11.90 -27.52 37.57
N TYR H 95 11.86 -27.19 36.29
CA TYR H 95 13.07 -27.06 35.48
C TYR H 95 13.49 -25.61 35.40
N CYS H 96 14.79 -25.38 35.51
CA CYS H 96 15.39 -24.06 35.33
C CYS H 96 16.03 -24.02 33.95
N ALA H 97 15.74 -22.97 33.18
CA ALA H 97 16.17 -22.95 31.79
C ALA H 97 16.63 -21.56 31.39
N LYS H 98 17.67 -21.52 30.55
CA LYS H 98 18.14 -20.28 29.95
C LYS H 98 17.25 -19.90 28.78
N ASP H 99 17.08 -18.59 28.57
CA ASP H 99 16.22 -18.05 27.52
C ASP H 99 17.06 -17.30 26.51
N GLU H 100 16.84 -17.57 25.22
CA GLU H 100 17.58 -16.95 24.14
C GLU H 100 16.60 -16.32 23.16
N SER H 101 16.97 -15.16 22.62
CA SER H 101 16.14 -14.45 21.67
C SER H 101 16.86 -14.33 20.33
N PRO H 102 16.14 -14.05 19.25
CA PRO H 102 16.79 -13.64 18.01
C PRO H 102 17.63 -12.40 18.23
N PRO H 103 18.80 -12.31 17.58
CA PRO H 103 19.69 -11.18 17.84
C PRO H 103 19.10 -9.83 17.44
N ILE H 104 18.07 -9.81 16.59
CA ILE H 104 17.48 -8.55 16.20
C ILE H 104 16.80 -7.88 17.39
N TYR H 105 16.25 -8.68 18.29
CA TYR H 105 15.65 -8.13 19.50
C TYR H 105 16.75 -7.93 20.54
N ASN H 106 16.36 -7.67 21.78
CA ASN H 106 17.31 -7.42 22.87
C ASN H 106 18.23 -6.26 22.53
N LEU H 107 17.70 -5.03 22.61
CA LEU H 107 18.47 -3.85 22.23
C LEU H 107 19.58 -3.58 23.23
N MET H 108 19.21 -3.25 24.49
CA MET H 108 20.21 -3.15 25.55
C MET H 108 20.45 -4.54 26.15
N PRO H 109 21.70 -4.97 26.29
CA PRO H 109 21.95 -6.38 26.61
C PRO H 109 21.30 -6.86 27.90
N GLY H 110 21.22 -5.99 28.92
CA GLY H 110 20.75 -6.44 30.20
C GLY H 110 19.25 -6.68 30.26
N TYR H 111 18.47 -5.90 29.51
CA TYR H 111 17.04 -5.85 29.72
C TYR H 111 16.33 -7.02 29.02
N TYR H 112 15.02 -7.10 29.27
CA TYR H 112 14.22 -8.22 28.80
C TYR H 112 13.97 -8.12 27.30
N SER H 113 14.25 -9.20 26.58
CA SER H 113 13.85 -9.34 25.18
C SER H 113 12.59 -10.21 25.15
N THR H 114 11.46 -9.60 24.77
CA THR H 114 10.16 -10.23 25.02
C THR H 114 9.93 -11.50 24.21
N TYR H 115 10.87 -11.90 23.34
CA TYR H 115 10.69 -13.05 22.45
C TYR H 115 11.79 -14.08 22.73
N TYR H 116 11.52 -14.99 23.66
CA TYR H 116 12.53 -15.93 24.14
C TYR H 116 12.10 -17.38 23.91
N TYR H 117 13.07 -18.21 23.54
CA TYR H 117 12.94 -19.66 23.55
C TYR H 117 14.02 -20.22 24.48
N MET H 118 13.69 -21.32 25.14
CA MET H 118 14.61 -21.93 26.09
C MET H 118 15.47 -22.96 25.36
N ASP H 119 16.78 -22.78 25.42
CA ASP H 119 17.74 -23.66 24.76
C ASP H 119 18.43 -24.59 25.74
N VAL H 120 18.88 -24.07 26.87
CA VAL H 120 19.61 -24.85 27.86
C VAL H 120 18.67 -25.17 29.01
N TRP H 121 18.34 -26.45 29.16
CA TRP H 121 17.47 -26.92 30.22
C TRP H 121 18.29 -27.54 31.34
N GLY H 122 17.78 -27.40 32.57
CA GLY H 122 18.44 -27.94 33.73
C GLY H 122 18.03 -29.38 34.02
N LYS H 123 18.69 -29.95 35.04
CA LYS H 123 18.38 -31.31 35.44
C LYS H 123 17.01 -31.41 36.09
N GLY H 124 16.54 -30.34 36.73
CA GLY H 124 15.22 -30.32 37.33
C GLY H 124 15.19 -30.80 38.77
N THR H 125 14.37 -30.17 39.59
CA THR H 125 14.16 -30.57 40.97
C THR H 125 12.69 -30.92 41.16
N THR H 126 12.44 -32.08 41.78
CA THR H 126 11.08 -32.56 41.97
C THR H 126 10.50 -31.99 43.25
N VAL H 127 9.33 -31.36 43.14
CA VAL H 127 8.62 -30.78 44.27
C VAL H 127 7.26 -31.47 44.36
N THR H 128 6.99 -32.10 45.51
CA THR H 128 5.72 -32.78 45.75
C THR H 128 4.95 -32.02 46.81
N VAL H 129 3.69 -31.73 46.53
CA VAL H 129 2.82 -31.01 47.45
C VAL H 129 1.71 -31.96 47.85
N SER H 130 1.83 -32.54 49.04
CA SER H 130 0.83 -33.48 49.55
C SER H 130 0.95 -33.53 51.07
N SER H 131 0.19 -34.42 51.68
CA SER H 131 0.22 -34.56 53.13
C SER H 131 1.05 -35.77 53.54
N SER H 133 3.97 -36.89 55.79
CA SER H 133 4.21 -38.32 55.73
C SER H 133 5.36 -38.64 54.77
N THR H 134 6.48 -39.11 55.32
CA THR H 134 7.66 -39.49 54.55
C THR H 134 8.05 -40.89 55.00
N LYS H 135 7.51 -41.91 54.33
CA LYS H 135 7.73 -43.29 54.72
C LYS H 135 8.93 -43.86 54.00
N GLY H 136 9.67 -44.74 54.69
CA GLY H 136 10.78 -45.45 54.11
C GLY H 136 10.31 -46.69 53.38
N PRO H 137 10.91 -46.99 52.23
CA PRO H 137 10.46 -48.14 51.44
C PRO H 137 10.93 -49.45 52.05
N SER H 138 10.08 -50.47 51.96
CA SER H 138 10.42 -51.81 52.39
C SER H 138 10.79 -52.64 51.17
N VAL H 139 12.02 -53.13 51.13
CA VAL H 139 12.56 -53.82 49.97
C VAL H 139 12.40 -55.32 50.16
N PHE H 140 11.72 -55.97 49.21
CA PHE H 140 11.55 -57.41 49.21
C PHE H 140 12.12 -57.98 47.92
N PRO H 141 13.05 -58.93 47.99
CA PRO H 141 13.63 -59.49 46.76
C PRO H 141 12.65 -60.43 46.06
N LEU H 142 12.97 -60.72 44.80
CA LEU H 142 12.18 -61.62 43.97
C LEU H 142 13.06 -62.78 43.53
N ALA H 143 12.71 -64.00 43.98
CA ALA H 143 13.53 -65.17 43.69
C ALA H 143 12.93 -66.00 42.56
N PRO H 144 13.78 -66.57 41.71
CA PRO H 144 13.26 -67.42 40.63
C PRO H 144 12.82 -68.78 41.17
N SER H 145 11.78 -69.34 40.55
CA SER H 145 11.20 -70.61 40.95
C SER H 145 11.38 -71.64 39.83
N SER H 146 10.67 -72.76 39.96
CA SER H 146 10.70 -73.85 38.99
C SER H 146 12.12 -74.36 38.76
N LYS H 147 12.66 -74.10 37.57
CA LYS H 147 14.00 -74.59 37.21
C LYS H 147 14.61 -73.59 36.24
N SER H 148 15.47 -72.72 36.77
CA SER H 148 16.15 -71.69 35.98
C SER H 148 15.16 -70.78 35.26
N THR H 149 14.06 -70.46 35.94
CA THR H 149 13.01 -69.59 35.42
C THR H 149 12.46 -70.10 34.10
N SER H 150 13.24 -69.96 33.03
CA SER H 150 12.87 -70.43 31.71
C SER H 150 13.81 -71.49 31.16
N GLY H 151 15.11 -71.35 31.40
CA GLY H 151 16.09 -72.31 30.91
C GLY H 151 17.43 -71.69 30.63
N GLY H 152 17.57 -71.10 29.44
CA GLY H 152 18.83 -70.45 29.09
C GLY H 152 19.04 -69.09 29.73
N THR H 153 17.95 -68.46 30.19
CA THR H 153 18.05 -67.16 30.85
C THR H 153 17.10 -67.15 32.04
N ALA H 154 17.59 -66.66 33.17
CA ALA H 154 16.82 -66.56 34.40
C ALA H 154 16.49 -65.10 34.69
N ALA H 155 15.48 -64.89 35.54
CA ALA H 155 15.01 -63.57 35.88
C ALA H 155 14.92 -63.43 37.40
N LEU H 156 15.25 -62.24 37.89
CA LEU H 156 15.17 -61.94 39.31
C LEU H 156 15.06 -60.43 39.48
N GLY H 157 14.54 -60.02 40.63
CA GLY H 157 14.34 -58.61 40.86
C GLY H 157 14.13 -58.27 42.32
N CYS H 158 13.84 -56.99 42.56
CA CYS H 158 13.58 -56.47 43.89
C CYS H 158 12.28 -55.66 43.86
N LEU H 159 11.62 -55.61 45.02
CA LEU H 159 10.35 -54.91 45.14
C LEU H 159 10.50 -53.76 46.10
N VAL H 160 10.24 -52.55 45.61
CA VAL H 160 10.24 -51.36 46.47
C VAL H 160 8.81 -50.93 46.80
N LYS H 161 8.27 -51.45 47.90
CA LYS H 161 6.87 -51.28 48.24
C LYS H 161 6.68 -50.25 49.36
N ASP H 162 5.64 -49.43 49.22
CA ASP H 162 5.22 -48.48 50.26
C ASP H 162 6.31 -47.47 50.61
N TYR H 163 6.29 -46.31 49.94
CA TYR H 163 7.18 -45.21 50.27
C TYR H 163 6.58 -43.91 49.77
N PHE H 164 7.09 -42.80 50.30
CA PHE H 164 6.60 -41.47 49.93
C PHE H 164 7.66 -40.43 50.29
N PRO H 165 8.05 -39.59 49.32
CA PRO H 165 7.58 -39.62 47.94
C PRO H 165 8.63 -40.15 46.97
N GLU H 166 8.43 -39.84 45.68
CA GLU H 166 9.39 -40.20 44.65
C GLU H 166 10.54 -39.21 44.70
N PRO H 167 11.71 -39.59 44.16
CA PRO H 167 12.04 -40.86 43.51
C PRO H 167 12.84 -41.82 44.40
N VAL H 168 13.10 -43.01 43.86
CA VAL H 168 13.94 -44.01 44.53
C VAL H 168 15.00 -44.46 43.53
N THR H 169 16.27 -44.37 43.91
CA THR H 169 17.36 -44.79 43.06
C THR H 169 17.65 -46.27 43.32
N VAL H 170 17.81 -47.04 42.24
CA VAL H 170 18.07 -48.46 42.33
C VAL H 170 19.16 -48.84 41.34
N SER H 171 20.16 -49.57 41.82
CA SER H 171 21.22 -50.11 40.98
C SER H 171 21.52 -51.53 41.44
N TRP H 172 22.24 -52.27 40.61
CA TRP H 172 22.55 -53.66 40.87
C TRP H 172 24.06 -53.83 40.99
N ASN H 173 24.50 -54.40 42.11
CA ASN H 173 25.91 -54.63 42.39
C ASN H 173 26.71 -53.32 42.31
N SER H 174 26.18 -52.29 42.97
CA SER H 174 26.81 -50.97 43.04
C SER H 174 27.03 -50.35 41.66
N GLY H 175 26.15 -50.68 40.71
CA GLY H 175 26.24 -50.13 39.37
C GLY H 175 27.02 -50.96 38.38
N ALA H 176 27.63 -52.07 38.81
CA ALA H 176 28.39 -52.91 37.90
C ALA H 176 27.50 -53.70 36.95
N LEU H 177 26.25 -53.94 37.33
CA LEU H 177 25.30 -54.69 36.51
C LEU H 177 24.30 -53.70 35.91
N THR H 178 24.33 -53.55 34.59
CA THR H 178 23.45 -52.61 33.90
C THR H 178 22.73 -53.28 32.75
N SER H 179 23.34 -54.34 32.19
CA SER H 179 22.75 -55.00 31.04
C SER H 179 21.57 -55.86 31.47
N GLY H 180 20.43 -55.69 30.81
CA GLY H 180 19.25 -56.47 31.10
C GLY H 180 18.41 -55.97 32.24
N VAL H 181 18.74 -54.82 32.82
CA VAL H 181 18.00 -54.29 33.96
C VAL H 181 16.78 -53.53 33.46
N HIS H 182 15.65 -53.71 34.13
CA HIS H 182 14.41 -53.03 33.79
C HIS H 182 13.84 -52.40 35.06
N THR H 183 13.94 -51.08 35.16
CA THR H 183 13.39 -50.33 36.29
C THR H 183 12.00 -49.83 35.89
N PHE H 184 10.97 -50.27 36.62
CA PHE H 184 9.59 -49.94 36.33
C PHE H 184 9.17 -48.66 37.02
N PRO H 185 8.24 -47.91 36.44
CA PRO H 185 7.80 -46.66 37.07
C PRO H 185 7.00 -46.91 38.34
N ALA H 186 6.99 -45.89 39.19
CA ALA H 186 6.27 -45.99 40.45
C ALA H 186 4.76 -45.98 40.21
N VAL H 187 4.04 -46.76 41.00
CA VAL H 187 2.59 -46.85 40.91
C VAL H 187 2.02 -46.58 42.30
N LEU H 188 1.18 -45.54 42.39
CA LEU H 188 0.59 -45.17 43.67
C LEU H 188 -0.47 -46.18 44.06
N GLN H 189 -0.23 -46.90 45.15
CA GLN H 189 -1.21 -47.85 45.66
C GLN H 189 -2.45 -47.11 46.18
N SER H 190 -3.55 -47.86 46.31
CA SER H 190 -4.77 -47.29 46.85
C SER H 190 -4.59 -46.81 48.28
N SER H 191 -3.61 -47.36 49.01
CA SER H 191 -3.27 -46.86 50.34
C SER H 191 -2.63 -45.48 50.29
N GLY H 192 -2.01 -45.10 49.18
CA GLY H 192 -1.40 -43.79 49.04
C GLY H 192 0.11 -43.76 49.03
N LEU H 193 0.78 -44.92 48.99
CA LEU H 193 2.23 -44.99 49.00
C LEU H 193 2.69 -45.68 47.73
N TYR H 194 3.67 -45.10 47.05
CA TYR H 194 4.10 -45.60 45.76
C TYR H 194 4.79 -46.96 45.90
N SER H 195 4.84 -47.69 44.78
CA SER H 195 5.46 -48.99 44.72
C SER H 195 6.25 -49.12 43.43
N LEU H 196 7.45 -49.68 43.53
CA LEU H 196 8.36 -49.79 42.39
C LEU H 196 8.96 -51.19 42.36
N SER H 197 9.31 -51.65 41.17
CA SER H 197 9.92 -52.95 40.98
C SER H 197 11.01 -52.84 39.93
N SER H 198 12.16 -53.45 40.21
CA SER H 198 13.28 -53.45 39.28
C SER H 198 13.76 -54.89 39.12
N VAL H 199 13.72 -55.39 37.89
CA VAL H 199 14.09 -56.76 37.59
C VAL H 199 15.21 -56.76 36.54
N VAL H 200 16.01 -57.81 36.56
CA VAL H 200 17.12 -57.99 35.63
C VAL H 200 17.12 -59.43 35.14
N THR H 201 17.35 -59.62 33.85
CA THR H 201 17.37 -60.95 33.24
C THR H 201 18.80 -61.27 32.81
N VAL H 202 19.43 -62.17 33.53
CA VAL H 202 20.79 -62.63 33.20
C VAL H 202 20.74 -64.13 32.95
N PRO H 203 21.66 -64.69 32.17
CA PRO H 203 21.62 -66.13 31.89
C PRO H 203 21.72 -66.96 33.15
N SER H 204 21.15 -68.17 33.09
CA SER H 204 21.09 -69.05 34.25
C SER H 204 22.45 -69.61 34.65
N SER H 205 23.49 -69.41 33.82
CA SER H 205 24.82 -69.89 34.15
C SER H 205 25.43 -69.15 35.34
N SER H 206 24.92 -67.97 35.67
CA SER H 206 25.42 -67.17 36.78
C SER H 206 24.44 -67.18 37.97
N LEU H 207 23.64 -68.24 38.08
CA LEU H 207 22.68 -68.32 39.17
C LEU H 207 23.35 -68.57 40.51
N GLY H 208 24.47 -69.29 40.52
CA GLY H 208 25.13 -69.64 41.77
C GLY H 208 26.50 -69.03 41.93
N THR H 209 27.20 -68.78 40.83
CA THR H 209 28.56 -68.26 40.89
C THR H 209 28.61 -66.76 41.19
N GLN H 210 27.49 -66.05 41.12
CA GLN H 210 27.46 -64.62 41.36
C GLN H 210 26.36 -64.28 42.35
N THR H 211 26.69 -63.41 43.31
CA THR H 211 25.75 -62.94 44.32
C THR H 211 25.25 -61.55 43.90
N TYR H 212 23.98 -61.47 43.55
CA TYR H 212 23.39 -60.23 43.05
C TYR H 212 22.77 -59.44 44.19
N ILE H 213 23.05 -58.13 44.22
CA ILE H 213 22.56 -57.23 45.25
C ILE H 213 21.97 -56.01 44.56
N CYS H 214 20.70 -55.70 44.85
CA CYS H 214 20.08 -54.47 44.38
C CYS H 214 20.31 -53.38 45.43
N ASN H 215 20.85 -52.25 44.98
CA ASN H 215 21.24 -51.15 45.87
C ASN H 215 20.20 -50.05 45.76
N VAL H 216 19.15 -50.16 46.55
CA VAL H 216 18.06 -49.19 46.54
C VAL H 216 18.44 -48.00 47.41
N ASN H 217 18.26 -46.79 46.88
CA ASN H 217 18.52 -45.56 47.62
C ASN H 217 17.28 -44.67 47.58
N HIS H 218 16.84 -44.21 48.75
CA HIS H 218 15.69 -43.31 48.87
C HIS H 218 16.12 -42.11 49.72
N LYS H 219 16.69 -41.10 49.06
CA LYS H 219 17.16 -39.92 49.78
C LYS H 219 16.05 -39.13 50.49
N PRO H 220 14.83 -38.99 49.94
CA PRO H 220 13.80 -38.22 50.67
C PRO H 220 13.59 -38.66 52.11
N SER H 221 13.69 -39.96 52.39
CA SER H 221 13.62 -40.48 53.75
C SER H 221 14.93 -41.12 54.20
N ASN H 222 16.00 -40.94 53.42
CA ASN H 222 17.33 -41.46 53.73
C ASN H 222 17.27 -42.92 54.17
N THR H 223 16.81 -43.77 53.26
CA THR H 223 16.72 -45.20 53.49
C THR H 223 17.39 -45.89 52.32
N LYS H 224 18.50 -46.57 52.59
CA LYS H 224 19.31 -47.19 51.54
C LYS H 224 19.54 -48.66 51.92
N VAL H 225 18.71 -49.54 51.37
CA VAL H 225 18.79 -50.97 51.63
C VAL H 225 19.48 -51.65 50.46
N ASP H 226 20.35 -52.61 50.77
CA ASP H 226 21.06 -53.42 49.77
C ASP H 226 20.67 -54.87 50.01
N LYS H 227 19.52 -55.26 49.47
CA LYS H 227 18.97 -56.58 49.73
C LYS H 227 19.66 -57.64 48.87
N LYS H 228 19.77 -58.84 49.43
CA LYS H 228 20.38 -59.96 48.74
C LYS H 228 19.32 -60.75 47.98
N VAL H 229 19.60 -61.08 46.72
CA VAL H 229 18.69 -61.82 45.87
C VAL H 229 19.30 -63.18 45.61
N GLU H 230 18.73 -64.22 46.21
CA GLU H 230 19.14 -65.59 46.02
C GLU H 230 17.96 -66.43 45.55
N PRO H 231 18.21 -67.50 44.78
CA PRO H 231 17.09 -68.34 44.33
C PRO H 231 16.36 -68.98 45.51
N LYS H 232 15.06 -69.22 45.31
CA LYS H 232 14.24 -69.78 46.36
C LYS H 232 14.76 -71.14 46.81
N SER H 233 14.99 -71.28 48.11
CA SER H 233 15.46 -72.55 48.66
C SER H 233 14.27 -73.48 48.84
N CYS H 234 14.29 -74.62 48.16
CA CYS H 234 13.16 -75.54 48.13
C CYS H 234 13.62 -76.97 47.89
N GLU I 1 -3.02 -17.73 28.41
CA GLU I 1 -3.91 -16.77 27.78
C GLU I 1 -3.87 -16.91 26.27
N ILE I 2 -3.18 -17.95 25.80
CA ILE I 2 -3.13 -18.27 24.38
C ILE I 2 -2.89 -19.77 24.23
N VAL I 3 -3.97 -20.54 24.12
CA VAL I 3 -3.87 -21.99 24.27
C VAL I 3 -3.23 -22.62 23.03
N MET I 4 -2.56 -23.74 23.25
CA MET I 4 -1.95 -24.54 22.19
C MET I 4 -2.55 -25.93 22.21
N THR I 5 -2.81 -26.47 21.03
CA THR I 5 -3.42 -27.80 20.90
C THR I 5 -2.62 -28.61 19.89
N GLN I 6 -2.02 -29.70 20.34
CA GLN I 6 -1.26 -30.59 19.48
C GLN I 6 -2.14 -31.76 19.04
N SER I 7 -1.94 -32.20 17.81
CA SER I 7 -2.69 -33.33 17.27
C SER I 7 -1.78 -34.27 16.49
N PRO I 8 -1.91 -35.58 16.73
CA PRO I 8 -2.83 -36.16 17.71
C PRO I 8 -2.21 -36.29 19.10
N VAL I 9 -2.92 -36.92 20.03
CA VAL I 9 -2.38 -37.13 21.36
C VAL I 9 -1.22 -38.11 21.32
N THR I 10 -1.32 -39.13 20.47
CA THR I 10 -0.26 -40.12 20.29
C THR I 10 -0.38 -40.71 18.90
N LEU I 11 0.77 -40.94 18.26
CA LEU I 11 0.81 -41.49 16.91
C LEU I 11 1.78 -42.66 16.87
N SER I 12 1.44 -43.66 16.05
CA SER I 12 2.28 -44.83 15.84
C SER I 12 2.87 -44.74 14.43
N VAL I 13 4.19 -44.72 14.35
CA VAL I 13 4.90 -44.58 13.08
C VAL I 13 6.01 -45.63 13.02
N SER I 14 6.07 -46.36 11.91
CA SER I 14 7.13 -47.34 11.73
C SER I 14 8.48 -46.65 11.60
N PRO I 15 9.55 -47.28 12.07
CA PRO I 15 10.88 -46.65 11.99
C PRO I 15 11.31 -46.49 10.54
N GLY I 16 11.67 -45.25 10.18
CA GLY I 16 12.04 -44.94 8.82
C GLY I 16 11.07 -44.00 8.15
N GLU I 17 9.79 -44.18 8.44
CA GLU I 17 8.76 -43.32 7.88
C GLU I 17 8.83 -41.92 8.51
N THR I 18 8.22 -40.96 7.82
CA THR I 18 8.17 -39.59 8.30
C THR I 18 6.93 -39.39 9.17
N ALA I 19 7.13 -38.80 10.34
CA ALA I 19 6.05 -38.57 11.29
C ALA I 19 5.76 -37.09 11.36
N THR I 20 4.57 -36.70 10.88
CA THR I 20 4.14 -35.30 10.87
C THR I 20 3.27 -35.01 12.08
N LEU I 21 3.67 -33.99 12.85
CA LEU I 21 2.95 -33.57 14.05
C LEU I 21 2.26 -32.24 13.80
N SER I 22 1.23 -31.97 14.60
CA SER I 22 0.47 -30.74 14.49
C SER I 22 0.56 -29.96 15.80
N CYS I 23 0.51 -28.62 15.66
CA CYS I 23 0.52 -27.71 16.81
C CYS I 23 -0.40 -26.53 16.45
N ARG I 24 -1.70 -26.77 16.52
CA ARG I 24 -2.66 -25.70 16.24
C ARG I 24 -2.72 -24.74 17.41
N ALA I 25 -2.75 -23.44 17.10
CA ALA I 25 -2.66 -22.40 18.11
C ALA I 25 -3.73 -21.34 17.87
N SER I 26 -4.52 -21.05 18.90
CA SER I 26 -5.44 -19.94 18.81
C SER I 26 -4.66 -18.63 18.70
N GLN I 27 -5.33 -17.60 18.18
CA GLN I 27 -4.70 -16.31 17.90
C GLN I 27 -3.56 -16.46 16.90
N SER I 28 -2.83 -15.38 16.63
CA SER I 28 -1.79 -15.38 15.63
C SER I 28 -0.42 -15.41 16.29
N VAL I 29 0.47 -16.25 15.78
CA VAL I 29 1.83 -16.36 16.29
C VAL I 29 2.73 -16.80 15.14
N ARG I 30 3.84 -16.09 14.94
CA ARG I 30 4.72 -16.39 13.82
C ARG I 30 6.19 -16.36 14.21
N SER I 31 6.62 -15.28 14.89
CA SER I 31 8.03 -15.06 15.19
C SER I 31 8.62 -16.09 16.14
N ASN I 32 7.80 -16.80 16.90
CA ASN I 32 8.31 -17.80 17.83
C ASN I 32 7.42 -19.02 17.85
N LEU I 33 8.03 -20.19 17.68
CA LEU I 33 7.38 -21.45 18.00
C LEU I 33 8.47 -22.49 18.15
N ALA I 34 8.77 -22.88 19.39
CA ALA I 34 9.86 -23.79 19.67
C ALA I 34 9.35 -25.21 19.84
N TRP I 35 10.06 -26.16 19.25
CA TRP I 35 9.76 -27.58 19.39
C TRP I 35 10.77 -28.24 20.31
N TYR I 36 10.30 -29.21 21.10
CA TYR I 36 11.12 -29.86 22.12
C TYR I 36 10.95 -31.37 22.04
N GLN I 37 12.02 -32.08 22.42
CA GLN I 37 12.04 -33.53 22.44
C GLN I 37 12.38 -33.96 23.86
N GLN I 38 11.36 -34.27 24.66
CA GLN I 38 11.55 -34.67 26.04
C GLN I 38 11.46 -36.19 26.11
N LYS I 39 12.62 -36.83 26.21
CA LYS I 39 12.63 -38.28 26.39
C LYS I 39 12.30 -38.62 27.84
N PRO I 40 11.65 -39.76 28.07
CA PRO I 40 11.23 -40.12 29.44
C PRO I 40 12.42 -40.14 30.39
N GLY I 41 12.21 -39.58 31.57
CA GLY I 41 13.26 -39.53 32.57
C GLY I 41 14.34 -38.52 32.29
N GLN I 42 14.10 -37.56 31.40
CA GLN I 42 15.09 -36.55 31.05
C GLN I 42 14.40 -35.20 30.87
N ALA I 43 15.21 -34.15 30.86
CA ALA I 43 14.70 -32.81 30.61
C ALA I 43 14.42 -32.61 29.13
N PRO I 44 13.58 -31.64 28.79
CA PRO I 44 13.33 -31.36 27.37
C PRO I 44 14.58 -30.83 26.67
N ARG I 45 14.66 -31.08 25.38
CA ARG I 45 15.77 -30.64 24.55
C ARG I 45 15.23 -29.82 23.39
N LEU I 46 15.86 -28.68 23.13
CA LEU I 46 15.40 -27.79 22.06
C LEU I 46 15.74 -28.38 20.70
N LEU I 47 14.73 -28.46 19.84
CA LEU I 47 14.89 -28.93 18.46
C LEU I 47 14.79 -27.80 17.46
N ILE I 48 13.65 -27.12 17.42
CA ILE I 48 13.39 -26.02 16.49
C ILE I 48 12.94 -24.82 17.30
N TYR I 49 13.33 -23.61 16.88
CA TYR I 49 12.88 -22.38 17.52
C TYR I 49 12.40 -21.40 16.46
N GLY I 50 11.37 -20.64 16.81
CA GLY I 50 10.74 -19.71 15.88
C GLY I 50 10.15 -20.36 14.66
N ALA I 51 9.86 -21.66 14.73
CA ALA I 51 9.51 -22.50 13.58
C ALA I 51 10.64 -22.54 12.56
N SER I 52 10.63 -23.55 11.69
CA SER I 52 11.61 -23.68 10.61
C SER I 52 13.03 -23.85 11.14
N THR I 53 13.56 -22.82 11.81
CA THR I 53 14.96 -22.82 12.22
C THR I 53 15.19 -23.84 13.33
N ARG I 54 16.12 -24.77 13.10
CA ARG I 54 16.41 -25.82 14.06
C ARG I 54 17.55 -25.42 14.99
N ALA I 55 17.65 -26.12 16.11
CA ALA I 55 18.62 -25.79 17.14
C ALA I 55 20.03 -26.24 16.71
N THR I 56 21.00 -25.92 17.56
CA THR I 56 22.39 -26.25 17.25
C THR I 56 22.63 -27.75 17.43
N ASP I 57 23.45 -28.31 16.52
CA ASP I 57 23.84 -29.72 16.51
C ASP I 57 22.68 -30.66 16.84
N ILE I 58 21.58 -30.49 16.11
CA ILE I 58 20.49 -31.46 16.12
C ILE I 58 20.35 -32.01 14.70
N PRO I 59 19.88 -33.25 14.53
CA PRO I 59 19.89 -33.86 13.20
C PRO I 59 19.03 -33.10 12.20
N ALA I 60 19.41 -33.21 10.93
CA ALA I 60 18.70 -32.52 9.86
C ALA I 60 17.37 -33.17 9.52
N ARG I 61 17.07 -34.33 10.11
CA ARG I 61 15.79 -34.98 9.85
C ARG I 61 14.63 -34.30 10.55
N PHE I 62 14.92 -33.47 11.56
CA PHE I 62 13.88 -32.72 12.27
C PHE I 62 13.57 -31.46 11.49
N SER I 63 12.41 -31.44 10.83
CA SER I 63 11.99 -30.31 10.00
C SER I 63 10.83 -29.59 10.68
N GLY I 64 10.87 -28.27 10.62
CA GLY I 64 9.82 -27.43 11.18
C GLY I 64 9.22 -26.55 10.11
N SER I 65 7.90 -26.34 10.19
CA SER I 65 7.22 -25.50 9.21
C SER I 65 5.94 -24.97 9.84
N GLY I 66 5.55 -23.76 9.45
CA GLY I 66 4.36 -23.14 9.98
C GLY I 66 4.30 -21.64 9.79
N SER I 67 3.09 -21.11 9.55
CA SER I 67 2.97 -19.67 9.35
C SER I 67 2.34 -19.05 10.57
N GLY I 68 1.05 -19.29 10.71
CA GLY I 68 0.30 -18.86 11.88
C GLY I 68 -0.83 -19.84 12.11
N THR I 69 -1.28 -19.88 13.37
CA THR I 69 -2.37 -20.75 13.80
C THR I 69 -2.00 -22.22 13.61
N GLU I 70 -1.69 -22.61 12.38
CA GLU I 70 -1.31 -23.98 12.03
C GLU I 70 0.21 -24.09 11.97
N PHE I 71 0.74 -25.10 12.66
CA PHE I 71 2.17 -25.40 12.65
C PHE I 71 2.36 -26.91 12.61
N THR I 72 3.44 -27.34 11.96
CA THR I 72 3.72 -28.76 11.77
C THR I 72 5.16 -29.07 12.12
N LEU I 73 5.40 -30.33 12.49
CA LEU I 73 6.74 -30.83 12.80
C LEU I 73 6.87 -32.23 12.23
N SER I 74 7.78 -32.41 11.28
CA SER I 74 7.98 -33.67 10.60
C SER I 74 9.36 -34.22 10.91
N ILE I 75 9.43 -35.50 11.26
CA ILE I 75 10.68 -36.19 11.52
C ILE I 75 10.96 -37.09 10.31
N SER I 76 11.97 -36.73 9.53
CA SER I 76 12.26 -37.42 8.28
C SER I 76 12.55 -38.90 8.49
N SER I 77 13.81 -39.23 8.78
CA SER I 77 14.21 -40.61 9.03
C SER I 77 14.04 -40.89 10.52
N LEU I 78 13.07 -41.73 10.86
CA LEU I 78 12.73 -42.00 12.25
C LEU I 78 13.63 -43.09 12.81
N GLN I 79 14.11 -42.88 14.03
CA GLN I 79 14.95 -43.84 14.74
C GLN I 79 14.21 -44.39 15.95
N SER I 80 14.66 -45.57 16.41
CA SER I 80 14.01 -46.22 17.54
C SER I 80 14.15 -45.44 18.84
N ASP I 81 15.16 -44.59 18.95
CA ASP I 81 15.35 -43.78 20.16
C ASP I 81 14.50 -42.51 20.18
N ASP I 82 13.68 -42.30 19.16
CA ASP I 82 12.85 -41.11 19.08
C ASP I 82 11.50 -41.28 19.79
N PHE I 83 11.44 -42.15 20.81
CA PHE I 83 10.17 -42.51 21.45
C PHE I 83 9.78 -41.43 22.44
N ALA I 84 10.33 -40.24 22.26
CA ALA I 84 10.11 -39.17 23.21
C ALA I 84 8.75 -38.51 22.99
N VAL I 85 8.43 -37.55 23.84
CA VAL I 85 7.25 -36.71 23.71
C VAL I 85 7.68 -35.36 23.18
N TYR I 86 6.84 -34.77 22.32
CA TYR I 86 7.16 -33.51 21.64
C TYR I 86 6.18 -32.42 22.05
N TYR I 87 6.72 -31.23 22.32
CA TYR I 87 5.94 -30.08 22.77
C TYR I 87 6.25 -28.87 21.90
N CYS I 88 5.36 -27.88 21.97
CA CYS I 88 5.53 -26.65 21.20
C CYS I 88 5.10 -25.44 22.03
N GLN I 89 6.01 -24.48 22.18
CA GLN I 89 5.72 -23.20 22.84
C GLN I 89 5.72 -22.10 21.78
N GLN I 90 5.49 -20.86 22.21
CA GLN I 90 5.30 -19.76 21.27
C GLN I 90 5.42 -18.43 22.01
N TYR I 91 5.16 -17.35 21.29
CA TYR I 91 5.10 -15.98 21.81
C TYR I 91 3.72 -15.39 21.47
N ASN I 92 3.27 -14.37 22.18
CA ASN I 92 3.90 -13.88 23.41
C ASN I 92 2.85 -13.64 24.48
N HIS I 93 2.03 -12.60 24.29
CA HIS I 93 1.16 -12.08 25.35
C HIS I 93 1.94 -11.98 26.64
N TRP I 94 3.23 -11.60 26.50
CA TRP I 94 4.30 -11.70 27.49
C TRP I 94 4.39 -13.09 28.16
N LEU I 95 3.46 -13.99 27.87
CA LEU I 95 3.29 -15.22 28.62
C LEU I 95 3.40 -16.42 27.68
N ARG I 96 4.51 -17.15 27.76
CA ARG I 96 4.68 -18.32 26.92
C ARG I 96 3.81 -19.47 27.42
N THR I 97 3.16 -20.16 26.48
CA THR I 97 2.40 -21.36 26.79
C THR I 97 3.00 -22.55 26.06
N PHE I 98 2.89 -23.72 26.67
CA PHE I 98 3.35 -24.96 26.08
C PHE I 98 2.18 -25.72 25.45
N GLY I 99 2.52 -26.69 24.61
CA GLY I 99 1.51 -27.55 24.02
C GLY I 99 1.11 -28.68 24.95
N GLN I 100 0.11 -29.44 24.52
CA GLN I 100 -0.34 -30.58 25.31
C GLN I 100 0.66 -31.72 25.27
N GLY I 101 1.28 -31.94 24.11
CA GLY I 101 2.25 -33.01 23.97
C GLY I 101 1.81 -34.08 22.99
N THR I 102 2.77 -34.60 22.21
CA THR I 102 2.49 -35.63 21.21
C THR I 102 3.43 -36.79 21.45
N LYS I 103 2.88 -37.91 21.95
CA LYS I 103 3.67 -39.11 22.15
C LYS I 103 3.92 -39.79 20.81
N LEU I 104 5.17 -40.24 20.61
CA LEU I 104 5.57 -40.90 19.37
C LEU I 104 5.93 -42.34 19.68
N GLU I 105 5.36 -43.28 18.91
CA GLU I 105 5.66 -44.70 19.02
C GLU I 105 6.48 -45.17 17.83
N ILE I 106 7.10 -46.32 17.99
CA ILE I 106 7.89 -46.96 16.94
C ILE I 106 7.20 -48.27 16.56
N LYS I 107 7.17 -48.57 15.26
CA LYS I 107 6.48 -49.73 14.70
C LYS I 107 4.99 -49.69 14.98
N THR I 109 7.20 -54.98 13.92
CA THR I 109 7.16 -56.39 14.29
C THR I 109 6.46 -56.57 15.63
N VAL I 110 5.50 -57.50 15.68
CA VAL I 110 4.73 -57.76 16.88
C VAL I 110 5.47 -58.80 17.71
N ALA I 111 6.06 -58.37 18.81
CA ALA I 111 6.80 -59.25 19.70
C ALA I 111 5.88 -59.88 20.74
N ALA I 112 6.20 -61.14 21.10
CA ALA I 112 5.34 -61.79 22.09
C ALA I 112 5.96 -61.69 23.48
N PRO I 113 5.13 -61.52 24.51
CA PRO I 113 5.65 -61.28 25.86
C PRO I 113 6.30 -62.53 26.45
N SER I 114 7.51 -62.36 26.98
CA SER I 114 8.17 -63.41 27.74
C SER I 114 7.65 -63.35 29.16
N VAL I 115 6.74 -64.25 29.51
CA VAL I 115 6.09 -64.22 30.81
C VAL I 115 7.00 -64.85 31.85
N PHE I 116 7.06 -64.21 33.03
CA PHE I 116 7.82 -64.72 34.16
C PHE I 116 7.01 -64.50 35.43
N ILE I 117 6.97 -65.52 36.29
CA ILE I 117 6.25 -65.45 37.55
C ILE I 117 7.26 -65.32 38.69
N PHE I 118 6.86 -64.64 39.75
CA PHE I 118 7.73 -64.44 40.91
C PHE I 118 6.95 -64.64 42.20
N PRO I 119 7.21 -65.72 42.95
CA PRO I 119 6.48 -65.93 44.20
C PRO I 119 6.93 -64.92 45.25
N PRO I 120 6.07 -64.63 46.24
CA PRO I 120 6.47 -63.69 47.30
C PRO I 120 7.62 -64.24 48.12
N SER I 121 8.56 -63.36 48.45
CA SER I 121 9.73 -63.77 49.24
C SER I 121 9.32 -64.06 50.68
N ASP I 122 10.18 -64.81 51.37
CA ASP I 122 9.90 -65.14 52.77
C ASP I 122 9.85 -63.89 53.65
N GLU I 123 10.67 -62.88 53.33
CA GLU I 123 10.65 -61.66 54.12
C GLU I 123 9.33 -60.92 53.96
N GLN I 124 8.75 -60.94 52.75
CA GLN I 124 7.45 -60.32 52.56
C GLN I 124 6.34 -61.17 53.14
N LEU I 125 6.52 -62.50 53.14
CA LEU I 125 5.53 -63.37 53.75
C LEU I 125 5.42 -63.11 55.26
N LYS I 126 6.55 -62.86 55.91
CA LYS I 126 6.54 -62.60 57.35
C LYS I 126 5.99 -61.22 57.69
N SER I 127 5.93 -60.30 56.71
CA SER I 127 5.43 -58.96 56.97
C SER I 127 3.93 -58.98 57.24
N GLY I 128 3.17 -59.76 56.46
CA GLY I 128 1.75 -59.85 56.67
C GLY I 128 0.93 -59.69 55.39
N THR I 129 1.59 -59.29 54.31
CA THR I 129 0.93 -59.11 53.02
C THR I 129 1.86 -59.62 51.93
N ALA I 130 1.47 -60.71 51.28
CA ALA I 130 2.26 -61.32 50.22
C ALA I 130 1.70 -60.89 48.87
N SER I 131 2.56 -60.33 48.03
CA SER I 131 2.18 -59.83 46.71
C SER I 131 2.92 -60.63 45.65
N VAL I 132 2.17 -61.23 44.73
CA VAL I 132 2.74 -62.03 43.65
C VAL I 132 2.98 -61.13 42.44
N VAL I 133 4.11 -61.33 41.77
CA VAL I 133 4.52 -60.49 40.64
C VAL I 133 4.59 -61.34 39.38
N CYS I 134 4.06 -60.81 38.29
CA CYS I 134 4.05 -61.47 36.98
C CYS I 134 4.66 -60.51 35.97
N LEU I 135 5.81 -60.90 35.41
CA LEU I 135 6.58 -60.06 34.51
C LEU I 135 6.31 -60.41 33.06
N LEU I 136 6.26 -59.39 32.19
CA LEU I 136 6.12 -59.56 30.74
C LEU I 136 7.26 -58.77 30.09
N ASN I 137 8.43 -59.41 29.99
CA ASN I 137 9.62 -58.73 29.51
C ASN I 137 9.67 -58.76 27.98
N ASN I 138 9.84 -57.57 27.38
CA ASN I 138 10.01 -57.39 25.94
C ASN I 138 8.80 -57.85 25.14
N PHE I 139 7.96 -56.91 24.72
CA PHE I 139 6.81 -57.24 23.89
C PHE I 139 6.29 -55.98 23.20
N TYR I 140 5.74 -56.17 22.02
CA TYR I 140 5.10 -55.09 21.27
C TYR I 140 3.83 -55.63 20.61
N PRO I 141 2.74 -54.83 20.62
CA PRO I 141 2.64 -53.47 21.13
C PRO I 141 2.38 -53.39 22.63
N ARG I 142 2.05 -52.18 23.11
CA ARG I 142 1.85 -51.97 24.54
C ARG I 142 0.61 -52.68 25.06
N GLU I 143 -0.39 -52.89 24.21
CA GLU I 143 -1.65 -53.48 24.65
C GLU I 143 -1.41 -54.93 25.07
N ALA I 144 -1.77 -55.24 26.32
CA ALA I 144 -1.60 -56.59 26.86
C ALA I 144 -2.65 -56.81 27.94
N LYS I 145 -3.53 -57.77 27.72
CA LYS I 145 -4.59 -58.09 28.68
C LYS I 145 -4.04 -59.10 29.68
N VAL I 146 -3.78 -58.63 30.91
CA VAL I 146 -3.20 -59.45 31.96
C VAL I 146 -4.28 -59.75 32.99
N GLN I 147 -4.51 -61.03 33.25
CA GLN I 147 -5.50 -61.48 34.21
C GLN I 147 -4.84 -62.39 35.24
N TRP I 148 -5.35 -62.34 36.46
CA TRP I 148 -4.85 -63.16 37.56
C TRP I 148 -5.88 -64.21 37.91
N LYS I 149 -5.43 -65.47 37.95
CA LYS I 149 -6.28 -66.60 38.31
C LYS I 149 -5.67 -67.31 39.50
N VAL I 150 -6.38 -67.32 40.63
CA VAL I 150 -5.93 -67.96 41.85
C VAL I 150 -6.90 -69.09 42.17
N ASP I 151 -6.39 -70.33 42.15
CA ASP I 151 -7.21 -71.54 42.34
C ASP I 151 -8.36 -71.60 41.34
N ASN I 152 -8.01 -71.47 40.05
CA ASN I 152 -8.97 -71.55 38.95
C ASN I 152 -10.08 -70.51 39.08
N ALA I 153 -9.79 -69.40 39.75
CA ALA I 153 -10.77 -68.33 39.95
C ALA I 153 -10.10 -66.99 39.68
N LEU I 154 -10.74 -66.16 38.87
CA LEU I 154 -10.18 -64.87 38.53
C LEU I 154 -10.26 -63.91 39.71
N GLN I 155 -9.20 -63.12 39.89
CA GLN I 155 -9.12 -62.14 40.97
C GLN I 155 -9.01 -60.76 40.37
N SER I 156 -9.92 -59.86 40.76
CA SER I 156 -9.92 -58.49 40.27
C SER I 156 -10.08 -57.53 41.44
N GLY I 157 -9.42 -56.39 41.36
CA GLY I 157 -9.45 -55.38 42.40
C GLY I 157 -8.22 -55.34 43.29
N ASN I 158 -7.32 -56.32 43.16
CA ASN I 158 -6.10 -56.36 43.96
C ASN I 158 -4.85 -56.44 43.09
N SER I 159 -4.98 -56.14 41.80
CA SER I 159 -3.85 -56.15 40.88
C SER I 159 -3.72 -54.79 40.23
N GLN I 160 -2.47 -54.34 40.06
CA GLN I 160 -2.18 -53.04 39.48
C GLN I 160 -1.16 -53.21 38.36
N GLU I 161 -1.43 -52.57 37.22
CA GLU I 161 -0.60 -52.72 36.04
C GLU I 161 0.46 -51.61 35.99
N SER I 162 1.72 -52.01 35.83
CA SER I 162 2.84 -51.09 35.71
C SER I 162 3.53 -51.34 34.38
N VAL I 163 3.50 -50.35 33.50
CA VAL I 163 4.05 -50.45 32.15
C VAL I 163 5.23 -49.49 32.02
N THR I 164 6.34 -49.99 31.47
CA THR I 164 7.50 -49.15 31.23
C THR I 164 7.36 -48.43 29.89
N GLU I 165 8.19 -47.40 29.72
CA GLU I 165 8.25 -46.70 28.45
C GLU I 165 8.90 -47.58 27.39
N GLN I 166 8.64 -47.25 26.13
CA GLN I 166 9.21 -48.01 25.02
C GLN I 166 10.73 -47.90 25.05
N ASP I 167 11.41 -48.98 24.69
CA ASP I 167 12.86 -49.02 24.76
C ASP I 167 13.47 -48.24 23.61
N SER I 168 14.69 -47.74 23.85
CA SER I 168 15.37 -46.89 22.87
C SER I 168 16.06 -47.70 21.79
N LYS I 169 16.23 -49.01 21.97
CA LYS I 169 16.91 -49.85 20.98
C LYS I 169 15.98 -50.90 20.41
N ASP I 170 15.58 -51.91 21.18
CA ASP I 170 14.72 -52.97 20.65
C ASP I 170 13.27 -52.55 20.55
N SER I 171 12.90 -51.39 21.11
CA SER I 171 11.55 -50.81 20.95
C SER I 171 10.47 -51.75 21.48
N THR I 172 10.71 -52.36 22.63
CA THR I 172 9.76 -53.29 23.24
C THR I 172 9.44 -52.86 24.65
N TYR I 173 8.17 -53.00 25.03
CA TYR I 173 7.71 -52.62 26.36
C TYR I 173 7.93 -53.75 27.35
N SER I 174 7.69 -53.45 28.62
CA SER I 174 7.77 -54.44 29.69
C SER I 174 6.67 -54.14 30.70
N LEU I 175 5.92 -55.17 31.07
CA LEU I 175 4.77 -55.04 31.95
C LEU I 175 4.98 -55.87 33.21
N SER I 176 4.48 -55.35 34.33
CA SER I 176 4.53 -56.04 35.61
C SER I 176 3.23 -55.83 36.36
N SER I 177 2.67 -56.91 36.88
CA SER I 177 1.45 -56.86 37.68
C SER I 177 1.74 -57.37 39.08
N THR I 178 1.30 -56.62 40.08
CA THR I 178 1.54 -56.95 41.49
C THR I 178 0.20 -57.27 42.14
N LEU I 179 0.01 -58.54 42.50
CA LEU I 179 -1.24 -59.01 43.08
C LEU I 179 -1.13 -58.95 44.60
N THR I 180 -1.61 -57.86 45.19
CA THR I 180 -1.49 -57.65 46.62
C THR I 180 -2.56 -58.45 47.37
N LEU I 181 -2.11 -59.27 48.32
CA LEU I 181 -3.01 -60.04 49.17
C LEU I 181 -2.41 -60.14 50.56
N SER I 182 -3.25 -60.52 51.51
CA SER I 182 -2.84 -60.61 52.91
C SER I 182 -2.02 -61.88 53.15
N LYS I 183 -1.57 -62.06 54.39
CA LYS I 183 -0.78 -63.24 54.72
C LYS I 183 -1.63 -64.50 54.74
N ALA I 184 -2.85 -64.41 55.29
CA ALA I 184 -3.75 -65.55 55.30
C ALA I 184 -4.48 -65.72 53.98
N ASP I 185 -4.71 -64.62 53.25
CA ASP I 185 -5.35 -64.73 51.94
C ASP I 185 -4.44 -65.41 50.93
N TYR I 186 -3.12 -65.31 51.10
CA TYR I 186 -2.19 -66.00 50.21
C TYR I 186 -2.16 -67.49 50.52
N GLU I 187 -1.95 -67.86 51.78
CA GLU I 187 -1.94 -69.26 52.18
C GLU I 187 -3.29 -69.94 52.00
N LYS I 188 -4.36 -69.17 51.78
CA LYS I 188 -5.68 -69.76 51.61
C LYS I 188 -5.77 -70.60 50.35
N HIS I 189 -4.99 -70.26 49.33
CA HIS I 189 -5.06 -70.91 48.04
C HIS I 189 -3.74 -71.61 47.72
N LYS I 190 -3.78 -72.45 46.68
CA LYS I 190 -2.66 -73.31 46.33
C LYS I 190 -1.93 -72.83 45.07
N VAL I 191 -2.61 -72.82 43.92
CA VAL I 191 -1.98 -72.53 42.64
C VAL I 191 -2.25 -71.09 42.26
N TYR I 192 -1.22 -70.40 41.77
CA TYR I 192 -1.32 -69.03 41.30
C TYR I 192 -0.89 -68.98 39.83
N ALA I 193 -1.75 -68.45 38.98
CA ALA I 193 -1.47 -68.38 37.54
C ALA I 193 -1.96 -67.03 37.00
N CYS I 194 -1.06 -66.27 36.41
CA CYS I 194 -1.40 -65.00 35.77
C CYS I 194 -1.71 -65.25 34.30
N GLU I 195 -2.98 -65.17 33.94
CA GLU I 195 -3.40 -65.37 32.56
C GLU I 195 -2.95 -64.18 31.71
N VAL I 196 -2.28 -64.47 30.60
CA VAL I 196 -1.73 -63.44 29.73
C VAL I 196 -2.25 -63.68 28.31
N THR I 197 -2.91 -62.66 27.75
CA THR I 197 -3.38 -62.69 26.38
C THR I 197 -2.87 -61.44 25.67
N HIS I 198 -2.16 -61.65 24.56
CA HIS I 198 -1.54 -60.56 23.81
C HIS I 198 -2.12 -60.52 22.40
N GLN I 199 -1.94 -59.38 21.74
CA GLN I 199 -2.42 -59.24 20.36
C GLN I 199 -1.75 -60.26 19.44
N GLY I 200 -0.43 -60.41 19.56
CA GLY I 200 0.29 -61.39 18.77
C GLY I 200 0.54 -62.67 19.54
N LEU I 201 -0.53 -63.26 20.09
CA LEU I 201 -0.42 -64.47 20.89
C LEU I 201 -1.43 -65.47 20.36
N SER I 202 -0.93 -66.59 19.82
CA SER I 202 -1.83 -67.61 19.26
C SER I 202 -2.67 -68.25 20.35
N SER I 203 -2.05 -68.66 21.45
CA SER I 203 -2.75 -69.25 22.58
C SER I 203 -2.36 -68.51 23.86
N PRO I 204 -3.29 -68.32 24.78
CA PRO I 204 -2.96 -67.62 26.04
C PRO I 204 -1.87 -68.32 26.84
N VAL I 205 -0.67 -67.76 26.84
CA VAL I 205 0.43 -68.32 27.61
C VAL I 205 0.22 -68.01 29.09
N THR I 206 0.31 -69.04 29.92
CA THR I 206 0.08 -68.90 31.36
C THR I 206 1.19 -69.61 32.11
N LYS I 207 1.85 -68.89 33.01
CA LYS I 207 2.88 -69.44 33.88
C LYS I 207 2.36 -69.49 35.31
N SER I 208 2.56 -70.64 35.96
CA SER I 208 1.99 -70.86 37.29
C SER I 208 3.03 -71.52 38.18
N PHE I 209 2.67 -71.66 39.46
CA PHE I 209 3.51 -72.31 40.45
C PHE I 209 2.65 -72.73 41.63
N ASN I 210 3.04 -73.82 42.28
CA ASN I 210 2.33 -74.31 43.45
C ASN I 210 2.86 -73.65 44.72
N ARG I 211 2.04 -73.69 45.77
CA ARG I 211 2.43 -73.16 47.07
C ARG I 211 3.15 -74.24 47.86
N GLY I 212 4.33 -73.91 48.37
CA GLY I 212 5.16 -74.88 49.05
C GLY I 212 6.11 -75.65 48.15
N GLU I 213 6.27 -75.22 46.90
CA GLU I 213 7.14 -75.90 45.96
C GLU I 213 7.53 -74.91 44.86
N CYS I 214 8.80 -74.94 44.47
CA CYS I 214 9.30 -74.04 43.43
C CYS I 214 8.81 -74.46 42.04
#